data_8BU4
#
_entry.id   8BU4
#
_cell.length_a   250.401
_cell.length_b   250.401
_cell.length_c   215.706
_cell.angle_alpha   90.000
_cell.angle_beta   90.000
_cell.angle_gamma   120.000
#
_symmetry.space_group_name_H-M   'P 31 2 1'
#
loop_
_entity.id
_entity.type
_entity.pdbx_description
1 polymer 'DNA damage-binding protein 1'
2 polymer 'Cyclin-dependent kinase 12'
3 polymer Cyclin-K
4 non-polymer 'SULFATE ION'
5 non-polymer (2~{R})-2-[[6-[[5,6-bis(chloranyl)-1~{H}-benzimidazol-2-yl]methylamino]-9-(1-methylpyrazol-4-yl)purin-2-yl]amino]butan-1-ol
#
loop_
_entity_poly.entity_id
_entity_poly.type
_entity_poly.pdbx_seq_one_letter_code
_entity_poly.pdbx_strand_id
1 'polypeptide(L)'
;GGGRMSYNYVVTAQKPTAVNGCVTGHFTSAEDLNLLIAKNTRLEIYVVTAEGLRPVKEVGMYGKIAVMELFRPKGESKDL
LFILTAKYNACILEYKQSGESIDIITRAHGNVQDRIGRPSETGIIGIIDPECRMIGLRLYDGLFKVIPLDRDNKELKAFN
IRLEELHVIDVKFLYGCQAPTICFVYQDPQGRHVKTYEVSLREKEFNKGPWKQENVEAEASMVIAVPEPFGGAIIIGQES
ITYHNGDKYLAIAPPIIKQSTIVCHNRVDPNGSRYLLGDMEGRLFMLLLEKEEQMDGTVTLKDLRVELLGETSIAECLTY
LDNGVVFVGSRLGDSQLVKLNVDSNEQGSYVVAMETFTNLGPIVDMCVVDLERQGQGQLVTCSGAFKEGSLRIIRNGIGG
NGNSGEIQKLHIRTVPLYESPRKICYQEVSQCFGVLSSRIEVQDTSGGTTALRPSASTQALSSSVSSSKLFSSSTAPHET
SFGEEVEVHNLLIIDQHTFEVLHAHQFLQNEYALSLVSCKLGKDPNTYFIVGTAMVYPEEAEPKQGRIVVFQYSDGKLQT
VAEKEVKGAVYSMVEFNGKLLASINSTVRLYEWTTEKELRTECNHYNNIMALYLKTKGDFILVGDLMRSVLLLAYKPMEG
NFEEIARDFNPNWMSAVEILDDDNFLGAENAFNLFVCQKDSAATTDEERQHLQEVGLFHLGEFVNVFCHGSLVMQNLGET
STPTQGSVLFGTVNGMIGLVTSLSESWYNLLLDMQNRLNKVIKSVGKIEHSFWRSFHTERKTEPATGFIDGDLIESFLDI
SRPKMQEVVANLQYDDGSGMKREATADDLIKVVEELTRIH
;
A,D,G
2 'polypeptide(L)'
;GGGRRQTESDWGKRCVDKFDIIGIIGEGTYGQVYKAKDKDTGELVALKKVRLDNEKEGFPITAIREIKILRQLIHRSVVN
MKEIVTDKQDALDFKKDKGAFYLVFEYMDHDLMGLLESGLVHFSEDHIKSFMKQLMEGLEYCHKKNFLHRDIKCSNILLN
NSGQIKLADFGLARLYNSEESRPY(TPO)NKVITLWYRPPELLLGEERYTPAIDVWSCGCILGELFTKKPIFQANLELAQ
LELISRLCGSPCPAVWPDVIRLPYFNTMKPKKQYRRRLREEFSFIPSAALDLLDHMLTLDPSKRCTAEQTLQSDFLKDVE
LSKMAPPDLPHWQDCHELWSKKRRRQRQ
;
B,E,H
3 'polypeptide(L)'
;GGGRMKENKENSSPSVTSANLDHTKPCWYWDKKDLAHTPSQLEGLDPATEARYRREGARFIFDVGTRLGLHYDTLATGII
YFHRFYMFHSFKQFPRYVTGACCLFLAGKVEETPKKCKDIIKTARSLLNDVQFGQFGDDPKEEVMVLERILLQTIKFDLQ
VEHPYQFLLKYAKQLKGDKNKIQKLVQMAWTFVNDSLCTTLSLQWEPEIIAVAVMYLAGRLCKFEIQEWTSKPMYRRWWE
QFVQDVPVDVLEDICHQILDLYSQGKQQMPH
;
C,F,I
#
loop_
_chem_comp.id
_chem_comp.type
_chem_comp.name
_chem_comp.formula
RQL non-polymer (2~{R})-2-[[6-[[5,6-bis(chloranyl)-1~{H}-benzimidazol-2-yl]methylamino]-9-(1-methylpyrazol-4-yl)purin-2-yl]amino]butan-1-ol 'C21 H22 Cl2 N10 O'
SO4 non-polymer 'SULFATE ION' 'O4 S -2'
#
# COMPACT_ATOMS: atom_id res chain seq x y z
N MET A 5 -34.58 -50.51 -6.19
CA MET A 5 -34.87 -50.29 -7.64
C MET A 5 -35.98 -49.23 -7.76
N SER A 6 -36.09 -48.59 -8.92
CA SER A 6 -37.10 -47.59 -9.19
C SER A 6 -37.95 -47.96 -10.40
N TYR A 7 -39.19 -47.49 -10.40
CA TYR A 7 -40.19 -47.87 -11.39
C TYR A 7 -40.84 -46.61 -11.93
N ASN A 8 -40.80 -46.43 -13.26
CA ASN A 8 -41.30 -45.22 -13.90
C ASN A 8 -41.97 -45.56 -15.22
N TYR A 9 -42.78 -44.61 -15.70
CA TYR A 9 -43.66 -44.74 -16.85
C TYR A 9 -43.47 -43.52 -17.74
N VAL A 10 -43.32 -43.74 -19.05
CA VAL A 10 -43.02 -42.65 -19.98
C VAL A 10 -43.97 -42.75 -21.16
N VAL A 11 -44.71 -41.66 -21.43
CA VAL A 11 -45.63 -41.61 -22.54
C VAL A 11 -45.39 -40.37 -23.37
N THR A 12 -45.84 -40.44 -24.63
CA THR A 12 -45.86 -39.30 -25.53
C THR A 12 -47.18 -38.54 -25.38
N ALA A 13 -47.08 -37.23 -25.13
CA ALA A 13 -48.25 -36.37 -25.14
C ALA A 13 -48.48 -35.75 -26.52
N GLN A 14 -47.39 -35.43 -27.23
CA GLN A 14 -47.43 -34.91 -28.59
C GLN A 14 -46.36 -35.63 -29.40
N LYS A 15 -46.74 -36.16 -30.56
CA LYS A 15 -45.77 -36.89 -31.38
C LYS A 15 -44.78 -35.92 -32.03
N PRO A 16 -43.63 -36.42 -32.46
CA PRO A 16 -42.66 -35.56 -33.15
C PRO A 16 -43.28 -34.87 -34.36
N THR A 17 -43.08 -33.55 -34.45
CA THR A 17 -43.66 -32.74 -35.50
C THR A 17 -42.68 -32.25 -36.55
N ALA A 18 -41.39 -32.23 -36.26
CA ALA A 18 -40.41 -31.72 -37.21
C ALA A 18 -40.24 -32.70 -38.35
N VAL A 19 -40.12 -32.18 -39.57
CA VAL A 19 -39.98 -33.02 -40.75
C VAL A 19 -38.50 -33.32 -40.94
N ASN A 20 -38.17 -34.61 -40.92
CA ASN A 20 -36.80 -35.10 -41.08
C ASN A 20 -36.49 -35.55 -42.50
N GLY A 21 -37.50 -35.89 -43.30
CA GLY A 21 -37.28 -36.21 -44.69
C GLY A 21 -38.61 -36.44 -45.38
N CYS A 22 -38.58 -36.30 -46.71
CA CYS A 22 -39.80 -36.47 -47.49
C CYS A 22 -39.47 -36.91 -48.90
N VAL A 23 -40.23 -37.89 -49.41
CA VAL A 23 -40.04 -38.43 -50.75
C VAL A 23 -41.39 -38.54 -51.43
N THR A 24 -41.37 -38.60 -52.76
CA THR A 24 -42.57 -38.79 -53.56
C THR A 24 -42.40 -40.01 -54.46
N GLY A 25 -43.53 -40.63 -54.82
CA GLY A 25 -43.47 -41.80 -55.67
C GLY A 25 -44.83 -42.45 -55.78
N HIS A 26 -44.81 -43.74 -56.08
CA HIS A 26 -46.02 -44.53 -56.37
C HIS A 26 -45.98 -45.74 -55.44
N PHE A 27 -46.22 -45.48 -54.15
CA PHE A 27 -46.03 -46.47 -53.10
C PHE A 27 -47.29 -47.24 -52.76
N THR A 28 -48.43 -46.55 -52.63
CA THR A 28 -49.67 -47.21 -52.24
C THR A 28 -50.32 -47.91 -53.43
N SER A 29 -50.15 -47.36 -54.63
CA SER A 29 -50.66 -47.95 -55.86
C SER A 29 -49.76 -47.48 -56.98
N ALA A 30 -49.61 -48.30 -58.02
CA ALA A 30 -48.83 -47.88 -59.17
C ALA A 30 -49.42 -46.65 -59.85
N GLU A 31 -50.65 -46.28 -59.48
CA GLU A 31 -51.41 -45.20 -60.09
C GLU A 31 -51.37 -43.90 -59.30
N ASP A 32 -51.51 -43.96 -57.98
CA ASP A 32 -51.51 -42.76 -57.15
C ASP A 32 -50.14 -42.08 -57.09
N LEU A 33 -50.15 -40.77 -56.85
CA LEU A 33 -48.95 -40.03 -56.51
C LEU A 33 -48.88 -39.83 -55.00
N ASN A 34 -47.86 -40.41 -54.38
CA ASN A 34 -47.74 -40.42 -52.93
C ASN A 34 -46.74 -39.38 -52.45
N LEU A 35 -46.94 -38.95 -51.20
CA LEU A 35 -45.97 -38.17 -50.46
C LEU A 35 -45.73 -38.89 -49.14
N LEU A 36 -44.51 -39.36 -48.93
CA LEU A 36 -44.13 -40.01 -47.67
C LEU A 36 -43.31 -39.00 -46.86
N ILE A 37 -43.83 -38.62 -45.70
CA ILE A 37 -43.20 -37.67 -44.80
C ILE A 37 -42.66 -38.44 -43.60
N ALA A 38 -41.39 -38.20 -43.27
CA ALA A 38 -40.73 -38.89 -42.16
C ALA A 38 -40.52 -37.91 -41.02
N LYS A 39 -41.16 -38.16 -39.89
CA LYS A 39 -40.84 -37.53 -38.62
C LYS A 39 -40.15 -38.57 -37.74
N ASN A 40 -39.42 -38.11 -36.73
CA ASN A 40 -38.62 -39.05 -35.95
C ASN A 40 -39.50 -40.22 -35.50
N THR A 41 -39.13 -41.43 -35.93
CA THR A 41 -39.80 -42.67 -35.59
C THR A 41 -41.19 -42.84 -36.22
N ARG A 42 -41.69 -41.80 -36.89
CA ARG A 42 -43.04 -41.81 -37.47
C ARG A 42 -42.99 -41.70 -38.99
N LEU A 43 -43.80 -42.51 -39.68
CA LEU A 43 -43.96 -42.42 -41.13
C LEU A 43 -45.41 -42.07 -41.49
N GLU A 44 -45.58 -40.98 -42.24
CA GLU A 44 -46.89 -40.53 -42.69
C GLU A 44 -47.00 -40.72 -44.20
N ILE A 45 -48.08 -41.36 -44.66
CA ILE A 45 -48.30 -41.61 -46.07
C ILE A 45 -49.49 -40.78 -46.52
N TYR A 46 -49.30 -39.98 -47.56
CA TYR A 46 -50.35 -39.13 -48.13
C TYR A 46 -50.54 -39.49 -49.60
N VAL A 47 -51.68 -39.06 -50.16
CA VAL A 47 -51.93 -39.17 -51.59
C VAL A 47 -52.19 -37.76 -52.12
N VAL A 48 -51.53 -37.40 -53.21
CA VAL A 48 -51.57 -36.05 -53.76
C VAL A 48 -52.87 -35.86 -54.53
N THR A 49 -53.62 -34.83 -54.16
CA THR A 49 -54.84 -34.40 -54.82
C THR A 49 -54.62 -33.01 -55.42
N ALA A 50 -55.65 -32.52 -56.13
CA ALA A 50 -55.54 -31.20 -56.72
C ALA A 50 -55.62 -30.06 -55.69
N GLU A 51 -56.26 -30.30 -54.55
CA GLU A 51 -56.35 -29.29 -53.50
C GLU A 51 -55.20 -29.36 -52.50
N GLY A 52 -54.83 -30.57 -52.09
CA GLY A 52 -53.88 -30.78 -51.03
C GLY A 52 -53.58 -32.25 -50.90
N LEU A 53 -53.20 -32.66 -49.70
CA LEU A 53 -52.86 -34.05 -49.40
C LEU A 53 -54.05 -34.78 -48.79
N ARG A 54 -54.21 -36.06 -49.18
CA ARG A 54 -55.22 -36.90 -48.54
C ARG A 54 -54.46 -37.91 -47.67
N PRO A 55 -54.53 -37.84 -46.35
CA PRO A 55 -53.84 -38.85 -45.53
C PRO A 55 -54.47 -40.22 -45.75
N VAL A 56 -53.62 -41.25 -45.70
CA VAL A 56 -54.10 -42.61 -45.91
C VAL A 56 -53.62 -43.55 -44.82
N LYS A 57 -52.40 -43.35 -44.32
CA LYS A 57 -51.85 -44.28 -43.35
C LYS A 57 -50.68 -43.66 -42.62
N GLU A 58 -50.57 -43.96 -41.33
CA GLU A 58 -49.41 -43.58 -40.53
C GLU A 58 -48.97 -44.78 -39.69
N VAL A 59 -47.66 -45.04 -39.69
CA VAL A 59 -47.11 -46.11 -38.87
C VAL A 59 -45.97 -45.55 -38.03
N GLY A 60 -45.77 -46.15 -36.87
CA GLY A 60 -44.57 -45.93 -36.08
C GLY A 60 -43.58 -47.06 -36.33
N MET A 61 -42.31 -46.75 -36.18
CA MET A 61 -41.25 -47.73 -36.28
C MET A 61 -40.44 -47.68 -34.98
N TYR A 62 -39.89 -48.82 -34.61
CA TYR A 62 -39.05 -48.92 -33.41
C TYR A 62 -37.61 -48.51 -33.74
N GLY A 63 -37.49 -47.29 -34.24
CA GLY A 63 -36.21 -46.76 -34.68
C GLY A 63 -36.37 -45.36 -35.22
N LYS A 64 -35.25 -44.65 -35.26
CA LYS A 64 -35.17 -43.32 -35.89
C LYS A 64 -34.90 -43.48 -37.37
N ILE A 65 -35.78 -42.90 -38.19
CA ILE A 65 -35.73 -43.11 -39.64
C ILE A 65 -34.57 -42.27 -40.16
N ALA A 66 -33.44 -42.93 -40.45
CA ALA A 66 -32.25 -42.25 -40.95
C ALA A 66 -32.26 -42.15 -42.47
N VAL A 67 -32.65 -43.22 -43.16
CA VAL A 67 -32.71 -43.25 -44.61
C VAL A 67 -34.13 -43.62 -45.02
N MET A 68 -34.68 -42.90 -45.99
CA MET A 68 -35.99 -43.20 -46.55
C MET A 68 -35.95 -42.97 -48.07
N GLU A 69 -36.20 -44.03 -48.85
CA GLU A 69 -36.13 -43.94 -50.30
C GLU A 69 -37.13 -44.90 -50.94
N LEU A 70 -37.74 -44.44 -52.03
CA LEU A 70 -38.66 -45.26 -52.83
C LEU A 70 -37.96 -45.72 -54.11
N PHE A 71 -38.20 -46.97 -54.49
CA PHE A 71 -37.61 -47.56 -55.70
C PHE A 71 -38.57 -48.61 -56.24
N ARG A 72 -38.42 -48.93 -57.53
CA ARG A 72 -39.29 -49.91 -58.18
C ARG A 72 -38.47 -50.89 -59.01
N PRO A 73 -38.12 -52.04 -58.45
CA PRO A 73 -37.32 -53.00 -59.22
C PRO A 73 -38.14 -53.66 -60.32
N LYS A 74 -37.46 -54.03 -61.40
CA LYS A 74 -38.13 -54.71 -62.51
C LYS A 74 -38.92 -55.91 -61.99
N GLY A 75 -40.17 -55.99 -62.42
CA GLY A 75 -41.08 -57.03 -62.01
C GLY A 75 -42.10 -56.61 -60.97
N GLU A 76 -41.89 -55.48 -60.32
CA GLU A 76 -42.84 -54.95 -59.37
C GLU A 76 -43.79 -53.99 -60.07
N SER A 77 -45.05 -53.98 -59.60
CA SER A 77 -46.03 -53.05 -60.17
C SER A 77 -45.89 -51.64 -59.61
N LYS A 78 -45.40 -51.52 -58.38
CA LYS A 78 -45.40 -50.25 -57.66
C LYS A 78 -44.14 -50.13 -56.84
N ASP A 79 -43.92 -48.93 -56.30
CA ASP A 79 -42.68 -48.65 -55.60
C ASP A 79 -42.60 -49.38 -54.27
N LEU A 80 -41.40 -49.80 -53.91
CA LEU A 80 -41.10 -50.35 -52.60
C LEU A 80 -40.35 -49.30 -51.79
N LEU A 81 -40.42 -49.42 -50.48
CA LEU A 81 -39.84 -48.45 -49.57
C LEU A 81 -38.67 -49.08 -48.84
N PHE A 82 -37.53 -48.40 -48.87
CA PHE A 82 -36.37 -48.78 -48.07
C PHE A 82 -36.19 -47.76 -46.94
N ILE A 83 -36.00 -48.27 -45.73
CA ILE A 83 -35.79 -47.44 -44.55
C ILE A 83 -34.62 -48.03 -43.77
N LEU A 84 -33.74 -47.17 -43.29
CA LEU A 84 -32.64 -47.58 -42.42
C LEU A 84 -32.76 -46.78 -41.13
N THR A 85 -32.66 -47.43 -39.98
CA THR A 85 -32.74 -46.71 -38.72
C THR A 85 -31.35 -46.35 -38.20
N ALA A 86 -31.33 -45.43 -37.22
CA ALA A 86 -30.06 -44.97 -36.67
C ALA A 86 -29.33 -46.06 -35.90
N LYS A 87 -30.02 -47.10 -35.44
CA LYS A 87 -29.34 -48.23 -34.84
C LYS A 87 -28.92 -49.27 -35.89
N TYR A 88 -29.06 -48.93 -37.17
CA TYR A 88 -28.56 -49.69 -38.32
C TYR A 88 -29.49 -50.85 -38.69
N ASN A 89 -30.79 -50.68 -38.45
CA ASN A 89 -31.80 -51.64 -38.88
C ASN A 89 -32.29 -51.29 -40.28
N ALA A 90 -32.17 -52.24 -41.21
CA ALA A 90 -32.62 -52.07 -42.58
C ALA A 90 -33.89 -52.88 -42.80
N CYS A 91 -34.77 -52.36 -43.66
CA CYS A 91 -36.01 -53.08 -43.98
C CYS A 91 -36.51 -52.60 -45.33
N ILE A 92 -37.16 -53.49 -46.07
CA ILE A 92 -37.87 -53.15 -47.30
C ILE A 92 -39.36 -53.38 -47.04
N LEU A 93 -40.15 -52.35 -47.33
CA LEU A 93 -41.55 -52.33 -46.95
C LEU A 93 -42.46 -52.25 -48.17
N GLU A 94 -43.64 -52.87 -48.05
CA GLU A 94 -44.65 -52.82 -49.10
C GLU A 94 -46.00 -52.44 -48.51
N TYR A 95 -46.71 -51.57 -49.22
CA TYR A 95 -48.09 -51.20 -48.91
C TYR A 95 -49.04 -52.21 -49.52
N LYS A 96 -49.96 -52.72 -48.69
CA LYS A 96 -50.96 -53.68 -49.15
C LYS A 96 -52.31 -53.31 -48.57
N GLN A 97 -53.33 -53.23 -49.40
CA GLN A 97 -54.66 -52.80 -49.00
C GLN A 97 -55.66 -53.82 -49.50
N SER A 98 -56.51 -54.31 -48.58
CA SER A 98 -57.54 -55.28 -48.88
C SER A 98 -58.86 -54.61 -48.52
N GLY A 99 -59.43 -53.88 -49.47
CA GLY A 99 -60.63 -53.15 -49.13
C GLY A 99 -60.32 -52.07 -48.12
N GLU A 100 -60.95 -52.20 -46.94
CA GLU A 100 -60.78 -51.25 -45.85
C GLU A 100 -59.57 -51.53 -44.98
N SER A 101 -58.93 -52.70 -45.11
CA SER A 101 -57.82 -53.09 -44.25
C SER A 101 -56.49 -52.66 -44.88
N ILE A 102 -55.78 -51.76 -44.22
CA ILE A 102 -54.48 -51.28 -44.70
C ILE A 102 -53.40 -51.82 -43.78
N ASP A 103 -52.39 -52.48 -44.37
CA ASP A 103 -51.26 -53.00 -43.62
C ASP A 103 -49.96 -52.80 -44.40
N ILE A 104 -48.85 -52.81 -43.67
CA ILE A 104 -47.50 -52.61 -44.24
C ILE A 104 -46.70 -53.90 -44.11
N ILE A 105 -46.19 -54.39 -45.23
CA ILE A 105 -45.52 -55.68 -45.29
C ILE A 105 -44.03 -55.47 -45.15
N THR A 106 -43.36 -56.28 -44.32
CA THR A 106 -41.90 -56.26 -44.23
C THR A 106 -41.38 -57.32 -45.20
N ARG A 107 -40.93 -56.88 -46.37
CA ARG A 107 -40.50 -57.83 -47.40
C ARG A 107 -39.12 -58.41 -47.06
N ALA A 108 -38.24 -57.58 -46.50
CA ALA A 108 -36.88 -57.98 -46.13
C ALA A 108 -36.48 -57.18 -44.90
N HIS A 109 -35.61 -57.76 -44.07
CA HIS A 109 -35.20 -57.10 -42.84
C HIS A 109 -33.79 -57.53 -42.49
N GLY A 110 -33.05 -56.64 -41.83
CA GLY A 110 -31.71 -56.97 -41.39
C GLY A 110 -31.04 -55.80 -40.69
N ASN A 111 -29.93 -56.10 -40.04
CA ASN A 111 -29.11 -55.13 -39.33
C ASN A 111 -27.80 -54.98 -40.09
N VAL A 112 -27.48 -53.75 -40.50
CA VAL A 112 -26.34 -53.51 -41.38
C VAL A 112 -25.09 -53.11 -40.61
N GLN A 113 -25.10 -53.27 -39.28
CA GLN A 113 -24.02 -52.77 -38.45
C GLN A 113 -22.76 -53.63 -38.56
N ASP A 114 -21.62 -52.95 -38.53
CA ASP A 114 -20.30 -53.58 -38.52
C ASP A 114 -19.72 -53.60 -37.11
N ARG A 115 -19.01 -54.69 -36.78
CA ARG A 115 -18.34 -54.78 -35.49
C ARG A 115 -17.32 -53.66 -35.32
N ILE A 116 -16.58 -53.33 -36.37
CA ILE A 116 -15.50 -52.34 -36.34
C ILE A 116 -15.75 -51.32 -37.45
N GLY A 117 -15.85 -50.04 -37.07
CA GLY A 117 -15.98 -48.97 -38.04
C GLY A 117 -16.12 -47.64 -37.26
N ARG A 118 -15.76 -46.59 -38.02
CA ARG A 118 -15.86 -45.25 -37.46
C ARG A 118 -17.07 -44.52 -38.07
N PRO A 119 -18.06 -44.14 -37.28
CA PRO A 119 -19.23 -43.43 -37.85
C PRO A 119 -18.81 -42.16 -38.57
N SER A 120 -19.43 -41.94 -39.73
CA SER A 120 -19.04 -40.81 -40.58
C SER A 120 -19.52 -39.50 -39.97
N GLU A 121 -18.78 -38.42 -40.25
CA GLU A 121 -19.15 -37.10 -39.74
C GLU A 121 -20.42 -36.59 -40.39
N THR A 122 -20.55 -36.75 -41.71
CA THR A 122 -21.73 -36.26 -42.43
C THR A 122 -22.92 -37.21 -42.29
N GLY A 123 -22.78 -38.28 -41.51
CA GLY A 123 -23.91 -39.14 -41.19
C GLY A 123 -24.11 -40.24 -42.20
N ILE A 124 -25.09 -41.10 -41.89
CA ILE A 124 -25.44 -42.16 -42.80
C ILE A 124 -25.97 -41.56 -44.08
N ILE A 125 -25.43 -41.97 -45.22
CA ILE A 125 -25.98 -41.62 -46.52
C ILE A 125 -26.51 -42.92 -47.13
N GLY A 126 -27.73 -42.87 -47.64
CA GLY A 126 -28.30 -44.02 -48.32
C GLY A 126 -28.82 -43.67 -49.69
N ILE A 127 -28.37 -44.39 -50.71
CA ILE A 127 -28.73 -44.12 -52.09
C ILE A 127 -29.04 -45.42 -52.79
N ILE A 128 -29.85 -45.36 -53.84
CA ILE A 128 -30.23 -46.53 -54.60
C ILE A 128 -29.94 -46.30 -56.08
N ASP A 129 -29.46 -47.37 -56.72
CA ASP A 129 -29.10 -47.35 -58.13
C ASP A 129 -30.30 -47.02 -59.00
N PRO A 130 -30.10 -46.27 -60.11
CA PRO A 130 -31.22 -46.02 -61.01
C PRO A 130 -31.83 -47.28 -61.59
N GLU A 131 -31.04 -48.34 -61.76
CA GLU A 131 -31.56 -49.63 -62.20
C GLU A 131 -31.97 -50.50 -61.03
N CYS A 132 -32.04 -49.93 -59.83
CA CYS A 132 -32.44 -50.67 -58.62
C CYS A 132 -31.71 -52.01 -58.53
N ARG A 133 -30.41 -51.99 -58.85
CA ARG A 133 -29.60 -53.19 -58.71
C ARG A 133 -29.05 -53.32 -57.30
N MET A 134 -28.85 -52.20 -56.62
CA MET A 134 -28.22 -52.23 -55.30
C MET A 134 -28.62 -50.99 -54.51
N ILE A 135 -28.47 -51.10 -53.19
CA ILE A 135 -28.62 -50.00 -52.25
C ILE A 135 -27.23 -49.63 -51.73
N GLY A 136 -26.89 -48.35 -51.81
CA GLY A 136 -25.62 -47.86 -51.30
C GLY A 136 -25.76 -47.23 -49.93
N LEU A 137 -24.86 -47.60 -49.02
CA LEU A 137 -24.84 -47.07 -47.66
C LEU A 137 -23.43 -46.60 -47.32
N ARG A 138 -23.33 -45.39 -46.76
CA ARG A 138 -22.07 -44.90 -46.21
C ARG A 138 -22.27 -44.72 -44.71
N LEU A 139 -22.01 -45.78 -43.95
CA LEU A 139 -22.21 -45.81 -42.52
C LEU A 139 -20.94 -45.51 -41.74
N TYR A 140 -19.79 -45.93 -42.26
CA TYR A 140 -18.51 -45.80 -41.59
C TYR A 140 -17.49 -45.16 -42.53
N ASP A 141 -16.55 -44.43 -41.93
CA ASP A 141 -15.49 -43.79 -42.69
C ASP A 141 -14.56 -44.83 -43.30
N GLY A 142 -14.29 -44.68 -44.60
CA GLY A 142 -13.39 -45.56 -45.29
C GLY A 142 -14.01 -46.83 -45.81
N LEU A 143 -15.32 -46.98 -45.70
CA LEU A 143 -16.05 -48.16 -46.16
C LEU A 143 -17.30 -47.75 -46.91
N PHE A 144 -17.58 -48.46 -48.00
CA PHE A 144 -18.84 -48.32 -48.74
C PHE A 144 -19.53 -49.67 -48.70
N LYS A 145 -20.72 -49.70 -48.13
CA LYS A 145 -21.47 -50.94 -47.97
C LYS A 145 -22.50 -51.09 -49.09
N VAL A 146 -22.59 -52.29 -49.63
CA VAL A 146 -23.47 -52.60 -50.75
C VAL A 146 -24.42 -53.70 -50.33
N ILE A 147 -25.71 -53.39 -50.31
CA ILE A 147 -26.77 -54.41 -50.26
C ILE A 147 -27.23 -54.66 -51.69
N PRO A 148 -26.91 -55.79 -52.31
CA PRO A 148 -27.42 -56.06 -53.66
C PRO A 148 -28.90 -56.40 -53.60
N LEU A 149 -29.67 -55.82 -54.53
CA LEU A 149 -31.12 -56.02 -54.52
C LEU A 149 -31.52 -57.21 -55.41
N ASP A 150 -31.08 -58.40 -55.00
CA ASP A 150 -31.55 -59.62 -55.64
C ASP A 150 -32.77 -60.16 -54.90
N ARG A 151 -33.58 -60.93 -55.62
CA ARG A 151 -34.81 -61.50 -55.06
C ARG A 151 -34.55 -62.32 -53.82
N ASP A 152 -33.38 -62.95 -53.72
CA ASP A 152 -33.12 -63.88 -52.64
C ASP A 152 -32.60 -63.22 -51.37
N ASN A 153 -32.21 -61.94 -51.45
CA ASN A 153 -31.61 -61.27 -50.30
C ASN A 153 -32.72 -60.70 -49.40
N LYS A 154 -33.46 -61.62 -48.79
CA LYS A 154 -34.50 -61.22 -47.87
C LYS A 154 -33.92 -60.89 -46.49
N GLU A 155 -32.68 -61.29 -46.24
CA GLU A 155 -31.98 -60.96 -45.01
C GLU A 155 -31.14 -59.70 -45.17
N LEU A 156 -31.20 -59.05 -46.34
CA LEU A 156 -30.44 -57.84 -46.62
C LEU A 156 -28.97 -58.01 -46.23
N LYS A 157 -28.38 -59.12 -46.67
CA LYS A 157 -26.96 -59.36 -46.48
C LYS A 157 -26.15 -58.39 -47.35
N ALA A 158 -24.95 -58.06 -46.87
CA ALA A 158 -24.17 -57.04 -47.56
C ALA A 158 -22.67 -57.25 -47.35
N PHE A 159 -21.89 -56.56 -48.19
CA PHE A 159 -20.44 -56.58 -48.15
C PHE A 159 -19.89 -55.16 -48.24
N ASN A 160 -18.70 -54.96 -47.70
CA ASN A 160 -18.03 -53.66 -47.72
C ASN A 160 -16.95 -53.63 -48.79
N ILE A 161 -16.83 -52.47 -49.44
CA ILE A 161 -15.76 -52.19 -50.38
C ILE A 161 -14.84 -51.15 -49.74
N ARG A 162 -13.54 -51.46 -49.66
CA ARG A 162 -12.62 -50.47 -49.13
C ARG A 162 -12.68 -49.20 -49.97
N LEU A 163 -12.73 -48.06 -49.29
CA LEU A 163 -12.81 -46.75 -49.92
C LEU A 163 -11.60 -45.95 -49.46
N GLU A 164 -10.77 -45.54 -50.41
CA GLU A 164 -9.54 -44.83 -50.05
C GLU A 164 -9.86 -43.48 -49.43
N GLU A 165 -10.89 -42.81 -49.92
CA GLU A 165 -11.23 -41.46 -49.48
C GLU A 165 -12.00 -41.56 -48.18
N LEU A 166 -11.35 -41.18 -47.08
CA LEU A 166 -11.90 -41.43 -45.76
C LEU A 166 -13.03 -40.46 -45.41
N HIS A 167 -12.92 -39.19 -45.81
CA HIS A 167 -13.84 -38.15 -45.40
C HIS A 167 -14.72 -37.73 -46.58
N VAL A 168 -15.92 -38.30 -46.65
CA VAL A 168 -16.83 -38.09 -47.76
C VAL A 168 -17.95 -37.15 -47.34
N ILE A 169 -18.19 -36.13 -48.13
CA ILE A 169 -19.25 -35.17 -47.81
C ILE A 169 -20.60 -35.68 -48.29
N ASP A 170 -20.69 -36.09 -49.56
CA ASP A 170 -21.95 -36.54 -50.15
C ASP A 170 -21.71 -37.44 -51.35
N VAL A 171 -22.63 -38.39 -51.56
CA VAL A 171 -22.55 -39.34 -52.66
C VAL A 171 -23.91 -39.62 -53.25
N LYS A 172 -23.93 -39.85 -54.57
CA LYS A 172 -25.15 -40.21 -55.30
C LYS A 172 -24.77 -41.21 -56.39
N PHE A 173 -25.73 -42.07 -56.74
CA PHE A 173 -25.61 -42.87 -57.96
C PHE A 173 -25.91 -41.97 -59.16
N LEU A 174 -25.18 -42.18 -60.25
CA LEU A 174 -25.34 -41.37 -61.45
C LEU A 174 -26.30 -42.04 -62.43
N TYR A 175 -26.87 -41.23 -63.31
CA TYR A 175 -27.71 -41.71 -64.40
C TYR A 175 -26.85 -41.84 -65.66
N GLY A 176 -27.24 -42.74 -66.54
CA GLY A 176 -26.64 -42.81 -67.85
C GLY A 176 -25.28 -43.48 -67.92
N CYS A 177 -25.01 -44.45 -67.06
CA CYS A 177 -23.72 -45.12 -67.02
C CYS A 177 -23.83 -46.58 -67.41
N GLN A 178 -22.73 -47.10 -67.98
CA GLN A 178 -22.70 -48.47 -68.44
C GLN A 178 -22.71 -49.47 -67.28
N ALA A 179 -22.21 -49.06 -66.13
CA ALA A 179 -22.24 -49.85 -64.90
C ALA A 179 -22.72 -48.97 -63.76
N PRO A 180 -23.19 -49.58 -62.65
CA PRO A 180 -23.53 -48.76 -61.47
C PRO A 180 -22.39 -47.86 -61.07
N THR A 181 -22.61 -46.54 -61.05
CA THR A 181 -21.54 -45.57 -60.86
C THR A 181 -21.93 -44.61 -59.74
N ILE A 182 -20.99 -44.35 -58.83
CA ILE A 182 -21.17 -43.39 -57.75
C ILE A 182 -20.34 -42.15 -58.04
N CYS A 183 -20.91 -40.99 -57.76
CA CYS A 183 -20.23 -39.71 -57.84
C CYS A 183 -20.30 -39.07 -56.47
N PHE A 184 -19.15 -38.63 -55.94
CA PHE A 184 -19.14 -38.12 -54.58
C PHE A 184 -18.13 -37.00 -54.45
N VAL A 185 -18.34 -36.16 -53.44
CA VAL A 185 -17.41 -35.12 -53.03
C VAL A 185 -16.74 -35.59 -51.74
N TYR A 186 -15.42 -35.47 -51.68
CA TYR A 186 -14.66 -35.91 -50.51
C TYR A 186 -13.67 -34.82 -50.11
N GLN A 187 -13.17 -34.93 -48.89
CA GLN A 187 -12.24 -33.96 -48.35
C GLN A 187 -10.96 -34.64 -47.87
N ASP A 188 -9.83 -34.12 -48.33
CA ASP A 188 -8.49 -34.50 -47.89
C ASP A 188 -7.73 -33.19 -47.64
N PRO A 189 -6.48 -33.23 -47.18
CA PRO A 189 -5.82 -31.96 -46.82
C PRO A 189 -5.74 -30.93 -47.94
N GLN A 190 -5.76 -31.37 -49.20
CA GLN A 190 -5.56 -30.46 -50.33
C GLN A 190 -6.80 -29.66 -50.67
N GLY A 191 -7.96 -30.09 -50.21
CA GLY A 191 -9.19 -29.39 -50.50
C GLY A 191 -10.34 -30.37 -50.61
N ARG A 192 -11.36 -29.97 -51.35
CA ARG A 192 -12.45 -30.86 -51.69
C ARG A 192 -12.41 -31.21 -53.18
N HIS A 193 -12.82 -32.43 -53.47
CA HIS A 193 -12.71 -32.97 -54.81
C HIS A 193 -14.00 -33.70 -55.13
N VAL A 194 -14.26 -33.87 -56.41
CA VAL A 194 -15.34 -34.72 -56.90
C VAL A 194 -14.67 -35.87 -57.64
N LYS A 195 -15.20 -37.07 -57.47
CA LYS A 195 -14.56 -38.28 -57.97
C LYS A 195 -15.65 -39.30 -58.26
N THR A 196 -15.34 -40.25 -59.15
CA THR A 196 -16.27 -41.31 -59.51
C THR A 196 -15.63 -42.68 -59.38
N TYR A 197 -16.50 -43.67 -59.12
CA TYR A 197 -16.15 -45.08 -59.16
C TYR A 197 -17.28 -45.85 -59.82
N GLU A 198 -16.97 -47.03 -60.32
CA GLU A 198 -17.97 -47.99 -60.77
C GLU A 198 -18.05 -49.13 -59.75
N VAL A 199 -19.26 -49.63 -59.51
CA VAL A 199 -19.49 -50.67 -58.51
C VAL A 199 -19.79 -51.97 -59.23
N SER A 200 -18.97 -52.98 -58.97
CA SER A 200 -19.11 -54.31 -59.59
C SER A 200 -19.63 -55.31 -58.56
N LEU A 201 -20.89 -55.70 -58.72
CA LEU A 201 -21.44 -56.72 -57.84
C LEU A 201 -20.75 -58.06 -58.03
N ARG A 202 -20.25 -58.32 -59.24
CA ARG A 202 -19.58 -59.60 -59.50
C ARG A 202 -18.22 -59.66 -58.82
N GLU A 203 -17.41 -58.61 -58.98
CA GLU A 203 -16.09 -58.60 -58.35
C GLU A 203 -16.12 -58.12 -56.91
N LYS A 204 -17.17 -57.43 -56.49
CA LYS A 204 -17.25 -56.91 -55.12
C LYS A 204 -16.08 -55.96 -54.84
N GLU A 205 -15.90 -54.99 -55.74
CA GLU A 205 -14.91 -53.93 -55.55
C GLU A 205 -15.24 -52.78 -56.50
N PHE A 206 -14.54 -51.67 -56.29
CA PHE A 206 -14.63 -50.54 -57.22
C PHE A 206 -13.72 -50.76 -58.43
N ASN A 207 -14.14 -50.25 -59.57
CA ASN A 207 -13.30 -50.12 -60.75
C ASN A 207 -13.20 -48.64 -61.10
N LYS A 208 -12.19 -48.29 -61.90
CA LYS A 208 -12.03 -46.90 -62.30
C LYS A 208 -13.35 -46.34 -62.82
N GLY A 209 -13.63 -45.09 -62.45
CA GLY A 209 -14.88 -44.44 -62.75
C GLY A 209 -14.90 -43.73 -64.09
N PRO A 210 -16.09 -43.36 -64.55
CA PRO A 210 -16.19 -42.80 -65.91
C PRO A 210 -15.47 -41.49 -66.14
N TRP A 211 -15.38 -40.59 -65.16
CA TRP A 211 -14.69 -39.34 -65.44
C TRP A 211 -13.77 -38.90 -64.30
N LYS A 212 -12.79 -38.08 -64.70
CA LYS A 212 -11.66 -37.82 -63.84
C LYS A 212 -12.07 -36.94 -62.65
N GLN A 213 -11.21 -36.94 -61.64
CA GLN A 213 -11.41 -36.08 -60.49
C GLN A 213 -11.22 -34.63 -60.89
N GLU A 214 -12.04 -33.76 -60.30
CA GLU A 214 -11.94 -32.31 -60.43
C GLU A 214 -11.92 -31.71 -59.03
N ASN A 215 -11.10 -30.69 -58.85
CA ASN A 215 -11.08 -29.93 -57.61
C ASN A 215 -12.30 -29.00 -57.58
N VAL A 216 -12.99 -28.98 -56.44
CA VAL A 216 -14.24 -28.24 -56.30
C VAL A 216 -14.15 -27.28 -55.12
N GLU A 217 -15.19 -26.46 -54.98
CA GLU A 217 -15.28 -25.46 -53.93
C GLU A 217 -14.98 -26.07 -52.56
N ALA A 218 -14.32 -25.29 -51.72
CA ALA A 218 -13.92 -25.77 -50.40
C ALA A 218 -15.12 -26.17 -49.53
N GLU A 219 -16.27 -25.54 -49.74
CA GLU A 219 -17.48 -25.86 -48.98
C GLU A 219 -18.54 -26.54 -49.84
N ALA A 220 -18.11 -27.31 -50.84
CA ALA A 220 -19.02 -28.13 -51.62
C ALA A 220 -19.80 -29.07 -50.71
N SER A 221 -21.13 -28.93 -50.72
CA SER A 221 -21.97 -29.61 -49.74
C SER A 221 -22.79 -30.77 -50.30
N MET A 222 -23.39 -30.62 -51.48
CA MET A 222 -24.37 -31.58 -51.94
C MET A 222 -24.13 -32.00 -53.38
N VAL A 223 -24.49 -33.25 -53.68
CA VAL A 223 -24.35 -33.85 -54.99
C VAL A 223 -25.74 -34.13 -55.54
N ILE A 224 -26.02 -33.60 -56.73
CA ILE A 224 -27.27 -33.87 -57.44
C ILE A 224 -26.95 -34.73 -58.65
N ALA A 225 -27.63 -35.86 -58.78
CA ALA A 225 -27.47 -36.74 -59.94
C ALA A 225 -28.43 -36.29 -61.02
N VAL A 226 -27.90 -35.79 -62.13
CA VAL A 226 -28.74 -35.23 -63.19
C VAL A 226 -29.26 -36.37 -64.06
N PRO A 227 -30.52 -36.28 -64.55
CA PRO A 227 -31.12 -37.41 -65.28
C PRO A 227 -30.57 -37.63 -66.68
N GLU A 228 -31.09 -38.66 -67.34
CA GLU A 228 -30.52 -39.14 -68.58
C GLU A 228 -30.34 -38.08 -69.66
N PRO A 229 -31.26 -37.14 -69.88
CA PRO A 229 -31.07 -36.20 -71.01
C PRO A 229 -29.75 -35.46 -70.98
N PHE A 230 -29.32 -35.00 -69.79
CA PHE A 230 -28.04 -34.34 -69.63
C PHE A 230 -26.96 -35.31 -69.15
N GLY A 231 -27.28 -36.09 -68.11
CA GLY A 231 -26.30 -36.96 -67.49
C GLY A 231 -25.42 -36.17 -66.54
N GLY A 232 -24.49 -36.87 -65.90
CA GLY A 232 -23.55 -36.20 -65.03
C GLY A 232 -24.14 -35.78 -63.70
N ALA A 233 -23.52 -34.76 -63.11
CA ALA A 233 -23.88 -34.33 -61.75
C ALA A 233 -23.73 -32.82 -61.60
N ILE A 234 -24.42 -32.29 -60.59
CA ILE A 234 -24.29 -30.89 -60.16
C ILE A 234 -23.80 -30.88 -58.71
N ILE A 235 -22.89 -29.94 -58.41
CA ILE A 235 -22.28 -29.80 -57.10
C ILE A 235 -22.66 -28.43 -56.54
N ILE A 236 -23.35 -28.41 -55.40
CA ILE A 236 -23.81 -27.17 -54.77
C ILE A 236 -22.83 -26.79 -53.66
N GLY A 237 -22.43 -25.52 -53.64
CA GLY A 237 -21.57 -25.02 -52.58
C GLY A 237 -22.13 -23.82 -51.83
N GLN A 238 -21.26 -23.04 -51.21
CA GLN A 238 -21.64 -21.80 -50.56
C GLN A 238 -21.69 -20.64 -51.55
N GLU A 239 -20.76 -20.60 -52.50
CA GLU A 239 -20.70 -19.52 -53.47
C GLU A 239 -21.02 -19.93 -54.89
N SER A 240 -20.87 -21.20 -55.25
CA SER A 240 -20.97 -21.59 -56.65
C SER A 240 -21.71 -22.90 -56.84
N ILE A 241 -22.30 -23.05 -58.03
CA ILE A 241 -22.92 -24.27 -58.51
C ILE A 241 -22.19 -24.69 -59.78
N THR A 242 -21.75 -25.94 -59.84
CA THR A 242 -20.98 -26.43 -60.97
C THR A 242 -21.61 -27.72 -61.51
N TYR A 243 -21.43 -27.94 -62.82
CA TYR A 243 -21.87 -29.15 -63.49
C TYR A 243 -20.64 -29.89 -64.01
N HIS A 244 -20.61 -31.20 -63.78
CA HIS A 244 -19.50 -32.04 -64.20
C HIS A 244 -20.04 -33.23 -64.98
N ASN A 245 -19.38 -33.54 -66.10
CA ASN A 245 -19.70 -34.74 -66.86
C ASN A 245 -18.60 -35.02 -67.88
N GLY A 246 -17.61 -35.82 -67.49
CA GLY A 246 -16.50 -36.12 -68.38
C GLY A 246 -15.71 -34.88 -68.78
N ASP A 247 -15.83 -34.48 -70.04
CA ASP A 247 -15.14 -33.30 -70.54
C ASP A 247 -15.90 -31.99 -70.32
N LYS A 248 -17.19 -32.06 -70.01
CA LYS A 248 -18.01 -30.86 -69.85
C LYS A 248 -17.88 -30.29 -68.45
N TYR A 249 -17.71 -28.96 -68.36
CA TYR A 249 -17.64 -28.30 -67.07
C TYR A 249 -18.28 -26.92 -67.14
N LEU A 250 -19.21 -26.66 -66.24
CA LEU A 250 -19.84 -25.36 -66.09
C LEU A 250 -19.76 -24.88 -64.66
N ALA A 251 -19.77 -23.56 -64.47
CA ALA A 251 -19.77 -22.98 -63.13
C ALA A 251 -20.50 -21.64 -63.15
N ILE A 252 -21.57 -21.54 -62.38
CA ILE A 252 -22.28 -20.29 -62.15
C ILE A 252 -22.08 -19.92 -60.68
N ALA A 253 -21.74 -18.66 -60.43
CA ALA A 253 -21.48 -18.17 -59.07
C ALA A 253 -22.28 -16.89 -58.88
N PRO A 254 -23.61 -16.99 -58.84
CA PRO A 254 -24.42 -15.78 -58.70
C PRO A 254 -24.33 -15.25 -57.28
N PRO A 255 -24.16 -13.94 -57.12
CA PRO A 255 -23.94 -13.40 -55.76
C PRO A 255 -25.10 -13.66 -54.81
N ILE A 256 -26.28 -14.02 -55.32
CA ILE A 256 -27.43 -14.10 -54.44
C ILE A 256 -27.30 -15.27 -53.48
N ILE A 257 -26.71 -16.38 -53.95
CA ILE A 257 -26.61 -17.56 -53.09
C ILE A 257 -25.50 -17.44 -52.05
N LYS A 258 -24.51 -16.56 -52.27
CA LYS A 258 -23.45 -16.41 -51.28
C LYS A 258 -24.00 -15.96 -49.94
N GLN A 259 -25.14 -15.27 -49.95
CA GLN A 259 -25.71 -14.70 -48.73
C GLN A 259 -26.18 -15.73 -47.73
N SER A 260 -26.70 -16.87 -48.18
CA SER A 260 -27.21 -17.87 -47.25
C SER A 260 -26.90 -19.28 -47.76
N THR A 261 -26.48 -20.12 -46.83
CA THR A 261 -26.10 -21.49 -47.18
C THR A 261 -27.30 -22.25 -47.73
N ILE A 262 -27.09 -22.97 -48.83
CA ILE A 262 -28.12 -23.82 -49.42
C ILE A 262 -28.05 -25.20 -48.79
N VAL A 263 -29.19 -25.71 -48.35
CA VAL A 263 -29.23 -26.97 -47.61
C VAL A 263 -30.07 -28.05 -48.26
N CYS A 264 -30.97 -27.75 -49.19
CA CYS A 264 -31.85 -28.78 -49.74
C CYS A 264 -32.03 -28.58 -51.23
N HIS A 265 -32.24 -29.68 -51.95
CA HIS A 265 -32.44 -29.66 -53.38
C HIS A 265 -33.50 -30.68 -53.76
N ASN A 266 -34.22 -30.38 -54.84
CA ASN A 266 -35.22 -31.30 -55.39
C ASN A 266 -35.33 -31.09 -56.89
N ARG A 267 -35.83 -32.10 -57.59
CA ARG A 267 -35.99 -32.07 -59.04
C ARG A 267 -37.43 -31.74 -59.41
N VAL A 268 -37.60 -30.73 -60.26
CA VAL A 268 -38.94 -30.34 -60.71
C VAL A 268 -39.33 -31.06 -62.00
N ASP A 269 -38.47 -31.05 -63.00
CA ASP A 269 -38.78 -31.66 -64.30
C ASP A 269 -38.07 -33.00 -64.38
N PRO A 270 -38.79 -34.11 -64.53
CA PRO A 270 -38.11 -35.43 -64.54
C PRO A 270 -36.91 -35.52 -65.45
N ASN A 271 -36.83 -34.70 -66.49
CA ASN A 271 -35.72 -34.69 -67.42
C ASN A 271 -34.52 -33.89 -66.90
N GLY A 272 -34.62 -33.24 -65.75
CA GLY A 272 -33.51 -32.52 -65.18
C GLY A 272 -33.41 -31.08 -65.57
N SER A 273 -34.39 -30.54 -66.28
CA SER A 273 -34.31 -29.16 -66.74
C SER A 273 -34.36 -28.19 -65.55
N ARG A 274 -35.15 -28.51 -64.53
CA ARG A 274 -35.38 -27.58 -63.43
C ARG A 274 -35.25 -28.29 -62.09
N TYR A 275 -34.47 -27.68 -61.19
CA TYR A 275 -34.27 -28.15 -59.83
C TYR A 275 -34.63 -27.03 -58.86
N LEU A 276 -35.12 -27.41 -57.67
CA LEU A 276 -35.43 -26.45 -56.63
C LEU A 276 -34.32 -26.45 -55.57
N LEU A 277 -33.98 -25.27 -55.08
CA LEU A 277 -32.94 -25.09 -54.06
C LEU A 277 -33.46 -24.20 -52.94
N GLY A 278 -33.12 -24.57 -51.72
CA GLY A 278 -33.51 -23.79 -50.56
C GLY A 278 -32.31 -23.50 -49.66
N ASP A 279 -32.40 -22.38 -48.94
CA ASP A 279 -31.30 -21.92 -48.11
C ASP A 279 -31.78 -21.63 -46.69
N MET A 280 -30.80 -21.41 -45.80
CA MET A 280 -31.10 -21.36 -44.37
C MET A 280 -31.88 -20.12 -43.97
N GLU A 281 -31.93 -19.10 -44.80
CA GLU A 281 -32.77 -17.93 -44.55
C GLU A 281 -34.18 -18.09 -45.11
N GLY A 282 -34.53 -19.28 -45.59
CA GLY A 282 -35.85 -19.59 -46.08
C GLY A 282 -36.11 -19.25 -47.53
N ARG A 283 -35.12 -18.77 -48.28
CA ARG A 283 -35.35 -18.43 -49.67
C ARG A 283 -35.42 -19.69 -50.54
N LEU A 284 -36.30 -19.64 -51.53
CA LEU A 284 -36.51 -20.74 -52.45
C LEU A 284 -36.10 -20.30 -53.85
N PHE A 285 -35.21 -21.08 -54.47
CA PHE A 285 -34.65 -20.76 -55.78
C PHE A 285 -35.08 -21.80 -56.80
N MET A 286 -35.01 -21.40 -58.08
CA MET A 286 -35.15 -22.32 -59.20
C MET A 286 -33.82 -22.38 -59.94
N LEU A 287 -33.26 -23.60 -60.05
CA LEU A 287 -32.04 -23.82 -60.80
C LEU A 287 -32.44 -24.36 -62.17
N LEU A 288 -32.03 -23.66 -63.22
CA LEU A 288 -32.48 -23.94 -64.58
C LEU A 288 -31.32 -24.50 -65.40
N LEU A 289 -31.58 -25.61 -66.09
CA LEU A 289 -30.60 -26.21 -66.99
C LEU A 289 -31.00 -25.84 -68.42
N GLU A 290 -30.23 -24.92 -69.01
CA GLU A 290 -30.49 -24.41 -70.35
C GLU A 290 -29.92 -25.37 -71.38
N LYS A 291 -30.79 -25.95 -72.20
CA LYS A 291 -30.38 -26.99 -73.14
C LYS A 291 -29.93 -26.39 -74.46
N GLU A 292 -29.05 -27.12 -75.14
CA GLU A 292 -28.61 -26.81 -76.50
C GLU A 292 -28.52 -28.11 -77.26
N GLU A 293 -29.31 -28.28 -78.31
CA GLU A 293 -29.27 -29.49 -79.14
C GLU A 293 -28.39 -29.27 -80.37
N GLN A 294 -27.46 -30.20 -80.60
CA GLN A 294 -26.59 -30.15 -81.76
C GLN A 294 -27.21 -30.87 -82.96
N MET A 295 -26.81 -30.46 -84.17
CA MET A 295 -27.33 -31.08 -85.38
C MET A 295 -27.10 -32.58 -85.36
N ASP A 296 -26.15 -33.04 -84.53
CA ASP A 296 -25.91 -34.46 -84.32
C ASP A 296 -27.13 -35.15 -83.74
N GLY A 297 -28.04 -34.40 -83.15
CA GLY A 297 -29.18 -34.98 -82.48
C GLY A 297 -28.97 -35.13 -80.98
N THR A 298 -27.77 -34.80 -80.49
CA THR A 298 -27.41 -34.96 -79.10
C THR A 298 -27.72 -33.70 -78.30
N VAL A 299 -28.23 -33.91 -77.09
CA VAL A 299 -28.58 -32.82 -76.19
C VAL A 299 -27.44 -32.63 -75.22
N THR A 300 -26.98 -31.39 -75.09
CA THR A 300 -25.92 -31.00 -74.17
C THR A 300 -26.45 -29.93 -73.23
N LEU A 301 -25.63 -29.57 -72.24
CA LEU A 301 -25.99 -28.56 -71.25
C LEU A 301 -25.28 -27.27 -71.62
N LYS A 302 -26.07 -26.25 -71.95
CA LYS A 302 -25.51 -24.98 -72.42
C LYS A 302 -25.08 -24.10 -71.27
N ASP A 303 -25.95 -23.91 -70.28
CA ASP A 303 -25.66 -22.97 -69.20
C ASP A 303 -26.55 -23.27 -68.02
N LEU A 304 -26.18 -22.71 -66.86
CA LEU A 304 -26.97 -22.80 -65.64
C LEU A 304 -27.40 -21.39 -65.25
N ARG A 305 -28.62 -21.28 -64.72
CA ARG A 305 -29.20 -20.02 -64.28
C ARG A 305 -29.87 -20.26 -62.94
N VAL A 306 -29.80 -19.26 -62.06
CA VAL A 306 -30.45 -19.33 -60.76
C VAL A 306 -31.41 -18.15 -60.65
N GLU A 307 -32.66 -18.44 -60.29
CA GLU A 307 -33.73 -17.44 -60.21
C GLU A 307 -34.39 -17.55 -58.84
N LEU A 308 -34.56 -16.41 -58.17
CA LEU A 308 -35.19 -16.38 -56.85
C LEU A 308 -36.71 -16.41 -56.99
N LEU A 309 -37.35 -17.37 -56.32
CA LEU A 309 -38.80 -17.52 -56.39
C LEU A 309 -39.54 -16.79 -55.28
N GLY A 310 -39.06 -16.87 -54.06
CA GLY A 310 -39.76 -16.28 -52.92
C GLY A 310 -39.21 -16.83 -51.62
N GLU A 311 -40.07 -16.84 -50.60
CA GLU A 311 -39.66 -17.31 -49.28
C GLU A 311 -40.59 -18.42 -48.82
N THR A 312 -40.01 -19.46 -48.24
CA THR A 312 -40.71 -20.54 -47.56
C THR A 312 -40.19 -20.61 -46.12
N SER A 313 -40.67 -21.58 -45.37
CA SER A 313 -40.06 -21.86 -44.08
C SER A 313 -38.68 -22.48 -44.29
N ILE A 314 -37.77 -22.27 -43.34
CA ILE A 314 -36.48 -22.93 -43.41
C ILE A 314 -36.74 -24.42 -43.50
N ALA A 315 -36.27 -25.06 -44.58
CA ALA A 315 -36.72 -26.38 -44.97
C ALA A 315 -35.62 -27.43 -44.90
N GLU A 316 -35.88 -28.51 -44.16
CA GLU A 316 -34.98 -29.66 -44.17
C GLU A 316 -35.08 -30.45 -45.48
N CYS A 317 -36.28 -30.60 -46.01
CA CYS A 317 -36.47 -31.33 -47.26
C CYS A 317 -37.44 -30.52 -48.10
N LEU A 318 -37.22 -30.49 -49.40
CA LEU A 318 -38.19 -29.99 -50.35
C LEU A 318 -38.66 -31.16 -51.21
N THR A 319 -39.92 -31.15 -51.59
CA THR A 319 -40.40 -32.06 -52.61
C THR A 319 -41.49 -31.37 -53.41
N TYR A 320 -41.32 -31.38 -54.73
CA TYR A 320 -42.32 -30.88 -55.65
C TYR A 320 -43.35 -32.00 -55.86
N LEU A 321 -44.61 -31.62 -55.86
CA LEU A 321 -45.66 -32.63 -56.01
C LEU A 321 -46.23 -32.62 -57.41
N ASP A 322 -47.00 -31.60 -57.78
CA ASP A 322 -47.56 -31.55 -59.13
C ASP A 322 -48.14 -30.16 -59.34
N ASN A 323 -48.28 -29.80 -60.62
CA ASN A 323 -48.87 -28.52 -60.98
C ASN A 323 -47.90 -27.49 -60.42
N GLY A 324 -48.35 -26.53 -59.61
CA GLY A 324 -47.47 -25.58 -58.97
C GLY A 324 -47.18 -25.85 -57.50
N VAL A 325 -47.57 -27.00 -56.98
CA VAL A 325 -47.56 -27.24 -55.54
C VAL A 325 -46.27 -27.91 -55.08
N VAL A 326 -45.67 -27.34 -54.03
CA VAL A 326 -44.43 -27.84 -53.43
C VAL A 326 -44.69 -28.07 -51.95
N PHE A 327 -44.22 -29.19 -51.42
CA PHE A 327 -44.30 -29.43 -49.99
C PHE A 327 -42.98 -29.03 -49.34
N VAL A 328 -43.05 -28.10 -48.39
CA VAL A 328 -41.88 -27.60 -47.67
C VAL A 328 -41.82 -28.32 -46.33
N GLY A 329 -40.86 -29.22 -46.16
CA GLY A 329 -40.71 -29.90 -44.89
C GLY A 329 -39.72 -29.17 -44.00
N SER A 330 -40.17 -28.73 -42.83
CA SER A 330 -39.37 -27.86 -41.97
C SER A 330 -39.12 -28.54 -40.62
N ARG A 331 -37.88 -28.46 -40.17
CA ARG A 331 -37.46 -28.94 -38.86
C ARG A 331 -37.31 -27.84 -37.84
N LEU A 332 -37.06 -26.62 -38.28
CA LEU A 332 -36.89 -25.46 -37.40
C LEU A 332 -38.15 -24.60 -37.34
N GLY A 333 -39.10 -24.80 -38.25
CA GLY A 333 -40.34 -24.04 -38.27
C GLY A 333 -41.51 -24.85 -38.81
N ASP A 334 -42.66 -24.22 -38.99
CA ASP A 334 -43.82 -24.92 -39.52
C ASP A 334 -43.57 -25.35 -40.97
N SER A 335 -43.97 -26.58 -41.29
CA SER A 335 -43.90 -27.10 -42.64
C SER A 335 -45.02 -26.50 -43.50
N GLN A 336 -44.91 -26.67 -44.81
CA GLN A 336 -45.87 -25.98 -45.66
C GLN A 336 -46.18 -26.70 -46.96
N LEU A 337 -47.33 -26.35 -47.51
CA LEU A 337 -47.65 -26.49 -48.92
C LEU A 337 -47.65 -25.07 -49.51
N VAL A 338 -46.90 -24.86 -50.58
CA VAL A 338 -46.85 -23.56 -51.24
C VAL A 338 -47.08 -23.78 -52.72
N LYS A 339 -47.70 -22.81 -53.38
CA LYS A 339 -47.90 -22.88 -54.82
C LYS A 339 -46.96 -21.92 -55.53
N LEU A 340 -46.30 -22.44 -56.57
CA LEU A 340 -45.43 -21.65 -57.43
C LEU A 340 -46.24 -21.16 -58.62
N ASN A 341 -46.27 -19.85 -58.83
CA ASN A 341 -47.02 -19.24 -59.91
C ASN A 341 -46.07 -18.83 -61.02
N VAL A 342 -46.59 -18.82 -62.25
CA VAL A 342 -45.79 -18.35 -63.37
C VAL A 342 -45.62 -16.84 -63.33
N ASP A 343 -46.66 -16.12 -62.93
CA ASP A 343 -46.62 -14.67 -62.80
C ASP A 343 -46.34 -14.31 -61.35
N SER A 344 -45.45 -13.34 -61.15
CA SER A 344 -45.15 -12.85 -59.82
C SER A 344 -46.29 -11.96 -59.31
N ASN A 345 -46.39 -11.86 -57.98
CA ASN A 345 -47.39 -10.99 -57.38
C ASN A 345 -46.82 -9.56 -57.33
N GLU A 346 -47.58 -8.63 -56.76
CA GLU A 346 -47.16 -7.23 -56.80
C GLU A 346 -45.93 -6.95 -55.96
N GLN A 347 -45.51 -7.86 -55.11
CA GLN A 347 -44.30 -7.70 -54.32
C GLN A 347 -43.09 -8.34 -55.00
N GLY A 348 -43.30 -8.98 -56.15
CA GLY A 348 -42.25 -9.68 -56.86
C GLY A 348 -42.12 -11.15 -56.56
N SER A 349 -43.00 -11.72 -55.75
CA SER A 349 -42.88 -13.11 -55.35
C SER A 349 -43.72 -14.04 -56.22
N TYR A 350 -43.15 -15.22 -56.51
CA TYR A 350 -43.86 -16.28 -57.20
C TYR A 350 -44.36 -17.38 -56.26
N VAL A 351 -44.21 -17.20 -54.94
CA VAL A 351 -44.56 -18.22 -53.97
C VAL A 351 -45.69 -17.68 -53.10
N VAL A 352 -46.76 -18.45 -52.96
CA VAL A 352 -47.90 -18.08 -52.14
C VAL A 352 -48.27 -19.28 -51.29
N ALA A 353 -48.36 -19.08 -49.98
CA ALA A 353 -48.57 -20.17 -49.03
C ALA A 353 -50.00 -20.69 -49.09
N MET A 354 -50.14 -22.01 -49.25
CA MET A 354 -51.46 -22.62 -49.21
C MET A 354 -51.87 -23.05 -47.81
N GLU A 355 -51.12 -23.96 -47.19
CA GLU A 355 -51.47 -24.54 -45.91
C GLU A 355 -50.25 -24.51 -45.00
N THR A 356 -50.51 -24.50 -43.69
CA THR A 356 -49.43 -24.47 -42.71
C THR A 356 -49.65 -25.61 -41.74
N PHE A 357 -48.64 -26.46 -41.61
CA PHE A 357 -48.67 -27.66 -40.76
C PHE A 357 -47.88 -27.34 -39.50
N THR A 358 -48.54 -27.45 -38.35
CA THR A 358 -47.90 -27.07 -37.10
C THR A 358 -46.66 -27.91 -36.81
N ASN A 359 -45.56 -27.23 -36.53
CA ASN A 359 -44.34 -27.84 -36.04
C ASN A 359 -43.94 -27.14 -34.76
N LEU A 360 -43.94 -27.86 -33.64
CA LEU A 360 -43.47 -27.25 -32.39
C LEU A 360 -41.97 -26.94 -32.42
N GLY A 361 -41.28 -27.28 -33.51
CA GLY A 361 -39.91 -26.90 -33.72
C GLY A 361 -39.03 -27.40 -32.60
N PRO A 362 -37.79 -26.94 -32.56
CA PRO A 362 -36.96 -27.19 -31.37
C PRO A 362 -37.60 -26.52 -30.16
N ILE A 363 -37.84 -27.30 -29.11
CA ILE A 363 -38.38 -26.75 -27.87
C ILE A 363 -37.16 -26.49 -26.99
N VAL A 364 -36.66 -25.25 -27.01
CA VAL A 364 -35.47 -24.90 -26.24
C VAL A 364 -35.77 -24.84 -24.75
N ASP A 365 -36.91 -24.25 -24.38
CA ASP A 365 -37.32 -24.17 -22.99
C ASP A 365 -38.84 -24.18 -22.96
N MET A 366 -39.41 -24.38 -21.77
CA MET A 366 -40.85 -24.29 -21.61
C MET A 366 -41.21 -24.19 -20.14
N CYS A 367 -42.40 -23.68 -19.87
CA CYS A 367 -42.95 -23.56 -18.52
C CYS A 367 -44.45 -23.83 -18.57
N VAL A 368 -44.98 -24.37 -17.47
CA VAL A 368 -46.40 -24.65 -17.32
C VAL A 368 -47.01 -23.56 -16.45
N VAL A 369 -48.09 -22.94 -16.94
CA VAL A 369 -48.72 -21.82 -16.24
C VAL A 369 -50.22 -21.92 -16.44
N ASP A 370 -50.98 -21.72 -15.36
CA ASP A 370 -52.45 -21.74 -15.41
C ASP A 370 -52.91 -20.31 -15.64
N LEU A 371 -53.01 -19.94 -16.91
CA LEU A 371 -53.31 -18.56 -17.27
C LEU A 371 -54.74 -18.16 -16.88
N GLU A 372 -55.69 -19.04 -17.12
CA GLU A 372 -57.10 -18.83 -16.89
C GLU A 372 -57.55 -19.27 -15.50
N ARG A 373 -56.60 -19.50 -14.59
CA ARG A 373 -56.86 -19.95 -13.23
C ARG A 373 -57.57 -21.30 -13.17
N GLN A 374 -57.48 -22.10 -14.23
CA GLN A 374 -58.35 -23.27 -14.35
C GLN A 374 -57.87 -24.52 -13.63
N GLY A 375 -56.85 -24.48 -12.79
CA GLY A 375 -56.38 -25.70 -12.17
C GLY A 375 -55.96 -26.75 -13.19
N GLN A 376 -55.92 -26.34 -14.46
CA GLN A 376 -55.49 -27.21 -15.55
C GLN A 376 -53.98 -27.11 -15.80
N GLY A 377 -53.57 -25.96 -16.32
CA GLY A 377 -52.20 -25.71 -16.70
C GLY A 377 -52.08 -25.76 -18.21
N GLN A 378 -51.49 -24.72 -18.77
CA GLN A 378 -51.17 -24.60 -20.18
C GLN A 378 -49.66 -24.53 -20.30
N LEU A 379 -49.16 -25.00 -21.44
CA LEU A 379 -47.73 -25.12 -21.68
C LEU A 379 -47.31 -24.05 -22.68
N VAL A 380 -46.45 -23.15 -22.25
CA VAL A 380 -45.89 -22.12 -23.11
C VAL A 380 -44.46 -22.53 -23.44
N THR A 381 -44.17 -22.74 -24.72
CA THR A 381 -42.89 -23.29 -25.14
C THR A 381 -42.11 -22.27 -25.94
N CYS A 382 -40.79 -22.29 -25.78
CA CYS A 382 -39.88 -21.59 -26.68
C CYS A 382 -39.58 -22.51 -27.85
N SER A 383 -40.14 -22.20 -29.01
CA SER A 383 -40.12 -23.10 -30.15
C SER A 383 -39.54 -22.42 -31.38
N GLY A 384 -38.87 -23.21 -32.20
CA GLY A 384 -38.34 -22.73 -33.46
C GLY A 384 -36.95 -22.12 -33.33
N ALA A 385 -36.43 -21.69 -34.47
CA ALA A 385 -35.16 -20.98 -34.52
C ALA A 385 -35.23 -19.94 -35.64
N PHE A 386 -34.52 -18.84 -35.43
CA PHE A 386 -34.37 -17.78 -36.44
C PHE A 386 -35.74 -17.25 -36.82
N LYS A 387 -36.06 -17.15 -38.11
CA LYS A 387 -37.33 -16.62 -38.58
C LYS A 387 -38.51 -17.41 -38.07
N GLU A 388 -38.32 -18.69 -37.76
CA GLU A 388 -39.38 -19.55 -37.29
C GLU A 388 -39.54 -19.49 -35.78
N GLY A 389 -38.78 -18.63 -35.11
CA GLY A 389 -38.91 -18.56 -33.66
C GLY A 389 -40.32 -18.17 -33.27
N SER A 390 -40.81 -18.83 -32.23
CA SER A 390 -42.20 -18.66 -31.83
C SER A 390 -42.34 -19.03 -30.36
N LEU A 391 -43.41 -18.52 -29.77
CA LEU A 391 -43.94 -18.98 -28.49
C LEU A 391 -45.21 -19.75 -28.82
N ARG A 392 -45.35 -20.95 -28.24
CA ARG A 392 -46.50 -21.80 -28.50
C ARG A 392 -47.19 -22.10 -27.18
N ILE A 393 -48.45 -21.72 -27.09
CA ILE A 393 -49.28 -21.97 -25.92
C ILE A 393 -50.15 -23.18 -26.20
N ILE A 394 -50.04 -24.21 -25.35
CA ILE A 394 -50.64 -25.51 -25.60
C ILE A 394 -51.55 -25.87 -24.44
N ARG A 395 -52.79 -26.26 -24.76
CA ARG A 395 -53.76 -26.69 -23.76
C ARG A 395 -54.46 -27.94 -24.27
N ASN A 396 -54.94 -28.77 -23.34
CA ASN A 396 -55.73 -29.95 -23.70
C ASN A 396 -57.22 -29.61 -23.84
N GLY A 397 -57.84 -30.15 -24.87
CA GLY A 397 -59.26 -29.92 -25.11
C GLY A 397 -59.81 -30.68 -26.31
N GLN A 408 -60.81 -35.06 -29.01
CA GLN A 408 -59.57 -35.27 -28.27
C GLN A 408 -58.36 -34.85 -29.09
N LYS A 409 -57.91 -33.61 -28.90
CA LYS A 409 -56.77 -33.06 -29.59
C LYS A 409 -56.19 -31.97 -28.69
N LEU A 410 -54.97 -31.54 -28.99
CA LEU A 410 -54.34 -30.46 -28.25
C LEU A 410 -54.56 -29.16 -29.03
N HIS A 411 -54.97 -28.10 -28.32
CA HIS A 411 -55.13 -26.78 -28.91
C HIS A 411 -53.83 -25.99 -28.77
N ILE A 412 -53.31 -25.49 -29.88
CA ILE A 412 -52.00 -24.84 -29.92
C ILE A 412 -52.14 -23.45 -30.54
N ARG A 413 -51.72 -22.43 -29.79
CA ARG A 413 -51.63 -21.05 -30.29
C ARG A 413 -50.17 -20.69 -30.56
N THR A 414 -49.95 -19.93 -31.63
CA THR A 414 -48.60 -19.55 -32.05
C THR A 414 -48.41 -18.04 -31.95
N VAL A 415 -47.31 -17.63 -31.32
CA VAL A 415 -46.93 -16.23 -31.21
C VAL A 415 -45.65 -16.04 -32.03
N PRO A 416 -45.71 -15.43 -33.21
CA PRO A 416 -44.49 -15.30 -34.04
C PRO A 416 -43.51 -14.31 -33.43
N LEU A 417 -42.24 -14.70 -33.41
CA LEU A 417 -41.17 -13.86 -32.91
C LEU A 417 -40.14 -13.48 -33.94
N TYR A 418 -39.93 -14.30 -34.97
CA TYR A 418 -38.99 -14.04 -36.06
C TYR A 418 -37.54 -13.91 -35.56
N GLU A 419 -37.28 -14.36 -34.33
CA GLU A 419 -35.94 -14.48 -33.80
C GLU A 419 -35.93 -15.69 -32.88
N SER A 420 -34.74 -16.11 -32.46
CA SER A 420 -34.61 -17.37 -31.73
C SER A 420 -35.02 -17.19 -30.27
N PRO A 421 -36.01 -17.92 -29.76
CA PRO A 421 -36.31 -17.89 -28.31
C PRO A 421 -35.42 -18.89 -27.58
N ARG A 422 -34.94 -18.48 -26.41
CA ARG A 422 -33.94 -19.26 -25.70
C ARG A 422 -34.41 -19.78 -24.35
N LYS A 423 -35.00 -18.94 -23.50
CA LYS A 423 -35.50 -19.35 -22.21
C LYS A 423 -36.80 -18.59 -21.93
N ILE A 424 -37.68 -19.21 -21.14
CA ILE A 424 -38.93 -18.57 -20.77
C ILE A 424 -39.20 -18.80 -19.28
N CYS A 425 -39.80 -17.80 -18.64
CA CYS A 425 -40.21 -17.87 -17.25
C CYS A 425 -41.45 -16.98 -17.10
N TYR A 426 -42.34 -17.38 -16.20
CA TYR A 426 -43.57 -16.64 -15.95
C TYR A 426 -43.46 -15.84 -14.65
N GLN A 427 -43.96 -14.60 -14.67
CA GLN A 427 -43.98 -13.69 -13.52
C GLN A 427 -45.42 -13.26 -13.31
N GLU A 428 -46.12 -13.93 -12.38
CA GLU A 428 -47.55 -13.66 -12.21
C GLU A 428 -47.78 -12.23 -11.75
N VAL A 429 -46.97 -11.74 -10.81
CA VAL A 429 -47.16 -10.40 -10.27
C VAL A 429 -47.33 -9.37 -11.38
N SER A 430 -46.63 -9.57 -12.50
CA SER A 430 -46.67 -8.62 -13.61
C SER A 430 -47.59 -9.05 -14.74
N GLN A 431 -48.32 -10.14 -14.60
CA GLN A 431 -49.21 -10.64 -15.64
C GLN A 431 -48.50 -10.72 -16.99
N CYS A 432 -47.25 -11.20 -16.98
CA CYS A 432 -46.47 -11.28 -18.21
C CYS A 432 -45.40 -12.35 -18.09
N PHE A 433 -44.82 -12.70 -19.24
CA PHE A 433 -43.70 -13.63 -19.34
C PHE A 433 -42.41 -12.88 -19.62
N GLY A 434 -41.30 -13.41 -19.09
CA GLY A 434 -39.97 -13.02 -19.53
C GLY A 434 -39.41 -14.07 -20.47
N VAL A 435 -38.87 -13.62 -21.61
CA VAL A 435 -38.32 -14.51 -22.63
C VAL A 435 -36.99 -13.97 -23.11
N LEU A 436 -35.98 -14.84 -23.09
CA LEU A 436 -34.68 -14.52 -23.65
C LEU A 436 -34.65 -14.90 -25.12
N SER A 437 -34.10 -14.01 -25.94
CA SER A 437 -34.10 -14.21 -27.38
C SER A 437 -32.77 -13.73 -27.95
N SER A 438 -32.45 -14.22 -29.14
CA SER A 438 -31.28 -13.76 -29.87
C SER A 438 -31.64 -13.63 -31.33
N ARG A 439 -31.14 -12.57 -31.97
CA ARG A 439 -31.38 -12.30 -33.38
C ARG A 439 -30.07 -12.12 -34.09
N ILE A 440 -30.06 -12.48 -35.36
CA ILE A 440 -28.87 -12.41 -36.19
C ILE A 440 -28.81 -11.04 -36.87
N GLU A 441 -27.70 -10.35 -36.71
CA GLU A 441 -27.38 -9.15 -37.47
C GLU A 441 -26.05 -9.40 -38.17
N VAL A 442 -25.80 -8.65 -39.25
CA VAL A 442 -24.61 -8.87 -40.06
C VAL A 442 -23.80 -7.57 -40.09
N GLN A 443 -22.47 -7.71 -40.06
CA GLN A 443 -21.63 -6.52 -40.06
C GLN A 443 -21.85 -5.78 -41.37
N ASP A 444 -22.23 -4.49 -41.28
CA ASP A 444 -22.55 -3.72 -42.46
C ASP A 444 -21.49 -2.63 -42.67
N THR A 445 -21.67 -1.86 -43.75
CA THR A 445 -20.66 -0.88 -44.14
C THR A 445 -20.58 0.33 -43.21
N SER A 446 -21.38 0.38 -42.15
CA SER A 446 -21.30 1.50 -41.21
C SER A 446 -20.36 1.18 -40.06
N GLY A 447 -19.80 -0.03 -40.03
CA GLY A 447 -19.09 -0.53 -38.89
C GLY A 447 -19.96 -1.22 -37.87
N GLY A 448 -21.23 -0.89 -37.83
CA GLY A 448 -22.18 -1.55 -36.97
C GLY A 448 -22.76 -2.76 -37.64
N THR A 449 -23.96 -3.14 -37.21
CA THR A 449 -24.63 -4.32 -37.75
C THR A 449 -26.06 -3.97 -38.13
N THR A 450 -26.62 -4.78 -39.03
CA THR A 450 -27.96 -4.59 -39.54
C THR A 450 -28.67 -5.93 -39.51
N ALA A 451 -29.94 -5.89 -39.11
CA ALA A 451 -30.73 -7.10 -38.94
C ALA A 451 -31.41 -7.46 -40.25
N LEU A 452 -31.43 -8.75 -40.55
CA LEU A 452 -31.96 -9.22 -41.82
C LEU A 452 -33.45 -8.92 -41.95
N ARG A 453 -34.17 -8.95 -40.84
CA ARG A 453 -35.61 -8.73 -40.81
C ARG A 453 -35.98 -8.17 -39.45
N PRO A 454 -37.07 -7.40 -39.35
CA PRO A 454 -37.56 -6.98 -38.03
C PRO A 454 -38.10 -8.17 -37.25
N SER A 455 -37.91 -8.11 -35.93
CA SER A 455 -38.32 -9.21 -35.06
C SER A 455 -38.72 -8.68 -33.69
N ALA A 456 -39.09 -9.62 -32.81
CA ALA A 456 -39.70 -9.26 -31.53
C ALA A 456 -38.89 -8.21 -30.77
N SER A 457 -37.57 -8.35 -30.74
CA SER A 457 -36.76 -7.45 -29.95
C SER A 457 -36.75 -6.03 -30.51
N THR A 458 -36.98 -5.89 -31.82
CA THR A 458 -37.00 -4.58 -32.45
C THR A 458 -38.41 -3.97 -32.53
N GLN A 459 -39.45 -4.79 -32.34
CA GLN A 459 -40.83 -4.34 -32.42
C GLN A 459 -41.48 -4.22 -31.05
N ALA A 460 -40.68 -4.13 -29.98
CA ALA A 460 -41.22 -3.96 -28.65
C ALA A 460 -41.83 -2.56 -28.51
N LEU A 461 -42.83 -2.44 -27.64
CA LEU A 461 -43.44 -1.13 -27.43
C LEU A 461 -42.42 -0.14 -26.89
N SER A 462 -41.80 -0.47 -25.76
CA SER A 462 -40.70 0.30 -25.18
C SER A 462 -39.44 -0.55 -25.18
N SER A 463 -38.28 0.09 -25.23
CA SER A 463 -37.02 -0.63 -25.34
C SER A 463 -35.92 0.05 -24.53
N SER A 464 -34.87 -0.73 -24.23
CA SER A 464 -33.72 -0.26 -23.48
C SER A 464 -32.49 -1.02 -23.95
N VAL A 465 -31.32 -0.40 -23.77
CA VAL A 465 -30.05 -1.01 -24.12
C VAL A 465 -29.13 -0.92 -22.91
N SER A 466 -28.38 -1.98 -22.67
CA SER A 466 -27.48 -2.02 -21.52
C SER A 466 -26.39 -0.98 -21.63
N SER A 467 -26.14 -0.28 -20.53
CA SER A 467 -25.08 0.70 -20.43
C SER A 467 -23.97 0.28 -19.46
N SER A 468 -23.94 -0.99 -19.07
CA SER A 468 -23.00 -1.42 -18.05
C SER A 468 -21.57 -1.13 -18.48
N LYS A 469 -20.74 -0.81 -17.49
CA LYS A 469 -19.34 -0.53 -17.72
C LYS A 469 -18.45 -1.64 -17.16
N LEU A 470 -19.04 -2.79 -16.80
CA LEU A 470 -18.29 -3.81 -16.09
C LEU A 470 -17.07 -4.28 -16.90
N PHE A 471 -17.28 -4.62 -18.15
CA PHE A 471 -16.24 -5.05 -19.07
C PHE A 471 -15.71 -3.93 -19.94
N SER A 472 -16.24 -2.71 -19.78
CA SER A 472 -15.84 -1.59 -20.62
C SER A 472 -14.34 -1.33 -20.69
N SER A 473 -13.54 -1.80 -19.72
CA SER A 473 -12.12 -1.52 -19.81
C SER A 473 -11.50 -2.16 -21.04
N SER A 474 -12.04 -3.30 -21.45
CA SER A 474 -11.62 -4.01 -22.66
C SER A 474 -10.12 -4.06 -22.87
N THR A 475 -9.61 -3.40 -23.92
CA THR A 475 -8.21 -3.48 -24.33
C THR A 475 -7.92 -4.84 -24.96
N ALA A 476 -8.96 -5.63 -25.21
CA ALA A 476 -8.89 -6.92 -25.89
C ALA A 476 -9.46 -6.76 -27.31
N PRO A 477 -8.66 -6.93 -28.37
CA PRO A 477 -9.14 -6.61 -29.72
C PRO A 477 -9.95 -7.76 -30.33
N HIS A 478 -11.07 -7.40 -30.96
CA HIS A 478 -11.90 -8.36 -31.68
C HIS A 478 -12.27 -7.74 -33.02
N GLU A 479 -11.55 -8.09 -34.09
CA GLU A 479 -11.77 -7.51 -35.40
C GLU A 479 -13.02 -8.02 -36.10
N THR A 480 -13.63 -7.13 -36.88
CA THR A 480 -14.88 -7.39 -37.58
C THR A 480 -14.71 -7.24 -39.08
N SER A 481 -15.20 -8.22 -39.83
CA SER A 481 -15.20 -8.20 -41.29
C SER A 481 -16.64 -8.02 -41.78
N PHE A 482 -16.81 -7.25 -42.84
CA PHE A 482 -18.15 -7.05 -43.38
C PHE A 482 -18.74 -8.40 -43.80
N GLY A 483 -20.02 -8.59 -43.47
CA GLY A 483 -20.74 -9.79 -43.82
C GLY A 483 -20.78 -10.87 -42.76
N GLU A 484 -19.94 -10.76 -41.72
CA GLU A 484 -19.96 -11.75 -40.66
C GLU A 484 -21.21 -11.60 -39.80
N GLU A 485 -21.71 -12.74 -39.30
CA GLU A 485 -22.88 -12.75 -38.45
C GLU A 485 -22.51 -12.48 -36.99
N VAL A 486 -23.48 -11.95 -36.24
CA VAL A 486 -23.37 -11.79 -34.80
C VAL A 486 -24.72 -12.08 -34.17
N GLU A 487 -24.70 -12.53 -32.92
CA GLU A 487 -25.95 -12.73 -32.19
C GLU A 487 -26.19 -11.52 -31.30
N VAL A 488 -27.42 -11.02 -31.28
CA VAL A 488 -27.82 -9.93 -30.39
C VAL A 488 -28.88 -10.49 -29.47
N HIS A 489 -28.62 -10.44 -28.17
CA HIS A 489 -29.46 -11.08 -27.16
C HIS A 489 -30.31 -10.06 -26.44
N ASN A 490 -31.54 -10.44 -26.12
CA ASN A 490 -32.51 -9.56 -25.51
C ASN A 490 -33.29 -10.30 -24.44
N LEU A 491 -33.87 -9.53 -23.53
CA LEU A 491 -34.91 -9.99 -22.62
C LEU A 491 -36.22 -9.38 -23.09
N LEU A 492 -37.21 -10.22 -23.40
CA LEU A 492 -38.50 -9.75 -23.85
C LEU A 492 -39.52 -9.86 -22.72
N ILE A 493 -40.28 -8.80 -22.50
CA ILE A 493 -41.40 -8.80 -21.58
C ILE A 493 -42.67 -8.89 -22.42
N ILE A 494 -43.44 -9.96 -22.22
CA ILE A 494 -44.56 -10.33 -23.09
C ILE A 494 -45.82 -10.51 -22.25
N ASP A 495 -46.89 -9.83 -22.66
CA ASP A 495 -48.15 -9.86 -21.92
C ASP A 495 -48.81 -11.25 -22.01
N GLN A 496 -49.36 -11.70 -20.89
CA GLN A 496 -49.88 -13.06 -20.80
C GLN A 496 -51.23 -13.26 -21.48
N HIS A 497 -51.93 -12.18 -21.83
CA HIS A 497 -53.22 -12.29 -22.49
C HIS A 497 -53.12 -12.00 -23.98
N THR A 498 -52.54 -10.84 -24.33
CA THR A 498 -52.35 -10.47 -25.73
C THR A 498 -51.11 -11.11 -26.34
N PHE A 499 -50.12 -11.46 -25.52
CA PHE A 499 -48.82 -11.95 -26.00
C PHE A 499 -48.19 -10.91 -26.91
N GLU A 500 -48.32 -9.66 -26.51
CA GLU A 500 -47.75 -8.52 -27.21
C GLU A 500 -46.41 -8.22 -26.55
N VAL A 501 -45.41 -7.89 -27.36
CA VAL A 501 -44.11 -7.58 -26.78
C VAL A 501 -44.19 -6.21 -26.14
N LEU A 502 -44.14 -6.17 -24.81
CA LEU A 502 -44.27 -4.92 -24.09
C LEU A 502 -42.93 -4.20 -23.98
N HIS A 503 -41.85 -4.95 -23.78
CA HIS A 503 -40.54 -4.35 -23.59
C HIS A 503 -39.46 -5.30 -24.10
N ALA A 504 -38.37 -4.72 -24.58
CA ALA A 504 -37.22 -5.48 -25.00
C ALA A 504 -35.96 -4.77 -24.52
N HIS A 505 -35.11 -5.49 -23.80
CA HIS A 505 -33.85 -4.98 -23.30
C HIS A 505 -32.72 -5.71 -24.02
N GLN A 506 -31.87 -4.95 -24.70
CA GLN A 506 -30.75 -5.50 -25.44
C GLN A 506 -29.53 -5.58 -24.55
N PHE A 507 -28.89 -6.74 -24.53
CA PHE A 507 -27.71 -6.94 -23.71
C PHE A 507 -26.48 -6.40 -24.41
N LEU A 508 -25.35 -6.47 -23.71
CA LEU A 508 -24.11 -5.88 -24.21
C LEU A 508 -23.68 -6.57 -25.49
N GLN A 509 -22.86 -5.86 -26.27
CA GLN A 509 -22.29 -6.45 -27.47
C GLN A 509 -21.48 -7.67 -27.06
N ASN A 510 -21.74 -8.79 -27.72
CA ASN A 510 -21.09 -10.07 -27.44
C ASN A 510 -21.51 -10.65 -26.09
N GLU A 511 -22.60 -10.19 -25.50
CA GLU A 511 -23.12 -10.75 -24.27
C GLU A 511 -24.26 -11.70 -24.65
N TYR A 512 -24.15 -12.95 -24.24
CA TYR A 512 -25.16 -13.97 -24.50
C TYR A 512 -25.94 -14.20 -23.21
N ALA A 513 -27.27 -14.24 -23.31
CA ALA A 513 -28.13 -14.51 -22.18
C ALA A 513 -28.37 -16.01 -22.09
N LEU A 514 -27.97 -16.60 -20.96
CA LEU A 514 -28.03 -18.04 -20.80
C LEU A 514 -29.10 -18.52 -19.82
N SER A 515 -29.44 -17.72 -18.81
CA SER A 515 -30.33 -18.17 -17.74
C SER A 515 -31.28 -17.05 -17.36
N LEU A 516 -32.50 -17.44 -16.96
CA LEU A 516 -33.55 -16.50 -16.60
C LEU A 516 -34.40 -17.07 -15.48
N VAL A 517 -34.62 -16.28 -14.44
CA VAL A 517 -35.54 -16.64 -13.37
C VAL A 517 -36.37 -15.43 -12.99
N SER A 518 -37.57 -15.69 -12.44
CA SER A 518 -38.43 -14.68 -11.85
C SER A 518 -38.68 -15.09 -10.41
N CYS A 519 -38.36 -14.21 -9.47
CA CYS A 519 -38.53 -14.57 -8.07
C CYS A 519 -38.39 -13.33 -7.19
N LYS A 520 -38.75 -13.51 -5.91
CA LYS A 520 -38.43 -12.58 -4.84
C LYS A 520 -37.22 -13.13 -4.09
N LEU A 521 -36.36 -12.24 -3.60
CA LEU A 521 -35.21 -12.67 -2.82
C LEU A 521 -35.24 -12.03 -1.44
N GLY A 522 -34.76 -12.81 -0.46
CA GLY A 522 -34.58 -12.30 0.89
C GLY A 522 -35.82 -11.68 1.45
N LYS A 523 -35.64 -10.52 2.09
CA LYS A 523 -36.71 -9.73 2.65
C LYS A 523 -37.20 -8.66 1.67
N ASP A 524 -36.79 -8.77 0.41
CA ASP A 524 -37.17 -7.79 -0.60
C ASP A 524 -38.54 -8.14 -1.15
N PRO A 525 -39.55 -7.27 -0.98
CA PRO A 525 -40.91 -7.62 -1.45
C PRO A 525 -41.06 -7.55 -2.96
N ASN A 526 -40.12 -6.96 -3.68
CA ASN A 526 -40.24 -6.80 -5.13
C ASN A 526 -39.97 -8.11 -5.84
N THR A 527 -40.73 -8.35 -6.91
CA THR A 527 -40.54 -9.49 -7.79
C THR A 527 -39.67 -9.05 -8.97
N TYR A 528 -38.56 -9.77 -9.19
CA TYR A 528 -37.58 -9.36 -10.18
C TYR A 528 -37.46 -10.38 -11.31
N PHE A 529 -37.00 -9.90 -12.46
CA PHE A 529 -36.45 -10.75 -13.52
C PHE A 529 -34.93 -10.78 -13.35
N ILE A 530 -34.35 -11.97 -13.25
CA ILE A 530 -32.90 -12.12 -13.09
C ILE A 530 -32.35 -12.93 -14.26
N VAL A 531 -31.30 -12.41 -14.87
CA VAL A 531 -30.70 -12.99 -16.06
C VAL A 531 -29.21 -13.21 -15.79
N GLY A 532 -28.74 -14.39 -16.19
CA GLY A 532 -27.32 -14.72 -16.13
C GLY A 532 -26.76 -14.81 -17.53
N THR A 533 -25.61 -14.17 -17.72
CA THR A 533 -25.05 -13.98 -19.05
C THR A 533 -23.62 -14.48 -19.10
N ALA A 534 -23.06 -14.48 -20.31
CA ALA A 534 -21.67 -14.85 -20.56
C ALA A 534 -21.13 -13.93 -21.65
N MET A 535 -19.93 -13.42 -21.46
CA MET A 535 -19.23 -12.66 -22.48
C MET A 535 -18.45 -13.64 -23.35
N VAL A 536 -18.89 -13.82 -24.59
CA VAL A 536 -18.38 -14.85 -25.47
C VAL A 536 -17.64 -14.13 -26.60
N TYR A 537 -16.34 -14.40 -26.73
CA TYR A 537 -15.57 -13.92 -27.85
C TYR A 537 -15.05 -15.11 -28.65
N PRO A 538 -15.08 -15.05 -29.99
CA PRO A 538 -14.69 -16.24 -30.77
C PRO A 538 -13.37 -16.83 -30.36
N GLU A 539 -12.48 -16.02 -29.79
CA GLU A 539 -11.15 -16.48 -29.41
C GLU A 539 -11.18 -17.44 -28.24
N GLU A 540 -12.20 -17.35 -27.38
CA GLU A 540 -12.20 -18.10 -26.14
C GLU A 540 -12.77 -19.49 -26.30
N ALA A 541 -12.09 -20.47 -25.68
CA ALA A 541 -12.62 -21.82 -25.66
C ALA A 541 -13.78 -21.92 -24.68
N GLU A 542 -13.60 -21.40 -23.47
CA GLU A 542 -14.61 -21.25 -22.45
C GLU A 542 -14.75 -19.80 -22.00
N PRO A 543 -15.97 -19.31 -21.85
CA PRO A 543 -16.15 -17.91 -21.42
C PRO A 543 -15.52 -17.68 -20.06
N LYS A 544 -14.90 -16.51 -19.89
CA LYS A 544 -14.29 -16.14 -18.61
C LYS A 544 -14.86 -14.88 -17.99
N GLN A 545 -15.86 -14.25 -18.60
CA GLN A 545 -16.53 -13.08 -18.05
C GLN A 545 -18.04 -13.28 -18.12
N GLY A 546 -18.74 -12.69 -17.16
CA GLY A 546 -20.19 -12.85 -17.13
C GLY A 546 -20.84 -11.90 -16.15
N ARG A 547 -22.15 -11.80 -16.27
CA ARG A 547 -22.95 -10.94 -15.42
C ARG A 547 -24.18 -11.69 -14.90
N ILE A 548 -24.60 -11.31 -13.70
CA ILE A 548 -25.92 -11.62 -13.17
C ILE A 548 -26.62 -10.28 -13.00
N VAL A 549 -27.72 -10.07 -13.71
CA VAL A 549 -28.39 -8.78 -13.73
C VAL A 549 -29.76 -8.94 -13.10
N VAL A 550 -30.12 -8.03 -12.19
CA VAL A 550 -31.43 -8.01 -11.56
C VAL A 550 -32.22 -6.88 -12.20
N PHE A 551 -33.36 -7.22 -12.77
CA PHE A 551 -34.25 -6.27 -13.43
C PHE A 551 -35.55 -6.22 -12.64
N GLN A 552 -36.22 -5.08 -12.67
CA GLN A 552 -37.59 -5.01 -12.19
C GLN A 552 -38.47 -4.47 -13.30
N TYR A 553 -39.49 -5.23 -13.68
CA TYR A 553 -40.48 -4.77 -14.63
C TYR A 553 -41.57 -4.03 -13.85
N SER A 554 -41.69 -2.73 -14.09
CA SER A 554 -42.63 -1.90 -13.37
C SER A 554 -43.17 -0.82 -14.30
N ASP A 555 -44.50 -0.69 -14.35
CA ASP A 555 -45.15 0.37 -15.09
C ASP A 555 -44.62 0.47 -16.53
N GLY A 556 -44.54 -0.68 -17.18
CA GLY A 556 -44.19 -0.71 -18.58
C GLY A 556 -42.72 -0.52 -18.88
N LYS A 557 -41.89 -0.36 -17.85
CA LYS A 557 -40.46 -0.17 -18.05
C LYS A 557 -39.69 -1.19 -17.22
N LEU A 558 -38.54 -1.60 -17.75
CA LEU A 558 -37.64 -2.53 -17.08
C LEU A 558 -36.49 -1.70 -16.52
N GLN A 559 -36.25 -1.83 -15.22
CA GLN A 559 -35.25 -1.04 -14.53
C GLN A 559 -34.19 -1.98 -13.98
N THR A 560 -32.93 -1.64 -14.19
CA THR A 560 -31.84 -2.46 -13.65
C THR A 560 -31.66 -2.15 -12.17
N VAL A 561 -31.81 -3.16 -11.34
CA VAL A 561 -31.69 -2.97 -9.89
C VAL A 561 -30.26 -3.18 -9.42
N ALA A 562 -29.62 -4.26 -9.86
CA ALA A 562 -28.26 -4.57 -9.44
C ALA A 562 -27.59 -5.46 -10.48
N GLU A 563 -26.27 -5.46 -10.49
CA GLU A 563 -25.48 -6.34 -11.34
C GLU A 563 -24.35 -6.96 -10.53
N LYS A 564 -24.05 -8.23 -10.80
CA LYS A 564 -22.99 -8.95 -10.12
C LYS A 564 -22.04 -9.52 -11.18
N GLU A 565 -20.79 -9.09 -11.15
CA GLU A 565 -19.79 -9.59 -12.09
C GLU A 565 -19.31 -10.95 -11.64
N VAL A 566 -19.20 -11.88 -12.59
CA VAL A 566 -18.71 -13.22 -12.34
C VAL A 566 -17.61 -13.54 -13.35
N LYS A 567 -16.83 -14.58 -13.03
CA LYS A 567 -15.69 -14.97 -13.86
C LYS A 567 -15.98 -16.20 -14.70
N GLY A 568 -17.12 -16.19 -15.38
CA GLY A 568 -17.52 -17.32 -16.19
C GLY A 568 -18.94 -17.12 -16.70
N ALA A 569 -19.49 -18.18 -17.29
CA ALA A 569 -20.83 -18.17 -17.84
C ALA A 569 -21.84 -18.63 -16.80
N VAL A 570 -22.91 -17.87 -16.63
CA VAL A 570 -23.96 -18.24 -15.68
C VAL A 570 -24.92 -19.15 -16.45
N TYR A 571 -24.59 -20.46 -16.51
CA TYR A 571 -25.36 -21.35 -17.37
C TYR A 571 -26.76 -21.58 -16.81
N SER A 572 -26.90 -21.67 -15.49
CA SER A 572 -28.18 -22.00 -14.89
C SER A 572 -28.29 -21.32 -13.54
N MET A 573 -29.47 -20.73 -13.28
CA MET A 573 -29.79 -20.09 -12.02
C MET A 573 -31.12 -20.66 -11.54
N VAL A 574 -31.29 -20.74 -10.23
CA VAL A 574 -32.53 -21.25 -9.65
C VAL A 574 -32.70 -20.59 -8.28
N GLU A 575 -33.96 -20.34 -7.92
CA GLU A 575 -34.26 -19.73 -6.62
C GLU A 575 -34.18 -20.78 -5.53
N PHE A 576 -33.52 -20.43 -4.43
CA PHE A 576 -33.25 -21.36 -3.33
C PHE A 576 -33.60 -20.65 -2.03
N ASN A 577 -34.83 -20.85 -1.56
CA ASN A 577 -35.26 -20.37 -0.25
C ASN A 577 -34.89 -18.91 -0.04
N GLY A 578 -35.30 -18.07 -0.99
CA GLY A 578 -35.02 -16.65 -0.90
C GLY A 578 -33.61 -16.26 -1.26
N LYS A 579 -32.77 -17.21 -1.67
CA LYS A 579 -31.41 -16.95 -2.09
C LYS A 579 -31.29 -17.35 -3.55
N LEU A 580 -30.24 -16.88 -4.21
CA LEU A 580 -30.04 -17.15 -5.63
C LEU A 580 -28.93 -18.17 -5.79
N LEU A 581 -29.26 -19.31 -6.39
CA LEU A 581 -28.31 -20.36 -6.69
C LEU A 581 -27.95 -20.28 -8.18
N ALA A 582 -26.66 -20.12 -8.47
CA ALA A 582 -26.18 -19.96 -9.83
C ALA A 582 -24.98 -20.87 -10.09
N SER A 583 -24.86 -21.31 -11.34
CA SER A 583 -23.71 -22.07 -11.79
C SER A 583 -22.86 -21.19 -12.69
N ILE A 584 -21.62 -20.94 -12.28
CA ILE A 584 -20.66 -20.19 -13.07
C ILE A 584 -19.55 -21.17 -13.44
N ASN A 585 -19.57 -21.63 -14.70
CA ASN A 585 -18.58 -22.58 -15.24
C ASN A 585 -18.54 -23.80 -14.33
N SER A 586 -17.39 -24.11 -13.71
CA SER A 586 -17.29 -25.24 -12.81
C SER A 586 -17.99 -24.98 -11.49
N THR A 587 -18.07 -23.73 -11.07
CA THR A 587 -18.56 -23.39 -9.75
C THR A 587 -20.09 -23.41 -9.67
N VAL A 588 -20.60 -23.82 -8.50
CA VAL A 588 -21.99 -23.68 -8.11
C VAL A 588 -22.02 -22.76 -6.89
N ARG A 589 -22.65 -21.60 -7.02
CA ARG A 589 -22.58 -20.56 -6.00
C ARG A 589 -23.96 -20.21 -5.46
N LEU A 590 -24.01 -19.86 -4.17
CA LEU A 590 -25.25 -19.44 -3.52
C LEU A 590 -25.07 -17.99 -3.06
N TYR A 591 -25.91 -17.11 -3.60
CA TYR A 591 -25.86 -15.69 -3.30
C TYR A 591 -27.00 -15.32 -2.34
N GLU A 592 -26.74 -14.40 -1.43
CA GLU A 592 -27.79 -13.79 -0.61
C GLU A 592 -28.10 -12.39 -1.13
N TRP A 593 -29.36 -11.96 -0.94
CA TRP A 593 -29.82 -10.65 -1.38
C TRP A 593 -29.88 -9.74 -0.16
N THR A 594 -28.97 -8.76 -0.10
CA THR A 594 -28.84 -7.94 1.08
C THR A 594 -29.93 -6.88 1.14
N THR A 595 -30.01 -6.21 2.29
CA THR A 595 -30.92 -5.07 2.41
C THR A 595 -30.48 -3.89 1.57
N GLU A 596 -29.25 -3.90 1.04
CA GLU A 596 -28.80 -2.89 0.09
C GLU A 596 -29.09 -3.26 -1.35
N LYS A 597 -29.88 -4.30 -1.58
CA LYS A 597 -30.24 -4.72 -2.95
C LYS A 597 -29.00 -4.99 -3.78
N GLU A 598 -28.08 -5.74 -3.19
CA GLU A 598 -26.87 -6.24 -3.84
C GLU A 598 -26.76 -7.73 -3.51
N LEU A 599 -26.08 -8.47 -4.37
CA LEU A 599 -25.91 -9.90 -4.17
C LEU A 599 -24.61 -10.14 -3.42
N ARG A 600 -24.67 -10.97 -2.39
CA ARG A 600 -23.51 -11.34 -1.60
C ARG A 600 -23.36 -12.86 -1.63
N THR A 601 -22.17 -13.31 -1.99
CA THR A 601 -21.88 -14.74 -2.02
C THR A 601 -21.93 -15.31 -0.61
N GLU A 602 -22.62 -16.44 -0.45
CA GLU A 602 -22.60 -17.16 0.82
C GLU A 602 -21.65 -18.36 0.76
N CYS A 603 -21.74 -19.19 -0.28
CA CYS A 603 -20.94 -20.40 -0.32
C CYS A 603 -20.84 -20.93 -1.75
N ASN A 604 -19.83 -21.79 -1.95
CA ASN A 604 -19.48 -22.32 -3.26
C ASN A 604 -19.26 -23.83 -3.21
N HIS A 605 -19.47 -24.47 -4.36
CA HIS A 605 -19.08 -25.87 -4.59
C HIS A 605 -18.34 -25.90 -5.91
N TYR A 606 -17.17 -26.53 -5.94
CA TYR A 606 -16.33 -26.47 -7.14
C TYR A 606 -16.10 -27.80 -7.85
N ASN A 607 -16.60 -28.92 -7.32
CA ASN A 607 -16.28 -30.21 -7.92
C ASN A 607 -17.22 -30.50 -9.11
N ASN A 608 -17.08 -29.68 -10.14
CA ASN A 608 -17.82 -29.85 -11.39
C ASN A 608 -16.90 -29.49 -12.54
N ILE A 609 -17.09 -30.16 -13.67
CA ILE A 609 -16.36 -29.79 -14.87
C ILE A 609 -17.06 -28.62 -15.56
N MET A 610 -18.35 -28.76 -15.80
CA MET A 610 -19.16 -27.65 -16.31
C MET A 610 -20.57 -27.86 -15.82
N ALA A 611 -21.00 -27.07 -14.84
CA ALA A 611 -22.31 -27.21 -14.22
C ALA A 611 -23.33 -26.51 -15.10
N LEU A 612 -23.90 -27.27 -16.04
CA LEU A 612 -24.81 -26.69 -17.02
C LEU A 612 -26.25 -26.61 -16.52
N TYR A 613 -26.69 -27.53 -15.66
CA TYR A 613 -28.08 -27.63 -15.26
C TYR A 613 -28.20 -27.71 -13.74
N LEU A 614 -29.20 -27.01 -13.19
CA LEU A 614 -29.44 -26.96 -11.75
C LEU A 614 -30.93 -27.15 -11.46
N LYS A 615 -31.22 -27.94 -10.42
CA LYS A 615 -32.58 -28.18 -9.93
C LYS A 615 -32.53 -28.32 -8.42
N THR A 616 -33.59 -27.86 -7.74
CA THR A 616 -33.64 -27.82 -6.29
C THR A 616 -34.92 -28.44 -5.76
N LYS A 617 -34.83 -29.05 -4.57
CA LYS A 617 -36.00 -29.51 -3.83
C LYS A 617 -35.70 -29.31 -2.35
N GLY A 618 -36.34 -28.32 -1.72
CA GLY A 618 -36.02 -28.09 -0.33
C GLY A 618 -34.61 -27.55 -0.22
N ASP A 619 -33.80 -28.18 0.63
CA ASP A 619 -32.40 -27.84 0.76
C ASP A 619 -31.48 -28.75 -0.04
N PHE A 620 -32.03 -29.50 -0.99
CA PHE A 620 -31.25 -30.37 -1.87
C PHE A 620 -31.11 -29.76 -3.26
N ILE A 621 -29.95 -29.99 -3.89
CA ILE A 621 -29.63 -29.46 -5.21
C ILE A 621 -29.14 -30.60 -6.10
N LEU A 622 -29.68 -30.66 -7.32
CA LEU A 622 -29.23 -31.58 -8.36
C LEU A 622 -28.44 -30.81 -9.40
N VAL A 623 -27.19 -31.22 -9.62
CA VAL A 623 -26.28 -30.55 -10.54
C VAL A 623 -26.12 -31.44 -11.76
N GLY A 624 -26.25 -30.84 -12.94
CA GLY A 624 -26.04 -31.53 -14.21
C GLY A 624 -24.77 -31.03 -14.88
N ASP A 625 -23.89 -31.97 -15.23
CA ASP A 625 -22.56 -31.67 -15.74
C ASP A 625 -22.46 -32.06 -17.21
N LEU A 626 -21.50 -31.44 -17.90
CA LEU A 626 -21.33 -31.74 -19.33
C LEU A 626 -20.93 -33.20 -19.54
N MET A 627 -20.13 -33.75 -18.63
CA MET A 627 -19.67 -35.14 -18.74
C MET A 627 -19.81 -35.98 -17.48
N ARG A 628 -19.91 -35.38 -16.30
CA ARG A 628 -19.93 -36.12 -15.05
C ARG A 628 -21.35 -36.48 -14.58
N SER A 629 -22.33 -36.45 -15.46
CA SER A 629 -23.67 -36.92 -15.12
C SER A 629 -24.23 -36.00 -14.03
N VAL A 630 -24.91 -36.56 -13.04
CA VAL A 630 -25.61 -35.77 -12.02
C VAL A 630 -24.92 -35.91 -10.67
N LEU A 631 -25.00 -34.84 -9.89
CA LEU A 631 -24.54 -34.81 -8.50
C LEU A 631 -25.69 -34.33 -7.62
N LEU A 632 -25.81 -34.94 -6.43
CA LEU A 632 -26.80 -34.54 -5.44
C LEU A 632 -26.08 -33.73 -4.35
N LEU A 633 -26.25 -32.41 -4.40
CA LEU A 633 -25.72 -31.51 -3.39
C LEU A 633 -26.76 -31.27 -2.29
N ALA A 634 -26.28 -30.81 -1.13
CA ALA A 634 -27.16 -30.36 -0.06
C ALA A 634 -26.62 -29.08 0.55
N TYR A 635 -27.52 -28.13 0.81
CA TYR A 635 -27.18 -26.93 1.57
C TYR A 635 -27.33 -27.24 3.06
N LYS A 636 -26.27 -27.02 3.82
CA LYS A 636 -26.31 -27.28 5.26
C LYS A 636 -26.43 -25.98 6.02
N PRO A 637 -27.64 -25.60 6.45
CA PRO A 637 -27.83 -24.24 7.00
C PRO A 637 -27.09 -24.00 8.31
N MET A 638 -26.88 -25.04 9.12
CA MET A 638 -26.14 -24.84 10.36
C MET A 638 -24.75 -24.29 10.09
N GLU A 639 -24.16 -24.67 8.95
CA GLU A 639 -22.79 -24.33 8.63
C GLU A 639 -22.64 -23.24 7.58
N GLY A 640 -23.67 -23.01 6.77
CA GLY A 640 -23.63 -21.99 5.72
C GLY A 640 -22.80 -22.38 4.52
N ASN A 641 -22.91 -23.62 4.05
CA ASN A 641 -22.08 -24.13 2.96
C ASN A 641 -22.79 -25.34 2.34
N PHE A 642 -22.15 -25.92 1.32
CA PHE A 642 -22.66 -27.10 0.65
C PHE A 642 -21.99 -28.38 1.18
N GLU A 643 -22.65 -29.51 0.94
CA GLU A 643 -22.08 -30.83 1.18
C GLU A 643 -22.45 -31.76 0.04
N GLU A 644 -21.46 -32.49 -0.49
CA GLU A 644 -21.76 -33.49 -1.51
C GLU A 644 -22.47 -34.68 -0.89
N ILE A 645 -23.67 -34.99 -1.39
CA ILE A 645 -24.42 -36.14 -0.87
C ILE A 645 -24.08 -37.39 -1.67
N ALA A 646 -24.27 -37.33 -2.99
CA ALA A 646 -24.02 -38.50 -3.82
C ALA A 646 -23.93 -38.10 -5.29
N ARG A 647 -23.13 -38.87 -6.03
CA ARG A 647 -22.85 -38.61 -7.44
C ARG A 647 -23.03 -39.88 -8.26
N ASP A 648 -23.44 -39.68 -9.52
CA ASP A 648 -23.50 -40.75 -10.51
C ASP A 648 -22.14 -40.84 -11.18
N PHE A 649 -21.33 -41.82 -10.77
CA PHE A 649 -19.97 -41.89 -11.33
C PHE A 649 -19.96 -42.40 -12.77
N ASN A 650 -21.02 -43.04 -13.24
CA ASN A 650 -21.08 -43.41 -14.65
C ASN A 650 -20.98 -42.14 -15.49
N PRO A 651 -20.14 -42.11 -16.53
CA PRO A 651 -19.98 -40.87 -17.30
C PRO A 651 -21.08 -40.72 -18.36
N ASN A 652 -21.76 -39.57 -18.33
CA ASN A 652 -22.80 -39.26 -19.30
C ASN A 652 -22.76 -37.79 -19.66
N TRP A 653 -23.13 -37.50 -20.91
CA TRP A 653 -23.25 -36.14 -21.42
C TRP A 653 -24.70 -35.67 -21.25
N MET A 654 -24.94 -34.77 -20.31
CA MET A 654 -26.29 -34.40 -19.95
C MET A 654 -26.87 -33.35 -20.91
N SER A 655 -28.17 -33.44 -21.15
CA SER A 655 -28.91 -32.44 -21.89
C SER A 655 -30.01 -31.77 -21.06
N ALA A 656 -30.53 -32.44 -20.05
CA ALA A 656 -31.52 -31.91 -19.12
C ALA A 656 -31.61 -32.85 -17.94
N VAL A 657 -31.95 -32.30 -16.77
CA VAL A 657 -32.11 -33.08 -15.55
C VAL A 657 -33.38 -32.64 -14.83
N GLU A 658 -33.86 -33.50 -13.94
CA GLU A 658 -35.02 -33.18 -13.12
C GLU A 658 -35.05 -34.05 -11.88
N ILE A 659 -35.58 -33.50 -10.79
CA ILE A 659 -35.76 -34.21 -9.54
C ILE A 659 -37.16 -34.80 -9.51
N LEU A 660 -37.25 -36.12 -9.32
CA LEU A 660 -38.55 -36.78 -9.24
C LEU A 660 -39.10 -36.78 -7.81
N ASP A 661 -38.28 -37.15 -6.84
CA ASP A 661 -38.64 -37.12 -5.43
C ASP A 661 -37.33 -37.06 -4.64
N ASP A 662 -37.41 -37.16 -3.32
CA ASP A 662 -36.22 -36.92 -2.51
C ASP A 662 -35.11 -37.92 -2.81
N ASP A 663 -35.41 -39.06 -3.44
CA ASP A 663 -34.42 -40.10 -3.66
C ASP A 663 -34.13 -40.41 -5.13
N ASN A 664 -35.07 -40.15 -6.05
CA ASN A 664 -34.92 -40.50 -7.45
C ASN A 664 -34.68 -39.26 -8.31
N PHE A 665 -33.74 -39.37 -9.24
CA PHE A 665 -33.34 -38.26 -10.10
C PHE A 665 -33.29 -38.68 -11.56
N LEU A 666 -33.86 -37.83 -12.42
CA LEU A 666 -34.04 -38.13 -13.83
C LEU A 666 -33.07 -37.32 -14.68
N GLY A 667 -32.49 -37.97 -15.68
CA GLY A 667 -31.52 -37.33 -16.55
C GLY A 667 -31.76 -37.71 -18.00
N ALA A 668 -31.18 -36.90 -18.89
CA ALA A 668 -31.25 -37.12 -20.32
C ALA A 668 -29.85 -37.03 -20.91
N GLU A 669 -29.55 -37.94 -21.84
CA GLU A 669 -28.22 -38.06 -22.40
C GLU A 669 -28.26 -37.47 -23.80
N ASN A 670 -27.09 -37.02 -24.28
CA ASN A 670 -27.01 -36.50 -25.65
C ASN A 670 -27.16 -37.59 -26.70
N ALA A 671 -27.24 -38.85 -26.29
CA ALA A 671 -27.42 -39.98 -27.18
C ALA A 671 -28.89 -40.36 -27.39
N PHE A 672 -29.82 -39.50 -26.95
CA PHE A 672 -31.26 -39.78 -27.02
C PHE A 672 -31.70 -40.83 -26.01
N ASN A 673 -31.07 -40.82 -24.83
CA ASN A 673 -31.30 -41.79 -23.75
C ASN A 673 -31.75 -41.10 -22.48
N LEU A 674 -32.59 -41.81 -21.72
CA LEU A 674 -33.05 -41.38 -20.40
C LEU A 674 -32.58 -42.35 -19.31
N PHE A 675 -32.26 -41.80 -18.12
CA PHE A 675 -31.87 -42.64 -17.00
C PHE A 675 -32.34 -42.02 -15.68
N VAL A 676 -32.48 -42.87 -14.65
CA VAL A 676 -32.89 -42.47 -13.32
C VAL A 676 -31.86 -42.98 -12.31
N CYS A 677 -31.39 -42.07 -11.45
CA CYS A 677 -30.45 -42.36 -10.39
C CYS A 677 -31.16 -42.31 -9.04
N GLN A 678 -30.75 -43.15 -8.10
CA GLN A 678 -31.30 -43.11 -6.76
C GLN A 678 -30.19 -43.24 -5.72
N LYS A 679 -30.37 -42.56 -4.59
CA LYS A 679 -29.49 -42.79 -3.44
C LYS A 679 -29.49 -44.26 -3.08
N ASP A 680 -28.32 -44.83 -2.82
CA ASP A 680 -28.26 -46.26 -2.59
C ASP A 680 -28.93 -46.67 -1.29
N SER A 681 -29.29 -45.70 -0.45
CA SER A 681 -30.11 -45.90 0.75
C SER A 681 -29.58 -47.00 1.67
N ALA A 682 -28.31 -47.37 1.58
CA ALA A 682 -27.69 -48.36 2.45
C ALA A 682 -26.63 -47.58 3.21
N ALA A 683 -26.85 -47.39 4.52
CA ALA A 683 -25.98 -46.54 5.32
C ALA A 683 -24.82 -47.28 5.95
N THR A 684 -24.66 -48.58 5.68
CA THR A 684 -23.51 -49.32 6.19
C THR A 684 -22.20 -48.54 6.08
N THR A 685 -21.81 -48.22 4.84
CA THR A 685 -20.61 -47.44 4.55
C THR A 685 -20.98 -46.06 4.04
N ASP A 686 -20.09 -45.08 4.28
CA ASP A 686 -20.32 -43.76 3.70
C ASP A 686 -20.32 -43.82 2.17
N GLU A 687 -19.54 -44.73 1.59
CA GLU A 687 -19.38 -44.76 0.14
C GLU A 687 -20.68 -45.15 -0.56
N GLU A 688 -21.44 -46.06 0.04
CA GLU A 688 -22.71 -46.47 -0.56
C GLU A 688 -23.68 -45.29 -0.63
N ARG A 689 -23.74 -44.51 0.44
CA ARG A 689 -24.60 -43.32 0.44
C ARG A 689 -24.14 -42.33 -0.61
N GLN A 690 -22.83 -42.27 -0.86
CA GLN A 690 -22.25 -41.32 -1.80
C GLN A 690 -22.34 -41.78 -3.24
N HIS A 691 -22.86 -42.98 -3.48
CA HIS A 691 -22.97 -43.52 -4.82
C HIS A 691 -24.42 -43.45 -5.27
N LEU A 692 -24.68 -42.66 -6.30
CA LEU A 692 -25.97 -42.68 -6.97
C LEU A 692 -25.94 -43.82 -7.98
N GLN A 693 -26.81 -44.81 -7.82
CA GLN A 693 -26.83 -45.95 -8.71
C GLN A 693 -27.92 -45.71 -9.76
N GLU A 694 -27.58 -45.90 -11.03
CA GLU A 694 -28.55 -45.78 -12.10
C GLU A 694 -29.47 -46.99 -12.08
N VAL A 695 -30.73 -46.78 -11.68
CA VAL A 695 -31.70 -47.86 -11.60
C VAL A 695 -32.66 -47.88 -12.79
N GLY A 696 -32.75 -46.78 -13.53
CA GLY A 696 -33.58 -46.73 -14.73
C GLY A 696 -32.78 -46.39 -15.97
N LEU A 697 -33.06 -47.10 -17.06
CA LEU A 697 -32.43 -46.87 -18.36
C LEU A 697 -33.47 -47.01 -19.46
N PHE A 698 -33.43 -46.11 -20.44
CA PHE A 698 -34.47 -46.08 -21.46
C PHE A 698 -34.00 -45.25 -22.65
N HIS A 699 -34.05 -45.84 -23.85
CA HIS A 699 -33.75 -45.10 -25.06
C HIS A 699 -35.02 -44.38 -25.50
N LEU A 700 -35.05 -43.07 -25.33
CA LEU A 700 -36.26 -42.33 -25.67
C LEU A 700 -36.38 -42.15 -27.19
N GLY A 701 -35.26 -41.91 -27.86
CA GLY A 701 -35.29 -41.61 -29.28
C GLY A 701 -35.44 -40.15 -29.59
N GLU A 702 -35.50 -39.29 -28.59
CA GLU A 702 -35.61 -37.85 -28.75
C GLU A 702 -34.52 -37.17 -27.93
N PHE A 703 -34.27 -35.91 -28.25
CA PHE A 703 -33.29 -35.11 -27.54
C PHE A 703 -34.05 -34.20 -26.57
N VAL A 704 -33.92 -34.44 -25.28
CA VAL A 704 -34.68 -33.70 -24.28
C VAL A 704 -33.90 -32.43 -23.92
N ASN A 705 -34.54 -31.27 -24.09
CA ASN A 705 -33.94 -30.00 -23.71
C ASN A 705 -34.43 -29.48 -22.36
N VAL A 706 -35.71 -29.65 -22.06
CA VAL A 706 -36.33 -29.04 -20.89
C VAL A 706 -37.19 -30.07 -20.19
N PHE A 707 -36.96 -30.23 -18.89
CA PHE A 707 -37.83 -30.94 -17.97
C PHE A 707 -38.61 -29.92 -17.15
N CYS A 708 -39.90 -30.16 -16.99
CA CYS A 708 -40.78 -29.20 -16.34
C CYS A 708 -41.87 -29.96 -15.58
N HIS A 709 -41.97 -29.72 -14.27
CA HIS A 709 -43.05 -30.33 -13.50
C HIS A 709 -44.39 -29.69 -13.90
N GLY A 710 -45.41 -30.53 -14.05
CA GLY A 710 -46.74 -30.04 -14.37
C GLY A 710 -47.49 -31.03 -15.23
N SER A 711 -48.79 -30.76 -15.37
CA SER A 711 -49.63 -31.56 -16.27
C SER A 711 -50.60 -30.65 -17.01
N LEU A 712 -50.96 -31.09 -18.21
CA LEU A 712 -51.91 -30.42 -19.08
C LEU A 712 -53.33 -30.92 -18.91
N VAL A 713 -53.57 -31.92 -18.06
CA VAL A 713 -54.89 -32.51 -17.95
C VAL A 713 -55.76 -31.61 -17.09
N MET A 714 -57.03 -31.49 -17.46
CA MET A 714 -57.98 -30.70 -16.70
C MET A 714 -58.23 -31.39 -15.36
N GLN A 715 -58.07 -30.66 -14.27
CA GLN A 715 -58.34 -31.18 -12.94
C GLN A 715 -59.59 -30.49 -12.41
N ASN A 716 -60.71 -31.22 -12.34
CA ASN A 716 -61.91 -30.68 -11.73
C ASN A 716 -62.01 -31.11 -10.27
N LEU A 717 -61.00 -31.81 -9.76
CA LEU A 717 -60.92 -32.41 -8.44
C LEU A 717 -61.72 -33.73 -8.42
N GLY A 718 -62.57 -33.98 -9.42
CA GLY A 718 -63.26 -35.25 -9.65
C GLY A 718 -62.43 -36.35 -10.29
N GLU A 719 -61.23 -36.03 -10.77
CA GLU A 719 -60.43 -36.99 -11.52
C GLU A 719 -60.01 -38.16 -10.62
N THR A 720 -60.38 -39.37 -11.02
CA THR A 720 -59.95 -40.58 -10.32
C THR A 720 -58.45 -40.58 -10.13
N SER A 721 -58.01 -41.01 -8.95
CA SER A 721 -56.58 -41.06 -8.66
C SER A 721 -55.98 -42.19 -9.50
N THR A 722 -55.14 -41.83 -10.47
CA THR A 722 -54.53 -42.77 -11.37
C THR A 722 -53.47 -43.61 -10.64
N PRO A 723 -53.12 -44.78 -11.20
CA PRO A 723 -52.01 -45.55 -10.61
C PRO A 723 -50.70 -44.79 -10.65
N THR A 724 -50.54 -43.93 -11.65
CA THR A 724 -49.31 -43.15 -11.82
C THR A 724 -49.28 -42.01 -10.80
N GLN A 725 -48.11 -41.78 -10.21
CA GLN A 725 -47.92 -40.68 -9.26
C GLN A 725 -46.80 -39.77 -9.73
N GLY A 726 -47.06 -38.47 -9.70
CA GLY A 726 -46.14 -37.45 -10.17
C GLY A 726 -46.35 -37.10 -11.63
N SER A 727 -45.77 -35.97 -12.03
CA SER A 727 -45.94 -35.51 -13.41
C SER A 727 -44.79 -34.61 -13.81
N VAL A 728 -43.97 -35.10 -14.75
CA VAL A 728 -42.88 -34.34 -15.35
C VAL A 728 -43.12 -34.32 -16.86
N LEU A 729 -43.26 -33.13 -17.43
CA LEU A 729 -43.32 -32.94 -18.87
C LEU A 729 -41.92 -32.66 -19.40
N PHE A 730 -41.68 -33.04 -20.65
CA PHE A 730 -40.39 -32.69 -21.26
C PHE A 730 -40.55 -32.35 -22.74
N GLY A 731 -39.75 -31.38 -23.18
CA GLY A 731 -39.74 -30.92 -24.56
C GLY A 731 -38.49 -31.38 -25.25
N THR A 732 -38.59 -31.59 -26.57
CA THR A 732 -37.50 -32.17 -27.34
C THR A 732 -37.23 -31.34 -28.59
N VAL A 733 -36.14 -31.70 -29.27
CA VAL A 733 -35.70 -30.94 -30.44
C VAL A 733 -36.66 -31.14 -31.61
N ASN A 734 -37.28 -32.30 -31.71
CA ASN A 734 -38.17 -32.59 -32.85
C ASN A 734 -39.61 -32.20 -32.58
N GLY A 735 -39.88 -31.45 -31.51
CA GLY A 735 -41.22 -31.03 -31.17
C GLY A 735 -41.99 -32.01 -30.32
N MET A 736 -41.47 -33.22 -30.13
CA MET A 736 -42.11 -34.22 -29.29
C MET A 736 -42.21 -33.73 -27.85
N ILE A 737 -43.40 -33.88 -27.27
CA ILE A 737 -43.62 -33.64 -25.85
C ILE A 737 -43.97 -34.97 -25.18
N GLY A 738 -43.25 -35.28 -24.09
CA GLY A 738 -43.47 -36.53 -23.39
C GLY A 738 -43.74 -36.27 -21.91
N LEU A 739 -44.06 -37.34 -21.20
CA LEU A 739 -44.41 -37.26 -19.79
C LEU A 739 -43.83 -38.46 -19.07
N VAL A 740 -43.19 -38.21 -17.93
CA VAL A 740 -42.63 -39.23 -17.07
C VAL A 740 -43.39 -39.22 -15.76
N THR A 741 -43.71 -40.40 -15.24
CA THR A 741 -44.40 -40.54 -13.97
C THR A 741 -43.95 -41.84 -13.31
N SER A 742 -44.20 -41.93 -12.00
CA SER A 742 -43.77 -43.07 -11.21
C SER A 742 -44.87 -44.09 -11.01
N LEU A 743 -44.45 -45.32 -10.69
CA LEU A 743 -45.35 -46.44 -10.44
C LEU A 743 -44.98 -47.08 -9.10
N SER A 744 -45.92 -47.85 -8.56
CA SER A 744 -45.61 -48.76 -7.47
C SER A 744 -44.96 -50.02 -8.04
N GLU A 745 -44.22 -50.73 -7.18
CA GLU A 745 -43.57 -51.95 -7.65
C GLU A 745 -44.57 -52.87 -8.30
N SER A 746 -45.74 -53.03 -7.68
CA SER A 746 -46.77 -53.90 -8.22
C SER A 746 -47.24 -53.45 -9.59
N TRP A 747 -47.50 -52.15 -9.75
CA TRP A 747 -48.06 -51.68 -11.01
C TRP A 747 -47.04 -51.80 -12.14
N TYR A 748 -45.77 -51.54 -11.82
CA TYR A 748 -44.70 -51.76 -12.78
C TYR A 748 -44.71 -53.20 -13.28
N ASN A 749 -44.60 -54.16 -12.35
CA ASN A 749 -44.51 -55.57 -12.75
C ASN A 749 -45.68 -55.93 -13.66
N LEU A 750 -46.88 -55.52 -13.28
CA LEU A 750 -48.04 -55.80 -14.11
C LEU A 750 -47.86 -55.23 -15.51
N LEU A 751 -47.45 -53.96 -15.60
CA LEU A 751 -47.30 -53.35 -16.91
C LEU A 751 -46.08 -53.90 -17.65
N LEU A 752 -45.01 -54.23 -16.93
CA LEU A 752 -43.84 -54.83 -17.56
C LEU A 752 -44.17 -56.20 -18.14
N ASP A 753 -44.78 -57.07 -17.33
CA ASP A 753 -45.15 -58.39 -17.81
C ASP A 753 -46.07 -58.29 -19.01
N MET A 754 -46.96 -57.29 -19.00
CA MET A 754 -47.86 -57.09 -20.13
C MET A 754 -47.10 -56.65 -21.38
N GLN A 755 -46.06 -55.84 -21.22
CA GLN A 755 -45.26 -55.47 -22.39
C GLN A 755 -44.69 -56.71 -23.07
N ASN A 756 -44.08 -57.60 -22.28
CA ASN A 756 -43.48 -58.80 -22.84
C ASN A 756 -44.52 -59.62 -23.59
N ARG A 757 -45.76 -59.60 -23.10
CA ARG A 757 -46.86 -60.27 -23.80
C ARG A 757 -47.25 -59.50 -25.04
N LEU A 758 -47.33 -58.17 -24.95
CA LEU A 758 -47.69 -57.38 -26.12
C LEU A 758 -46.65 -57.49 -27.23
N ASN A 759 -45.37 -57.55 -26.87
CA ASN A 759 -44.35 -57.58 -27.91
C ASN A 759 -44.42 -58.87 -28.72
N LYS A 760 -44.79 -59.98 -28.10
CA LYS A 760 -44.96 -61.22 -28.84
C LYS A 760 -46.16 -61.14 -29.77
N VAL A 761 -47.15 -60.30 -29.45
CA VAL A 761 -48.39 -60.24 -30.20
C VAL A 761 -48.32 -59.19 -31.31
N ILE A 762 -47.76 -58.03 -31.03
CA ILE A 762 -47.85 -56.91 -31.97
C ILE A 762 -46.76 -57.04 -33.02
N LYS A 763 -47.14 -56.84 -34.28
CA LYS A 763 -46.25 -56.97 -35.43
C LYS A 763 -45.54 -55.65 -35.67
N SER A 764 -44.20 -55.69 -35.71
CA SER A 764 -43.41 -54.49 -35.86
C SER A 764 -43.12 -54.21 -37.32
N VAL A 765 -43.18 -52.93 -37.69
CA VAL A 765 -42.79 -52.53 -39.04
C VAL A 765 -41.28 -52.73 -39.17
N GLY A 766 -40.87 -53.45 -40.20
CA GLY A 766 -39.47 -53.79 -40.33
C GLY A 766 -39.00 -54.93 -39.44
N LYS A 767 -39.90 -55.53 -38.67
CA LYS A 767 -39.56 -56.63 -37.77
C LYS A 767 -38.45 -56.20 -36.80
N ILE A 768 -38.64 -55.05 -36.16
CA ILE A 768 -37.66 -54.52 -35.22
C ILE A 768 -38.08 -54.95 -33.82
N GLU A 769 -37.21 -55.67 -33.13
CA GLU A 769 -37.51 -56.10 -31.77
C GLU A 769 -37.66 -54.87 -30.86
N HIS A 770 -38.83 -54.76 -30.21
CA HIS A 770 -39.07 -53.64 -29.31
C HIS A 770 -38.01 -53.58 -28.23
N SER A 771 -37.63 -54.72 -27.67
CA SER A 771 -36.61 -54.75 -26.62
C SER A 771 -35.31 -54.13 -27.10
N PHE A 772 -34.95 -54.36 -28.36
CA PHE A 772 -33.76 -53.74 -28.94
C PHE A 772 -33.90 -52.24 -29.02
N TRP A 773 -35.02 -51.78 -29.59
CA TRP A 773 -35.26 -50.35 -29.81
C TRP A 773 -35.07 -49.54 -28.54
N ARG A 774 -35.67 -49.99 -27.43
CA ARG A 774 -35.58 -49.24 -26.18
C ARG A 774 -34.32 -49.50 -25.38
N SER A 775 -33.39 -50.33 -25.87
CA SER A 775 -32.16 -50.58 -25.14
C SER A 775 -31.30 -49.31 -25.14
N PHE A 776 -30.81 -48.94 -23.95
CA PHE A 776 -29.87 -47.82 -23.80
C PHE A 776 -28.72 -47.99 -24.78
N HIS A 777 -28.44 -46.96 -25.56
CA HIS A 777 -27.49 -47.10 -26.66
C HIS A 777 -26.64 -45.85 -26.79
N THR A 778 -25.35 -46.02 -26.60
CA THR A 778 -24.30 -45.07 -26.96
C THR A 778 -23.43 -45.74 -28.02
N GLU A 779 -22.55 -44.97 -28.70
CA GLU A 779 -21.67 -45.63 -29.66
C GLU A 779 -20.87 -46.73 -28.98
N ARG A 780 -20.59 -46.56 -27.69
CA ARG A 780 -19.73 -47.47 -26.94
C ARG A 780 -20.50 -48.57 -26.24
N LYS A 781 -21.73 -48.30 -25.82
CA LYS A 781 -22.46 -49.27 -25.01
C LYS A 781 -23.88 -49.54 -25.53
N THR A 782 -24.38 -50.71 -25.14
CA THR A 782 -25.78 -51.06 -25.32
C THR A 782 -26.20 -51.88 -24.11
N GLU A 783 -27.23 -51.42 -23.42
CA GLU A 783 -27.76 -52.09 -22.25
C GLU A 783 -29.26 -52.30 -22.41
N PRO A 784 -29.81 -53.37 -21.84
CA PRO A 784 -31.27 -53.55 -21.87
C PRO A 784 -31.95 -52.50 -21.00
N ALA A 785 -33.12 -52.05 -21.44
CA ALA A 785 -33.86 -51.06 -20.69
C ALA A 785 -34.23 -51.62 -19.32
N THR A 786 -34.38 -50.72 -18.35
CA THR A 786 -34.74 -51.13 -17.00
C THR A 786 -35.46 -49.98 -16.30
N GLY A 787 -36.46 -50.34 -15.51
CA GLY A 787 -37.16 -49.38 -14.68
C GLY A 787 -38.11 -48.47 -15.39
N PHE A 788 -38.37 -48.70 -16.67
CA PHE A 788 -39.20 -47.82 -17.47
C PHE A 788 -40.23 -48.63 -18.24
N ILE A 789 -41.48 -48.18 -18.18
CA ILE A 789 -42.57 -48.78 -18.93
C ILE A 789 -42.82 -47.91 -20.17
N ASP A 790 -42.70 -48.50 -21.34
CA ASP A 790 -43.01 -47.79 -22.57
C ASP A 790 -44.52 -47.60 -22.66
N GLY A 791 -45.03 -46.50 -22.12
CA GLY A 791 -46.46 -46.29 -22.09
C GLY A 791 -47.07 -46.30 -23.48
N ASP A 792 -46.29 -45.91 -24.49
CA ASP A 792 -46.80 -45.92 -25.86
C ASP A 792 -47.06 -47.34 -26.35
N LEU A 793 -46.36 -48.31 -25.79
CA LEU A 793 -46.67 -49.71 -26.08
C LEU A 793 -47.91 -50.15 -25.31
N ILE A 794 -47.97 -49.80 -24.01
CA ILE A 794 -49.12 -50.15 -23.20
C ILE A 794 -50.40 -49.56 -23.79
N GLU A 795 -50.35 -48.29 -24.21
CA GLU A 795 -51.55 -47.67 -24.75
C GLU A 795 -51.95 -48.23 -26.10
N SER A 796 -51.10 -49.05 -26.73
CA SER A 796 -51.46 -49.70 -27.98
C SER A 796 -52.31 -50.95 -27.76
N PHE A 797 -52.38 -51.45 -26.53
CA PHE A 797 -53.27 -52.55 -26.22
C PHE A 797 -54.70 -52.26 -26.66
N LEU A 798 -55.12 -51.00 -26.53
CA LEU A 798 -56.48 -50.61 -26.90
C LEU A 798 -56.72 -50.60 -28.40
N ASP A 799 -55.68 -50.68 -29.24
CA ASP A 799 -55.85 -50.62 -30.68
C ASP A 799 -55.66 -51.97 -31.36
N ILE A 800 -55.29 -53.03 -30.63
CA ILE A 800 -55.12 -54.35 -31.22
C ILE A 800 -56.45 -55.08 -31.23
N SER A 801 -56.61 -56.00 -32.18
CA SER A 801 -57.89 -56.69 -32.37
C SER A 801 -58.21 -57.58 -31.18
N ARG A 802 -59.50 -57.89 -31.05
CA ARG A 802 -59.96 -58.68 -29.91
C ARG A 802 -59.26 -60.03 -29.77
N PRO A 803 -59.06 -60.82 -30.84
CA PRO A 803 -58.32 -62.08 -30.68
C PRO A 803 -56.98 -61.87 -30.02
N LYS A 804 -56.31 -60.78 -30.41
CA LYS A 804 -54.98 -60.46 -29.90
C LYS A 804 -55.05 -60.02 -28.44
N MET A 805 -56.10 -59.27 -28.08
CA MET A 805 -56.27 -58.84 -26.70
C MET A 805 -56.37 -60.03 -25.76
N GLN A 806 -57.20 -61.00 -26.12
CA GLN A 806 -57.38 -62.18 -25.28
C GLN A 806 -56.12 -63.02 -25.25
N GLU A 807 -55.41 -63.10 -26.39
CA GLU A 807 -54.12 -63.80 -26.42
C GLU A 807 -53.13 -63.17 -25.47
N VAL A 808 -53.20 -61.86 -25.27
CA VAL A 808 -52.26 -61.18 -24.38
C VAL A 808 -52.54 -61.52 -22.94
N VAL A 809 -53.82 -61.56 -22.55
CA VAL A 809 -54.19 -61.73 -21.15
C VAL A 809 -54.12 -63.17 -20.67
N ALA A 810 -53.87 -64.12 -21.57
CA ALA A 810 -53.81 -65.52 -21.16
C ALA A 810 -52.72 -65.72 -20.11
N ASN A 811 -53.06 -66.40 -19.04
CA ASN A 811 -52.12 -66.76 -17.98
C ASN A 811 -51.45 -65.54 -17.36
N LEU A 812 -52.19 -64.43 -17.24
CA LEU A 812 -51.67 -63.20 -16.65
C LEU A 812 -52.23 -63.04 -15.24
N GLN A 813 -51.33 -62.92 -14.26
CA GLN A 813 -51.66 -62.82 -12.85
C GLN A 813 -51.19 -61.51 -12.23
N TYR A 814 -52.03 -60.96 -11.33
CA TYR A 814 -51.74 -59.72 -10.61
C TYR A 814 -51.04 -60.08 -9.29
N ASP A 815 -50.41 -59.09 -8.65
CA ASP A 815 -49.70 -59.33 -7.39
C ASP A 815 -49.84 -58.14 -6.44
N ASP A 816 -49.49 -58.37 -5.17
CA ASP A 816 -49.48 -57.37 -4.09
C ASP A 816 -50.80 -56.60 -3.98
N GLY A 817 -51.91 -57.15 -4.47
CA GLY A 817 -53.17 -56.47 -4.49
C GLY A 817 -54.08 -56.91 -3.34
N SER A 818 -55.38 -56.65 -3.52
CA SER A 818 -56.35 -57.17 -2.56
C SER A 818 -56.35 -58.69 -2.62
N GLY A 819 -56.26 -59.24 -3.83
CA GLY A 819 -56.10 -60.66 -4.05
C GLY A 819 -54.68 -60.88 -4.52
N MET A 820 -53.89 -61.66 -3.77
CA MET A 820 -52.47 -61.82 -4.11
C MET A 820 -52.30 -62.25 -5.56
N LYS A 821 -52.94 -63.33 -5.98
CA LYS A 821 -52.94 -63.73 -7.39
C LYS A 821 -54.35 -63.60 -7.98
N ARG A 822 -54.47 -62.79 -9.04
CA ARG A 822 -55.75 -62.51 -9.67
C ARG A 822 -55.56 -62.55 -11.18
N GLU A 823 -56.29 -63.44 -11.85
CA GLU A 823 -56.20 -63.55 -13.30
C GLU A 823 -56.75 -62.30 -13.98
N ALA A 824 -56.20 -61.97 -15.14
CA ALA A 824 -56.65 -60.84 -15.95
C ALA A 824 -57.48 -61.30 -17.14
N THR A 825 -58.52 -60.53 -17.47
CA THR A 825 -59.34 -60.74 -18.65
C THR A 825 -59.07 -59.59 -19.62
N ALA A 826 -59.49 -59.76 -20.88
CA ALA A 826 -59.28 -58.70 -21.86
C ALA A 826 -60.04 -57.43 -21.51
N ASP A 827 -61.19 -57.55 -20.84
CA ASP A 827 -61.95 -56.37 -20.44
C ASP A 827 -61.34 -55.68 -19.22
N ASP A 828 -60.69 -56.43 -18.32
CA ASP A 828 -60.05 -55.79 -17.18
C ASP A 828 -58.94 -54.87 -17.64
N LEU A 829 -58.09 -55.36 -18.55
CA LEU A 829 -56.93 -54.58 -18.97
C LEU A 829 -57.36 -53.38 -19.81
N ILE A 830 -58.44 -53.52 -20.59
CA ILE A 830 -58.92 -52.37 -21.36
C ILE A 830 -59.23 -51.20 -20.43
N LYS A 831 -59.83 -51.50 -19.28
CA LYS A 831 -60.12 -50.45 -18.30
C LYS A 831 -58.84 -49.87 -17.71
N VAL A 832 -57.85 -50.69 -17.41
CA VAL A 832 -56.62 -50.18 -16.80
C VAL A 832 -55.92 -49.23 -17.76
N VAL A 833 -55.75 -49.66 -19.02
CA VAL A 833 -55.03 -48.82 -19.99
C VAL A 833 -55.80 -47.52 -20.21
N GLU A 834 -57.13 -47.60 -20.29
CA GLU A 834 -57.94 -46.40 -20.51
C GLU A 834 -57.74 -45.38 -19.40
N GLU A 835 -57.55 -45.83 -18.16
CA GLU A 835 -57.20 -44.88 -17.11
C GLU A 835 -55.81 -44.31 -17.34
N LEU A 836 -54.88 -45.13 -17.84
CA LEU A 836 -53.52 -44.66 -18.09
C LEU A 836 -53.48 -43.64 -19.22
N THR A 837 -54.45 -43.70 -20.14
CA THR A 837 -54.53 -42.70 -21.20
C THR A 837 -55.04 -41.35 -20.69
N ARG A 838 -55.54 -41.29 -19.47
CA ARG A 838 -56.10 -40.06 -18.92
C ARG A 838 -55.07 -39.18 -18.22
N ILE A 839 -53.80 -39.59 -18.19
CA ILE A 839 -52.77 -38.74 -17.61
C ILE A 839 -52.24 -37.73 -18.61
N HIS A 840 -52.74 -37.73 -19.84
CA HIS A 840 -52.36 -36.74 -20.84
C HIS A 840 -53.46 -36.51 -21.86
N THR B 7 11.72 -32.93 6.77
CA THR B 7 12.08 -32.80 5.36
C THR B 7 10.97 -33.30 4.45
N GLU B 8 11.17 -33.13 3.15
CA GLU B 8 10.20 -33.56 2.16
C GLU B 8 10.00 -35.07 2.16
N SER B 9 10.93 -35.83 2.74
CA SER B 9 10.94 -37.28 2.63
C SER B 9 10.24 -37.98 3.79
N ASP B 10 9.92 -37.26 4.86
CA ASP B 10 9.31 -37.86 6.05
C ASP B 10 7.80 -37.97 5.84
N TRP B 11 7.40 -39.00 5.11
CA TRP B 11 5.99 -39.21 4.79
C TRP B 11 5.25 -39.83 5.97
N GLY B 12 3.91 -39.74 5.90
CA GLY B 12 3.05 -40.31 6.91
C GLY B 12 2.76 -39.45 8.11
N LYS B 13 3.43 -38.30 8.26
CA LYS B 13 3.24 -37.44 9.42
C LYS B 13 2.38 -36.22 9.15
N ARG B 14 2.55 -35.58 7.99
CA ARG B 14 1.75 -34.41 7.68
C ARG B 14 0.26 -34.77 7.66
N CYS B 15 -0.57 -33.87 8.17
CA CYS B 15 -2.00 -34.14 8.30
C CYS B 15 -2.74 -33.73 7.03
N VAL B 16 -3.91 -34.34 6.84
CA VAL B 16 -4.77 -34.02 5.70
C VAL B 16 -5.45 -32.68 5.91
N ASP B 17 -5.22 -32.07 7.09
CA ASP B 17 -5.72 -30.71 7.30
C ASP B 17 -5.16 -29.75 6.25
N LYS B 18 -3.99 -30.07 5.72
CA LYS B 18 -3.28 -29.21 4.80
C LYS B 18 -3.93 -29.16 3.42
N PHE B 19 -5.02 -29.87 3.21
CA PHE B 19 -5.75 -29.87 1.95
C PHE B 19 -7.21 -29.48 2.19
N ASP B 20 -7.70 -28.56 1.36
CA ASP B 20 -9.13 -28.25 1.31
C ASP B 20 -9.78 -29.24 0.36
N ILE B 21 -10.68 -30.08 0.86
CA ILE B 21 -11.27 -31.12 0.04
C ILE B 21 -12.31 -30.49 -0.89
N ILE B 22 -12.19 -30.77 -2.18
CA ILE B 22 -13.13 -30.21 -3.15
C ILE B 22 -14.31 -31.14 -3.40
N GLY B 23 -14.08 -32.45 -3.37
CA GLY B 23 -15.15 -33.40 -3.65
C GLY B 23 -14.58 -34.76 -3.97
N ILE B 24 -15.48 -35.71 -4.14
CA ILE B 24 -15.12 -37.10 -4.39
C ILE B 24 -15.13 -37.32 -5.90
N ILE B 25 -13.93 -37.45 -6.48
CA ILE B 25 -13.83 -37.71 -7.91
C ILE B 25 -14.16 -39.17 -8.22
N GLY B 26 -13.75 -40.10 -7.36
CA GLY B 26 -14.01 -41.50 -7.64
C GLY B 26 -13.93 -42.35 -6.39
N GLU B 27 -14.46 -43.56 -6.54
CA GLU B 27 -14.49 -44.56 -5.48
C GLU B 27 -13.46 -45.65 -5.72
N GLY B 28 -12.61 -45.87 -4.71
CA GLY B 28 -11.68 -46.98 -4.78
C GLY B 28 -12.19 -48.08 -3.89
N THR B 29 -11.73 -49.32 -4.10
CA THR B 29 -12.31 -50.44 -3.35
C THR B 29 -12.00 -50.33 -1.87
N TYR B 30 -10.79 -49.93 -1.51
CA TYR B 30 -10.45 -49.82 -0.10
C TYR B 30 -10.81 -48.46 0.48
N GLY B 31 -10.96 -47.43 -0.35
CA GLY B 31 -11.33 -46.10 0.12
C GLY B 31 -11.83 -45.28 -1.05
N GLN B 32 -12.39 -44.11 -0.73
CA GLN B 32 -12.90 -43.20 -1.75
C GLN B 32 -11.78 -42.23 -2.11
N VAL B 33 -11.79 -41.74 -3.35
CA VAL B 33 -10.75 -40.85 -3.86
C VAL B 33 -11.33 -39.45 -4.04
N TYR B 34 -10.66 -38.44 -3.46
CA TYR B 34 -11.15 -37.07 -3.44
C TYR B 34 -10.20 -36.14 -4.16
N LYS B 35 -10.76 -35.06 -4.74
CA LYS B 35 -10.00 -33.96 -5.31
C LYS B 35 -9.81 -32.87 -4.25
N ALA B 36 -8.56 -32.42 -4.06
CA ALA B 36 -8.29 -31.42 -3.04
C ALA B 36 -7.31 -30.37 -3.54
N LYS B 37 -7.30 -29.21 -2.86
CA LYS B 37 -6.35 -28.12 -3.08
C LYS B 37 -5.41 -28.06 -1.88
N ASP B 38 -4.13 -27.89 -2.15
CA ASP B 38 -3.14 -27.72 -1.09
C ASP B 38 -3.27 -26.32 -0.49
N LYS B 39 -3.43 -26.23 0.84
CA LYS B 39 -3.70 -24.93 1.44
C LYS B 39 -2.49 -24.00 1.33
N ASP B 40 -1.29 -24.55 1.24
CA ASP B 40 -0.07 -23.74 1.28
C ASP B 40 0.36 -23.27 -0.09
N THR B 41 0.22 -24.13 -1.11
CA THR B 41 0.71 -23.83 -2.45
C THR B 41 -0.39 -23.60 -3.48
N GLY B 42 -1.60 -24.09 -3.24
CA GLY B 42 -2.69 -23.93 -4.17
C GLY B 42 -2.79 -25.03 -5.21
N GLU B 43 -1.77 -25.88 -5.29
CA GLU B 43 -1.77 -26.96 -6.28
C GLU B 43 -2.93 -27.92 -6.04
N LEU B 44 -3.56 -28.34 -7.13
CA LEU B 44 -4.64 -29.31 -7.07
C LEU B 44 -4.07 -30.72 -7.08
N VAL B 45 -4.58 -31.56 -6.19
CA VAL B 45 -4.13 -32.94 -6.03
C VAL B 45 -5.36 -33.83 -5.89
N ALA B 46 -5.12 -35.14 -5.89
CA ALA B 46 -6.15 -36.14 -5.67
C ALA B 46 -5.71 -37.03 -4.52
N LEU B 47 -6.59 -37.21 -3.53
CA LEU B 47 -6.27 -37.95 -2.31
C LEU B 47 -7.00 -39.28 -2.34
N LYS B 48 -6.24 -40.38 -2.30
CA LYS B 48 -6.76 -41.74 -2.24
C LYS B 48 -6.81 -42.19 -0.78
N LYS B 49 -8.02 -42.44 -0.28
CA LYS B 49 -8.18 -42.81 1.13
C LYS B 49 -7.79 -44.28 1.26
N VAL B 50 -6.78 -44.57 2.07
CA VAL B 50 -6.42 -45.93 2.39
C VAL B 50 -7.02 -46.22 3.74
N ARG B 51 -8.04 -47.06 3.76
CA ARG B 51 -8.72 -47.40 4.99
C ARG B 51 -8.10 -48.69 5.50
N LEU B 52 -7.45 -48.61 6.65
CA LEU B 52 -6.92 -49.78 7.33
C LEU B 52 -7.85 -50.24 8.44
N ASP B 53 -8.99 -49.57 8.59
CA ASP B 53 -9.93 -49.92 9.66
C ASP B 53 -10.42 -51.35 9.49
N ASN B 54 -10.47 -51.85 8.25
CA ASN B 54 -10.96 -53.22 8.05
C ASN B 54 -10.16 -54.21 8.90
N GLU B 55 -8.85 -54.03 8.97
CA GLU B 55 -7.97 -54.86 9.77
C GLU B 55 -8.12 -56.34 9.44
N LYS B 56 -8.73 -56.66 8.29
CA LYS B 56 -8.74 -58.05 7.85
C LYS B 56 -7.31 -58.54 7.59
N GLU B 57 -6.54 -57.78 6.82
CA GLU B 57 -5.13 -58.04 6.59
C GLU B 57 -4.27 -56.79 6.75
N GLY B 58 -4.82 -55.74 7.36
CA GLY B 58 -4.05 -54.53 7.60
C GLY B 58 -4.01 -53.61 6.39
N PHE B 59 -2.95 -52.82 6.31
CA PHE B 59 -2.76 -51.92 5.18
C PHE B 59 -2.91 -52.72 3.88
N PRO B 60 -3.75 -52.27 2.94
CA PRO B 60 -3.99 -53.10 1.74
C PRO B 60 -2.73 -53.25 0.91
N ILE B 61 -2.50 -54.47 0.42
CA ILE B 61 -1.31 -54.70 -0.40
C ILE B 61 -1.40 -53.89 -1.70
N THR B 62 -2.60 -53.70 -2.25
CA THR B 62 -2.74 -52.94 -3.48
C THR B 62 -2.11 -51.55 -3.33
N ALA B 63 -2.36 -50.88 -2.19
CA ALA B 63 -1.74 -49.60 -1.94
C ALA B 63 -0.24 -49.76 -1.72
N ILE B 64 0.17 -50.81 -1.00
CA ILE B 64 1.60 -51.04 -0.77
C ILE B 64 2.33 -51.13 -2.11
N ARG B 65 1.78 -51.89 -3.06
CA ARG B 65 2.39 -52.00 -4.37
C ARG B 65 2.51 -50.63 -5.03
N GLU B 66 1.42 -49.86 -5.01
CA GLU B 66 1.41 -48.56 -5.69
C GLU B 66 2.36 -47.58 -5.03
N ILE B 67 2.54 -47.68 -3.71
CA ILE B 67 3.52 -46.85 -3.01
C ILE B 67 4.94 -47.32 -3.33
N LYS B 68 5.16 -48.63 -3.24
CA LYS B 68 6.48 -49.20 -3.49
C LYS B 68 6.97 -48.87 -4.90
N ILE B 69 6.11 -49.07 -5.89
CA ILE B 69 6.51 -48.88 -7.28
C ILE B 69 6.64 -47.40 -7.63
N LEU B 70 5.63 -46.60 -7.28
CA LEU B 70 5.59 -45.23 -7.76
C LEU B 70 6.67 -44.34 -7.15
N ARG B 71 7.20 -44.68 -5.97
CA ARG B 71 8.32 -43.90 -5.45
C ARG B 71 9.63 -44.27 -6.13
N GLN B 72 9.65 -45.35 -6.92
CA GLN B 72 10.79 -45.71 -7.75
C GLN B 72 10.70 -45.12 -9.15
N LEU B 73 9.50 -45.02 -9.70
CA LEU B 73 9.29 -44.69 -11.10
C LEU B 73 9.18 -43.17 -11.26
N ILE B 74 10.04 -42.63 -12.13
CA ILE B 74 10.04 -41.20 -12.46
C ILE B 74 9.90 -41.08 -13.97
N HIS B 75 8.75 -40.58 -14.43
CA HIS B 75 8.58 -40.39 -15.86
C HIS B 75 7.43 -39.41 -16.11
N ARG B 76 7.58 -38.62 -17.18
CA ARG B 76 6.56 -37.65 -17.53
C ARG B 76 5.22 -38.31 -17.81
N SER B 77 5.24 -39.59 -18.17
CA SER B 77 4.05 -40.33 -18.56
C SER B 77 3.65 -41.32 -17.49
N VAL B 78 4.18 -41.18 -16.27
CA VAL B 78 3.79 -41.98 -15.13
C VAL B 78 3.28 -41.05 -14.04
N VAL B 79 2.20 -41.46 -13.36
CA VAL B 79 1.62 -40.63 -12.32
C VAL B 79 2.57 -40.51 -11.14
N ASN B 80 2.70 -39.31 -10.60
CA ASN B 80 3.59 -39.05 -9.48
C ASN B 80 2.81 -38.98 -8.19
N MET B 81 3.26 -39.75 -7.19
CA MET B 81 2.72 -39.68 -5.83
C MET B 81 3.49 -38.61 -5.06
N LYS B 82 2.81 -37.51 -4.72
CA LYS B 82 3.53 -36.41 -4.08
C LYS B 82 3.89 -36.75 -2.63
N GLU B 83 2.93 -37.23 -1.85
CA GLU B 83 3.21 -37.54 -0.46
C GLU B 83 2.10 -38.42 0.09
N ILE B 84 2.26 -38.83 1.35
CA ILE B 84 1.26 -39.59 2.09
C ILE B 84 0.99 -38.84 3.38
N VAL B 85 -0.28 -38.57 3.65
CA VAL B 85 -0.71 -37.78 4.80
C VAL B 85 -1.76 -38.59 5.53
N THR B 86 -2.10 -38.12 6.74
CA THR B 86 -2.94 -38.87 7.64
C THR B 86 -4.03 -38.02 8.25
N ASP B 87 -5.06 -38.70 8.75
CA ASP B 87 -6.09 -38.10 9.58
C ASP B 87 -5.51 -37.67 10.91
N LYS B 88 -6.17 -36.72 11.57
CA LYS B 88 -5.71 -36.30 12.89
C LYS B 88 -5.65 -37.56 13.75
N GLN B 89 -4.46 -38.01 14.10
CA GLN B 89 -4.28 -39.26 14.83
C GLN B 89 -4.68 -39.07 16.30
N ASP B 90 -5.12 -40.15 16.93
CA ASP B 90 -5.47 -40.08 18.34
C ASP B 90 -4.21 -39.84 19.14
N ALA B 91 -4.29 -38.95 20.13
CA ALA B 91 -3.10 -38.59 20.89
C ALA B 91 -2.67 -39.72 21.81
N LEU B 92 -1.44 -40.19 21.62
CA LEU B 92 -0.76 -41.18 22.47
C LEU B 92 -1.58 -42.45 22.71
N ASP B 93 -2.39 -42.86 21.72
CA ASP B 93 -3.12 -44.14 21.84
C ASP B 93 -3.23 -44.76 20.44
N PHE B 94 -2.14 -45.38 19.97
CA PHE B 94 -2.16 -45.94 18.62
C PHE B 94 -3.16 -47.09 18.48
N LYS B 95 -3.39 -47.88 19.54
CA LYS B 95 -4.34 -48.99 19.44
C LYS B 95 -5.77 -48.47 19.19
N LYS B 96 -6.18 -47.40 19.87
CA LYS B 96 -7.50 -46.86 19.56
C LYS B 96 -7.54 -46.23 18.17
N ASP B 97 -6.42 -45.68 17.71
CA ASP B 97 -6.38 -44.98 16.43
C ASP B 97 -6.84 -45.91 15.31
N LYS B 98 -7.81 -45.43 14.52
CA LYS B 98 -8.29 -46.11 13.33
C LYS B 98 -8.22 -45.18 12.13
N GLY B 99 -7.55 -44.04 12.27
CA GLY B 99 -7.53 -43.08 11.19
C GLY B 99 -6.93 -43.66 9.92
N ALA B 100 -7.32 -43.07 8.80
CA ALA B 100 -6.90 -43.57 7.51
C ALA B 100 -5.61 -42.89 7.07
N PHE B 101 -5.09 -43.32 5.92
CA PHE B 101 -3.98 -42.69 5.26
C PHE B 101 -4.42 -42.29 3.86
N TYR B 102 -3.85 -41.20 3.36
CA TYR B 102 -4.18 -40.68 2.03
C TYR B 102 -2.92 -40.63 1.18
N LEU B 103 -3.05 -41.10 -0.06
CA LEU B 103 -1.96 -41.03 -1.04
C LEU B 103 -2.19 -39.81 -1.93
N VAL B 104 -1.26 -38.86 -1.90
CA VAL B 104 -1.37 -37.64 -2.68
C VAL B 104 -0.83 -37.89 -4.08
N PHE B 105 -1.62 -37.52 -5.09
CA PHE B 105 -1.26 -37.63 -6.50
C PHE B 105 -1.55 -36.31 -7.19
N GLU B 106 -0.80 -36.03 -8.25
CA GLU B 106 -1.09 -34.85 -9.06
C GLU B 106 -2.50 -34.96 -9.64
N TYR B 107 -3.24 -33.87 -9.60
CA TYR B 107 -4.59 -33.88 -10.17
C TYR B 107 -4.50 -33.71 -11.69
N MET B 108 -5.24 -34.55 -12.41
CA MET B 108 -5.31 -34.50 -13.86
C MET B 108 -6.71 -34.05 -14.27
N ASP B 109 -6.78 -33.33 -15.38
CA ASP B 109 -8.04 -32.68 -15.75
C ASP B 109 -9.11 -33.70 -16.13
N HIS B 110 -8.74 -34.79 -16.80
CA HIS B 110 -9.72 -35.75 -17.28
C HIS B 110 -9.16 -37.17 -17.20
N ASP B 111 -10.08 -38.14 -17.32
CA ASP B 111 -9.75 -39.55 -17.52
C ASP B 111 -10.30 -39.99 -18.87
N LEU B 112 -9.55 -40.86 -19.56
CA LEU B 112 -9.89 -41.19 -20.94
C LEU B 112 -11.26 -41.86 -21.02
N MET B 113 -11.55 -42.79 -20.09
CA MET B 113 -12.85 -43.45 -20.11
C MET B 113 -13.97 -42.42 -20.03
N GLY B 114 -13.81 -41.41 -19.18
CA GLY B 114 -14.81 -40.37 -19.08
C GLY B 114 -14.90 -39.53 -20.34
N LEU B 115 -13.75 -39.18 -20.93
CA LEU B 115 -13.77 -38.38 -22.14
C LEU B 115 -14.42 -39.13 -23.29
N LEU B 116 -14.11 -40.42 -23.43
CA LEU B 116 -14.67 -41.19 -24.54
C LEU B 116 -16.15 -41.51 -24.27
N GLU B 117 -16.48 -41.94 -23.05
CA GLU B 117 -17.85 -42.32 -22.75
C GLU B 117 -18.80 -41.15 -22.93
N SER B 118 -18.41 -39.96 -22.46
CA SER B 118 -19.25 -38.79 -22.67
C SER B 118 -19.37 -38.46 -24.16
N GLY B 119 -18.47 -39.01 -24.98
CA GLY B 119 -18.49 -38.72 -26.40
C GLY B 119 -17.97 -37.35 -26.74
N LEU B 120 -17.19 -36.75 -25.83
CA LEU B 120 -16.82 -35.35 -25.90
C LEU B 120 -15.38 -35.15 -26.35
N VAL B 121 -14.77 -36.14 -26.99
CA VAL B 121 -13.39 -36.03 -27.42
C VAL B 121 -13.29 -36.56 -28.86
N HIS B 122 -12.46 -35.89 -29.66
CA HIS B 122 -12.13 -36.30 -31.01
C HIS B 122 -10.62 -36.37 -31.15
N PHE B 123 -10.13 -37.41 -31.81
CA PHE B 123 -8.71 -37.66 -31.97
C PHE B 123 -8.36 -37.65 -33.45
N SER B 124 -7.44 -36.76 -33.83
CA SER B 124 -6.84 -36.77 -35.15
C SER B 124 -5.69 -37.77 -35.16
N GLU B 125 -5.16 -38.07 -36.34
CA GLU B 125 -4.01 -38.97 -36.37
C GLU B 125 -2.88 -38.42 -35.51
N ASP B 126 -2.56 -37.13 -35.68
CA ASP B 126 -1.46 -36.53 -34.93
C ASP B 126 -1.74 -36.56 -33.43
N HIS B 127 -3.00 -36.38 -33.03
CA HIS B 127 -3.33 -36.50 -31.62
C HIS B 127 -3.03 -37.91 -31.11
N ILE B 128 -3.43 -38.92 -31.90
CA ILE B 128 -3.19 -40.32 -31.53
C ILE B 128 -1.69 -40.59 -31.47
N LYS B 129 -0.93 -39.96 -32.38
CA LYS B 129 0.51 -40.09 -32.33
C LYS B 129 1.07 -39.58 -31.00
N SER B 130 0.63 -38.40 -30.57
CA SER B 130 1.14 -37.88 -29.30
C SER B 130 0.68 -38.75 -28.14
N PHE B 131 -0.59 -39.16 -28.14
CA PHE B 131 -1.11 -40.03 -27.09
C PHE B 131 -0.30 -41.31 -27.00
N MET B 132 -0.17 -42.03 -28.11
CA MET B 132 0.50 -43.32 -28.09
C MET B 132 1.99 -43.17 -27.77
N LYS B 133 2.63 -42.15 -28.33
CA LYS B 133 4.06 -41.98 -28.07
C LYS B 133 4.33 -41.80 -26.57
N GLN B 134 3.49 -41.01 -25.90
CA GLN B 134 3.67 -40.83 -24.47
C GLN B 134 3.40 -42.12 -23.71
N LEU B 135 2.26 -42.75 -23.97
CA LEU B 135 1.91 -43.98 -23.26
C LEU B 135 3.02 -45.02 -23.41
N MET B 136 3.47 -45.24 -24.65
CA MET B 136 4.48 -46.26 -24.88
C MET B 136 5.81 -45.90 -24.24
N GLU B 137 6.16 -44.61 -24.25
CA GLU B 137 7.37 -44.18 -23.56
C GLU B 137 7.28 -44.46 -22.07
N GLY B 138 6.14 -44.17 -21.47
CA GLY B 138 5.93 -44.55 -20.09
C GLY B 138 5.99 -46.04 -19.89
N LEU B 139 5.31 -46.79 -20.76
CA LEU B 139 5.31 -48.25 -20.63
C LEU B 139 6.72 -48.80 -20.79
N GLU B 140 7.49 -48.25 -21.74
CA GLU B 140 8.88 -48.65 -21.91
C GLU B 140 9.69 -48.39 -20.65
N TYR B 141 9.56 -47.19 -20.08
CA TYR B 141 10.28 -46.89 -18.85
C TYR B 141 9.99 -47.96 -17.80
N CYS B 142 8.72 -48.26 -17.59
CA CYS B 142 8.34 -49.27 -16.60
C CYS B 142 8.85 -50.65 -16.98
N HIS B 143 8.69 -51.03 -18.25
CA HIS B 143 9.08 -52.38 -18.65
C HIS B 143 10.60 -52.56 -18.55
N LYS B 144 11.38 -51.50 -18.79
CA LYS B 144 12.82 -51.58 -18.61
C LYS B 144 13.21 -51.66 -17.14
N LYS B 145 12.40 -51.11 -16.24
CA LYS B 145 12.63 -51.30 -14.82
C LYS B 145 12.06 -52.64 -14.34
N ASN B 146 11.53 -53.45 -15.27
CA ASN B 146 11.04 -54.80 -15.00
C ASN B 146 9.81 -54.79 -14.09
N PHE B 147 8.90 -53.84 -14.35
CA PHE B 147 7.61 -53.75 -13.68
C PHE B 147 6.51 -53.92 -14.72
N LEU B 148 5.41 -54.56 -14.33
CA LEU B 148 4.28 -54.82 -15.21
C LEU B 148 3.03 -54.13 -14.68
N HIS B 149 2.33 -53.39 -15.54
CA HIS B 149 1.12 -52.70 -15.09
C HIS B 149 0.01 -53.70 -14.76
N ARG B 150 -0.42 -54.48 -15.75
CA ARG B 150 -1.36 -55.59 -15.65
C ARG B 150 -2.81 -55.12 -15.50
N ASP B 151 -3.09 -53.83 -15.59
CA ASP B 151 -4.47 -53.34 -15.57
C ASP B 151 -4.59 -52.12 -16.48
N ILE B 152 -4.17 -52.26 -17.74
CA ILE B 152 -4.18 -51.12 -18.64
C ILE B 152 -5.58 -51.01 -19.22
N LYS B 153 -6.35 -50.05 -18.70
CA LYS B 153 -7.69 -49.72 -19.15
C LYS B 153 -7.75 -48.24 -19.45
N CYS B 154 -8.77 -47.83 -20.20
CA CYS B 154 -8.99 -46.41 -20.44
C CYS B 154 -9.23 -45.64 -19.15
N SER B 155 -9.72 -46.32 -18.10
CA SER B 155 -9.93 -45.65 -16.82
C SER B 155 -8.61 -45.23 -16.18
N ASN B 156 -7.51 -45.90 -16.51
CA ASN B 156 -6.21 -45.62 -15.89
C ASN B 156 -5.32 -44.70 -16.74
N ILE B 157 -5.82 -44.20 -17.86
CA ILE B 157 -5.11 -43.18 -18.64
C ILE B 157 -5.68 -41.82 -18.28
N LEU B 158 -4.83 -40.92 -17.78
CA LEU B 158 -5.24 -39.59 -17.37
C LEU B 158 -4.63 -38.54 -18.30
N LEU B 159 -5.45 -37.57 -18.71
CA LEU B 159 -5.06 -36.57 -19.69
C LEU B 159 -5.30 -35.18 -19.10
N ASN B 160 -4.29 -34.34 -19.19
CA ASN B 160 -4.46 -32.92 -18.95
C ASN B 160 -4.93 -32.28 -20.25
N ASN B 161 -5.52 -31.09 -20.15
CA ASN B 161 -5.95 -30.42 -21.36
C ASN B 161 -4.78 -30.04 -22.26
N SER B 162 -3.57 -30.01 -21.69
CA SER B 162 -2.38 -29.75 -22.49
C SER B 162 -2.13 -30.83 -23.51
N GLY B 163 -2.59 -32.05 -23.25
CA GLY B 163 -2.26 -33.21 -24.06
C GLY B 163 -1.28 -34.16 -23.40
N GLN B 164 -0.86 -33.88 -22.18
CA GLN B 164 -0.02 -34.81 -21.44
C GLN B 164 -0.84 -36.00 -20.98
N ILE B 165 -0.26 -37.20 -21.13
CA ILE B 165 -0.87 -38.45 -20.70
C ILE B 165 0.01 -39.02 -19.58
N LYS B 166 -0.65 -39.55 -18.56
CA LYS B 166 0.00 -40.24 -17.46
C LYS B 166 -0.72 -41.54 -17.16
N LEU B 167 0.05 -42.58 -16.85
CA LEU B 167 -0.48 -43.88 -16.42
C LEU B 167 -0.75 -43.78 -14.92
N ALA B 168 -1.75 -44.52 -14.44
CA ALA B 168 -2.24 -44.20 -13.11
C ALA B 168 -2.40 -45.32 -12.08
N ASP B 169 -3.24 -46.32 -12.32
CA ASP B 169 -3.50 -47.34 -11.30
C ASP B 169 -2.44 -48.45 -11.37
N PHE B 170 -1.49 -48.43 -10.44
CA PHE B 170 -0.48 -49.48 -10.32
C PHE B 170 -0.81 -50.50 -9.24
N GLY B 171 -2.08 -50.66 -8.88
CA GLY B 171 -2.41 -51.54 -7.76
C GLY B 171 -2.12 -53.01 -8.02
N LEU B 172 -2.33 -53.46 -9.25
CA LEU B 172 -2.10 -54.85 -9.62
C LEU B 172 -0.71 -55.06 -10.23
N ALA B 173 0.20 -54.11 -10.05
CA ALA B 173 1.51 -54.19 -10.67
C ALA B 173 2.48 -55.02 -9.85
N ARG B 174 3.34 -55.77 -10.55
CA ARG B 174 4.33 -56.64 -9.91
C ARG B 174 5.57 -56.71 -10.78
N LEU B 175 6.69 -57.11 -10.15
CA LEU B 175 7.96 -57.27 -10.85
C LEU B 175 7.96 -58.50 -11.74
N TYR B 176 8.67 -58.40 -12.86
CA TYR B 176 8.78 -59.48 -13.85
C TYR B 176 10.24 -59.89 -13.94
N ASN B 177 10.49 -61.20 -13.82
CA ASN B 177 11.84 -61.73 -13.99
C ASN B 177 11.83 -62.70 -15.18
N SER B 178 12.65 -62.39 -16.18
CA SER B 178 12.78 -63.28 -17.34
C SER B 178 13.41 -64.60 -16.94
N GLU B 179 14.41 -64.58 -16.06
CA GLU B 179 15.09 -65.79 -15.67
C GLU B 179 14.21 -66.69 -14.80
N GLU B 180 13.43 -66.10 -13.90
CA GLU B 180 12.58 -66.90 -13.01
C GLU B 180 11.11 -66.58 -13.23
N SER B 181 10.36 -67.56 -13.75
CA SER B 181 8.91 -67.46 -13.86
C SER B 181 8.25 -68.19 -12.68
N ARG B 182 7.35 -67.51 -11.98
CA ARG B 182 6.66 -68.01 -10.81
C ARG B 182 5.17 -67.82 -11.07
N PRO B 183 4.31 -68.57 -10.38
CA PRO B 183 2.87 -68.40 -10.65
C PRO B 183 2.41 -67.00 -10.26
N TYR B 184 1.78 -66.31 -11.22
CA TYR B 184 1.19 -64.99 -10.96
C TYR B 184 -0.36 -65.20 -11.04
N TPO B 185 -1.14 -64.18 -10.71
CA TPO B 185 -2.61 -64.26 -10.78
CB TPO B 185 -3.22 -62.99 -10.12
CG2 TPO B 185 -4.74 -63.06 -10.11
OG1 TPO B 185 -2.74 -63.03 -8.75
P TPO B 185 -1.75 -61.84 -8.26
O1P TPO B 185 -0.34 -61.87 -9.02
O2P TPO B 185 -2.41 -60.39 -8.44
O3P TPO B 185 -1.52 -62.03 -6.81
C TPO B 185 -3.10 -64.47 -12.23
O TPO B 185 -2.72 -63.71 -13.13
H TPO B 185 -0.86 -63.41 -10.45
HA TPO B 185 -2.92 -65.04 -10.28
HB TPO B 185 -2.94 -62.10 -10.66
HG21 TPO B 185 -5.13 -62.18 -9.60
HG22 TPO B 185 -5.07 -63.96 -9.59
HG23 TPO B 185 -5.11 -63.08 -11.13
N ASN B 186 -3.95 -65.48 -12.44
CA ASN B 186 -4.34 -65.90 -13.78
C ASN B 186 -5.15 -64.90 -14.62
N LYS B 187 -5.89 -64.04 -13.93
CA LYS B 187 -6.81 -63.06 -14.51
C LYS B 187 -6.46 -61.71 -13.93
N VAL B 188 -5.73 -60.85 -14.66
CA VAL B 188 -5.32 -59.56 -14.12
C VAL B 188 -5.89 -58.36 -14.88
N ILE B 189 -5.98 -58.42 -16.22
CA ILE B 189 -6.45 -57.25 -16.98
C ILE B 189 -7.96 -57.37 -17.18
N THR B 190 -8.65 -56.22 -17.27
CA THR B 190 -10.10 -56.27 -17.48
C THR B 190 -10.39 -56.97 -18.80
N LEU B 191 -11.54 -57.65 -18.86
CA LEU B 191 -11.78 -58.57 -19.96
C LEU B 191 -11.64 -57.87 -21.32
N TRP B 192 -12.10 -56.63 -21.43
CA TRP B 192 -12.08 -55.96 -22.71
C TRP B 192 -10.65 -55.72 -23.21
N TYR B 193 -9.71 -55.52 -22.29
CA TYR B 193 -8.32 -55.25 -22.64
C TYR B 193 -7.40 -56.41 -22.23
N ARG B 194 -7.95 -57.64 -22.10
CA ARG B 194 -7.14 -58.74 -21.60
C ARG B 194 -6.46 -59.47 -22.75
N PRO B 195 -5.20 -59.85 -22.59
CA PRO B 195 -4.50 -60.57 -23.67
C PRO B 195 -5.02 -61.99 -23.80
N PRO B 196 -4.83 -62.61 -24.97
CA PRO B 196 -5.30 -63.98 -25.16
C PRO B 196 -4.62 -64.99 -24.24
N GLU B 197 -3.36 -64.73 -23.89
CA GLU B 197 -2.62 -65.65 -23.03
C GLU B 197 -3.29 -65.81 -21.67
N LEU B 198 -3.80 -64.70 -21.11
CA LEU B 198 -4.43 -64.72 -19.79
C LEU B 198 -5.88 -65.20 -19.86
N LEU B 199 -6.47 -65.24 -21.04
CA LEU B 199 -7.77 -65.88 -21.20
C LEU B 199 -7.60 -67.39 -21.20
N LEU B 200 -6.47 -67.85 -21.71
CA LEU B 200 -6.08 -69.25 -21.66
C LEU B 200 -5.24 -69.53 -20.43
N GLY B 201 -5.02 -68.55 -19.57
CA GLY B 201 -4.48 -68.87 -18.26
C GLY B 201 -3.01 -69.19 -18.23
N GLU B 202 -2.17 -68.45 -18.95
CA GLU B 202 -0.74 -68.77 -18.92
C GLU B 202 -0.23 -68.73 -17.49
N GLU B 203 -0.61 -67.69 -16.73
CA GLU B 203 -0.23 -67.58 -15.32
C GLU B 203 1.23 -67.19 -15.16
N ARG B 204 2.06 -67.53 -16.15
CA ARG B 204 3.46 -67.07 -16.23
C ARG B 204 3.53 -66.20 -17.47
N TYR B 205 3.16 -64.93 -17.34
CA TYR B 205 3.02 -64.05 -18.49
C TYR B 205 4.23 -63.13 -18.62
N THR B 206 4.32 -62.50 -19.77
CA THR B 206 5.39 -61.59 -20.13
C THR B 206 4.91 -60.16 -20.02
N PRO B 207 5.81 -59.18 -20.13
CA PRO B 207 5.36 -57.78 -20.24
C PRO B 207 4.53 -57.50 -21.48
N ALA B 208 4.48 -58.43 -22.43
CA ALA B 208 3.71 -58.20 -23.65
C ALA B 208 2.21 -58.17 -23.37
N ILE B 209 1.78 -58.54 -22.16
CA ILE B 209 0.37 -58.45 -21.83
C ILE B 209 -0.07 -56.98 -21.86
N ASP B 210 0.79 -56.10 -21.37
CA ASP B 210 0.47 -54.67 -21.35
C ASP B 210 0.45 -54.11 -22.77
N VAL B 211 1.26 -54.66 -23.66
CA VAL B 211 1.27 -54.20 -25.04
C VAL B 211 -0.08 -54.50 -25.70
N TRP B 212 -0.63 -55.70 -25.43
CA TRP B 212 -1.93 -56.04 -26.00
C TRP B 212 -3.00 -55.02 -25.65
N SER B 213 -3.08 -54.67 -24.36
CA SER B 213 -4.07 -53.69 -23.93
C SER B 213 -3.93 -52.38 -24.71
N CYS B 214 -2.71 -51.88 -24.81
CA CYS B 214 -2.48 -50.60 -25.46
C CYS B 214 -2.84 -50.64 -26.93
N GLY B 215 -2.64 -51.78 -27.58
CA GLY B 215 -3.08 -51.92 -28.96
C GLY B 215 -4.60 -51.85 -29.08
N CYS B 216 -5.30 -52.48 -28.13
CA CYS B 216 -6.75 -52.35 -28.09
C CYS B 216 -7.15 -50.88 -27.95
N ILE B 217 -6.43 -50.13 -27.12
CA ILE B 217 -6.71 -48.71 -26.99
C ILE B 217 -6.43 -48.01 -28.32
N LEU B 218 -5.32 -48.36 -28.97
CA LEU B 218 -4.98 -47.75 -30.24
C LEU B 218 -6.14 -47.88 -31.22
N GLY B 219 -6.68 -49.09 -31.36
CA GLY B 219 -7.82 -49.27 -32.24
C GLY B 219 -9.03 -48.47 -31.78
N GLU B 220 -9.26 -48.43 -30.47
CA GLU B 220 -10.42 -47.72 -29.93
C GLU B 220 -10.32 -46.22 -30.16
N LEU B 221 -9.10 -45.67 -30.20
CA LEU B 221 -8.95 -44.26 -30.52
C LEU B 221 -9.38 -43.94 -31.94
N PHE B 222 -9.19 -44.90 -32.86
CA PHE B 222 -9.61 -44.70 -34.24
C PHE B 222 -11.11 -44.93 -34.41
N THR B 223 -11.64 -46.00 -33.82
CA THR B 223 -13.05 -46.32 -33.97
C THR B 223 -13.94 -45.52 -33.03
N LYS B 224 -13.40 -45.03 -31.90
CA LYS B 224 -14.15 -44.36 -30.84
C LYS B 224 -15.02 -45.34 -30.04
N LYS B 225 -14.94 -46.64 -30.32
CA LYS B 225 -15.66 -47.71 -29.64
C LYS B 225 -14.67 -48.82 -29.31
N PRO B 226 -14.73 -49.38 -28.09
CA PRO B 226 -13.78 -50.44 -27.75
C PRO B 226 -13.89 -51.59 -28.74
N ILE B 227 -12.75 -52.23 -29.01
CA ILE B 227 -12.69 -53.21 -30.08
C ILE B 227 -13.29 -54.54 -29.66
N PHE B 228 -12.91 -55.05 -28.49
CA PHE B 228 -13.31 -56.39 -28.07
C PHE B 228 -14.14 -56.28 -26.79
N GLN B 229 -15.44 -56.06 -26.95
CA GLN B 229 -16.35 -55.92 -25.82
C GLN B 229 -17.17 -57.20 -25.63
N ALA B 230 -16.92 -57.89 -24.53
CA ALA B 230 -17.66 -59.10 -24.20
C ALA B 230 -17.75 -59.20 -22.69
N ASN B 231 -18.65 -60.05 -22.22
CA ASN B 231 -18.86 -60.23 -20.78
C ASN B 231 -18.24 -61.52 -20.26
N LEU B 232 -17.92 -62.47 -21.15
CA LEU B 232 -17.44 -63.78 -20.77
C LEU B 232 -16.11 -64.08 -21.45
N GLU B 233 -15.27 -64.83 -20.74
CA GLU B 233 -13.91 -65.06 -21.22
C GLU B 233 -13.90 -65.73 -22.57
N LEU B 234 -14.77 -66.72 -22.77
CA LEU B 234 -14.83 -67.40 -24.06
C LEU B 234 -15.35 -66.48 -25.15
N ALA B 235 -16.39 -65.69 -24.84
CA ALA B 235 -16.93 -64.75 -25.82
C ALA B 235 -15.86 -63.77 -26.27
N GLN B 236 -14.99 -63.35 -25.37
CA GLN B 236 -13.89 -62.48 -25.75
C GLN B 236 -12.97 -63.18 -26.73
N LEU B 237 -12.59 -64.42 -26.42
CA LEU B 237 -11.72 -65.19 -27.30
C LEU B 237 -12.32 -65.32 -28.70
N GLU B 238 -13.64 -65.45 -28.79
CA GLU B 238 -14.28 -65.52 -30.09
C GLU B 238 -14.09 -64.20 -30.86
N LEU B 239 -14.35 -63.09 -30.18
CA LEU B 239 -14.25 -61.79 -30.84
C LEU B 239 -12.81 -61.49 -31.24
N ILE B 240 -11.87 -61.74 -30.32
CA ILE B 240 -10.46 -61.59 -30.67
C ILE B 240 -10.12 -62.53 -31.83
N SER B 241 -10.63 -63.76 -31.79
CA SER B 241 -10.31 -64.74 -32.81
C SER B 241 -10.81 -64.29 -34.18
N ARG B 242 -12.00 -63.67 -34.22
CA ARG B 242 -12.52 -63.25 -35.51
C ARG B 242 -11.61 -62.23 -36.18
N LEU B 243 -11.07 -61.30 -35.40
CA LEU B 243 -10.26 -60.23 -35.96
C LEU B 243 -8.80 -60.66 -36.07
N CYS B 244 -8.23 -61.18 -34.98
CA CYS B 244 -6.82 -61.50 -34.94
C CYS B 244 -6.52 -62.91 -35.43
N GLY B 245 -7.54 -63.71 -35.68
CA GLY B 245 -7.33 -65.08 -36.07
C GLY B 245 -7.43 -66.04 -34.90
N SER B 246 -7.89 -67.25 -35.18
CA SER B 246 -8.07 -68.22 -34.12
C SER B 246 -6.71 -68.69 -33.62
N PRO B 247 -6.54 -68.85 -32.30
CA PRO B 247 -5.30 -69.44 -31.79
C PRO B 247 -5.09 -70.81 -32.40
N CYS B 248 -3.92 -71.00 -33.01
CA CYS B 248 -3.60 -72.27 -33.66
C CYS B 248 -2.11 -72.50 -33.50
N PRO B 249 -1.66 -73.74 -33.62
CA PRO B 249 -0.22 -74.00 -33.43
C PRO B 249 0.69 -73.29 -34.42
N ALA B 250 0.24 -73.05 -35.66
CA ALA B 250 1.12 -72.43 -36.65
C ALA B 250 1.47 -70.99 -36.26
N VAL B 251 0.51 -70.26 -35.69
CA VAL B 251 0.77 -68.86 -35.35
C VAL B 251 1.25 -68.73 -33.90
N TRP B 252 1.05 -69.76 -33.08
CA TRP B 252 1.39 -69.72 -31.65
C TRP B 252 1.97 -71.10 -31.32
N PRO B 253 3.28 -71.26 -31.49
CA PRO B 253 3.85 -72.63 -31.41
C PRO B 253 3.62 -73.28 -30.06
N ASP B 254 3.42 -72.49 -29.00
CA ASP B 254 3.28 -73.00 -27.64
C ASP B 254 1.85 -72.91 -27.12
N VAL B 255 0.88 -72.67 -28.00
CA VAL B 255 -0.51 -72.57 -27.56
C VAL B 255 -0.98 -73.86 -26.92
N ILE B 256 -0.43 -75.00 -27.37
CA ILE B 256 -0.83 -76.30 -26.83
C ILE B 256 -0.45 -76.45 -25.37
N ARG B 257 0.57 -75.72 -24.90
CA ARG B 257 0.94 -75.83 -23.50
C ARG B 257 0.01 -75.05 -22.58
N LEU B 258 -0.79 -74.14 -23.13
CA LEU B 258 -1.67 -73.32 -22.28
C LEU B 258 -2.78 -74.19 -21.74
N PRO B 259 -3.05 -74.14 -20.43
CA PRO B 259 -3.98 -75.13 -19.85
C PRO B 259 -5.35 -75.18 -20.52
N TYR B 260 -5.88 -74.06 -21.00
CA TYR B 260 -7.25 -74.02 -21.49
C TYR B 260 -7.36 -74.06 -23.01
N PHE B 261 -6.29 -74.37 -23.73
CA PHE B 261 -6.33 -74.33 -25.20
C PHE B 261 -7.39 -75.31 -25.74
N ASN B 262 -7.32 -76.57 -25.33
CA ASN B 262 -8.31 -77.53 -25.77
C ASN B 262 -9.70 -77.20 -25.21
N THR B 263 -9.73 -76.76 -23.95
CA THR B 263 -11.00 -76.44 -23.30
C THR B 263 -11.72 -75.31 -23.99
N MET B 264 -11.03 -74.19 -24.21
CA MET B 264 -11.62 -72.97 -24.78
C MET B 264 -11.29 -72.96 -26.27
N LYS B 265 -12.33 -73.06 -27.11
CA LYS B 265 -12.12 -73.06 -28.55
C LYS B 265 -13.08 -72.09 -29.22
N PRO B 266 -12.61 -71.35 -30.23
CA PRO B 266 -13.54 -70.53 -31.01
C PRO B 266 -14.43 -71.40 -31.88
N LYS B 267 -15.54 -70.82 -32.33
CA LYS B 267 -16.48 -71.58 -33.16
C LYS B 267 -15.79 -72.20 -34.36
N LYS B 268 -14.93 -71.44 -35.02
CA LYS B 268 -14.23 -71.83 -36.22
C LYS B 268 -12.76 -71.51 -36.02
N GLN B 269 -11.91 -71.97 -36.94
CA GLN B 269 -10.52 -71.49 -36.98
C GLN B 269 -10.50 -70.26 -37.90
N TYR B 270 -10.85 -69.11 -37.32
CA TYR B 270 -11.01 -67.90 -38.13
C TYR B 270 -9.65 -67.45 -38.67
N ARG B 271 -9.65 -66.93 -39.90
CA ARG B 271 -8.46 -66.32 -40.47
C ARG B 271 -8.30 -64.89 -39.95
N ARG B 272 -7.07 -64.40 -39.98
CA ARG B 272 -6.82 -63.02 -39.55
C ARG B 272 -7.37 -62.06 -40.59
N ARG B 273 -8.12 -61.06 -40.09
CA ARG B 273 -8.79 -60.06 -40.92
C ARG B 273 -8.43 -58.65 -40.51
N LEU B 274 -7.48 -58.49 -39.59
CA LEU B 274 -7.25 -57.19 -38.97
C LEU B 274 -7.06 -56.10 -40.00
N ARG B 275 -6.19 -56.33 -40.98
CA ARG B 275 -5.92 -55.30 -41.98
C ARG B 275 -7.18 -54.96 -42.76
N GLU B 276 -8.02 -55.95 -43.05
CA GLU B 276 -9.25 -55.67 -43.78
C GLU B 276 -10.22 -54.84 -42.94
N GLU B 277 -10.50 -55.30 -41.71
CA GLU B 277 -11.50 -54.61 -40.89
C GLU B 277 -11.03 -53.23 -40.47
N PHE B 278 -9.71 -53.01 -40.34
CA PHE B 278 -9.18 -51.70 -40.03
C PHE B 278 -8.57 -51.02 -41.26
N SER B 279 -9.15 -51.24 -42.44
CA SER B 279 -8.62 -50.62 -43.65
C SER B 279 -8.61 -49.10 -43.55
N PHE B 280 -9.59 -48.53 -42.83
CA PHE B 280 -9.66 -47.07 -42.72
C PHE B 280 -8.46 -46.51 -41.95
N ILE B 281 -7.85 -47.31 -41.07
CA ILE B 281 -6.71 -46.84 -40.28
C ILE B 281 -5.54 -46.55 -41.20
N PRO B 282 -4.79 -45.45 -40.99
CA PRO B 282 -3.59 -45.20 -41.81
C PRO B 282 -2.60 -46.34 -41.77
N SER B 283 -1.84 -46.46 -42.86
CA SER B 283 -0.94 -47.61 -43.01
C SER B 283 0.10 -47.66 -41.89
N ALA B 284 0.71 -46.51 -41.59
CA ALA B 284 1.73 -46.48 -40.54
C ALA B 284 1.17 -46.99 -39.22
N ALA B 285 -0.08 -46.65 -38.91
CA ALA B 285 -0.69 -47.11 -37.67
C ALA B 285 -1.15 -48.56 -37.77
N LEU B 286 -1.74 -48.94 -38.91
CA LEU B 286 -2.28 -50.29 -39.05
C LEU B 286 -1.20 -51.33 -38.78
N ASP B 287 0.02 -51.09 -39.26
CA ASP B 287 1.12 -52.01 -38.98
C ASP B 287 1.39 -52.09 -37.49
N LEU B 288 1.32 -50.97 -36.78
CA LEU B 288 1.53 -50.99 -35.34
C LEU B 288 0.45 -51.83 -34.66
N LEU B 289 -0.79 -51.72 -35.12
CA LEU B 289 -1.88 -52.51 -34.54
C LEU B 289 -1.66 -54.00 -34.78
N ASP B 290 -1.30 -54.38 -36.01
CA ASP B 290 -1.10 -55.79 -36.30
C ASP B 290 -0.02 -56.41 -35.41
N HIS B 291 1.04 -55.65 -35.13
CA HIS B 291 2.11 -56.18 -34.29
C HIS B 291 1.70 -56.18 -32.81
N MET B 292 0.98 -55.14 -32.38
CA MET B 292 0.58 -55.07 -30.97
C MET B 292 -0.47 -56.14 -30.66
N LEU B 293 -1.36 -56.43 -31.61
CA LEU B 293 -2.41 -57.43 -31.41
C LEU B 293 -2.02 -58.76 -32.03
N THR B 294 -0.82 -59.23 -31.70
CA THR B 294 -0.33 -60.52 -32.14
C THR B 294 -0.62 -61.56 -31.07
N LEU B 295 -1.20 -62.69 -31.48
CA LEU B 295 -1.65 -63.69 -30.52
C LEU B 295 -0.46 -64.21 -29.70
N ASP B 296 0.60 -64.61 -30.37
CA ASP B 296 1.77 -65.20 -29.72
C ASP B 296 2.46 -64.14 -28.88
N PRO B 297 2.65 -64.34 -27.58
CA PRO B 297 3.32 -63.30 -26.77
C PRO B 297 4.73 -63.02 -27.24
N SER B 298 5.40 -64.01 -27.82
CA SER B 298 6.78 -63.82 -28.28
C SER B 298 6.84 -63.07 -29.60
N LYS B 299 5.84 -63.24 -30.47
CA LYS B 299 5.82 -62.50 -31.73
C LYS B 299 5.26 -61.11 -31.54
N ARG B 300 4.58 -60.86 -30.43
CA ARG B 300 4.02 -59.54 -30.15
C ARG B 300 5.15 -58.55 -29.88
N CYS B 301 5.04 -57.37 -30.48
CA CYS B 301 6.07 -56.35 -30.38
C CYS B 301 6.27 -55.88 -28.95
N THR B 302 7.43 -55.28 -28.70
CA THR B 302 7.75 -54.73 -27.40
C THR B 302 7.34 -53.26 -27.35
N ALA B 303 7.47 -52.66 -26.17
CA ALA B 303 7.23 -51.22 -26.07
C ALA B 303 8.26 -50.44 -26.87
N GLU B 304 9.55 -50.81 -26.73
CA GLU B 304 10.58 -50.11 -27.50
C GLU B 304 10.32 -50.21 -29.00
N GLN B 305 9.88 -51.38 -29.47
CA GLN B 305 9.65 -51.55 -30.90
C GLN B 305 8.52 -50.66 -31.38
N THR B 306 7.51 -50.44 -30.53
CA THR B 306 6.44 -49.51 -30.91
C THR B 306 6.97 -48.09 -31.03
N LEU B 307 7.91 -47.70 -30.15
CA LEU B 307 8.49 -46.37 -30.22
C LEU B 307 9.41 -46.20 -31.42
N GLN B 308 9.99 -47.28 -31.94
CA GLN B 308 10.81 -47.24 -33.16
C GLN B 308 10.03 -47.74 -34.36
N SER B 309 8.83 -47.19 -34.54
CA SER B 309 7.94 -47.51 -35.65
C SER B 309 7.74 -46.26 -36.51
N ASP B 310 7.39 -46.47 -37.77
CA ASP B 310 7.15 -45.33 -38.64
C ASP B 310 6.08 -44.41 -38.08
N PHE B 311 5.11 -44.97 -37.37
CA PHE B 311 4.00 -44.18 -36.85
C PHE B 311 4.47 -43.25 -35.73
N LEU B 312 5.29 -43.76 -34.81
CA LEU B 312 5.64 -43.01 -33.61
C LEU B 312 7.06 -42.47 -33.57
N LYS B 313 7.99 -43.03 -34.35
CA LYS B 313 9.39 -42.66 -34.17
C LYS B 313 9.63 -41.18 -34.48
N ASP B 314 9.00 -40.65 -35.51
CA ASP B 314 9.24 -39.28 -35.94
C ASP B 314 8.24 -38.30 -35.35
N VAL B 315 7.63 -38.66 -34.23
CA VAL B 315 6.74 -37.77 -33.50
C VAL B 315 7.55 -36.92 -32.52
N GLU B 316 7.35 -35.61 -32.57
CA GLU B 316 8.02 -34.71 -31.64
C GLU B 316 7.04 -34.37 -30.52
N LEU B 317 7.40 -34.71 -29.28
CA LEU B 317 6.56 -34.43 -28.13
C LEU B 317 6.56 -32.95 -27.73
N SER B 318 7.46 -32.14 -28.31
CA SER B 318 7.36 -30.70 -28.09
C SER B 318 5.98 -30.19 -28.51
N LYS B 319 5.47 -30.72 -29.60
CA LYS B 319 4.09 -30.46 -30.05
C LYS B 319 3.24 -31.62 -29.53
N MET B 320 2.56 -31.39 -28.39
CA MET B 320 1.79 -32.47 -27.78
C MET B 320 0.43 -32.71 -28.43
N ALA B 321 -0.07 -31.77 -29.20
CA ALA B 321 -1.31 -31.97 -29.93
C ALA B 321 -2.50 -32.26 -29.02
N PRO B 322 -3.01 -31.26 -28.32
CA PRO B 322 -4.19 -31.47 -27.46
C PRO B 322 -5.39 -31.97 -28.25
N PRO B 323 -6.08 -32.99 -27.74
CA PRO B 323 -7.28 -33.49 -28.43
C PRO B 323 -8.41 -32.48 -28.40
N ASP B 324 -9.43 -32.75 -29.22
CA ASP B 324 -10.58 -31.85 -29.32
C ASP B 324 -11.41 -32.16 -28.08
N LEU B 325 -11.21 -31.41 -27.03
CA LEU B 325 -11.86 -31.62 -25.74
C LEU B 325 -13.01 -30.67 -25.60
N PRO B 326 -13.86 -30.86 -24.60
CA PRO B 326 -15.09 -30.05 -24.50
C PRO B 326 -14.91 -28.55 -24.67
N HIS B 327 -15.98 -27.87 -25.09
CA HIS B 327 -15.95 -26.42 -25.19
C HIS B 327 -17.36 -25.85 -25.01
N TRP B 328 -17.43 -24.52 -24.97
CA TRP B 328 -18.69 -23.85 -24.68
C TRP B 328 -19.71 -24.15 -25.76
N GLN B 329 -19.26 -24.20 -27.03
CA GLN B 329 -20.16 -24.53 -28.13
C GLN B 329 -20.71 -25.93 -27.96
N ASP B 330 -19.93 -26.84 -27.35
CA ASP B 330 -20.42 -28.19 -27.11
C ASP B 330 -21.65 -28.19 -26.21
N CYS B 331 -21.77 -27.19 -25.33
CA CYS B 331 -22.96 -27.07 -24.50
C CYS B 331 -24.18 -26.74 -25.35
N HIS B 332 -24.03 -25.83 -26.31
CA HIS B 332 -25.10 -25.45 -27.21
C HIS B 332 -25.24 -26.48 -28.32
N GLU B 333 -26.44 -26.54 -28.91
CA GLU B 333 -26.79 -27.53 -29.91
C GLU B 333 -26.97 -26.84 -31.26
N LEU B 334 -26.39 -27.43 -32.31
CA LEU B 334 -26.32 -26.82 -33.63
C LEU B 334 -27.67 -26.93 -34.31
N TRP B 335 -28.42 -25.82 -34.34
CA TRP B 335 -29.73 -25.81 -34.98
C TRP B 335 -29.59 -26.08 -36.47
N THR C 24 13.20 -35.65 -1.36
CA THR C 24 12.90 -36.81 -2.20
C THR C 24 12.89 -38.09 -1.36
N LYS C 25 14.08 -38.63 -1.07
CA LYS C 25 14.25 -39.87 -0.30
C LYS C 25 14.98 -39.69 1.03
N PRO C 26 14.66 -40.51 2.02
CA PRO C 26 15.24 -40.33 3.36
C PRO C 26 16.64 -40.94 3.47
N CYS C 27 17.36 -40.50 4.50
CA CYS C 27 18.70 -41.02 4.78
C CYS C 27 18.59 -42.12 5.82
N TRP C 28 19.03 -43.33 5.46
CA TRP C 28 18.89 -44.47 6.35
C TRP C 28 20.22 -44.98 6.90
N TYR C 29 21.24 -44.14 6.95
CA TYR C 29 22.55 -44.58 7.41
C TYR C 29 23.08 -43.61 8.44
N TRP C 30 23.59 -44.17 9.54
CA TRP C 30 24.12 -43.45 10.67
C TRP C 30 25.59 -43.80 10.89
N ASP C 31 26.27 -43.00 11.69
CA ASP C 31 27.64 -43.28 12.10
C ASP C 31 27.64 -44.13 13.38
N LYS C 32 28.63 -45.01 13.50
CA LYS C 32 28.75 -45.85 14.69
C LYS C 32 28.59 -45.01 15.95
N LYS C 33 29.27 -43.86 15.98
CA LYS C 33 29.21 -43.00 17.15
C LYS C 33 27.79 -42.59 17.49
N ASP C 34 26.92 -42.51 16.49
CA ASP C 34 25.55 -42.09 16.72
C ASP C 34 24.73 -43.14 17.46
N LEU C 35 25.15 -44.40 17.44
CA LEU C 35 24.37 -45.43 18.11
C LEU C 35 24.44 -45.32 19.64
N ALA C 36 25.33 -44.51 20.18
CA ALA C 36 25.36 -44.28 21.61
C ALA C 36 24.23 -43.39 22.09
N HIS C 37 23.47 -42.83 21.14
CA HIS C 37 22.39 -41.89 21.41
C HIS C 37 21.08 -42.39 20.83
N THR C 38 20.93 -43.70 20.71
CA THR C 38 19.66 -44.26 20.30
C THR C 38 18.66 -44.04 21.43
N PRO C 39 17.35 -44.04 21.11
CA PRO C 39 16.36 -43.91 22.20
C PRO C 39 16.59 -44.90 23.32
N SER C 40 16.89 -46.15 22.97
CA SER C 40 17.09 -47.18 23.98
C SER C 40 18.25 -46.85 24.90
N GLN C 41 19.36 -46.40 24.35
CA GLN C 41 20.52 -46.06 25.16
C GLN C 41 20.17 -44.99 26.20
N LEU C 42 19.51 -43.92 25.76
CA LEU C 42 19.27 -42.80 26.66
C LEU C 42 18.24 -43.12 27.73
N GLU C 43 17.45 -44.18 27.56
CA GLU C 43 16.51 -44.60 28.58
C GLU C 43 17.16 -45.50 29.62
N GLY C 44 18.47 -45.66 29.57
CA GLY C 44 19.21 -46.42 30.56
C GLY C 44 19.68 -47.78 30.12
N LEU C 45 19.32 -48.21 28.92
CA LEU C 45 19.79 -49.49 28.39
C LEU C 45 21.25 -49.32 27.99
N ASP C 46 22.11 -50.25 28.39
CA ASP C 46 23.52 -50.12 28.08
C ASP C 46 23.81 -50.68 26.69
N PRO C 47 24.98 -50.36 26.14
CA PRO C 47 25.25 -50.78 24.74
C PRO C 47 25.13 -52.27 24.52
N ALA C 48 25.65 -53.07 25.45
CA ALA C 48 25.60 -54.53 25.28
C ALA C 48 24.17 -55.03 25.18
N THR C 49 23.27 -54.51 26.03
CA THR C 49 21.90 -54.99 26.04
C THR C 49 21.18 -54.66 24.74
N GLU C 50 21.31 -53.42 24.25
CA GLU C 50 20.67 -53.09 22.98
C GLU C 50 21.22 -53.96 21.85
N ALA C 51 22.52 -54.24 21.89
CA ALA C 51 23.09 -55.15 20.90
C ALA C 51 22.48 -56.54 21.02
N ARG C 52 22.35 -57.04 22.24
CA ARG C 52 21.71 -58.34 22.44
C ARG C 52 20.26 -58.31 22.00
N TYR C 53 19.52 -57.25 22.38
CA TYR C 53 18.13 -57.16 21.98
C TYR C 53 18.00 -57.12 20.46
N ARG C 54 18.97 -56.52 19.76
CA ARG C 54 18.91 -56.46 18.31
C ARG C 54 19.19 -57.83 17.69
N ARG C 55 20.18 -58.56 18.20
CA ARG C 55 20.44 -59.91 17.71
C ARG C 55 19.21 -60.79 17.90
N GLU C 56 18.62 -60.73 19.09
CA GLU C 56 17.47 -61.57 19.40
C GLU C 56 16.30 -61.26 18.48
N GLY C 57 15.99 -59.98 18.31
CA GLY C 57 14.89 -59.60 17.43
C GLY C 57 15.12 -60.00 15.99
N ALA C 58 16.32 -59.72 15.47
CA ALA C 58 16.64 -60.12 14.12
C ALA C 58 16.54 -61.63 13.96
N ARG C 59 17.17 -62.37 14.86
CA ARG C 59 17.16 -63.83 14.76
C ARG C 59 15.76 -64.39 14.92
N PHE C 60 14.94 -63.76 15.77
CA PHE C 60 13.53 -64.11 15.85
C PHE C 60 12.86 -63.92 14.51
N ILE C 61 13.08 -62.76 13.88
CA ILE C 61 12.52 -62.53 12.55
C ILE C 61 13.04 -63.59 11.56
N PHE C 62 14.35 -63.87 11.62
CA PHE C 62 14.94 -64.85 10.72
C PHE C 62 14.34 -66.23 10.95
N ASP C 63 14.22 -66.62 12.22
CA ASP C 63 13.76 -67.97 12.54
C ASP C 63 12.29 -68.15 12.23
N VAL C 64 11.47 -67.14 12.53
CA VAL C 64 10.04 -67.24 12.25
C VAL C 64 9.80 -67.39 10.76
N GLY C 65 10.41 -66.51 9.96
CA GLY C 65 10.18 -66.53 8.53
C GLY C 65 10.74 -67.77 7.86
N THR C 66 11.85 -68.29 8.36
CA THR C 66 12.39 -69.52 7.81
C THR C 66 11.42 -70.68 8.04
N ARG C 67 10.81 -70.74 9.22
CA ARG C 67 9.83 -71.79 9.48
C ARG C 67 8.64 -71.67 8.54
N LEU C 68 8.29 -70.45 8.15
CA LEU C 68 7.18 -70.21 7.23
C LEU C 68 7.56 -70.35 5.76
N GLY C 69 8.82 -70.63 5.47
CA GLY C 69 9.25 -70.81 4.10
C GLY C 69 9.47 -69.55 3.32
N LEU C 70 9.88 -68.47 3.99
CA LEU C 70 10.00 -67.18 3.33
C LEU C 70 11.36 -66.98 2.68
N HIS C 71 11.32 -66.34 1.52
CA HIS C 71 12.50 -65.95 0.76
C HIS C 71 13.47 -65.13 1.61
N TYR C 72 14.75 -65.23 1.27
CA TYR C 72 15.77 -64.55 2.08
C TYR C 72 15.62 -63.05 2.01
N ASP C 73 15.18 -62.51 0.87
CA ASP C 73 14.92 -61.08 0.79
C ASP C 73 13.83 -60.67 1.76
N THR C 74 12.77 -61.49 1.87
CA THR C 74 11.69 -61.17 2.79
C THR C 74 12.19 -61.13 4.22
N LEU C 75 13.03 -62.09 4.60
CA LEU C 75 13.59 -62.08 5.95
C LEU C 75 14.41 -60.82 6.18
N ALA C 76 15.27 -60.47 5.21
CA ALA C 76 16.15 -59.32 5.38
C ALA C 76 15.38 -58.01 5.42
N THR C 77 14.37 -57.86 4.56
CA THR C 77 13.58 -56.63 4.58
C THR C 77 12.98 -56.40 5.95
N GLY C 78 12.39 -57.45 6.54
CA GLY C 78 11.86 -57.32 7.88
C GLY C 78 12.92 -56.91 8.88
N ILE C 79 14.11 -57.51 8.78
CA ILE C 79 15.18 -57.19 9.72
C ILE C 79 15.63 -55.76 9.54
N ILE C 80 15.61 -55.25 8.31
CA ILE C 80 16.03 -53.87 8.07
C ILE C 80 15.00 -52.91 8.64
N TYR C 81 13.71 -53.19 8.41
CA TYR C 81 12.64 -52.45 9.08
C TYR C 81 12.87 -52.44 10.58
N PHE C 82 13.11 -53.63 11.14
CA PHE C 82 13.31 -53.75 12.59
C PHE C 82 14.47 -52.86 13.07
N HIS C 83 15.63 -52.99 12.44
CA HIS C 83 16.78 -52.20 12.87
C HIS C 83 16.48 -50.71 12.78
N ARG C 84 15.90 -50.27 11.66
CA ARG C 84 15.60 -48.86 11.49
C ARG C 84 14.63 -48.38 12.56
N PHE C 85 13.60 -49.18 12.85
CA PHE C 85 12.59 -48.83 13.85
C PHE C 85 13.22 -48.41 15.16
N TYR C 86 14.18 -49.20 15.67
CA TYR C 86 14.77 -48.91 16.98
C TYR C 86 15.86 -47.86 16.91
N MET C 87 15.97 -47.16 15.78
CA MET C 87 16.65 -45.88 15.75
C MET C 87 15.71 -44.74 16.14
N PHE C 88 14.39 -44.99 16.12
CA PHE C 88 13.42 -43.95 16.45
C PHE C 88 12.63 -44.23 17.72
N HIS C 89 12.72 -45.43 18.28
CA HIS C 89 11.94 -45.80 19.46
C HIS C 89 12.84 -46.60 20.40
N SER C 90 12.38 -46.73 21.64
CA SER C 90 13.14 -47.42 22.67
C SER C 90 12.64 -48.86 22.83
N PHE C 91 13.58 -49.78 23.08
CA PHE C 91 13.20 -51.15 23.33
C PHE C 91 12.35 -51.29 24.58
N LYS C 92 12.42 -50.33 25.51
CA LYS C 92 11.65 -50.44 26.74
C LYS C 92 10.17 -50.13 26.56
N GLN C 93 9.80 -49.42 25.49
CA GLN C 93 8.39 -49.10 25.24
C GLN C 93 7.78 -49.90 24.10
N PHE C 94 8.59 -50.59 23.29
CA PHE C 94 8.10 -51.41 22.20
C PHE C 94 8.74 -52.80 22.31
N PRO C 95 7.97 -53.79 22.77
CA PRO C 95 8.51 -55.16 22.84
C PRO C 95 9.11 -55.62 21.51
N ARG C 96 10.31 -56.19 21.57
CA ARG C 96 11.04 -56.52 20.36
C ARG C 96 10.32 -57.59 19.54
N TYR C 97 9.86 -58.66 20.20
CA TYR C 97 9.28 -59.76 19.44
C TYR C 97 7.98 -59.36 18.76
N VAL C 98 7.22 -58.44 19.35
CA VAL C 98 6.06 -57.91 18.65
C VAL C 98 6.49 -57.10 17.45
N THR C 99 7.41 -56.17 17.65
CA THR C 99 7.97 -55.40 16.54
C THR C 99 8.48 -56.31 15.45
N GLY C 100 9.29 -57.31 15.82
CA GLY C 100 9.81 -58.24 14.83
C GLY C 100 8.71 -58.91 14.03
N ALA C 101 7.69 -59.43 14.72
CA ALA C 101 6.59 -60.07 14.01
C ALA C 101 5.89 -59.09 13.08
N CYS C 102 5.69 -57.85 13.53
CA CYS C 102 5.07 -56.84 12.68
C CYS C 102 5.93 -56.54 11.46
N CYS C 103 7.24 -56.39 11.65
CA CYS C 103 8.14 -56.15 10.54
C CYS C 103 8.02 -57.26 9.51
N LEU C 104 8.09 -58.52 9.96
CA LEU C 104 7.98 -59.64 9.02
C LEU C 104 6.64 -59.64 8.32
N PHE C 105 5.57 -59.34 9.05
CA PHE C 105 4.26 -59.28 8.43
C PHE C 105 4.24 -58.27 7.29
N LEU C 106 4.74 -57.05 7.54
CA LEU C 106 4.77 -56.04 6.50
C LEU C 106 5.74 -56.44 5.38
N ALA C 107 6.93 -56.91 5.75
CA ALA C 107 7.90 -57.31 4.74
C ALA C 107 7.29 -58.30 3.75
N GLY C 108 6.52 -59.26 4.26
CA GLY C 108 5.88 -60.22 3.39
C GLY C 108 5.02 -59.56 2.33
N LYS C 109 4.32 -58.50 2.71
CA LYS C 109 3.53 -57.78 1.72
C LYS C 109 4.41 -56.97 0.78
N VAL C 110 5.48 -56.36 1.30
CA VAL C 110 6.32 -55.53 0.45
C VAL C 110 7.00 -56.38 -0.61
N GLU C 111 7.56 -57.52 -0.20
CA GLU C 111 8.35 -58.38 -1.09
C GLU C 111 7.50 -59.41 -1.82
N GLU C 112 6.17 -59.30 -1.74
CA GLU C 112 5.22 -60.19 -2.44
C GLU C 112 5.39 -61.66 -2.03
N THR C 113 5.68 -61.88 -0.75
CA THR C 113 5.67 -63.21 -0.14
C THR C 113 4.73 -63.15 1.07
N PRO C 114 3.47 -62.84 0.84
CA PRO C 114 2.58 -62.48 1.96
C PRO C 114 2.25 -63.67 2.85
N LYS C 115 2.03 -63.37 4.13
CA LYS C 115 1.58 -64.34 5.11
C LYS C 115 0.46 -63.72 5.94
N LYS C 116 -0.46 -64.56 6.40
CA LYS C 116 -1.53 -64.08 7.27
C LYS C 116 -0.97 -63.82 8.65
N CYS C 117 -1.46 -62.75 9.30
CA CYS C 117 -0.92 -62.40 10.61
C CYS C 117 -1.10 -63.54 11.61
N LYS C 118 -2.24 -64.24 11.56
CA LYS C 118 -2.45 -65.34 12.50
C LYS C 118 -1.36 -66.39 12.38
N ASP C 119 -0.87 -66.63 11.15
CA ASP C 119 0.13 -67.66 10.96
C ASP C 119 1.47 -67.24 11.56
N ILE C 120 1.83 -65.96 11.43
CA ILE C 120 3.06 -65.48 12.05
C ILE C 120 2.98 -65.64 13.56
N ILE C 121 1.81 -65.35 14.14
CA ILE C 121 1.63 -65.51 15.57
C ILE C 121 1.81 -66.97 15.96
N LYS C 122 1.15 -67.87 15.21
CA LYS C 122 1.27 -69.30 15.48
C LYS C 122 2.73 -69.71 15.53
N THR C 123 3.51 -69.30 14.52
CA THR C 123 4.93 -69.64 14.50
C THR C 123 5.67 -68.97 15.64
N ALA C 124 5.26 -67.75 16.03
CA ALA C 124 5.90 -67.07 17.14
C ALA C 124 5.77 -67.88 18.42
N ARG C 125 4.57 -68.41 18.69
CA ARG C 125 4.38 -69.22 19.89
C ARG C 125 5.27 -70.44 19.87
N SER C 126 5.44 -71.04 18.69
CA SER C 126 6.22 -72.27 18.58
C SER C 126 7.64 -72.08 19.08
N LEU C 127 8.23 -70.92 18.82
CA LEU C 127 9.64 -70.69 19.09
C LEU C 127 9.91 -69.93 20.38
N LEU C 128 8.92 -69.21 20.91
CA LEU C 128 9.09 -68.38 22.09
C LEU C 128 8.59 -69.11 23.35
N ASN C 129 9.24 -68.83 24.48
CA ASN C 129 8.78 -69.38 25.74
C ASN C 129 7.66 -68.51 26.29
N ASP C 130 7.08 -68.92 27.42
CA ASP C 130 5.91 -68.22 27.95
C ASP C 130 6.27 -66.80 28.38
N VAL C 131 7.42 -66.61 29.03
CA VAL C 131 7.83 -65.27 29.41
C VAL C 131 7.95 -64.38 28.17
N GLN C 132 8.58 -64.91 27.13
CA GLN C 132 8.77 -64.15 25.90
C GLN C 132 7.43 -63.84 25.23
N PHE C 133 6.56 -64.84 25.11
CA PHE C 133 5.29 -64.61 24.44
C PHE C 133 4.37 -63.69 25.21
N GLY C 134 4.66 -63.42 26.49
CA GLY C 134 3.88 -62.45 27.23
C GLY C 134 3.90 -61.06 26.63
N GLN C 135 4.91 -60.75 25.80
CA GLN C 135 4.98 -59.44 25.16
C GLN C 135 3.76 -59.19 24.28
N PHE C 136 3.28 -60.23 23.59
CA PHE C 136 2.13 -60.10 22.69
C PHE C 136 0.84 -59.84 23.45
N GLY C 137 0.87 -59.86 24.78
CA GLY C 137 -0.28 -59.53 25.59
C GLY C 137 -1.41 -60.54 25.41
N ASP C 138 -2.61 -60.07 25.74
CA ASP C 138 -3.76 -60.97 25.75
C ASP C 138 -4.24 -61.29 24.35
N ASP C 139 -3.97 -60.40 23.39
CA ASP C 139 -4.40 -60.56 22.00
C ASP C 139 -3.17 -60.37 21.12
N PRO C 140 -2.45 -61.45 20.80
CA PRO C 140 -1.24 -61.30 19.98
C PRO C 140 -1.51 -60.64 18.62
N LYS C 141 -2.47 -61.15 17.86
CA LYS C 141 -2.72 -60.59 16.53
C LYS C 141 -2.98 -59.09 16.60
N GLU C 142 -3.80 -58.66 17.56
CA GLU C 142 -4.13 -57.24 17.66
C GLU C 142 -2.88 -56.40 17.93
N GLU C 143 -2.07 -56.81 18.92
CA GLU C 143 -0.88 -56.01 19.23
C GLU C 143 -0.01 -55.83 18.00
N VAL C 144 0.07 -56.85 17.15
CA VAL C 144 0.86 -56.76 15.92
C VAL C 144 0.16 -55.88 14.89
N MET C 145 -1.09 -56.19 14.56
CA MET C 145 -1.77 -55.44 13.49
C MET C 145 -1.85 -53.96 13.83
N VAL C 146 -1.87 -53.63 15.12
CA VAL C 146 -1.98 -52.24 15.53
C VAL C 146 -0.67 -51.51 15.29
N LEU C 147 0.45 -52.22 15.46
CA LEU C 147 1.76 -51.62 15.29
C LEU C 147 2.06 -51.25 13.84
N GLU C 148 1.39 -51.89 12.87
CA GLU C 148 1.69 -51.62 11.47
C GLU C 148 1.64 -50.13 11.17
N ARG C 149 0.69 -49.42 11.79
CA ARG C 149 0.60 -47.97 11.57
C ARG C 149 1.89 -47.26 11.99
N ILE C 150 2.38 -47.55 13.20
CA ILE C 150 3.60 -46.91 13.67
C ILE C 150 4.79 -47.32 12.82
N LEU C 151 4.83 -48.58 12.41
CA LEU C 151 5.94 -49.03 11.58
C LEU C 151 6.02 -48.20 10.29
N LEU C 152 4.90 -48.13 9.57
CA LEU C 152 4.89 -47.42 8.29
C LEU C 152 5.31 -45.97 8.45
N GLN C 153 4.73 -45.26 9.43
CA GLN C 153 5.13 -43.88 9.66
C GLN C 153 6.61 -43.80 10.06
N THR C 154 7.08 -44.77 10.84
CA THR C 154 8.47 -44.73 11.29
C THR C 154 9.44 -44.89 10.12
N ILE C 155 9.16 -45.86 9.23
CA ILE C 155 10.06 -46.08 8.09
C ILE C 155 9.68 -45.13 6.97
N LYS C 156 8.88 -44.11 7.29
CA LYS C 156 8.63 -43.00 6.36
C LYS C 156 8.12 -43.51 5.02
N PHE C 157 7.39 -44.63 5.06
CA PHE C 157 6.83 -45.27 3.87
C PHE C 157 7.87 -45.53 2.79
N ASP C 158 9.14 -45.57 3.16
CA ASP C 158 10.22 -45.97 2.24
C ASP C 158 10.35 -47.48 2.35
N LEU C 159 9.59 -48.18 1.51
CA LEU C 159 9.46 -49.64 1.62
C LEU C 159 10.47 -50.42 0.80
N GLN C 160 10.93 -49.87 -0.32
CA GLN C 160 11.87 -50.59 -1.17
C GLN C 160 13.21 -50.66 -0.46
N VAL C 161 13.77 -51.86 -0.39
CA VAL C 161 15.06 -52.07 0.26
C VAL C 161 15.90 -53.00 -0.62
N GLU C 162 17.18 -52.67 -0.74
CA GLU C 162 18.15 -53.48 -1.44
C GLU C 162 19.01 -54.18 -0.39
N HIS C 163 19.48 -55.38 -0.70
CA HIS C 163 20.21 -56.17 0.27
C HIS C 163 21.54 -56.63 -0.30
N PRO C 164 22.51 -56.91 0.57
CA PRO C 164 23.83 -57.35 0.06
C PRO C 164 23.74 -58.53 -0.89
N TYR C 165 22.72 -59.37 -0.75
CA TYR C 165 22.67 -60.60 -1.53
C TYR C 165 22.76 -60.32 -3.02
N GLN C 166 21.95 -59.38 -3.52
CA GLN C 166 21.91 -59.17 -4.96
C GLN C 166 23.27 -58.73 -5.48
N PHE C 167 23.99 -57.95 -4.67
CA PHE C 167 25.30 -57.46 -5.10
C PHE C 167 26.36 -58.55 -5.00
N LEU C 168 26.28 -59.40 -3.96
CA LEU C 168 27.16 -60.54 -3.90
C LEU C 168 27.08 -61.36 -5.19
N LEU C 169 25.88 -61.52 -5.73
CA LEU C 169 25.72 -62.29 -6.96
C LEU C 169 26.05 -61.47 -8.21
N LYS C 170 25.63 -60.22 -8.26
CA LYS C 170 25.97 -59.41 -9.43
C LYS C 170 27.48 -59.33 -9.62
N TYR C 171 28.23 -59.16 -8.53
CA TYR C 171 29.68 -59.03 -8.61
C TYR C 171 30.34 -60.38 -8.86
N ALA C 172 29.88 -61.43 -8.18
CA ALA C 172 30.47 -62.74 -8.37
C ALA C 172 30.32 -63.21 -9.80
N LYS C 173 29.23 -62.83 -10.47
CA LYS C 173 29.04 -63.25 -11.86
C LYS C 173 30.14 -62.72 -12.77
N GLN C 174 30.78 -61.61 -12.40
CA GLN C 174 31.83 -61.01 -13.20
C GLN C 174 33.20 -61.59 -12.89
N LEU C 175 33.30 -62.50 -11.91
CA LEU C 175 34.54 -63.19 -11.65
C LEU C 175 34.62 -64.43 -12.54
N LYS C 176 35.81 -64.67 -13.11
CA LYS C 176 36.04 -65.83 -13.96
C LYS C 176 37.32 -66.52 -13.50
N GLY C 177 37.22 -67.83 -13.29
CA GLY C 177 38.34 -68.59 -12.74
C GLY C 177 37.84 -69.93 -12.26
N ASP C 178 38.59 -70.50 -11.32
CA ASP C 178 38.23 -71.78 -10.74
C ASP C 178 36.79 -71.76 -10.21
N LYS C 179 35.93 -72.58 -10.82
CA LYS C 179 34.53 -72.59 -10.45
C LYS C 179 34.35 -72.86 -8.96
N ASN C 180 35.13 -73.80 -8.43
CA ASN C 180 34.99 -74.24 -7.04
C ASN C 180 35.54 -73.22 -6.04
N LYS C 181 36.63 -72.54 -6.39
CA LYS C 181 37.15 -71.53 -5.49
C LYS C 181 36.22 -70.33 -5.39
N ILE C 182 35.54 -69.97 -6.50
CA ILE C 182 34.61 -68.86 -6.47
C ILE C 182 33.32 -69.23 -5.74
N GLN C 183 32.84 -70.48 -5.91
CA GLN C 183 31.65 -70.88 -5.18
C GLN C 183 31.93 -70.93 -3.68
N LYS C 184 33.12 -71.37 -3.28
CA LYS C 184 33.46 -71.32 -1.85
C LYS C 184 33.46 -69.89 -1.34
N LEU C 185 33.97 -68.95 -2.15
CA LEU C 185 33.96 -67.55 -1.76
C LEU C 185 32.52 -67.05 -1.58
N VAL C 186 31.65 -67.37 -2.53
CA VAL C 186 30.27 -66.88 -2.48
C VAL C 186 29.56 -67.42 -1.24
N GLN C 187 29.59 -68.75 -1.04
CA GLN C 187 28.87 -69.30 0.09
C GLN C 187 29.39 -68.73 1.41
N MET C 188 30.72 -68.65 1.56
CA MET C 188 31.26 -68.08 2.78
C MET C 188 30.81 -66.63 2.94
N ALA C 189 30.84 -65.86 1.86
CA ALA C 189 30.37 -64.47 1.92
C ALA C 189 28.88 -64.41 2.21
N TRP C 190 28.10 -65.28 1.56
CA TRP C 190 26.66 -65.32 1.83
C TRP C 190 26.38 -65.54 3.31
N THR C 191 27.09 -66.50 3.92
CA THR C 191 26.93 -66.72 5.35
C THR C 191 27.24 -65.44 6.14
N PHE C 192 28.32 -64.73 5.75
CA PHE C 192 28.64 -63.49 6.42
C PHE C 192 27.52 -62.45 6.27
N VAL C 193 26.81 -62.46 5.13
CA VAL C 193 25.67 -61.56 4.98
C VAL C 193 24.59 -61.90 5.99
N ASN C 194 24.18 -63.19 6.05
CA ASN C 194 23.16 -63.59 6.99
C ASN C 194 23.53 -63.20 8.41
N ASP C 195 24.82 -63.29 8.75
CA ASP C 195 25.26 -62.98 10.10
C ASP C 195 25.24 -61.48 10.35
N SER C 196 25.50 -60.68 9.33
CA SER C 196 25.51 -59.23 9.47
C SER C 196 24.12 -58.66 9.72
N LEU C 197 23.07 -59.45 9.50
CA LEU C 197 21.71 -58.97 9.72
C LEU C 197 21.43 -58.82 11.22
N CYS C 198 22.24 -59.45 12.06
CA CYS C 198 22.08 -59.33 13.51
C CYS C 198 22.75 -58.07 14.06
N THR C 199 23.37 -57.28 13.18
CA THR C 199 24.16 -56.13 13.58
C THR C 199 23.58 -54.84 13.02
N THR C 200 24.16 -53.74 13.48
CA THR C 200 23.81 -52.40 13.00
C THR C 200 24.56 -52.02 11.74
N LEU C 201 25.29 -52.94 11.11
CA LEU C 201 25.91 -52.65 9.83
C LEU C 201 24.87 -52.24 8.79
N SER C 202 23.70 -52.89 8.82
CA SER C 202 22.61 -52.51 7.92
C SER C 202 22.29 -51.04 8.03
N LEU C 203 22.61 -50.42 9.16
CA LEU C 203 22.35 -49.02 9.41
C LEU C 203 23.57 -48.14 9.16
N GLN C 204 24.74 -48.72 8.92
CA GLN C 204 25.95 -47.94 8.75
C GLN C 204 26.42 -47.84 7.30
N TRP C 205 26.25 -48.89 6.50
CA TRP C 205 26.84 -48.95 5.18
C TRP C 205 25.82 -49.46 4.18
N GLU C 206 25.82 -48.89 2.99
CA GLU C 206 24.93 -49.34 1.92
C GLU C 206 25.14 -50.82 1.65
N PRO C 207 24.12 -51.50 1.12
CA PRO C 207 24.29 -52.94 0.85
C PRO C 207 25.43 -53.26 -0.11
N GLU C 208 25.65 -52.39 -1.11
CA GLU C 208 26.75 -52.65 -2.05
C GLU C 208 28.07 -52.78 -1.32
N ILE C 209 28.32 -51.93 -0.32
CA ILE C 209 29.56 -52.01 0.43
C ILE C 209 29.61 -53.30 1.23
N ILE C 210 28.48 -53.68 1.84
CA ILE C 210 28.43 -54.92 2.61
C ILE C 210 28.84 -56.11 1.74
N ALA C 211 28.31 -56.17 0.52
CA ALA C 211 28.63 -57.29 -0.37
C ALA C 211 30.12 -57.37 -0.64
N VAL C 212 30.76 -56.22 -0.90
CA VAL C 212 32.20 -56.21 -1.14
C VAL C 212 32.95 -56.63 0.10
N ALA C 213 32.55 -56.11 1.27
CA ALA C 213 33.26 -56.43 2.50
C ALA C 213 33.26 -57.94 2.76
N VAL C 214 32.13 -58.61 2.51
CA VAL C 214 32.07 -60.04 2.77
C VAL C 214 32.89 -60.81 1.73
N MET C 215 32.93 -60.33 0.48
CA MET C 215 33.86 -60.92 -0.49
C MET C 215 35.30 -60.73 -0.04
N TYR C 216 35.63 -59.51 0.41
CA TYR C 216 36.94 -59.21 0.96
C TYR C 216 37.28 -60.12 2.13
N LEU C 217 36.33 -60.27 3.07
CA LEU C 217 36.60 -61.13 4.23
C LEU C 217 36.82 -62.57 3.81
N ALA C 218 35.92 -63.13 3.00
CA ALA C 218 36.08 -64.51 2.56
C ALA C 218 37.38 -64.70 1.78
N GLY C 219 37.77 -63.71 0.97
CA GLY C 219 39.02 -63.82 0.25
C GLY C 219 40.22 -63.91 1.17
N ARG C 220 40.25 -63.09 2.22
CA ARG C 220 41.30 -63.20 3.22
C ARG C 220 41.29 -64.57 3.89
N LEU C 221 40.11 -65.04 4.29
CA LEU C 221 40.05 -66.29 5.03
C LEU C 221 40.42 -67.49 4.14
N CYS C 222 39.97 -67.50 2.88
CA CYS C 222 40.29 -68.61 1.98
C CYS C 222 41.65 -68.43 1.29
N LYS C 223 42.39 -67.37 1.61
CA LYS C 223 43.68 -67.09 0.99
C LYS C 223 43.58 -67.07 -0.53
N PHE C 224 42.52 -66.43 -1.02
CA PHE C 224 42.31 -66.21 -2.45
C PHE C 224 42.66 -64.76 -2.79
N GLU C 225 43.18 -64.56 -3.99
CA GLU C 225 43.50 -63.21 -4.49
C GLU C 225 42.53 -62.86 -5.61
N ILE C 226 41.44 -62.18 -5.22
CA ILE C 226 40.29 -61.96 -6.08
C ILE C 226 40.62 -61.14 -7.33
N GLN C 227 41.62 -60.26 -7.26
CA GLN C 227 41.92 -59.43 -8.43
C GLN C 227 42.19 -60.30 -9.65
N GLU C 228 42.78 -61.49 -9.45
CA GLU C 228 43.10 -62.36 -10.57
C GLU C 228 41.85 -62.77 -11.35
N TRP C 229 40.71 -62.89 -10.67
CA TRP C 229 39.47 -63.29 -11.31
C TRP C 229 38.74 -62.14 -11.98
N THR C 230 39.19 -60.90 -11.80
CA THR C 230 38.53 -59.74 -12.36
C THR C 230 39.04 -59.45 -13.77
N SER C 231 38.35 -58.56 -14.48
CA SER C 231 38.81 -58.13 -15.79
C SER C 231 40.06 -57.26 -15.73
N LYS C 232 40.52 -56.87 -14.54
CA LYS C 232 41.68 -56.00 -14.38
C LYS C 232 42.67 -56.67 -13.43
N PRO C 233 43.26 -57.79 -13.85
CA PRO C 233 43.98 -58.64 -12.89
C PRO C 233 45.19 -58.00 -12.24
N MET C 234 45.59 -56.80 -12.65
CA MET C 234 46.72 -56.08 -12.07
C MET C 234 46.23 -54.90 -11.26
N TYR C 235 44.94 -54.86 -10.97
CA TYR C 235 44.29 -53.85 -10.15
C TYR C 235 44.10 -54.48 -8.77
N ARG C 236 45.06 -54.22 -7.88
CA ARG C 236 45.10 -54.91 -6.59
C ARG C 236 43.90 -54.56 -5.72
N ARG C 237 43.35 -53.36 -5.87
CA ARG C 237 42.12 -52.98 -5.17
C ARG C 237 40.95 -53.40 -6.05
N TRP C 238 40.68 -54.72 -6.03
CA TRP C 238 39.75 -55.30 -6.99
C TRP C 238 38.34 -54.72 -6.86
N TRP C 239 37.95 -54.33 -5.64
CA TRP C 239 36.57 -53.92 -5.41
C TRP C 239 36.23 -52.58 -6.05
N GLU C 240 37.23 -51.74 -6.34
CA GLU C 240 36.93 -50.39 -6.83
C GLU C 240 36.15 -50.39 -8.14
N GLN C 241 36.21 -51.47 -8.92
CA GLN C 241 35.42 -51.56 -10.15
C GLN C 241 33.97 -51.93 -9.89
N PHE C 242 33.65 -52.42 -8.69
CA PHE C 242 32.28 -52.69 -8.29
C PHE C 242 31.63 -51.55 -7.52
N VAL C 243 32.37 -50.98 -6.57
CA VAL C 243 31.87 -49.95 -5.66
C VAL C 243 32.91 -48.84 -5.62
N GLN C 244 32.56 -47.68 -6.15
CA GLN C 244 33.51 -46.58 -6.18
C GLN C 244 33.56 -45.88 -4.82
N ASP C 245 34.76 -45.40 -4.48
CA ASP C 245 34.99 -44.55 -3.30
C ASP C 245 34.88 -45.33 -1.99
N VAL C 246 35.40 -46.55 -1.96
CA VAL C 246 35.42 -47.28 -0.69
C VAL C 246 36.85 -47.52 -0.23
N PRO C 247 37.28 -46.90 0.87
CA PRO C 247 38.61 -47.17 1.38
C PRO C 247 38.65 -48.54 2.06
N VAL C 248 39.86 -49.10 2.14
CA VAL C 248 40.00 -50.34 2.89
C VAL C 248 39.57 -50.12 4.34
N ASP C 249 39.78 -48.90 4.85
CA ASP C 249 39.35 -48.59 6.21
C ASP C 249 37.94 -49.10 6.47
N VAL C 250 37.04 -48.86 5.52
CA VAL C 250 35.65 -49.25 5.68
C VAL C 250 35.53 -50.77 5.67
N LEU C 251 36.11 -51.42 4.67
CA LEU C 251 35.99 -52.88 4.58
C LEU C 251 36.57 -53.55 5.81
N GLU C 252 37.64 -53.01 6.38
CA GLU C 252 38.19 -53.61 7.59
C GLU C 252 37.28 -53.40 8.79
N ASP C 253 36.74 -52.18 8.94
CA ASP C 253 35.80 -51.93 10.03
C ASP C 253 34.63 -52.91 9.95
N ILE C 254 34.13 -53.19 8.75
CA ILE C 254 33.04 -54.13 8.58
C ILE C 254 33.49 -55.54 8.93
N CYS C 255 34.66 -55.96 8.41
CA CYS C 255 35.16 -57.28 8.75
C CYS C 255 35.36 -57.44 10.25
N HIS C 256 35.94 -56.44 10.90
CA HIS C 256 36.14 -56.51 12.34
C HIS C 256 34.81 -56.74 13.05
N GLN C 257 33.77 -56.01 12.64
CA GLN C 257 32.46 -56.15 13.28
C GLN C 257 31.85 -57.53 13.03
N ILE C 258 32.03 -58.09 11.84
CA ILE C 258 31.46 -59.41 11.56
C ILE C 258 32.16 -60.49 12.39
N LEU C 259 33.49 -60.51 12.37
CA LEU C 259 34.20 -61.55 13.12
C LEU C 259 34.02 -61.42 14.62
N ASP C 260 33.71 -60.22 15.12
CA ASP C 260 33.45 -60.07 16.55
C ASP C 260 32.28 -60.94 16.99
N LEU C 261 31.24 -61.01 16.15
CA LEU C 261 30.11 -61.87 16.49
C LEU C 261 30.57 -63.31 16.68
N TYR C 262 31.47 -63.79 15.80
CA TYR C 262 31.96 -65.17 15.92
C TYR C 262 32.83 -65.34 17.18
N SER C 263 33.64 -64.32 17.53
CA SER C 263 34.48 -64.45 18.71
C SER C 263 33.65 -64.38 19.99
N GLN C 264 32.67 -63.48 20.04
CA GLN C 264 31.83 -63.38 21.22
C GLN C 264 31.08 -64.69 21.45
N GLY C 265 30.52 -65.27 20.40
CA GLY C 265 29.80 -66.51 20.54
C GLY C 265 30.77 -67.67 20.70
N LYS C 266 30.22 -68.88 20.57
CA LYS C 266 31.03 -70.09 20.56
C LYS C 266 31.32 -70.54 19.14
N GLN C 267 30.54 -70.05 18.18
CA GLN C 267 30.68 -70.37 16.77
C GLN C 267 31.97 -69.82 16.18
N GLN C 268 32.48 -70.49 15.15
CA GLN C 268 33.71 -70.12 14.48
C GLN C 268 33.44 -69.83 12.99
N MET C 269 34.46 -69.28 12.31
CA MET C 269 34.29 -68.92 10.91
C MET C 269 33.93 -70.16 10.09
N PRO C 270 33.05 -70.03 9.09
CA PRO C 270 32.56 -71.25 8.42
C PRO C 270 33.63 -72.06 7.71
N HIS C 271 34.52 -71.41 6.96
CA HIS C 271 35.55 -72.07 6.15
C HIS C 271 35.09 -73.44 5.65
N MET D 5 16.00 4.30 62.03
CA MET D 5 16.64 2.96 61.92
C MET D 5 15.59 1.87 62.12
N SER D 6 15.91 0.65 61.67
CA SER D 6 15.01 -0.49 61.76
C SER D 6 15.67 -1.55 62.62
N TYR D 7 14.85 -2.32 63.33
CA TYR D 7 15.32 -3.28 64.30
C TYR D 7 14.67 -4.63 64.02
N ASN D 8 15.49 -5.66 63.85
CA ASN D 8 15.02 -6.98 63.46
C ASN D 8 15.81 -8.07 64.15
N TYR D 9 15.24 -9.26 64.13
CA TYR D 9 15.67 -10.46 64.83
C TYR D 9 15.68 -11.60 63.81
N VAL D 10 16.74 -12.39 63.79
CA VAL D 10 16.89 -13.44 62.81
C VAL D 10 17.25 -14.75 63.52
N VAL D 11 16.43 -15.78 63.30
CA VAL D 11 16.64 -17.08 63.92
C VAL D 11 16.62 -18.19 62.88
N THR D 12 17.26 -19.30 63.24
CA THR D 12 17.19 -20.53 62.46
C THR D 12 16.01 -21.37 62.94
N ALA D 13 15.12 -21.73 62.01
CA ALA D 13 14.05 -22.67 62.32
C ALA D 13 14.46 -24.11 62.00
N GLN D 14 15.23 -24.31 60.94
CA GLN D 14 15.80 -25.61 60.59
C GLN D 14 17.25 -25.38 60.22
N LYS D 15 18.14 -26.16 60.81
CA LYS D 15 19.56 -26.00 60.53
C LYS D 15 19.89 -26.46 59.12
N PRO D 16 21.05 -26.03 58.60
CA PRO D 16 21.47 -26.51 57.27
C PRO D 16 21.49 -28.02 57.22
N THR D 17 20.88 -28.57 56.17
CA THR D 17 20.78 -30.01 55.99
C THR D 17 21.71 -30.55 54.91
N ALA D 18 22.18 -29.69 54.01
CA ALA D 18 22.99 -30.12 52.88
C ALA D 18 24.43 -30.44 53.31
N VAL D 19 24.96 -31.51 52.77
CA VAL D 19 26.32 -31.96 53.07
C VAL D 19 27.29 -31.24 52.16
N ASN D 20 28.20 -30.48 52.76
CA ASN D 20 29.22 -29.73 52.02
C ASN D 20 30.55 -30.44 51.94
N GLY D 21 30.83 -31.32 52.89
CA GLY D 21 32.04 -32.14 52.85
C GLY D 21 32.04 -33.10 54.03
N CYS D 22 32.82 -34.18 53.87
CA CYS D 22 32.87 -35.19 54.94
C CYS D 22 34.20 -35.92 54.91
N VAL D 23 34.74 -36.20 56.09
CA VAL D 23 36.02 -36.90 56.27
C VAL D 23 35.87 -38.03 57.27
N THR D 24 36.82 -38.96 57.21
CA THR D 24 36.91 -40.08 58.14
C THR D 24 38.27 -40.07 58.83
N GLY D 25 38.30 -40.59 60.05
CA GLY D 25 39.56 -40.62 60.79
C GLY D 25 39.36 -41.01 62.24
N HIS D 26 40.34 -40.60 63.07
CA HIS D 26 40.43 -40.99 64.47
C HIS D 26 40.58 -39.72 65.32
N PHE D 27 39.48 -38.98 65.43
CA PHE D 27 39.43 -37.65 66.02
C PHE D 27 39.08 -37.68 67.50
N THR D 28 38.09 -38.49 67.89
CA THR D 28 37.67 -38.54 69.29
C THR D 28 38.58 -39.45 70.12
N SER D 29 39.06 -40.53 69.53
CA SER D 29 39.99 -41.44 70.19
C SER D 29 40.81 -42.14 69.13
N ALA D 30 42.03 -42.53 69.49
CA ALA D 30 42.85 -43.27 68.54
C ALA D 30 42.22 -44.62 68.19
N GLU D 31 41.20 -45.03 68.94
CA GLU D 31 40.52 -46.30 68.70
C GLU D 31 39.27 -46.11 67.85
N ASP D 32 38.51 -45.05 68.13
CA ASP D 32 37.27 -44.82 67.41
C ASP D 32 37.53 -44.52 65.94
N LEU D 33 36.60 -44.96 65.08
CA LEU D 33 36.57 -44.57 63.69
C LEU D 33 35.48 -43.51 63.53
N ASN D 34 35.88 -42.30 63.17
CA ASN D 34 34.96 -41.17 63.14
C ASN D 34 34.55 -40.82 61.72
N LEU D 35 33.36 -40.24 61.62
CA LEU D 35 32.89 -39.59 60.40
C LEU D 35 32.48 -38.18 60.79
N LEU D 36 33.17 -37.18 60.25
CA LEU D 36 32.84 -35.79 60.52
C LEU D 36 32.15 -35.24 59.28
N ILE D 37 30.89 -34.83 59.44
CA ILE D 37 30.08 -34.30 58.35
C ILE D 37 29.97 -32.81 58.56
N ALA D 38 30.21 -32.04 57.50
CA ALA D 38 30.19 -30.58 57.57
C ALA D 38 28.97 -30.04 56.81
N LYS D 39 28.11 -29.34 57.53
CA LYS D 39 27.08 -28.47 56.99
C LYS D 39 27.58 -27.04 57.07
N ASN D 40 26.92 -26.15 56.33
CA ASN D 40 27.47 -24.82 56.08
C ASN D 40 28.15 -24.23 57.32
N THR D 41 27.41 -24.14 58.42
CA THR D 41 27.94 -23.65 59.68
C THR D 41 28.03 -24.71 60.77
N ARG D 42 27.58 -25.93 60.50
CA ARG D 42 27.47 -26.98 61.50
C ARG D 42 28.48 -28.09 61.23
N LEU D 43 29.15 -28.55 62.29
CA LEU D 43 30.04 -29.69 62.25
C LEU D 43 29.45 -30.81 63.10
N GLU D 44 29.24 -31.96 62.48
CA GLU D 44 28.65 -33.13 63.12
C GLU D 44 29.70 -34.23 63.22
N ILE D 45 29.87 -34.77 64.42
CA ILE D 45 30.85 -35.81 64.69
C ILE D 45 30.10 -37.09 65.03
N TYR D 46 30.43 -38.17 64.30
CA TYR D 46 29.82 -39.48 64.48
C TYR D 46 30.90 -40.51 64.79
N VAL D 47 30.49 -41.67 65.28
CA VAL D 47 31.37 -42.82 65.43
C VAL D 47 30.79 -43.98 64.65
N VAL D 48 31.63 -44.63 63.84
CA VAL D 48 31.17 -45.71 62.99
C VAL D 48 31.07 -46.98 63.84
N THR D 49 29.88 -47.55 63.91
CA THR D 49 29.68 -48.86 64.50
C THR D 49 29.18 -49.74 63.36
N ALA D 50 29.25 -51.06 63.53
CA ALA D 50 28.73 -51.91 62.46
C ALA D 50 27.21 -51.90 62.41
N GLU D 51 26.56 -51.53 63.51
CA GLU D 51 25.11 -51.46 63.53
C GLU D 51 24.66 -50.18 62.84
N GLY D 52 25.31 -49.05 63.13
CA GLY D 52 24.95 -47.80 62.46
C GLY D 52 25.88 -46.70 62.90
N LEU D 53 25.52 -45.46 62.57
CA LEU D 53 26.36 -44.32 62.93
C LEU D 53 25.87 -43.82 64.29
N ARG D 54 26.83 -43.54 65.17
CA ARG D 54 26.50 -43.06 66.49
C ARG D 54 26.93 -41.62 66.70
N PRO D 55 25.99 -40.70 66.87
CA PRO D 55 26.37 -39.30 67.11
C PRO D 55 27.08 -39.16 68.44
N VAL D 56 28.00 -38.20 68.52
CA VAL D 56 28.72 -37.97 69.77
C VAL D 56 28.66 -36.50 70.15
N LYS D 57 28.80 -35.61 69.17
CA LYS D 57 28.86 -34.18 69.46
C LYS D 57 28.59 -33.41 68.18
N GLU D 58 27.87 -32.29 68.32
CA GLU D 58 27.64 -31.35 67.23
C GLU D 58 27.94 -29.95 67.74
N VAL D 59 28.69 -29.18 66.95
CA VAL D 59 29.00 -27.80 67.28
C VAL D 59 28.68 -26.92 66.09
N GLY D 60 28.34 -25.66 66.38
CA GLY D 60 28.26 -24.62 65.38
C GLY D 60 29.52 -23.79 65.40
N MET D 61 29.84 -23.19 64.25
CA MET D 61 30.96 -22.27 64.14
C MET D 61 30.46 -20.93 63.60
N TYR D 62 31.17 -19.87 64.00
CA TYR D 62 30.85 -18.53 63.51
C TYR D 62 31.53 -18.32 62.14
N GLY D 63 31.19 -19.20 61.21
CA GLY D 63 31.83 -19.17 59.91
C GLY D 63 31.31 -20.28 59.02
N LYS D 64 31.51 -20.08 57.72
CA LYS D 64 31.22 -21.08 56.70
C LYS D 64 32.42 -22.00 56.51
N ILE D 65 32.22 -23.30 56.67
CA ILE D 65 33.32 -24.27 56.65
C ILE D 65 33.77 -24.49 55.21
N ALA D 66 34.94 -23.94 54.86
CA ALA D 66 35.51 -24.08 53.52
C ALA D 66 36.43 -25.29 53.40
N VAL D 67 37.31 -25.51 54.35
CA VAL D 67 38.25 -26.62 54.34
C VAL D 67 38.07 -27.40 55.64
N MET D 68 38.00 -28.72 55.54
CA MET D 68 37.92 -29.59 56.71
C MET D 68 38.76 -30.83 56.47
N GLU D 69 39.79 -31.03 57.29
CA GLU D 69 40.70 -32.15 57.11
C GLU D 69 41.22 -32.65 58.46
N LEU D 70 41.38 -33.96 58.56
CA LEU D 70 41.95 -34.59 59.74
C LEU D 70 43.40 -34.95 59.46
N PHE D 71 44.27 -34.67 60.44
CA PHE D 71 45.70 -34.96 60.31
C PHE D 71 46.21 -35.30 61.70
N ARG D 72 47.35 -35.99 61.75
CA ARG D 72 47.92 -36.45 63.02
C ARG D 72 49.41 -36.19 63.03
N PRO D 73 49.84 -35.07 63.62
CA PRO D 73 51.26 -34.72 63.57
C PRO D 73 52.10 -35.63 64.46
N LYS D 74 53.37 -35.75 64.09
CA LYS D 74 54.30 -36.56 64.87
C LYS D 74 54.22 -36.18 66.33
N GLY D 75 53.99 -37.19 67.18
CA GLY D 75 53.88 -36.98 68.61
C GLY D 75 52.48 -36.98 69.18
N GLU D 76 51.44 -36.93 68.36
CA GLU D 76 50.08 -36.88 68.87
C GLU D 76 49.46 -38.27 69.07
N SER D 77 48.56 -38.33 70.05
CA SER D 77 47.87 -39.58 70.37
C SER D 77 46.81 -39.94 69.34
N LYS D 78 46.15 -38.94 68.78
CA LYS D 78 45.00 -39.13 67.91
C LYS D 78 44.95 -37.97 66.94
N ASP D 79 44.03 -38.07 65.97
CA ASP D 79 43.99 -37.09 64.90
C ASP D 79 43.51 -35.74 65.40
N LEU D 80 44.05 -34.67 64.82
CA LEU D 80 43.57 -33.31 65.01
C LEU D 80 42.83 -32.86 63.75
N LEU D 81 41.97 -31.85 63.92
CA LEU D 81 41.09 -31.36 62.86
C LEU D 81 41.53 -29.96 62.44
N PHE D 82 41.67 -29.75 61.14
CA PHE D 82 41.91 -28.42 60.59
C PHE D 82 40.68 -27.92 59.85
N ILE D 83 40.29 -26.68 60.11
CA ILE D 83 39.13 -26.06 59.46
C ILE D 83 39.48 -24.63 59.05
N LEU D 84 39.08 -24.27 57.82
CA LEU D 84 39.18 -22.91 57.30
C LEU D 84 37.83 -22.45 56.80
N THR D 85 37.44 -21.23 57.16
CA THR D 85 36.15 -20.67 56.77
C THR D 85 36.28 -19.77 55.55
N ALA D 86 35.10 -19.46 54.98
CA ALA D 86 35.03 -18.63 53.78
C ALA D 86 35.48 -17.19 54.03
N LYS D 87 35.42 -16.72 55.27
CA LYS D 87 36.00 -15.43 55.62
C LYS D 87 37.48 -15.54 56.00
N TYR D 88 38.07 -16.73 55.84
CA TYR D 88 39.49 -17.01 56.00
C TYR D 88 39.89 -17.19 57.46
N ASN D 89 38.98 -17.69 58.29
CA ASN D 89 39.31 -18.02 59.67
C ASN D 89 39.86 -19.45 59.72
N ALA D 90 41.10 -19.59 60.16
CA ALA D 90 41.77 -20.87 60.25
C ALA D 90 41.91 -21.30 61.71
N CYS D 91 41.80 -22.60 61.96
CA CYS D 91 41.93 -23.12 63.32
C CYS D 91 42.25 -24.61 63.27
N ILE D 92 42.94 -25.07 64.32
CA ILE D 92 43.18 -26.50 64.56
C ILE D 92 42.45 -26.89 65.83
N LEU D 93 41.65 -27.96 65.77
CA LEU D 93 40.74 -28.33 66.85
C LEU D 93 41.10 -29.70 67.40
N GLU D 94 40.81 -29.87 68.70
CA GLU D 94 41.03 -31.12 69.42
C GLU D 94 39.76 -31.53 70.16
N TYR D 95 39.43 -32.82 70.07
CA TYR D 95 38.34 -33.39 70.87
C TYR D 95 38.89 -33.79 72.24
N LYS D 96 38.24 -33.30 73.28
CA LYS D 96 38.65 -33.64 74.65
C LYS D 96 37.42 -33.93 75.47
N GLN D 97 37.40 -35.11 76.11
CA GLN D 97 36.24 -35.55 76.86
C GLN D 97 36.67 -36.10 78.21
N SER D 98 36.06 -35.61 79.28
CA SER D 98 36.33 -36.05 80.64
C SER D 98 34.99 -36.51 81.23
N GLY D 99 34.73 -37.81 81.17
CA GLY D 99 33.44 -38.32 81.58
C GLY D 99 32.37 -37.86 80.62
N GLU D 100 31.35 -37.17 81.12
CA GLU D 100 30.27 -36.67 80.28
C GLU D 100 30.54 -35.28 79.72
N SER D 101 31.62 -34.60 80.16
CA SER D 101 31.87 -33.23 79.72
C SER D 101 32.65 -33.27 78.41
N ILE D 102 32.02 -32.81 77.34
CA ILE D 102 32.62 -32.77 76.01
C ILE D 102 32.89 -31.32 75.65
N ASP D 103 34.12 -31.04 75.23
CA ASP D 103 34.53 -29.72 74.79
C ASP D 103 35.38 -29.89 73.54
N ILE D 104 35.39 -28.88 72.69
CA ILE D 104 36.22 -28.85 71.50
C ILE D 104 37.24 -27.74 71.70
N ILE D 105 38.52 -28.10 71.74
CA ILE D 105 39.60 -27.20 72.13
C ILE D 105 40.26 -26.57 70.91
N THR D 106 40.49 -25.26 71.00
CA THR D 106 41.17 -24.49 69.96
C THR D 106 42.67 -24.49 70.22
N ARG D 107 43.39 -25.37 69.52
CA ARG D 107 44.84 -25.47 69.69
C ARG D 107 45.58 -24.35 68.97
N ALA D 108 45.12 -23.95 67.79
CA ALA D 108 45.74 -22.88 67.03
C ALA D 108 44.68 -22.13 66.25
N HIS D 109 44.85 -20.81 66.11
CA HIS D 109 43.85 -20.01 65.40
C HIS D 109 44.43 -18.69 64.90
N GLY D 110 43.89 -18.25 63.77
CA GLY D 110 44.27 -16.97 63.16
C GLY D 110 43.53 -16.80 61.85
N ASN D 111 43.59 -15.57 61.33
CA ASN D 111 42.95 -15.24 60.05
C ASN D 111 44.02 -15.14 58.98
N VAL D 112 43.84 -15.93 57.91
CA VAL D 112 44.89 -16.14 56.92
C VAL D 112 44.70 -15.29 55.67
N GLN D 113 43.86 -14.27 55.73
CA GLN D 113 43.56 -13.44 54.56
C GLN D 113 44.76 -12.57 54.21
N ASP D 114 45.00 -12.40 52.91
CA ASP D 114 46.07 -11.56 52.41
C ASP D 114 45.52 -10.19 52.04
N ARG D 115 46.29 -9.14 52.31
CA ARG D 115 45.80 -7.81 51.96
C ARG D 115 45.48 -7.72 50.47
N ILE D 116 46.33 -8.30 49.63
CA ILE D 116 46.19 -8.18 48.18
C ILE D 116 46.21 -9.57 47.56
N GLY D 117 45.17 -9.87 46.82
CA GLY D 117 45.09 -11.15 46.12
C GLY D 117 43.78 -11.22 45.35
N ARG D 118 43.79 -12.07 44.34
CA ARG D 118 42.57 -12.31 43.56
C ARG D 118 42.00 -13.67 43.94
N PRO D 119 40.80 -13.75 44.51
CA PRO D 119 40.24 -15.06 44.85
C PRO D 119 40.14 -15.94 43.61
N SER D 120 40.51 -17.21 43.80
CA SER D 120 40.62 -18.13 42.67
C SER D 120 39.25 -18.52 42.14
N GLU D 121 39.22 -18.88 40.85
CA GLU D 121 37.95 -19.22 40.22
C GLU D 121 37.36 -20.49 40.83
N THR D 122 38.17 -21.53 41.02
CA THR D 122 37.68 -22.80 41.54
C THR D 122 37.62 -22.84 43.07
N GLY D 123 37.85 -21.73 43.76
CA GLY D 123 37.57 -21.66 45.19
C GLY D 123 38.73 -22.08 46.06
N ILE D 124 38.53 -21.94 47.37
CA ILE D 124 39.56 -22.29 48.34
C ILE D 124 39.86 -23.78 48.27
N ILE D 125 41.14 -24.12 48.16
CA ILE D 125 41.61 -25.50 48.28
C ILE D 125 42.55 -25.59 49.47
N GLY D 126 42.35 -26.63 50.30
CA GLY D 126 43.19 -26.89 51.45
C GLY D 126 43.73 -28.32 51.47
N ILE D 127 45.04 -28.47 51.63
CA ILE D 127 45.70 -29.76 51.60
C ILE D 127 46.75 -29.82 52.70
N ILE D 128 47.04 -31.03 53.18
CA ILE D 128 48.03 -31.22 54.23
C ILE D 128 49.04 -32.27 53.81
N ASP D 129 50.29 -32.04 54.20
CA ASP D 129 51.40 -32.92 53.87
C ASP D 129 51.15 -34.32 54.43
N PRO D 130 51.57 -35.37 53.73
CA PRO D 130 51.38 -36.72 54.30
C PRO D 130 52.13 -36.91 55.61
N GLU D 131 53.28 -36.24 55.76
CA GLU D 131 54.06 -36.24 56.98
C GLU D 131 53.64 -35.11 57.91
N CYS D 132 52.49 -34.49 57.63
CA CYS D 132 51.91 -33.45 58.48
C CYS D 132 52.95 -32.41 58.86
N ARG D 133 53.72 -31.99 57.87
CA ARG D 133 54.71 -30.94 58.08
C ARG D 133 54.15 -29.54 57.88
N MET D 134 53.15 -29.39 57.01
CA MET D 134 52.65 -28.06 56.69
C MET D 134 51.22 -28.20 56.17
N ILE D 135 50.51 -27.08 56.18
CA ILE D 135 49.19 -26.97 55.58
C ILE D 135 49.34 -26.14 54.32
N GLY D 136 48.86 -26.67 53.20
CA GLY D 136 48.87 -25.95 51.94
C GLY D 136 47.51 -25.36 51.67
N LEU D 137 47.49 -24.08 51.33
CA LEU D 137 46.26 -23.35 51.04
C LEU D 137 46.40 -22.68 49.69
N ARG D 138 45.38 -22.80 48.86
CA ARG D 138 45.31 -22.10 47.58
C ARG D 138 44.16 -21.09 47.71
N LEU D 139 44.47 -19.89 48.18
CA LEU D 139 43.43 -18.88 48.37
C LEU D 139 43.31 -17.91 47.21
N TYR D 140 44.41 -17.55 46.57
CA TYR D 140 44.42 -16.52 45.54
C TYR D 140 45.14 -17.04 44.29
N ASP D 141 44.78 -16.46 43.15
CA ASP D 141 45.44 -16.81 41.91
C ASP D 141 46.89 -16.40 41.99
N GLY D 142 47.81 -17.32 41.70
CA GLY D 142 49.21 -17.00 41.64
C GLY D 142 49.96 -16.97 42.95
N LEU D 143 49.33 -17.31 44.07
CA LEU D 143 49.98 -17.33 45.36
C LEU D 143 49.64 -18.66 46.03
N PHE D 144 50.64 -19.28 46.64
CA PHE D 144 50.48 -20.51 47.41
C PHE D 144 50.90 -20.20 48.84
N LYS D 145 49.96 -20.36 49.78
CA LYS D 145 50.19 -20.05 51.18
C LYS D 145 50.54 -21.32 51.95
N VAL D 146 51.54 -21.22 52.82
CA VAL D 146 52.01 -22.36 53.59
C VAL D 146 51.93 -22.01 55.08
N ILE D 147 51.14 -22.80 55.82
CA ILE D 147 51.17 -22.80 57.27
C ILE D 147 52.04 -23.97 57.72
N PRO D 148 53.21 -23.73 58.32
CA PRO D 148 54.01 -24.86 58.81
C PRO D 148 53.42 -25.46 60.07
N LEU D 149 53.42 -26.79 60.14
CA LEU D 149 52.85 -27.50 61.30
C LEU D 149 53.92 -27.64 62.37
N ASP D 150 54.27 -26.50 62.94
CA ASP D 150 55.17 -26.40 64.08
C ASP D 150 54.42 -26.53 65.39
N ARG D 151 55.11 -27.02 66.41
CA ARG D 151 54.46 -27.16 67.71
C ARG D 151 54.08 -25.78 68.26
N ASP D 152 54.88 -24.75 67.96
CA ASP D 152 54.68 -23.42 68.50
C ASP D 152 53.86 -22.48 67.62
N ASN D 153 53.47 -22.90 66.42
CA ASN D 153 52.74 -22.02 65.51
C ASN D 153 51.26 -21.96 65.94
N LYS D 154 51.06 -21.36 67.11
CA LYS D 154 49.72 -21.24 67.68
C LYS D 154 48.91 -20.12 67.05
N GLU D 155 49.54 -19.21 66.32
CA GLU D 155 48.85 -18.19 65.55
C GLU D 155 48.69 -18.57 64.09
N LEU D 156 49.06 -19.79 63.70
CA LEU D 156 48.94 -20.26 62.32
C LEU D 156 49.54 -19.23 61.36
N LYS D 157 50.75 -18.78 61.68
CA LYS D 157 51.46 -17.85 60.81
C LYS D 157 51.82 -18.55 59.50
N ALA D 158 51.89 -17.77 58.42
CA ALA D 158 52.08 -18.36 57.10
C ALA D 158 52.82 -17.41 56.18
N PHE D 159 53.35 -17.98 55.10
CA PHE D 159 54.08 -17.26 54.06
C PHE D 159 53.54 -17.72 52.71
N ASN D 160 53.63 -16.84 51.71
CA ASN D 160 53.16 -17.15 50.37
C ASN D 160 54.35 -17.50 49.49
N ILE D 161 54.17 -18.47 48.59
CA ILE D 161 55.16 -18.82 47.58
C ILE D 161 54.61 -18.39 46.24
N ARG D 162 55.35 -17.56 45.50
CA ARG D 162 54.86 -17.12 44.21
C ARG D 162 54.69 -18.32 43.29
N LEU D 163 53.56 -18.36 42.58
CA LEU D 163 53.21 -19.46 41.68
C LEU D 163 52.98 -18.92 40.27
N GLU D 164 53.74 -19.43 39.30
CA GLU D 164 53.62 -18.92 37.95
C GLU D 164 52.27 -19.25 37.33
N GLU D 165 51.73 -20.44 37.62
CA GLU D 165 50.48 -20.90 37.01
C GLU D 165 49.32 -20.20 37.72
N LEU D 166 48.71 -19.23 37.06
CA LEU D 166 47.73 -18.38 37.73
C LEU D 166 46.39 -19.09 37.92
N HIS D 167 45.98 -19.89 36.95
CA HIS D 167 44.67 -20.55 36.96
C HIS D 167 44.86 -22.02 37.28
N VAL D 168 44.66 -22.39 38.54
CA VAL D 168 44.86 -23.77 38.99
C VAL D 168 43.51 -24.44 39.15
N ILE D 169 43.38 -25.63 38.59
CA ILE D 169 42.12 -26.38 38.68
C ILE D 169 42.06 -27.14 39.99
N ASP D 170 43.10 -27.92 40.32
CA ASP D 170 43.10 -28.73 41.53
C ASP D 170 44.54 -29.05 41.91
N VAL D 171 44.79 -29.19 43.21
CA VAL D 171 46.13 -29.47 43.73
C VAL D 171 46.02 -30.42 44.92
N LYS D 172 47.02 -31.30 45.03
CA LYS D 172 47.13 -32.24 46.15
C LYS D 172 48.61 -32.40 46.49
N PHE D 173 48.88 -32.65 47.78
CA PHE D 173 50.21 -33.13 48.17
C PHE D 173 50.35 -34.59 47.77
N LEU D 174 51.55 -34.98 47.33
CA LEU D 174 51.78 -36.34 46.87
C LEU D 174 52.39 -37.24 47.94
N TYR D 175 52.16 -38.55 47.75
CA TYR D 175 52.72 -39.58 48.61
C TYR D 175 54.00 -40.14 47.99
N GLY D 176 54.89 -40.63 48.86
CA GLY D 176 56.07 -41.34 48.41
C GLY D 176 57.18 -40.47 47.89
N CYS D 177 57.26 -39.22 48.34
CA CYS D 177 58.27 -38.28 47.90
C CYS D 177 59.14 -37.93 49.10
N GLN D 178 60.44 -37.75 48.85
CA GLN D 178 61.32 -37.41 49.96
C GLN D 178 61.14 -35.97 50.43
N ALA D 179 60.72 -35.08 49.55
CA ALA D 179 60.45 -33.71 49.91
C ALA D 179 58.98 -33.45 49.67
N PRO D 180 58.38 -32.50 50.39
CA PRO D 180 56.96 -32.18 50.15
C PRO D 180 56.75 -31.81 48.69
N THR D 181 55.84 -32.52 48.04
CA THR D 181 55.58 -32.34 46.62
C THR D 181 54.10 -32.07 46.40
N ILE D 182 53.82 -31.04 45.62
CA ILE D 182 52.45 -30.71 45.21
C ILE D 182 52.31 -31.12 43.75
N CYS D 183 51.20 -31.77 43.43
CA CYS D 183 50.86 -32.14 42.06
C CYS D 183 49.51 -31.52 41.73
N PHE D 184 49.46 -30.80 40.62
CA PHE D 184 48.25 -30.04 40.32
C PHE D 184 47.99 -29.97 38.82
N VAL D 185 46.72 -29.76 38.50
CA VAL D 185 46.27 -29.49 37.14
C VAL D 185 45.99 -28.00 37.03
N TYR D 186 46.49 -27.40 35.95
CA TYR D 186 46.32 -25.98 35.72
C TYR D 186 45.90 -25.77 34.27
N GLN D 187 45.41 -24.57 34.00
CA GLN D 187 44.91 -24.21 32.69
C GLN D 187 45.65 -22.96 32.20
N ASP D 188 46.19 -23.04 31.00
CA ASP D 188 46.80 -21.91 30.33
C ASP D 188 46.22 -21.89 28.93
N PRO D 189 46.54 -20.89 28.11
CA PRO D 189 45.96 -20.84 26.75
C PRO D 189 46.22 -22.09 25.94
N GLN D 190 47.27 -22.85 26.28
CA GLN D 190 47.67 -24.02 25.50
C GLN D 190 46.81 -25.24 25.79
N GLY D 191 46.11 -25.25 26.92
CA GLY D 191 45.27 -26.37 27.30
C GLY D 191 45.26 -26.54 28.79
N ARG D 192 45.01 -27.76 29.25
CA ARG D 192 45.18 -28.11 30.65
C ARG D 192 46.38 -29.03 30.79
N HIS D 193 47.12 -28.84 31.89
CA HIS D 193 48.36 -29.56 32.12
C HIS D 193 48.44 -29.99 33.57
N VAL D 194 49.27 -30.98 33.82
CA VAL D 194 49.60 -31.42 35.16
C VAL D 194 51.08 -31.13 35.39
N LYS D 195 51.42 -30.72 36.61
CA LYS D 195 52.76 -30.27 36.93
C LYS D 195 53.00 -30.57 38.41
N THR D 196 54.26 -30.66 38.78
CA THR D 196 54.65 -30.89 40.16
C THR D 196 55.62 -29.80 40.59
N TYR D 197 55.59 -29.49 41.89
CA TYR D 197 56.59 -28.66 42.52
C TYR D 197 56.97 -29.32 43.83
N GLU D 198 58.15 -28.99 44.33
CA GLU D 198 58.55 -29.33 45.68
C GLU D 198 58.54 -28.07 46.55
N VAL D 199 58.12 -28.23 47.80
CA VAL D 199 57.96 -27.13 48.74
C VAL D 199 59.06 -27.26 49.78
N SER D 200 59.89 -26.23 49.91
CA SER D 200 60.95 -26.20 50.91
C SER D 200 60.56 -25.22 52.00
N LEU D 201 60.21 -25.74 53.18
CA LEU D 201 59.86 -24.86 54.29
C LEU D 201 61.05 -24.03 54.74
N ARG D 202 62.27 -24.56 54.58
CA ARG D 202 63.46 -23.84 55.04
C ARG D 202 63.72 -22.63 54.16
N GLU D 203 63.65 -22.81 52.84
CA GLU D 203 63.88 -21.70 51.93
C GLU D 203 62.65 -20.85 51.72
N LYS D 204 61.46 -21.36 52.05
CA LYS D 204 60.21 -20.67 51.78
C LYS D 204 60.04 -20.43 50.29
N GLU D 205 60.21 -21.49 49.49
CA GLU D 205 59.97 -21.38 48.06
C GLU D 205 59.84 -22.76 47.42
N PHE D 206 59.43 -22.75 46.15
CA PHE D 206 59.33 -23.97 45.36
C PHE D 206 60.69 -24.37 44.80
N ASN D 207 60.92 -25.68 44.69
CA ASN D 207 62.03 -26.23 43.95
C ASN D 207 61.50 -27.13 42.83
N LYS D 208 62.37 -27.44 41.88
CA LYS D 208 62.02 -28.27 40.75
C LYS D 208 61.28 -29.53 41.19
N GLY D 209 60.25 -29.90 40.45
CA GLY D 209 59.42 -31.01 40.84
C GLY D 209 59.93 -32.36 40.38
N PRO D 210 59.46 -33.43 41.02
CA PRO D 210 60.00 -34.76 40.69
C PRO D 210 59.69 -35.23 39.28
N TRP D 211 58.56 -34.85 38.69
CA TRP D 211 58.33 -35.29 37.31
C TRP D 211 57.74 -34.17 36.45
N LYS D 212 57.92 -34.35 35.15
CA LYS D 212 57.71 -33.33 34.14
C LYS D 212 56.23 -33.02 33.93
N GLN D 213 55.99 -31.85 33.33
CA GLN D 213 54.64 -31.46 32.98
C GLN D 213 54.13 -32.42 31.91
N GLU D 214 52.85 -32.73 31.95
CA GLU D 214 52.24 -33.51 30.89
C GLU D 214 50.98 -32.77 30.44
N ASN D 215 50.75 -32.73 29.14
CA ASN D 215 49.49 -32.18 28.64
C ASN D 215 48.38 -33.20 28.90
N VAL D 216 47.27 -32.73 29.50
CA VAL D 216 46.20 -33.63 29.93
C VAL D 216 44.86 -33.17 29.35
N GLU D 217 43.84 -33.98 29.62
CA GLU D 217 42.51 -33.74 29.08
C GLU D 217 42.04 -32.32 29.33
N ALA D 218 41.31 -31.78 28.35
CA ALA D 218 40.81 -30.41 28.43
C ALA D 218 39.87 -30.20 29.61
N GLU D 219 39.19 -31.27 30.04
CA GLU D 219 38.23 -31.20 31.14
C GLU D 219 38.76 -31.88 32.40
N ALA D 220 40.08 -31.90 32.57
CA ALA D 220 40.66 -32.43 33.80
C ALA D 220 40.07 -31.70 35.00
N SER D 221 39.42 -32.45 35.88
CA SER D 221 38.69 -31.87 37.00
C SER D 221 39.36 -32.08 38.35
N MET D 222 39.89 -33.27 38.62
CA MET D 222 40.31 -33.63 39.96
C MET D 222 41.63 -34.37 39.96
N VAL D 223 42.40 -34.16 41.02
CA VAL D 223 43.69 -34.81 41.23
C VAL D 223 43.54 -35.73 42.43
N ILE D 224 43.88 -37.01 42.25
CA ILE D 224 43.86 -38.00 43.32
C ILE D 224 45.30 -38.36 43.65
N ALA D 225 45.68 -38.19 44.92
CA ALA D 225 47.02 -38.53 45.39
C ALA D 225 47.03 -39.99 45.85
N VAL D 226 47.75 -40.84 45.11
CA VAL D 226 47.76 -42.28 45.38
C VAL D 226 48.78 -42.63 46.45
N PRO D 227 48.50 -43.61 47.32
CA PRO D 227 49.42 -43.88 48.42
C PRO D 227 50.73 -44.52 47.97
N GLU D 228 51.65 -44.64 48.94
CA GLU D 228 53.03 -45.02 48.62
C GLU D 228 53.16 -46.34 47.87
N PRO D 229 52.39 -47.39 48.16
CA PRO D 229 52.58 -48.65 47.40
C PRO D 229 52.50 -48.44 45.89
N PHE D 230 51.59 -47.59 45.40
CA PHE D 230 51.56 -47.22 43.99
C PHE D 230 52.30 -45.91 43.73
N GLY D 231 52.01 -44.86 44.51
CA GLY D 231 52.62 -43.56 44.29
C GLY D 231 51.99 -42.79 43.15
N GLY D 232 52.52 -41.59 42.93
CA GLY D 232 52.04 -40.81 41.80
C GLY D 232 50.67 -40.21 42.05
N ALA D 233 49.96 -39.95 40.95
CA ALA D 233 48.66 -39.28 41.01
C ALA D 233 47.75 -39.82 39.91
N ILE D 234 46.44 -39.68 40.12
CA ILE D 234 45.43 -39.98 39.12
C ILE D 234 44.67 -38.70 38.80
N ILE D 235 44.34 -38.50 37.53
CA ILE D 235 43.66 -37.30 37.07
C ILE D 235 42.32 -37.71 36.47
N ILE D 236 41.23 -37.17 37.05
CA ILE D 236 39.87 -37.47 36.61
C ILE D 236 39.42 -36.39 35.63
N GLY D 237 38.90 -36.81 34.49
CA GLY D 237 38.38 -35.87 33.52
C GLY D 237 36.93 -36.08 33.16
N GLN D 238 36.54 -35.59 31.98
CA GLN D 238 35.21 -35.80 31.46
C GLN D 238 35.10 -37.11 30.70
N GLU D 239 36.14 -37.43 29.91
CA GLU D 239 36.17 -38.62 29.08
C GLU D 239 37.19 -39.66 29.52
N SER D 240 38.23 -39.26 30.25
CA SER D 240 39.35 -40.16 30.52
C SER D 240 39.87 -40.00 31.94
N ILE D 241 40.48 -41.08 32.43
CA ILE D 241 41.18 -41.11 33.70
C ILE D 241 42.64 -41.49 33.42
N THR D 242 43.58 -40.72 33.96
CA THR D 242 44.98 -40.95 33.68
C THR D 242 45.75 -41.14 34.99
N TYR D 243 46.83 -41.93 34.92
CA TYR D 243 47.75 -42.10 36.03
C TYR D 243 49.12 -41.58 35.60
N HIS D 244 49.74 -40.79 36.45
CA HIS D 244 51.05 -40.21 36.18
C HIS D 244 51.96 -40.48 37.38
N ASN D 245 53.20 -40.88 37.10
CA ASN D 245 54.19 -41.01 38.17
C ASN D 245 55.58 -41.12 37.45
N GLY D 246 56.19 -39.96 37.27
CA GLY D 246 57.50 -39.95 36.62
C GLY D 246 57.49 -40.53 35.23
N ASP D 247 58.10 -41.71 35.07
CA ASP D 247 58.17 -42.36 33.77
C ASP D 247 56.91 -43.14 33.44
N LYS D 248 56.09 -43.46 34.43
CA LYS D 248 54.89 -44.26 34.20
C LYS D 248 53.73 -43.37 33.77
N TYR D 249 53.01 -43.84 32.75
CA TYR D 249 51.83 -43.16 32.25
C TYR D 249 50.80 -44.20 31.82
N LEU D 250 49.59 -44.09 32.36
CA LEU D 250 48.46 -44.92 31.95
C LEU D 250 47.27 -44.02 31.64
N ALA D 251 46.43 -44.47 30.73
CA ALA D 251 45.22 -43.72 30.37
C ALA D 251 44.12 -44.68 29.96
N ILE D 252 43.02 -44.68 30.69
CA ILE D 252 41.82 -45.45 30.37
C ILE D 252 40.70 -44.46 30.07
N ALA D 253 39.97 -44.71 28.98
CA ALA D 253 38.90 -43.84 28.53
C ALA D 253 37.66 -44.66 28.24
N PRO D 254 37.01 -45.20 29.27
CA PRO D 254 35.84 -46.06 29.05
C PRO D 254 34.64 -45.24 28.62
N PRO D 255 33.86 -45.72 27.65
CA PRO D 255 32.75 -44.92 27.13
C PRO D 255 31.69 -44.59 28.19
N ILE D 256 31.73 -45.24 29.35
CA ILE D 256 30.65 -45.11 30.32
C ILE D 256 30.70 -43.78 31.03
N ILE D 257 31.89 -43.30 31.37
CA ILE D 257 32.00 -42.09 32.18
C ILE D 257 31.72 -40.81 31.39
N LYS D 258 31.84 -40.84 30.06
CA LYS D 258 31.54 -39.68 29.25
C LYS D 258 30.08 -39.28 29.34
N GLN D 259 29.20 -40.23 29.72
CA GLN D 259 27.78 -39.92 29.77
C GLN D 259 27.44 -38.88 30.83
N SER D 260 28.16 -38.86 31.96
CA SER D 260 27.87 -37.87 32.99
C SER D 260 29.15 -37.50 33.71
N THR D 261 29.30 -36.21 33.99
CA THR D 261 30.51 -35.73 34.64
C THR D 261 30.71 -36.39 35.99
N ILE D 262 31.94 -36.79 36.26
CA ILE D 262 32.35 -37.32 37.55
C ILE D 262 32.75 -36.15 38.43
N VAL D 263 32.20 -36.09 39.64
CA VAL D 263 32.39 -34.93 40.50
C VAL D 263 33.05 -35.24 41.83
N CYS D 264 33.09 -36.49 42.28
CA CYS D 264 33.64 -36.80 43.60
C CYS D 264 34.37 -38.12 43.60
N HIS D 265 35.35 -38.25 44.51
CA HIS D 265 36.15 -39.46 44.65
C HIS D 265 36.50 -39.70 46.12
N ASN D 266 36.72 -40.97 46.46
CA ASN D 266 37.23 -41.35 47.78
C ASN D 266 38.03 -42.65 47.63
N ARG D 267 38.90 -42.91 48.61
CA ARG D 267 39.79 -44.08 48.59
C ARG D 267 39.16 -45.19 49.42
N VAL D 268 39.07 -46.39 48.85
CA VAL D 268 38.50 -47.53 49.57
C VAL D 268 39.57 -48.31 50.32
N ASP D 269 40.69 -48.62 49.67
CA ASP D 269 41.77 -49.44 50.24
C ASP D 269 42.94 -48.56 50.64
N PRO D 270 43.39 -48.55 51.90
CA PRO D 270 44.48 -47.64 52.26
C PRO D 270 45.70 -47.69 51.34
N ASN D 271 45.96 -48.82 50.67
CA ASN D 271 47.10 -48.88 49.76
C ASN D 271 46.82 -48.29 48.38
N GLY D 272 45.60 -47.87 48.09
CA GLY D 272 45.30 -47.29 46.80
C GLY D 272 44.81 -48.25 45.74
N SER D 273 44.51 -49.49 46.11
CA SER D 273 44.09 -50.46 45.11
C SER D 273 42.72 -50.11 44.53
N ARG D 274 41.82 -49.55 45.32
CA ARG D 274 40.45 -49.29 44.90
C ARG D 274 40.01 -47.88 45.32
N TYR D 275 39.40 -47.15 44.38
CA TYR D 275 38.85 -45.82 44.62
C TYR D 275 37.37 -45.78 44.20
N LEU D 276 36.59 -44.94 44.88
CA LEU D 276 35.17 -44.75 44.56
C LEU D 276 34.94 -43.45 43.78
N LEU D 277 34.04 -43.49 42.79
CA LEU D 277 33.75 -42.34 41.96
C LEU D 277 32.25 -42.11 41.79
N GLY D 278 31.83 -40.86 41.79
CA GLY D 278 30.45 -40.51 41.59
C GLY D 278 30.27 -39.45 40.53
N ASP D 279 29.12 -39.51 39.85
CA ASP D 279 28.79 -38.63 38.74
C ASP D 279 27.42 -38.01 38.95
N MET D 280 27.07 -37.07 38.07
CA MET D 280 25.90 -36.23 38.29
C MET D 280 24.59 -36.98 38.15
N GLU D 281 24.58 -38.14 37.51
CA GLU D 281 23.35 -38.91 37.43
C GLU D 281 23.20 -39.82 38.64
N GLY D 282 24.09 -39.68 39.62
CA GLY D 282 24.03 -40.45 40.84
C GLY D 282 24.67 -41.81 40.76
N ARG D 283 25.29 -42.14 39.63
CA ARG D 283 25.91 -43.45 39.48
C ARG D 283 27.18 -43.51 40.31
N LEU D 284 27.43 -44.68 40.89
CA LEU D 284 28.59 -44.94 41.74
C LEU D 284 29.49 -45.94 41.03
N PHE D 285 30.76 -45.58 40.90
CA PHE D 285 31.73 -46.41 40.20
C PHE D 285 32.84 -46.86 41.16
N MET D 286 33.50 -47.96 40.78
CA MET D 286 34.71 -48.43 41.45
C MET D 286 35.89 -48.33 40.47
N LEU D 287 36.93 -47.61 40.87
CA LEU D 287 38.16 -47.48 40.11
C LEU D 287 39.20 -48.44 40.68
N LEU D 288 39.73 -49.31 39.82
CA LEU D 288 40.60 -50.39 40.25
C LEU D 288 42.01 -50.16 39.72
N LEU D 289 43.00 -50.23 40.61
CA LEU D 289 44.42 -50.13 40.24
C LEU D 289 45.00 -51.53 40.29
N GLU D 290 45.22 -52.11 39.10
CA GLU D 290 45.74 -53.47 39.00
C GLU D 290 47.25 -53.46 39.15
N LYS D 291 47.74 -54.12 40.18
CA LYS D 291 49.15 -54.07 40.54
C LYS D 291 49.94 -55.13 39.78
N GLU D 292 51.23 -54.86 39.63
CA GLU D 292 52.16 -55.82 39.04
C GLU D 292 53.43 -55.82 39.87
N GLU D 293 53.77 -56.97 40.44
CA GLU D 293 54.99 -57.10 41.22
C GLU D 293 56.13 -57.39 40.25
N GLN D 294 57.22 -56.64 40.39
CA GLN D 294 58.41 -56.78 39.56
C GLN D 294 59.33 -57.81 40.20
N MET D 295 60.20 -58.40 39.37
CA MET D 295 61.16 -59.34 39.93
C MET D 295 61.98 -58.69 41.04
N ASP D 296 62.03 -57.35 41.06
CA ASP D 296 62.73 -56.65 42.13
C ASP D 296 62.08 -56.81 43.49
N GLY D 297 60.79 -57.13 43.54
CA GLY D 297 60.02 -57.08 44.76
C GLY D 297 59.25 -55.79 44.89
N THR D 298 59.47 -54.85 43.96
CA THR D 298 58.82 -53.54 43.96
C THR D 298 57.56 -53.61 43.11
N VAL D 299 56.52 -52.91 43.56
CA VAL D 299 55.22 -52.89 42.88
C VAL D 299 55.05 -51.68 41.99
N THR D 300 54.56 -51.91 40.77
CA THR D 300 54.20 -50.90 39.80
C THR D 300 52.72 -51.07 39.44
N LEU D 301 52.20 -50.13 38.66
CA LEU D 301 50.80 -50.11 38.26
C LEU D 301 50.67 -50.61 36.84
N LYS D 302 49.97 -51.74 36.68
CA LYS D 302 49.84 -52.36 35.37
C LYS D 302 48.71 -51.76 34.55
N ASP D 303 47.54 -51.57 35.17
CA ASP D 303 46.38 -51.13 34.40
C ASP D 303 45.32 -50.50 35.32
N LEU D 304 44.36 -49.80 34.69
CA LEU D 304 43.23 -49.19 35.37
C LEU D 304 41.93 -49.82 34.86
N ARG D 305 40.96 -49.98 35.75
CA ARG D 305 39.66 -50.54 35.41
C ARG D 305 38.57 -49.77 36.13
N VAL D 306 37.42 -49.61 35.48
CA VAL D 306 36.26 -48.96 36.07
C VAL D 306 35.06 -49.89 36.01
N GLU D 307 34.37 -50.05 37.15
CA GLU D 307 33.21 -50.92 37.24
C GLU D 307 32.04 -50.13 37.83
N LEU D 308 30.88 -50.25 37.19
CA LEU D 308 29.68 -49.58 37.68
C LEU D 308 29.11 -50.37 38.85
N LEU D 309 28.96 -49.70 40.00
CA LEU D 309 28.43 -50.37 41.18
C LEU D 309 26.90 -50.28 41.24
N GLY D 310 26.34 -49.12 40.93
CA GLY D 310 24.90 -48.97 41.00
C GLY D 310 24.51 -47.50 41.02
N GLU D 311 23.37 -47.23 41.63
CA GLU D 311 22.83 -45.87 41.71
C GLU D 311 22.69 -45.46 43.16
N THR D 312 23.17 -44.25 43.45
CA THR D 312 23.05 -43.58 44.73
C THR D 312 22.45 -42.20 44.47
N SER D 313 22.36 -41.40 45.53
CA SER D 313 22.02 -39.99 45.36
C SER D 313 23.17 -39.20 44.74
N ILE D 314 22.83 -38.10 44.06
CA ILE D 314 23.86 -37.19 43.57
C ILE D 314 24.75 -36.79 44.72
N ALA D 315 26.05 -36.99 44.57
CA ALA D 315 26.96 -36.95 45.70
C ALA D 315 27.89 -35.75 45.59
N GLU D 316 27.87 -34.88 46.62
CA GLU D 316 28.90 -33.86 46.72
C GLU D 316 30.23 -34.49 47.11
N CYS D 317 30.20 -35.41 48.06
CA CYS D 317 31.36 -36.12 48.56
C CYS D 317 30.98 -37.52 48.96
N LEU D 318 31.88 -38.46 48.70
CA LEU D 318 31.77 -39.83 49.15
C LEU D 318 32.79 -40.10 50.24
N THR D 319 32.45 -40.99 51.16
CA THR D 319 33.43 -41.52 52.09
C THR D 319 33.10 -42.97 52.39
N TYR D 320 34.10 -43.84 52.24
CA TYR D 320 33.95 -45.23 52.62
C TYR D 320 34.20 -45.31 54.12
N LEU D 321 33.35 -46.05 54.82
CA LEU D 321 33.50 -46.19 56.27
C LEU D 321 34.15 -47.53 56.57
N ASP D 322 33.41 -48.63 56.45
CA ASP D 322 34.04 -49.93 56.68
C ASP D 322 33.00 -51.02 56.42
N ASN D 323 33.51 -52.20 56.08
CA ASN D 323 32.66 -53.37 55.92
C ASN D 323 31.63 -53.17 54.82
N GLY D 324 32.01 -52.44 53.78
CA GLY D 324 31.18 -52.21 52.62
C GLY D 324 30.22 -51.05 52.74
N VAL D 325 30.26 -50.29 53.82
CA VAL D 325 29.30 -49.23 54.09
C VAL D 325 29.92 -47.90 53.63
N VAL D 326 29.16 -47.14 52.84
CA VAL D 326 29.62 -45.88 52.28
C VAL D 326 28.63 -44.78 52.65
N PHE D 327 29.14 -43.64 53.09
CA PHE D 327 28.29 -42.49 53.34
C PHE D 327 28.28 -41.62 52.07
N VAL D 328 27.10 -41.45 51.50
CA VAL D 328 26.89 -40.62 50.32
C VAL D 328 26.41 -39.28 50.83
N GLY D 329 27.29 -38.28 50.80
CA GLY D 329 26.93 -36.94 51.23
C GLY D 329 26.46 -36.11 50.07
N SER D 330 25.23 -35.61 50.15
CA SER D 330 24.59 -34.94 49.03
C SER D 330 24.21 -33.52 49.38
N ARG D 331 24.37 -32.62 48.42
CA ARG D 331 23.91 -31.24 48.55
C ARG D 331 22.61 -30.97 47.80
N LEU D 332 22.30 -31.78 46.79
CA LEU D 332 21.10 -31.64 45.97
C LEU D 332 19.98 -32.60 46.33
N GLY D 333 20.27 -33.63 47.13
CA GLY D 333 19.26 -34.59 47.54
C GLY D 333 19.52 -35.13 48.92
N ASP D 334 18.74 -36.13 49.34
CA ASP D 334 18.93 -36.71 50.66
C ASP D 334 20.29 -37.43 50.71
N SER D 335 21.02 -37.25 51.80
CA SER D 335 22.24 -38.00 51.99
C SER D 335 21.86 -39.44 52.37
N GLN D 336 22.84 -40.34 52.27
CA GLN D 336 22.52 -41.75 52.40
C GLN D 336 23.67 -42.49 53.07
N LEU D 337 23.32 -43.61 53.69
CA LEU D 337 24.25 -44.71 53.98
C LEU D 337 23.90 -45.87 53.07
N VAL D 338 24.90 -46.41 52.37
CA VAL D 338 24.66 -47.49 51.44
C VAL D 338 25.65 -48.63 51.68
N LYS D 339 25.18 -49.85 51.38
CA LYS D 339 25.97 -51.06 51.48
C LYS D 339 26.44 -51.50 50.10
N LEU D 340 27.73 -51.78 49.99
CA LEU D 340 28.32 -52.34 48.78
C LEU D 340 28.43 -53.85 48.96
N ASN D 341 27.83 -54.62 48.06
CA ASN D 341 27.83 -56.08 48.13
C ASN D 341 28.78 -56.66 47.11
N VAL D 342 29.31 -57.85 47.41
CA VAL D 342 30.19 -58.54 46.47
C VAL D 342 29.40 -59.11 45.31
N ASP D 343 28.21 -59.65 45.57
CA ASP D 343 27.33 -60.17 44.54
C ASP D 343 26.28 -59.13 44.20
N SER D 344 25.99 -58.99 42.91
CA SER D 344 24.94 -58.09 42.46
C SER D 344 23.56 -58.66 42.78
N ASN D 345 22.58 -57.76 42.88
CA ASN D 345 21.21 -58.20 43.12
C ASN D 345 20.57 -58.52 41.77
N GLU D 346 19.26 -58.79 41.77
CA GLU D 346 18.60 -59.23 40.55
C GLU D 346 18.58 -58.15 39.47
N GLN D 347 18.83 -56.89 39.84
CA GLN D 347 18.81 -55.79 38.90
C GLN D 347 20.17 -55.47 38.33
N GLY D 348 21.20 -56.17 38.78
CA GLY D 348 22.55 -55.86 38.37
C GLY D 348 23.24 -54.88 39.28
N SER D 349 22.59 -54.46 40.36
CA SER D 349 23.14 -53.46 41.26
C SER D 349 23.87 -54.13 42.41
N TYR D 350 25.02 -53.56 42.77
CA TYR D 350 25.78 -53.95 43.94
C TYR D 350 25.57 -52.99 45.10
N VAL D 351 24.61 -52.06 44.97
CA VAL D 351 24.37 -51.01 45.94
C VAL D 351 22.97 -51.19 46.52
N VAL D 352 22.90 -51.19 47.85
CA VAL D 352 21.65 -51.29 48.59
C VAL D 352 21.64 -50.20 49.63
N ALA D 353 20.63 -49.34 49.60
CA ALA D 353 20.54 -48.22 50.53
C ALA D 353 20.17 -48.77 51.90
N MET D 354 20.98 -48.47 52.89
CA MET D 354 20.70 -48.82 54.27
C MET D 354 19.84 -47.76 54.94
N GLU D 355 20.31 -46.51 54.93
CA GLU D 355 19.65 -45.43 55.65
C GLU D 355 19.57 -44.18 54.78
N THR D 356 18.59 -43.33 55.10
CA THR D 356 18.35 -42.09 54.39
C THR D 356 18.27 -40.90 55.34
N PHE D 357 19.06 -39.87 55.05
CA PHE D 357 19.16 -38.64 55.84
C PHE D 357 18.44 -37.52 55.12
N THR D 358 17.43 -36.94 55.77
CA THR D 358 16.66 -35.88 55.14
C THR D 358 17.55 -34.70 54.80
N ASN D 359 17.50 -34.27 53.55
CA ASN D 359 18.15 -33.05 53.09
C ASN D 359 17.10 -32.20 52.39
N LEU D 360 16.79 -31.04 52.96
CA LEU D 360 15.87 -30.14 52.28
C LEU D 360 16.49 -29.54 51.01
N GLY D 361 17.78 -29.79 50.78
CA GLY D 361 18.39 -29.48 49.51
C GLY D 361 18.24 -28.03 49.16
N PRO D 362 18.52 -27.71 47.90
CA PRO D 362 18.19 -26.37 47.41
C PRO D 362 16.69 -26.12 47.54
N ILE D 363 16.32 -25.06 48.24
CA ILE D 363 14.93 -24.64 48.32
C ILE D 363 14.75 -23.57 47.24
N VAL D 364 14.26 -23.98 46.08
CA VAL D 364 14.10 -23.03 44.99
C VAL D 364 12.94 -22.06 45.29
N ASP D 365 11.84 -22.59 45.80
CA ASP D 365 10.66 -21.81 46.15
C ASP D 365 9.95 -22.53 47.29
N MET D 366 8.98 -21.84 47.89
CA MET D 366 8.18 -22.45 48.94
C MET D 366 6.91 -21.65 49.18
N CYS D 367 5.93 -22.33 49.78
CA CYS D 367 4.63 -21.74 50.08
C CYS D 367 4.16 -22.19 51.47
N VAL D 368 3.49 -21.29 52.18
CA VAL D 368 2.90 -21.58 53.49
C VAL D 368 1.40 -21.73 53.32
N VAL D 369 0.86 -22.85 53.82
CA VAL D 369 -0.56 -23.17 53.67
C VAL D 369 -1.02 -23.91 54.91
N ASP D 370 -2.20 -23.54 55.41
CA ASP D 370 -2.82 -24.21 56.54
C ASP D 370 -3.69 -25.32 55.97
N LEU D 371 -3.07 -26.50 55.76
CA LEU D 371 -3.79 -27.59 55.11
C LEU D 371 -4.94 -28.10 55.98
N GLU D 372 -4.73 -28.15 57.30
CA GLU D 372 -5.80 -28.55 58.21
C GLU D 372 -6.74 -27.41 58.58
N ARG D 373 -6.62 -26.24 57.95
CA ARG D 373 -7.41 -25.05 58.22
C ARG D 373 -7.37 -24.61 59.68
N GLN D 374 -6.43 -25.13 60.46
CA GLN D 374 -6.21 -24.73 61.84
C GLN D 374 -5.17 -23.60 61.80
N GLY D 375 -4.91 -22.99 62.95
CA GLY D 375 -3.88 -21.96 62.94
C GLY D 375 -2.53 -22.46 62.51
N GLN D 376 -2.32 -23.77 62.62
CA GLN D 376 -1.05 -24.38 62.30
C GLN D 376 -0.71 -24.14 60.82
N GLY D 377 0.49 -23.60 60.58
CA GLY D 377 0.96 -23.31 59.23
C GLY D 377 1.92 -24.40 58.80
N GLN D 378 1.74 -24.89 57.58
CA GLN D 378 2.64 -25.86 56.98
C GLN D 378 3.37 -25.24 55.81
N LEU D 379 4.61 -25.66 55.60
CA LEU D 379 5.48 -25.11 54.57
C LEU D 379 5.74 -26.19 53.51
N VAL D 380 5.31 -25.95 52.29
CA VAL D 380 5.55 -26.85 51.17
C VAL D 380 6.61 -26.22 50.28
N THR D 381 7.73 -26.90 50.09
CA THR D 381 8.88 -26.36 49.39
C THR D 381 9.18 -27.10 48.11
N CYS D 382 9.72 -26.36 47.13
CA CYS D 382 10.35 -26.95 45.96
C CYS D 382 11.82 -27.22 46.31
N SER D 383 12.18 -28.49 46.47
CA SER D 383 13.48 -28.85 47.01
C SER D 383 14.19 -29.80 46.06
N GLY D 384 15.51 -29.69 46.02
CA GLY D 384 16.33 -30.58 45.23
C GLY D 384 16.52 -30.13 43.80
N ALA D 385 17.29 -30.94 43.07
CA ALA D 385 17.52 -30.75 41.65
C ALA D 385 17.69 -32.11 40.98
N PHE D 386 17.33 -32.17 39.71
CA PHE D 386 17.49 -33.36 38.86
C PHE D 386 16.71 -34.52 39.45
N LYS D 387 17.28 -35.73 39.53
CA LYS D 387 16.53 -36.89 40.01
C LYS D 387 16.09 -36.72 41.45
N GLU D 388 16.80 -35.89 42.21
CA GLU D 388 16.51 -35.64 43.62
C GLU D 388 15.46 -34.56 43.84
N GLY D 389 14.86 -34.04 42.77
CA GLY D 389 13.81 -33.05 42.94
C GLY D 389 12.63 -33.61 43.73
N SER D 390 12.09 -32.77 44.61
CA SER D 390 11.02 -33.21 45.48
C SER D 390 10.22 -32.00 45.95
N LEU D 391 9.04 -32.30 46.47
CA LEU D 391 8.25 -31.36 47.26
C LEU D 391 8.38 -31.83 48.71
N ARG D 392 8.64 -30.91 49.63
CA ARG D 392 8.78 -31.27 51.03
C ARG D 392 7.79 -30.47 51.83
N ILE D 393 6.89 -31.18 52.51
CA ILE D 393 5.89 -30.56 53.37
C ILE D 393 6.42 -30.63 54.80
N ILE D 394 6.53 -29.46 55.42
CA ILE D 394 7.17 -29.30 56.72
C ILE D 394 6.14 -28.67 57.63
N ARG D 395 5.91 -29.28 58.77
CA ARG D 395 4.95 -28.80 59.74
C ARG D 395 5.64 -28.81 61.09
N ASN D 396 5.27 -27.88 61.95
CA ASN D 396 5.81 -27.87 63.30
C ASN D 396 5.01 -28.90 64.09
N GLY D 397 5.72 -29.80 64.77
CA GLY D 397 5.07 -30.88 65.48
C GLY D 397 4.60 -30.49 66.86
N ILE D 398 3.97 -31.45 67.52
CA ILE D 398 3.51 -31.26 68.89
C ILE D 398 3.77 -32.55 69.67
N GLN D 408 11.29 -32.05 70.55
CA GLN D 408 10.84 -31.01 69.62
C GLN D 408 11.56 -31.16 68.29
N LYS D 409 10.79 -31.37 67.23
CA LYS D 409 11.32 -31.55 65.88
C LYS D 409 10.27 -31.08 64.89
N LEU D 410 10.70 -30.88 63.64
CA LEU D 410 9.81 -30.60 62.53
C LEU D 410 9.51 -31.91 61.82
N HIS D 411 8.24 -32.19 61.55
CA HIS D 411 7.86 -33.38 60.82
C HIS D 411 7.86 -33.07 59.33
N ILE D 412 8.60 -33.86 58.56
CA ILE D 412 8.85 -33.58 57.16
C ILE D 412 8.35 -34.75 56.34
N ARG D 413 7.43 -34.47 55.43
CA ARG D 413 6.94 -35.43 54.45
C ARG D 413 7.64 -35.11 53.13
N THR D 414 8.05 -36.13 52.42
CA THR D 414 8.76 -35.95 51.16
C THR D 414 7.91 -36.49 50.02
N VAL D 415 7.70 -35.67 48.99
CA VAL D 415 7.00 -36.06 47.78
C VAL D 415 8.04 -36.10 46.66
N PRO D 416 8.48 -37.29 46.24
CA PRO D 416 9.52 -37.37 45.20
C PRO D 416 8.97 -37.03 43.83
N LEU D 417 9.71 -36.22 43.08
CA LEU D 417 9.31 -35.83 41.73
C LEU D 417 10.25 -36.35 40.65
N TYR D 418 11.51 -36.65 40.99
CA TYR D 418 12.49 -37.19 40.05
C TYR D 418 12.78 -36.25 38.89
N GLU D 419 12.41 -34.98 39.03
CA GLU D 419 12.79 -33.93 38.09
C GLU D 419 12.94 -32.65 38.90
N SER D 420 13.47 -31.61 38.28
CA SER D 420 13.80 -30.40 39.03
C SER D 420 12.55 -29.57 39.25
N PRO D 421 12.17 -29.30 40.51
CA PRO D 421 11.03 -28.40 40.78
C PRO D 421 11.53 -26.97 40.87
N ARG D 422 10.78 -26.02 40.31
CA ARG D 422 11.30 -24.66 40.26
C ARG D 422 10.46 -23.65 41.03
N LYS D 423 9.15 -23.61 40.84
CA LYS D 423 8.30 -22.68 41.58
C LYS D 423 7.01 -23.39 41.98
N ILE D 424 6.42 -22.94 43.08
CA ILE D 424 5.21 -23.55 43.62
C ILE D 424 4.22 -22.47 43.97
N CYS D 425 2.94 -22.79 43.78
CA CYS D 425 1.82 -21.91 44.07
C CYS D 425 0.68 -22.77 44.57
N TYR D 426 -0.05 -22.27 45.56
CA TYR D 426 -1.19 -22.97 46.11
C TYR D 426 -2.47 -22.33 45.59
N GLN D 427 -3.41 -23.16 45.17
CA GLN D 427 -4.70 -22.74 44.64
C GLN D 427 -5.75 -23.44 45.51
N GLU D 428 -6.27 -22.71 46.50
CA GLU D 428 -7.24 -23.33 47.41
C GLU D 428 -8.49 -23.80 46.69
N VAL D 429 -9.02 -22.99 45.77
CA VAL D 429 -10.28 -23.32 45.12
C VAL D 429 -10.28 -24.75 44.60
N SER D 430 -9.14 -25.21 44.09
CA SER D 430 -9.02 -26.55 43.53
C SER D 430 -8.36 -27.54 44.48
N GLN D 431 -8.07 -27.13 45.71
CA GLN D 431 -7.44 -28.00 46.70
C GLN D 431 -6.19 -28.65 46.12
N CYS D 432 -5.36 -27.86 45.45
CA CYS D 432 -4.17 -28.39 44.80
C CYS D 432 -3.10 -27.31 44.71
N PHE D 433 -1.87 -27.77 44.44
CA PHE D 433 -0.74 -26.90 44.19
C PHE D 433 -0.41 -26.88 42.70
N GLY D 434 0.04 -25.73 42.21
CA GLY D 434 0.69 -25.65 40.92
C GLY D 434 2.19 -25.62 41.13
N VAL D 435 2.91 -26.45 40.37
CA VAL D 435 4.36 -26.54 40.47
C VAL D 435 4.96 -26.49 39.07
N LEU D 436 5.90 -25.57 38.87
CA LEU D 436 6.66 -25.50 37.64
C LEU D 436 7.89 -26.38 37.80
N SER D 437 8.19 -27.19 36.80
CA SER D 437 9.28 -28.15 36.89
C SER D 437 9.96 -28.28 35.54
N SER D 438 11.19 -28.80 35.55
CA SER D 438 11.91 -29.08 34.32
C SER D 438 12.68 -30.39 34.44
N ARG D 439 12.72 -31.13 33.34
CA ARG D 439 13.42 -32.40 33.24
C ARG D 439 14.40 -32.37 32.08
N ILE D 440 15.49 -33.11 32.22
CA ILE D 440 16.51 -33.15 31.18
C ILE D 440 16.18 -34.26 30.20
N GLU D 441 16.12 -33.92 28.92
CA GLU D 441 16.07 -34.89 27.84
C GLU D 441 17.30 -34.65 26.97
N VAL D 442 17.70 -35.69 26.26
CA VAL D 442 18.94 -35.68 25.48
C VAL D 442 18.63 -35.99 24.03
N GLN D 443 19.34 -35.32 23.13
CA GLN D 443 19.12 -35.50 21.71
C GLN D 443 19.48 -36.92 21.27
N ASP D 444 18.53 -37.59 20.62
CA ASP D 444 18.71 -38.98 20.20
C ASP D 444 18.65 -39.11 18.68
N THR D 445 18.87 -40.34 18.21
CA THR D 445 19.04 -40.59 16.80
C THR D 445 17.77 -40.43 16.00
N SER D 446 16.67 -40.10 16.66
CA SER D 446 15.39 -39.90 15.96
C SER D 446 15.22 -38.46 15.54
N GLY D 447 16.17 -37.60 15.89
CA GLY D 447 16.06 -36.17 15.74
C GLY D 447 15.45 -35.47 16.93
N GLY D 448 14.67 -36.18 17.74
CA GLY D 448 14.10 -35.63 18.95
C GLY D 448 14.99 -35.80 20.17
N THR D 449 14.36 -35.85 21.34
CA THR D 449 15.05 -36.03 22.60
C THR D 449 14.35 -37.15 23.36
N THR D 450 15.06 -37.74 24.32
CA THR D 450 14.57 -38.86 25.11
C THR D 450 14.92 -38.59 26.56
N ALA D 451 14.01 -38.99 27.45
CA ALA D 451 14.15 -38.68 28.87
C ALA D 451 15.03 -39.70 29.55
N LEU D 452 15.95 -39.21 30.39
CA LEU D 452 16.91 -40.12 31.01
C LEU D 452 16.22 -41.08 31.96
N ARG D 453 15.16 -40.64 32.63
CA ARG D 453 14.44 -41.44 33.61
C ARG D 453 12.99 -40.97 33.61
N PRO D 454 12.06 -41.86 33.95
CA PRO D 454 10.67 -41.42 34.14
C PRO D 454 10.56 -40.52 35.36
N SER D 455 9.71 -39.50 35.25
CA SER D 455 9.56 -38.53 36.32
C SER D 455 8.15 -37.95 36.31
N ALA D 456 7.89 -37.04 37.25
CA ALA D 456 6.53 -36.59 37.53
C ALA D 456 5.79 -36.16 36.26
N SER D 457 6.46 -35.39 35.40
CA SER D 457 5.77 -34.84 34.24
C SER D 457 5.46 -35.89 33.18
N THR D 458 6.23 -36.98 33.15
CA THR D 458 6.02 -38.03 32.15
C THR D 458 5.11 -39.13 32.65
N GLN D 459 4.90 -39.23 33.96
CA GLN D 459 4.08 -40.27 34.56
C GLN D 459 2.76 -39.69 35.07
N ALA D 460 2.44 -38.49 34.61
CA ALA D 460 1.21 -37.83 35.05
C ALA D 460 -0.01 -38.54 34.48
N LEU D 461 -1.09 -38.50 35.25
CA LEU D 461 -2.35 -39.13 34.86
C LEU D 461 -2.91 -38.50 33.60
N SER D 462 -3.11 -37.18 33.62
CA SER D 462 -3.54 -36.43 32.46
C SER D 462 -2.39 -35.55 32.02
N SER D 463 -2.24 -35.35 30.71
CA SER D 463 -1.11 -34.62 30.18
C SER D 463 -1.57 -33.79 28.98
N SER D 464 -0.81 -32.75 28.70
CA SER D 464 -1.10 -31.85 27.59
C SER D 464 0.21 -31.26 27.09
N VAL D 465 0.22 -30.85 25.82
CA VAL D 465 1.37 -30.21 25.22
C VAL D 465 0.91 -28.89 24.60
N SER D 466 1.74 -27.86 24.72
CA SER D 466 1.39 -26.56 24.19
C SER D 466 1.25 -26.61 22.68
N SER D 467 0.21 -25.96 22.16
CA SER D 467 -0.01 -25.85 20.74
C SER D 467 0.14 -24.42 20.24
N SER D 468 0.65 -23.51 21.06
CA SER D 468 0.70 -22.11 20.68
C SER D 468 1.54 -21.95 19.42
N LYS D 469 1.13 -21.02 18.56
CA LYS D 469 1.85 -20.75 17.33
C LYS D 469 2.43 -19.33 17.33
N LEU D 470 2.48 -18.69 18.50
CA LEU D 470 2.90 -17.30 18.58
C LEU D 470 4.30 -17.11 18.00
N PHE D 471 5.23 -17.98 18.37
CA PHE D 471 6.59 -17.89 17.84
C PHE D 471 6.73 -18.65 16.54
N SER D 472 5.69 -19.41 16.15
CA SER D 472 5.63 -20.04 14.84
C SER D 472 7.00 -20.57 14.45
N SER D 473 7.36 -20.38 13.18
CA SER D 473 8.70 -20.73 12.71
C SER D 473 9.51 -19.47 12.39
N SER D 474 8.96 -18.31 12.78
CA SER D 474 9.66 -17.04 12.64
C SER D 474 11.11 -17.17 13.09
N THR D 475 11.31 -17.68 14.30
CA THR D 475 12.66 -17.90 14.80
C THR D 475 13.31 -19.03 13.99
N ALA D 476 14.51 -18.79 13.50
CA ALA D 476 15.23 -19.81 12.76
C ALA D 476 15.62 -20.97 13.69
N PRO D 477 15.59 -22.21 13.21
CA PRO D 477 15.94 -23.35 14.06
C PRO D 477 17.45 -23.42 14.23
N HIS D 478 17.87 -23.78 15.44
CA HIS D 478 19.28 -23.86 15.79
C HIS D 478 19.79 -25.29 15.69
N GLU D 479 21.09 -25.40 15.43
CA GLU D 479 21.67 -26.70 15.14
C GLU D 479 21.66 -27.55 16.41
N THR D 480 21.30 -28.83 16.26
CA THR D 480 21.22 -29.77 17.37
C THR D 480 22.16 -30.94 17.10
N SER D 481 22.97 -31.26 18.08
CA SER D 481 23.91 -32.37 18.02
C SER D 481 23.45 -33.49 18.94
N PHE D 482 23.64 -34.73 18.49
CA PHE D 482 23.24 -35.86 19.32
C PHE D 482 24.01 -35.82 20.64
N GLY D 483 23.30 -36.11 21.73
CA GLY D 483 23.92 -36.14 23.03
C GLY D 483 23.81 -34.86 23.81
N GLU D 484 23.44 -33.75 23.17
CA GLU D 484 23.30 -32.50 23.91
C GLU D 484 22.08 -32.56 24.82
N GLU D 485 22.20 -31.96 25.99
CA GLU D 485 21.10 -31.90 26.94
C GLU D 485 20.21 -30.71 26.60
N VAL D 486 18.92 -30.85 26.92
CA VAL D 486 17.97 -29.75 26.80
C VAL D 486 16.99 -29.86 27.96
N GLU D 487 16.41 -28.73 28.35
CA GLU D 487 15.42 -28.69 29.42
C GLU D 487 14.02 -28.67 28.84
N VAL D 488 13.14 -29.46 29.43
CA VAL D 488 11.72 -29.48 29.07
C VAL D 488 10.94 -29.05 30.29
N HIS D 489 10.15 -27.99 30.15
CA HIS D 489 9.45 -27.38 31.27
C HIS D 489 7.97 -27.73 31.26
N ASN D 490 7.42 -27.93 32.47
CA ASN D 490 6.04 -28.36 32.62
C ASN D 490 5.36 -27.60 33.75
N LEU D 491 4.05 -27.55 33.68
CA LEU D 491 3.21 -27.12 34.80
C LEU D 491 2.56 -28.39 35.36
N LEU D 492 2.81 -28.67 36.63
CA LEU D 492 2.26 -29.84 37.30
C LEU D 492 1.13 -29.40 38.24
N ILE D 493 0.00 -30.09 38.15
CA ILE D 493 -1.12 -29.87 39.05
C ILE D 493 -1.11 -31.01 40.06
N ILE D 494 -1.00 -30.67 41.35
CA ILE D 494 -0.75 -31.64 42.42
C ILE D 494 -1.79 -31.50 43.52
N ASP D 495 -2.37 -32.64 43.91
CA ASP D 495 -3.40 -32.66 44.94
C ASP D 495 -2.80 -32.30 46.30
N GLN D 496 -3.55 -31.49 47.08
CA GLN D 496 -3.03 -30.94 48.32
C GLN D 496 -2.98 -31.94 49.47
N HIS D 497 -3.66 -33.09 49.34
CA HIS D 497 -3.63 -34.11 50.38
C HIS D 497 -2.86 -35.35 49.96
N THR D 498 -3.19 -35.92 48.80
CA THR D 498 -2.49 -37.09 48.31
C THR D 498 -1.15 -36.74 47.67
N PHE D 499 -1.02 -35.52 47.15
CA PHE D 499 0.18 -35.10 46.41
C PHE D 499 0.40 -36.00 45.20
N GLU D 500 -0.69 -36.33 44.52
CA GLU D 500 -0.67 -37.09 43.28
C GLU D 500 -0.68 -36.12 42.12
N VAL D 501 0.13 -36.40 41.10
CA VAL D 501 0.18 -35.52 39.94
C VAL D 501 -1.07 -35.76 39.10
N LEU D 502 -1.95 -34.78 39.08
CA LEU D 502 -3.23 -34.88 38.40
C LEU D 502 -3.12 -34.55 36.93
N HIS D 503 -2.29 -33.57 36.61
CA HIS D 503 -2.11 -33.12 35.24
C HIS D 503 -0.70 -32.59 35.10
N ALA D 504 -0.15 -32.69 33.89
CA ALA D 504 1.14 -32.11 33.57
C ALA D 504 1.00 -31.48 32.19
N HIS D 505 1.39 -30.21 32.08
CA HIS D 505 1.34 -29.48 30.83
C HIS D 505 2.76 -29.20 30.36
N GLN D 506 3.10 -29.70 29.16
CA GLN D 506 4.42 -29.47 28.60
C GLN D 506 4.39 -28.18 27.78
N PHE D 507 5.35 -27.31 28.05
CA PHE D 507 5.43 -26.05 27.34
C PHE D 507 6.19 -26.23 26.02
N LEU D 508 6.30 -25.13 25.28
CA LEU D 508 6.90 -25.19 23.96
C LEU D 508 8.36 -25.59 24.04
N GLN D 509 8.86 -26.10 22.92
CA GLN D 509 10.27 -26.44 22.81
C GLN D 509 11.14 -25.22 23.06
N ASN D 510 12.12 -25.36 23.96
CA ASN D 510 13.01 -24.28 24.34
C ASN D 510 12.33 -23.17 25.12
N GLU D 511 11.15 -23.43 25.68
CA GLU D 511 10.44 -22.46 26.50
C GLU D 511 10.69 -22.79 27.97
N TYR D 512 11.18 -21.82 28.72
CA TYR D 512 11.40 -21.97 30.16
C TYR D 512 10.25 -21.31 30.92
N ALA D 513 9.71 -22.02 31.91
CA ALA D 513 8.68 -21.48 32.79
C ALA D 513 9.39 -20.86 33.98
N LEU D 514 9.24 -19.55 34.15
CA LEU D 514 9.97 -18.81 35.16
C LEU D 514 9.14 -18.33 36.34
N SER D 515 7.84 -18.06 36.14
CA SER D 515 7.02 -17.45 37.17
C SER D 515 5.64 -18.08 37.16
N LEU D 516 5.03 -18.16 38.35
CA LEU D 516 3.73 -18.79 38.51
C LEU D 516 2.92 -18.11 39.59
N VAL D 517 1.65 -17.83 39.28
CA VAL D 517 0.72 -17.29 40.27
C VAL D 517 -0.63 -18.01 40.16
N SER D 518 -1.36 -18.00 41.28
CA SER D 518 -2.75 -18.45 41.34
C SER D 518 -3.58 -17.29 41.85
N CYS D 519 -4.60 -16.88 41.09
CA CYS D 519 -5.38 -15.73 41.52
C CYS D 519 -6.66 -15.60 40.70
N LYS D 520 -7.53 -14.71 41.17
CA LYS D 520 -8.67 -14.19 40.43
C LYS D 520 -8.28 -12.82 39.90
N LEU D 521 -8.72 -12.49 38.68
CA LEU D 521 -8.42 -11.19 38.11
C LEU D 521 -9.69 -10.45 37.71
N GLY D 522 -9.62 -9.13 37.82
CA GLY D 522 -10.70 -8.29 37.32
C GLY D 522 -12.03 -8.70 37.89
N LYS D 523 -13.03 -8.77 37.00
CA LYS D 523 -14.38 -9.17 37.37
C LYS D 523 -14.65 -10.64 37.08
N ASP D 524 -13.61 -11.42 36.79
CA ASP D 524 -13.76 -12.84 36.52
C ASP D 524 -13.71 -13.62 37.83
N PRO D 525 -14.78 -14.34 38.19
CA PRO D 525 -14.76 -15.09 39.46
C PRO D 525 -13.91 -16.35 39.40
N ASN D 526 -13.49 -16.76 38.21
CA ASN D 526 -12.70 -17.98 38.06
C ASN D 526 -11.29 -17.77 38.59
N THR D 527 -10.77 -18.80 39.25
CA THR D 527 -9.41 -18.81 39.76
C THR D 527 -8.48 -19.53 38.78
N TYR D 528 -7.40 -18.85 38.41
CA TYR D 528 -6.50 -19.34 37.37
C TYR D 528 -5.11 -19.62 37.91
N PHE D 529 -4.40 -20.50 37.19
CA PHE D 529 -2.95 -20.62 37.26
C PHE D 529 -2.36 -19.82 36.11
N ILE D 530 -1.44 -18.91 36.40
CA ILE D 530 -0.80 -18.09 35.39
C ILE D 530 0.70 -18.32 35.43
N VAL D 531 1.30 -18.53 34.26
CA VAL D 531 2.71 -18.84 34.12
C VAL D 531 3.35 -17.82 33.21
N GLY D 532 4.53 -17.34 33.60
CA GLY D 532 5.33 -16.46 32.78
C GLY D 532 6.56 -17.20 32.31
N THR D 533 6.82 -17.09 31.00
CA THR D 533 7.82 -17.94 30.37
C THR D 533 8.83 -17.09 29.62
N ALA D 534 9.87 -17.76 29.14
CA ALA D 534 10.92 -17.15 28.34
C ALA D 534 11.36 -18.15 27.29
N MET D 535 11.60 -17.66 26.07
CA MET D 535 12.17 -18.47 25.01
C MET D 535 13.70 -18.39 25.12
N VAL D 536 14.32 -19.53 25.41
CA VAL D 536 15.75 -19.61 25.67
C VAL D 536 16.39 -20.26 24.45
N TYR D 537 17.22 -19.50 23.75
CA TYR D 537 18.03 -20.02 22.67
C TYR D 537 19.49 -19.80 23.05
N PRO D 538 20.34 -20.81 22.88
CA PRO D 538 21.72 -20.69 23.38
C PRO D 538 22.46 -19.48 22.86
N GLU D 539 22.14 -19.00 21.66
CA GLU D 539 22.89 -17.90 21.08
C GLU D 539 22.61 -16.58 21.77
N GLU D 540 21.41 -16.38 22.30
CA GLU D 540 21.00 -15.08 22.78
C GLU D 540 21.46 -14.91 24.21
N ALA D 541 21.98 -13.71 24.52
CA ALA D 541 22.39 -13.41 25.88
C ALA D 541 21.20 -13.22 26.81
N GLU D 542 20.25 -12.40 26.41
CA GLU D 542 19.02 -12.21 27.15
C GLU D 542 17.86 -12.63 26.27
N PRO D 543 16.90 -13.38 26.80
CA PRO D 543 15.78 -13.82 25.95
C PRO D 543 15.06 -12.61 25.37
N LYS D 544 14.63 -12.74 24.12
CA LYS D 544 13.93 -11.67 23.44
C LYS D 544 12.48 -12.03 23.17
N GLN D 545 12.04 -13.25 23.54
CA GLN D 545 10.66 -13.68 23.35
C GLN D 545 10.15 -14.37 24.62
N GLY D 546 8.85 -14.24 24.87
CA GLY D 546 8.26 -14.81 26.07
C GLY D 546 6.75 -14.79 26.00
N ARG D 547 6.14 -15.54 26.91
CA ARG D 547 4.70 -15.65 27.01
C ARG D 547 4.19 -15.53 28.43
N ILE D 548 2.97 -15.03 28.57
CA ILE D 548 2.19 -15.11 29.80
C ILE D 548 0.95 -15.95 29.49
N VAL D 549 0.82 -17.09 30.16
CA VAL D 549 -0.23 -18.07 29.86
C VAL D 549 -1.20 -18.17 31.03
N VAL D 550 -2.50 -18.15 30.73
CA VAL D 550 -3.55 -18.27 31.73
C VAL D 550 -4.19 -19.65 31.58
N PHE D 551 -4.19 -20.41 32.67
CA PHE D 551 -4.79 -21.74 32.74
C PHE D 551 -5.92 -21.75 33.76
N GLN D 552 -6.93 -22.58 33.52
CA GLN D 552 -7.94 -22.87 34.54
C GLN D 552 -7.99 -24.37 34.76
N TYR D 553 -7.76 -24.83 35.99
CA TYR D 553 -7.94 -26.23 36.34
C TYR D 553 -9.35 -26.41 36.93
N SER D 554 -10.21 -27.12 36.21
CA SER D 554 -11.58 -27.32 36.64
C SER D 554 -12.05 -28.68 36.14
N ASP D 555 -12.70 -29.44 37.01
CA ASP D 555 -13.23 -30.76 36.68
C ASP D 555 -12.16 -31.70 36.13
N GLY D 556 -10.99 -31.70 36.78
CA GLY D 556 -9.97 -32.67 36.43
C GLY D 556 -9.20 -32.38 35.16
N LYS D 557 -9.49 -31.27 34.47
CA LYS D 557 -8.84 -30.95 33.22
C LYS D 557 -8.28 -29.52 33.28
N LEU D 558 -7.17 -29.32 32.59
CA LEU D 558 -6.52 -28.01 32.52
C LEU D 558 -6.81 -27.38 31.17
N GLN D 559 -7.35 -26.16 31.19
CA GLN D 559 -7.73 -25.46 29.97
C GLN D 559 -6.95 -24.16 29.87
N THR D 560 -6.38 -23.92 28.69
CA THR D 560 -5.69 -22.67 28.42
C THR D 560 -6.74 -21.60 28.14
N VAL D 561 -6.75 -20.55 28.95
CA VAL D 561 -7.75 -19.50 28.78
C VAL D 561 -7.25 -18.39 27.88
N ALA D 562 -6.01 -17.92 28.08
CA ALA D 562 -5.49 -16.82 27.28
C ALA D 562 -3.97 -16.89 27.26
N GLU D 563 -3.39 -16.28 26.23
CA GLU D 563 -1.94 -16.14 26.10
C GLU D 563 -1.62 -14.70 25.70
N LYS D 564 -0.56 -14.15 26.28
CA LYS D 564 -0.12 -12.79 26.00
C LYS D 564 1.35 -12.84 25.61
N GLU D 565 1.65 -12.42 24.39
CA GLU D 565 3.03 -12.42 23.94
C GLU D 565 3.78 -11.21 24.51
N VAL D 566 5.01 -11.44 24.97
CA VAL D 566 5.89 -10.40 25.45
C VAL D 566 7.23 -10.58 24.75
N LYS D 567 8.05 -9.54 24.81
CA LYS D 567 9.35 -9.50 24.12
C LYS D 567 10.51 -9.71 25.09
N GLY D 568 10.40 -10.70 25.96
CA GLY D 568 11.45 -10.95 26.93
C GLY D 568 11.03 -12.02 27.92
N ALA D 569 11.84 -12.19 28.96
CA ALA D 569 11.60 -13.23 29.95
C ALA D 569 10.72 -12.68 31.06
N VAL D 570 9.66 -13.42 31.41
CA VAL D 570 8.76 -13.03 32.47
C VAL D 570 9.33 -13.59 33.78
N TYR D 571 10.24 -12.82 34.39
CA TYR D 571 10.96 -13.30 35.57
C TYR D 571 10.05 -13.38 36.79
N SER D 572 9.09 -12.48 36.93
CA SER D 572 8.28 -12.45 38.15
C SER D 572 6.88 -11.90 37.92
N MET D 573 5.89 -12.53 38.54
CA MET D 573 4.50 -12.09 38.49
C MET D 573 3.92 -12.08 39.90
N VAL D 574 2.99 -11.15 40.14
CA VAL D 574 2.29 -11.04 41.42
C VAL D 574 0.95 -10.37 41.15
N GLU D 575 -0.06 -10.79 41.90
CA GLU D 575 -1.37 -10.16 41.76
C GLU D 575 -1.39 -8.82 42.48
N PHE D 576 -1.95 -7.81 41.81
CA PHE D 576 -1.94 -6.41 42.24
C PHE D 576 -3.37 -5.90 42.11
N ASN D 577 -4.15 -6.00 43.20
CA ASN D 577 -5.47 -5.38 43.25
C ASN D 577 -6.31 -5.74 42.02
N GLY D 578 -6.43 -7.04 41.79
CA GLY D 578 -7.22 -7.57 40.70
C GLY D 578 -6.58 -7.49 39.33
N LYS D 579 -5.35 -6.99 39.25
CA LYS D 579 -4.59 -6.88 38.02
C LYS D 579 -3.36 -7.76 38.12
N LEU D 580 -2.74 -8.00 36.98
CA LEU D 580 -1.55 -8.85 36.92
C LEU D 580 -0.33 -7.94 36.78
N LEU D 581 0.57 -8.01 37.76
CA LEU D 581 1.83 -7.30 37.72
C LEU D 581 2.92 -8.28 37.29
N ALA D 582 3.60 -7.97 36.19
CA ALA D 582 4.61 -8.85 35.62
C ALA D 582 5.86 -8.05 35.30
N SER D 583 7.01 -8.71 35.43
CA SER D 583 8.30 -8.14 35.06
C SER D 583 8.80 -8.87 33.83
N ILE D 584 9.06 -8.12 32.76
CA ILE D 584 9.64 -8.63 31.52
C ILE D 584 10.98 -7.92 31.34
N ASN D 585 12.09 -8.65 31.60
CA ASN D 585 13.43 -8.08 31.48
C ASN D 585 13.52 -6.81 32.32
N SER D 586 13.84 -5.68 31.68
CA SER D 586 13.90 -4.40 32.41
C SER D 586 12.52 -3.84 32.75
N THR D 587 11.52 -4.14 31.93
CA THR D 587 10.21 -3.53 32.05
C THR D 587 9.41 -4.16 33.19
N VAL D 588 8.64 -3.33 33.89
CA VAL D 588 7.64 -3.78 34.86
C VAL D 588 6.28 -3.30 34.37
N ARG D 589 5.39 -4.24 34.08
CA ARG D 589 4.11 -3.93 33.47
C ARG D 589 2.96 -4.32 34.39
N LEU D 590 1.85 -3.59 34.28
CA LEU D 590 0.61 -3.91 34.97
C LEU D 590 -0.45 -4.22 33.92
N TYR D 591 -0.96 -5.44 33.96
CA TYR D 591 -1.96 -5.90 32.99
C TYR D 591 -3.35 -5.89 33.63
N GLU D 592 -4.36 -5.51 32.85
CA GLU D 592 -5.76 -5.63 33.24
C GLU D 592 -6.38 -6.83 32.54
N TRP D 593 -7.39 -7.43 33.18
CA TRP D 593 -8.09 -8.60 32.66
C TRP D 593 -9.43 -8.15 32.11
N THR D 594 -9.58 -8.20 30.79
CA THR D 594 -10.75 -7.65 30.14
C THR D 594 -11.95 -8.58 30.31
N THR D 595 -13.13 -8.10 29.93
CA THR D 595 -14.31 -8.97 29.92
C THR D 595 -14.27 -10.00 28.81
N GLU D 596 -13.37 -9.86 27.83
CA GLU D 596 -13.16 -10.88 26.82
C GLU D 596 -12.12 -11.91 27.23
N LYS D 597 -11.71 -11.89 28.51
CA LYS D 597 -10.74 -12.84 29.04
C LYS D 597 -9.41 -12.76 28.28
N GLU D 598 -8.93 -11.54 28.08
CA GLU D 598 -7.63 -11.26 27.49
C GLU D 598 -6.92 -10.26 28.40
N LEU D 599 -5.59 -10.21 28.33
CA LEU D 599 -4.83 -9.28 29.14
C LEU D 599 -4.55 -8.01 28.35
N ARG D 600 -4.76 -6.85 28.98
CA ARG D 600 -4.52 -5.54 28.37
C ARG D 600 -3.54 -4.75 29.23
N THR D 601 -2.47 -4.28 28.61
CA THR D 601 -1.45 -3.53 29.33
C THR D 601 -2.01 -2.17 29.75
N GLU D 602 -1.81 -1.81 31.01
CA GLU D 602 -2.27 -0.51 31.50
C GLU D 602 -1.14 0.53 31.52
N CYS D 603 0.00 0.17 32.10
CA CYS D 603 1.10 1.11 32.26
C CYS D 603 2.38 0.32 32.48
N ASN D 604 3.50 0.99 32.22
CA ASN D 604 4.81 0.34 32.26
C ASN D 604 5.77 1.19 33.09
N HIS D 605 6.77 0.52 33.64
CA HIS D 605 7.93 1.16 34.26
C HIS D 605 9.17 0.50 33.67
N TYR D 606 10.10 1.31 33.18
CA TYR D 606 11.22 0.74 32.45
C TYR D 606 12.58 0.94 33.10
N ASN D 607 12.67 1.65 34.23
CA ASN D 607 13.98 1.99 34.79
C ASN D 607 14.50 0.83 35.66
N ASN D 608 14.84 -0.26 34.98
CA ASN D 608 15.46 -1.43 35.60
C ASN D 608 16.47 -2.06 34.65
N ILE D 609 17.47 -2.71 35.24
CA ILE D 609 18.38 -3.52 34.42
C ILE D 609 17.81 -4.91 34.16
N MET D 610 17.43 -5.62 35.22
CA MET D 610 16.76 -6.92 35.11
C MET D 610 15.88 -7.04 36.36
N ALA D 611 14.56 -6.87 36.15
CA ALA D 611 13.60 -6.89 37.24
C ALA D 611 13.27 -8.33 37.59
N LEU D 612 14.06 -8.91 38.48
CA LEU D 612 13.95 -10.33 38.79
C LEU D 612 12.92 -10.64 39.87
N TYR D 613 12.70 -9.75 40.83
CA TYR D 613 11.84 -10.06 41.96
C TYR D 613 10.80 -8.98 42.17
N LEU D 614 9.57 -9.39 42.49
CA LEU D 614 8.46 -8.48 42.69
C LEU D 614 7.72 -8.88 43.95
N LYS D 615 7.39 -7.88 44.78
CA LYS D 615 6.60 -8.06 45.99
C LYS D 615 5.71 -6.83 46.11
N THR D 616 4.50 -7.00 46.65
CA THR D 616 3.55 -5.90 46.72
C THR D 616 2.93 -5.76 48.09
N LYS D 617 2.59 -4.51 48.43
CA LYS D 617 1.76 -4.19 49.60
C LYS D 617 0.90 -2.98 49.26
N GLY D 618 -0.41 -3.20 49.11
CA GLY D 618 -1.30 -2.09 48.75
C GLY D 618 -1.05 -1.64 47.32
N ASP D 619 -0.89 -0.34 47.13
CA ASP D 619 -0.52 0.19 45.83
C ASP D 619 0.99 0.42 45.70
N PHE D 620 1.76 -0.19 46.59
CA PHE D 620 3.21 -0.11 46.57
C PHE D 620 3.80 -1.41 46.04
N ILE D 621 4.88 -1.31 45.28
CA ILE D 621 5.54 -2.47 44.69
C ILE D 621 7.02 -2.39 45.02
N LEU D 622 7.60 -3.51 45.46
CA LEU D 622 9.03 -3.61 45.72
C LEU D 622 9.63 -4.41 44.57
N VAL D 623 10.52 -3.77 43.80
CA VAL D 623 11.13 -4.41 42.64
C VAL D 623 12.58 -4.72 43.00
N GLY D 624 13.01 -5.94 42.67
CA GLY D 624 14.37 -6.38 42.88
C GLY D 624 15.08 -6.51 41.54
N ASP D 625 16.27 -5.90 41.46
CA ASP D 625 17.04 -5.83 40.23
C ASP D 625 18.27 -6.71 40.36
N LEU D 626 18.84 -7.08 39.22
CA LEU D 626 20.03 -7.92 39.25
C LEU D 626 21.19 -7.21 39.93
N MET D 627 21.33 -5.90 39.72
CA MET D 627 22.42 -5.13 40.32
C MET D 627 21.98 -3.85 40.99
N ARG D 628 20.85 -3.25 40.64
CA ARG D 628 20.49 -1.95 41.17
C ARG D 628 19.67 -2.09 42.45
N SER D 629 19.59 -3.28 43.00
CA SER D 629 19.03 -3.60 44.32
C SER D 629 17.55 -3.23 44.34
N VAL D 630 17.02 -2.67 45.41
CA VAL D 630 15.58 -2.57 45.59
C VAL D 630 15.12 -1.19 45.15
N LEU D 631 13.95 -1.16 44.52
CA LEU D 631 13.24 0.05 44.15
C LEU D 631 11.83 -0.05 44.73
N LEU D 632 11.31 1.07 45.23
CA LEU D 632 9.94 1.15 45.72
C LEU D 632 9.11 1.89 44.66
N LEU D 633 8.34 1.14 43.88
CA LEU D 633 7.38 1.76 42.97
C LEU D 633 6.03 1.89 43.67
N ALA D 634 5.22 2.82 43.17
CA ALA D 634 3.85 2.99 43.62
C ALA D 634 2.95 3.18 42.41
N TYR D 635 1.79 2.54 42.45
CA TYR D 635 0.75 2.72 41.45
C TYR D 635 -0.08 3.95 41.81
N LYS D 636 -0.18 4.89 40.88
CA LYS D 636 -1.01 6.05 41.10
C LYS D 636 -2.32 5.87 40.37
N PRO D 637 -3.39 5.42 41.02
CA PRO D 637 -4.61 5.07 40.28
C PRO D 637 -5.25 6.26 39.60
N MET D 638 -5.10 7.47 40.15
CA MET D 638 -5.72 8.62 39.50
C MET D 638 -5.20 8.80 38.07
N GLU D 639 -3.94 8.48 37.83
CA GLU D 639 -3.35 8.70 36.51
C GLU D 639 -3.22 7.41 35.72
N GLY D 640 -3.27 6.25 36.38
CA GLY D 640 -3.16 4.98 35.70
C GLY D 640 -1.74 4.66 35.26
N ASN D 641 -0.75 4.87 36.13
CA ASN D 641 0.65 4.68 35.78
C ASN D 641 1.43 4.49 37.08
N PHE D 642 2.73 4.28 36.95
CA PHE D 642 3.62 4.10 38.08
C PHE D 642 4.32 5.42 38.41
N GLU D 643 4.81 5.52 39.64
CA GLU D 643 5.65 6.63 40.05
C GLU D 643 6.77 6.08 40.92
N GLU D 644 8.01 6.47 40.64
CA GLU D 644 9.13 6.01 41.44
C GLU D 644 9.09 6.71 42.79
N ILE D 645 9.01 5.94 43.87
CA ILE D 645 8.99 6.51 45.21
C ILE D 645 10.40 6.65 45.76
N ALA D 646 11.17 5.57 45.81
CA ALA D 646 12.53 5.66 46.33
C ALA D 646 13.31 4.41 45.96
N ARG D 647 14.63 4.59 45.79
CA ARG D 647 15.52 3.52 45.38
C ARG D 647 16.71 3.42 46.32
N ASP D 648 17.19 2.20 46.50
CA ASP D 648 18.44 1.94 47.20
C ASP D 648 19.55 2.06 46.17
N PHE D 649 20.19 3.23 46.10
CA PHE D 649 21.20 3.43 45.07
C PHE D 649 22.44 2.60 45.31
N ASN D 650 22.62 2.06 46.50
CA ASN D 650 23.70 1.11 46.73
C ASN D 650 23.53 -0.08 45.80
N PRO D 651 24.59 -0.51 45.12
CA PRO D 651 24.46 -1.63 44.18
C PRO D 651 24.62 -2.97 44.89
N ASN D 652 23.66 -3.87 44.72
CA ASN D 652 23.72 -5.20 45.32
C ASN D 652 23.18 -6.19 44.29
N TRP D 653 23.73 -7.40 44.30
CA TRP D 653 23.21 -8.48 43.47
C TRP D 653 22.16 -9.21 44.29
N MET D 654 20.90 -9.00 43.96
CA MET D 654 19.80 -9.48 44.78
C MET D 654 19.57 -10.97 44.52
N SER D 655 19.17 -11.67 45.58
CA SER D 655 18.71 -13.04 45.48
C SER D 655 17.24 -13.21 45.88
N ALA D 656 16.72 -12.32 46.73
CA ALA D 656 15.33 -12.32 47.15
C ALA D 656 15.05 -11.00 47.85
N VAL D 657 13.79 -10.57 47.78
CA VAL D 657 13.33 -9.37 48.45
C VAL D 657 12.00 -9.69 49.14
N GLU D 658 11.67 -8.86 50.13
CA GLU D 658 10.38 -8.99 50.80
C GLU D 658 10.03 -7.65 51.44
N ILE D 659 8.74 -7.37 51.50
CA ILE D 659 8.23 -6.16 52.15
C ILE D 659 7.91 -6.52 53.60
N LEU D 660 8.49 -5.78 54.54
CA LEU D 660 8.22 -6.01 55.95
C LEU D 660 7.00 -5.21 56.43
N ASP D 661 6.95 -3.93 56.12
CA ASP D 661 5.81 -3.07 56.42
C ASP D 661 5.87 -1.87 55.47
N ASP D 662 4.99 -0.90 55.67
CA ASP D 662 4.87 0.19 54.71
C ASP D 662 6.18 0.96 54.55
N ASP D 663 7.11 0.84 55.50
CA ASP D 663 8.33 1.62 55.47
C ASP D 663 9.60 0.78 55.38
N ASN D 664 9.59 -0.48 55.80
CA ASN D 664 10.79 -1.30 55.81
C ASN D 664 10.74 -2.37 54.71
N PHE D 665 11.86 -2.57 54.04
CA PHE D 665 11.99 -3.52 52.94
C PHE D 665 13.25 -4.35 53.15
N LEU D 666 13.12 -5.67 53.02
CA LEU D 666 14.20 -6.61 53.30
C LEU D 666 14.76 -7.20 52.00
N GLY D 667 16.07 -7.38 51.97
CA GLY D 667 16.72 -7.93 50.78
C GLY D 667 17.76 -8.98 51.13
N ALA D 668 18.14 -9.75 50.10
CA ALA D 668 19.17 -10.78 50.20
C ALA D 668 20.13 -10.65 49.03
N GLU D 669 21.42 -10.80 49.30
CA GLU D 669 22.49 -10.59 48.33
C GLU D 669 23.18 -11.91 48.01
N ASN D 670 23.81 -11.98 46.83
CA ASN D 670 24.57 -13.17 46.47
C ASN D 670 25.80 -13.32 47.33
N ALA D 671 26.07 -12.34 48.19
CA ALA D 671 27.20 -12.37 49.11
C ALA D 671 26.84 -13.02 50.43
N PHE D 672 25.66 -13.64 50.51
CA PHE D 672 25.17 -14.24 51.73
C PHE D 672 24.85 -13.18 52.79
N ASN D 673 24.39 -12.01 52.35
CA ASN D 673 24.10 -10.92 53.26
C ASN D 673 22.63 -10.55 53.19
N LEU D 674 22.10 -10.11 54.32
CA LEU D 674 20.75 -9.58 54.40
C LEU D 674 20.87 -8.09 54.72
N PHE D 675 20.00 -7.28 54.11
CA PHE D 675 20.01 -5.85 54.41
C PHE D 675 18.58 -5.33 54.39
N VAL D 676 18.35 -4.25 55.14
CA VAL D 676 17.05 -3.61 55.21
C VAL D 676 17.23 -2.13 54.88
N CYS D 677 16.50 -1.64 53.89
CA CYS D 677 16.46 -0.22 53.55
C CYS D 677 15.06 0.31 53.86
N GLN D 678 14.98 1.57 54.28
CA GLN D 678 13.70 2.17 54.63
C GLN D 678 13.62 3.58 54.07
N LYS D 679 12.39 4.00 53.77
CA LYS D 679 12.12 5.38 53.39
C LYS D 679 12.71 6.30 54.46
N ASP D 680 13.43 7.32 54.01
CA ASP D 680 14.18 8.14 54.96
C ASP D 680 13.26 9.01 55.81
N SER D 681 12.23 9.61 55.20
CA SER D 681 11.26 10.44 55.94
C SER D 681 11.95 11.52 56.76
N ALA D 682 13.09 12.02 56.28
CA ALA D 682 13.79 13.11 56.95
C ALA D 682 14.24 14.19 55.98
N ALA D 683 14.40 15.40 56.52
CA ALA D 683 14.81 16.62 55.83
C ALA D 683 13.79 17.12 54.80
N THR D 684 12.65 16.46 54.66
CA THR D 684 11.59 16.87 53.75
C THR D 684 12.10 17.43 52.42
N THR D 685 13.12 16.79 51.86
CA THR D 685 13.68 17.13 50.57
C THR D 685 13.25 16.07 49.58
N ASP D 686 12.94 16.47 48.34
CA ASP D 686 12.54 15.47 47.35
C ASP D 686 13.67 14.49 47.09
N GLU D 687 14.91 14.99 47.10
CA GLU D 687 16.08 14.14 46.88
C GLU D 687 16.27 13.18 48.05
N GLU D 688 16.03 13.66 49.27
CA GLU D 688 16.11 12.78 50.43
C GLU D 688 14.99 11.74 50.39
N ARG D 689 13.78 12.16 49.99
CA ARG D 689 12.65 11.23 49.94
C ARG D 689 12.86 10.09 48.95
N GLN D 690 13.51 10.37 47.83
CA GLN D 690 13.71 9.35 46.81
C GLN D 690 14.90 8.43 47.12
N HIS D 691 15.56 8.62 48.26
CA HIS D 691 16.72 7.84 48.64
C HIS D 691 16.33 6.84 49.72
N LEU D 692 16.44 5.56 49.40
CA LEU D 692 16.26 4.50 50.38
C LEU D 692 17.58 4.22 51.09
N GLN D 693 17.59 4.35 52.42
CA GLN D 693 18.81 4.18 53.19
C GLN D 693 18.88 2.77 53.75
N GLU D 694 20.01 2.10 53.52
CA GLU D 694 20.28 0.80 54.12
C GLU D 694 20.52 1.01 55.61
N VAL D 695 19.57 0.58 56.43
CA VAL D 695 19.64 0.76 57.88
C VAL D 695 20.01 -0.53 58.60
N GLY D 696 19.82 -1.68 57.98
CA GLY D 696 20.17 -2.96 58.58
C GLY D 696 21.13 -3.72 57.68
N LEU D 697 22.15 -4.32 58.29
CA LEU D 697 23.14 -5.12 57.59
C LEU D 697 23.45 -6.33 58.46
N PHE D 698 23.57 -7.49 57.85
CA PHE D 698 23.74 -8.72 58.62
C PHE D 698 24.26 -9.81 57.70
N HIS D 699 25.37 -10.43 58.08
CA HIS D 699 25.89 -11.56 57.32
C HIS D 699 25.17 -12.82 57.75
N LEU D 700 24.30 -13.34 56.89
CA LEU D 700 23.52 -14.52 57.26
C LEU D 700 24.34 -15.79 57.15
N GLY D 701 25.17 -15.89 56.12
CA GLY D 701 25.94 -17.09 55.88
C GLY D 701 25.23 -18.13 55.04
N GLU D 702 24.00 -17.85 54.61
CA GLU D 702 23.21 -18.74 53.77
C GLU D 702 22.78 -17.93 52.56
N PHE D 703 22.40 -18.64 51.50
CA PHE D 703 21.95 -18.04 50.26
C PHE D 703 20.42 -18.10 50.21
N VAL D 704 19.78 -16.94 50.29
CA VAL D 704 18.32 -16.88 50.35
C VAL D 704 17.75 -16.86 48.94
N ASN D 705 16.89 -17.82 48.64
CA ASN D 705 16.17 -17.87 47.37
C ASN D 705 14.76 -17.32 47.46
N VAL D 706 14.06 -17.53 48.57
CA VAL D 706 12.65 -17.19 48.66
C VAL D 706 12.39 -16.57 50.02
N PHE D 707 11.70 -15.40 50.02
CA PHE D 707 11.12 -14.85 51.24
C PHE D 707 9.62 -15.12 51.22
N CYS D 708 9.07 -15.52 52.36
CA CYS D 708 7.67 -15.96 52.43
C CYS D 708 7.10 -15.55 53.78
N HIS D 709 6.04 -14.74 53.75
CA HIS D 709 5.34 -14.35 54.97
C HIS D 709 4.61 -15.56 55.54
N GLY D 710 4.68 -15.75 56.85
CA GLY D 710 3.99 -16.84 57.50
C GLY D 710 4.76 -17.34 58.70
N SER D 711 4.10 -18.20 59.46
CA SER D 711 4.73 -18.85 60.59
C SER D 711 4.27 -20.29 60.68
N LEU D 712 5.17 -21.15 61.18
CA LEU D 712 4.84 -22.56 61.34
C LEU D 712 4.26 -22.87 62.72
N VAL D 713 4.37 -21.97 63.66
CA VAL D 713 3.88 -22.18 65.01
C VAL D 713 2.40 -21.82 64.99
N MET D 714 1.64 -22.45 65.88
CA MET D 714 0.21 -22.21 65.96
C MET D 714 -0.10 -20.77 66.36
N GLN D 715 -1.04 -20.16 65.63
CA GLN D 715 -1.51 -18.80 65.84
C GLN D 715 -2.89 -18.89 66.47
N ASN D 716 -3.03 -18.47 67.71
CA ASN D 716 -4.31 -18.45 68.40
C ASN D 716 -4.96 -17.08 68.22
N LEU D 717 -6.16 -17.05 67.65
CA LEU D 717 -6.86 -15.80 67.38
C LEU D 717 -6.94 -14.93 68.63
N GLY D 718 -6.68 -15.48 69.80
CA GLY D 718 -6.68 -14.68 71.01
C GLY D 718 -5.43 -13.83 71.05
N GLU D 719 -5.61 -12.55 71.36
CA GLU D 719 -4.52 -11.59 71.27
C GLU D 719 -3.47 -11.90 72.34
N THR D 720 -2.25 -12.18 71.89
CA THR D 720 -1.10 -12.36 72.76
C THR D 720 -0.09 -11.26 72.48
N SER D 721 0.39 -10.61 73.53
CA SER D 721 1.39 -9.54 73.34
C SER D 721 2.77 -10.16 73.21
N THR D 722 3.12 -10.55 71.97
CA THR D 722 4.45 -11.08 71.73
C THR D 722 5.45 -9.92 71.61
N PRO D 723 6.71 -10.15 71.99
CA PRO D 723 7.73 -9.10 71.75
C PRO D 723 8.05 -8.91 70.28
N THR D 724 8.04 -10.00 69.53
CA THR D 724 8.30 -9.98 68.11
C THR D 724 7.06 -9.55 67.34
N GLN D 725 7.26 -8.70 66.34
CA GLN D 725 6.21 -8.26 65.42
C GLN D 725 6.55 -8.71 64.01
N GLY D 726 5.62 -9.40 63.37
CA GLY D 726 5.83 -9.88 62.02
C GLY D 726 6.52 -11.23 61.98
N SER D 727 6.43 -11.88 60.82
CA SER D 727 7.04 -13.19 60.64
C SER D 727 7.29 -13.44 59.16
N VAL D 728 8.56 -13.53 58.77
CA VAL D 728 8.96 -13.88 57.40
C VAL D 728 9.82 -15.12 57.46
N LEU D 729 9.41 -16.17 56.74
CA LEU D 729 10.23 -17.35 56.56
C LEU D 729 11.09 -17.21 55.31
N PHE D 730 12.26 -17.85 55.31
CA PHE D 730 13.08 -17.86 54.11
C PHE D 730 13.75 -19.21 53.93
N GLY D 731 13.83 -19.65 52.68
CA GLY D 731 14.45 -20.90 52.31
C GLY D 731 15.78 -20.63 51.63
N THR D 732 16.72 -21.54 51.80
CA THR D 732 18.09 -21.32 51.35
C THR D 732 18.60 -22.55 50.60
N VAL D 733 19.80 -22.36 50.03
CA VAL D 733 20.40 -23.36 49.16
C VAL D 733 20.82 -24.60 49.93
N ASN D 734 21.18 -24.46 51.20
CA ASN D 734 21.65 -25.58 51.99
C ASN D 734 20.53 -26.25 52.80
N GLY D 735 19.27 -25.91 52.53
CA GLY D 735 18.15 -26.48 53.25
C GLY D 735 17.80 -25.76 54.53
N MET D 736 18.64 -24.82 54.98
CA MET D 736 18.34 -24.02 56.14
C MET D 736 17.06 -23.21 55.92
N ILE D 737 16.16 -23.28 56.89
CA ILE D 737 14.98 -22.42 56.94
C ILE D 737 15.13 -21.49 58.13
N GLY D 738 14.96 -20.19 57.88
CA GLY D 738 15.12 -19.18 58.92
C GLY D 738 13.88 -18.30 59.00
N LEU D 739 13.92 -17.39 59.97
CA LEU D 739 12.78 -16.51 60.24
C LEU D 739 13.29 -15.13 60.61
N VAL D 740 12.67 -14.13 59.99
CA VAL D 740 12.96 -12.73 60.24
C VAL D 740 11.72 -12.12 60.91
N THR D 741 11.96 -11.32 61.95
CA THR D 741 10.88 -10.60 62.60
C THR D 741 11.45 -9.28 63.09
N SER D 742 10.58 -8.30 63.27
CA SER D 742 10.99 -6.95 63.67
C SER D 742 10.80 -6.78 65.17
N LEU D 743 11.48 -5.78 65.71
CA LEU D 743 11.42 -5.50 67.14
C LEU D 743 11.07 -4.04 67.39
N SER D 744 10.60 -3.79 68.61
CA SER D 744 10.48 -2.43 69.10
C SER D 744 11.86 -1.94 69.53
N GLU D 745 12.04 -0.62 69.53
CA GLU D 745 13.33 -0.07 69.93
C GLU D 745 13.69 -0.55 71.34
N SER D 746 12.69 -0.62 72.23
CA SER D 746 12.94 -1.10 73.58
C SER D 746 13.58 -2.48 73.54
N TRP D 747 13.04 -3.36 72.69
CA TRP D 747 13.50 -4.75 72.66
C TRP D 747 14.84 -4.90 71.97
N TYR D 748 15.08 -4.17 70.89
CA TYR D 748 16.37 -4.25 70.21
C TYR D 748 17.51 -3.98 71.19
N ASN D 749 17.46 -2.83 71.87
CA ASN D 749 18.53 -2.47 72.79
C ASN D 749 18.78 -3.55 73.84
N LEU D 750 17.75 -4.12 74.44
CA LEU D 750 18.01 -5.17 75.42
C LEU D 750 18.75 -6.34 74.78
N LEU D 751 18.25 -6.83 73.65
CA LEU D 751 18.81 -8.03 73.04
C LEU D 751 20.20 -7.76 72.49
N LEU D 752 20.45 -6.56 71.98
CA LEU D 752 21.80 -6.20 71.55
C LEU D 752 22.76 -6.23 72.72
N ASP D 753 22.35 -5.62 73.84
CA ASP D 753 23.21 -5.61 75.03
C ASP D 753 23.55 -7.02 75.50
N MET D 754 22.59 -7.94 75.42
CA MET D 754 22.86 -9.32 75.83
C MET D 754 23.86 -9.98 74.89
N GLN D 755 23.76 -9.69 73.59
CA GLN D 755 24.73 -10.23 72.64
C GLN D 755 26.14 -9.85 73.05
N ASN D 756 26.37 -8.55 73.30
CA ASN D 756 27.68 -8.11 73.75
C ASN D 756 28.09 -8.80 75.04
N ARG D 757 27.12 -9.10 75.91
CA ARG D 757 27.41 -9.83 77.15
C ARG D 757 27.67 -11.30 76.89
N LEU D 758 26.83 -11.93 76.06
CA LEU D 758 26.97 -13.34 75.76
C LEU D 758 28.29 -13.63 75.07
N ASN D 759 28.76 -12.70 74.22
CA ASN D 759 30.00 -12.93 73.48
C ASN D 759 31.21 -13.00 74.40
N LYS D 760 31.21 -12.25 75.50
CA LYS D 760 32.31 -12.35 76.46
C LYS D 760 32.30 -13.69 77.18
N VAL D 761 31.12 -14.32 77.29
CA VAL D 761 30.95 -15.53 78.10
C VAL D 761 31.19 -16.79 77.29
N ILE D 762 30.67 -16.84 76.07
CA ILE D 762 30.62 -18.08 75.30
C ILE D 762 31.93 -18.27 74.54
N LYS D 763 32.48 -19.48 74.65
CA LYS D 763 33.71 -19.84 73.96
C LYS D 763 33.33 -20.38 72.59
N SER D 764 33.84 -19.76 71.52
CA SER D 764 33.48 -20.17 70.17
C SER D 764 34.52 -21.15 69.63
N VAL D 765 34.05 -22.10 68.80
CA VAL D 765 34.96 -23.03 68.16
C VAL D 765 35.89 -22.27 67.24
N GLY D 766 37.18 -22.50 67.39
CA GLY D 766 38.18 -21.77 66.64
C GLY D 766 38.43 -20.37 67.17
N LYS D 767 37.74 -19.97 68.23
CA LYS D 767 37.91 -18.63 68.81
C LYS D 767 37.72 -17.55 67.75
N ILE D 768 36.59 -17.64 67.05
CA ILE D 768 36.20 -16.67 66.04
C ILE D 768 35.29 -15.64 66.69
N GLU D 769 35.68 -14.37 66.59
CA GLU D 769 34.87 -13.28 67.13
C GLU D 769 33.51 -13.21 66.44
N HIS D 770 32.44 -13.28 67.24
CA HIS D 770 31.09 -13.21 66.69
C HIS D 770 30.87 -11.93 65.90
N SER D 771 31.33 -10.79 66.43
CA SER D 771 31.10 -9.52 65.75
C SER D 771 31.63 -9.55 64.33
N PHE D 772 32.77 -10.21 64.10
CA PHE D 772 33.33 -10.38 62.77
C PHE D 772 32.45 -11.26 61.90
N TRP D 773 32.05 -12.43 62.42
CA TRP D 773 31.28 -13.38 61.64
C TRP D 773 30.02 -12.77 61.05
N ARG D 774 29.23 -12.09 61.88
CA ARG D 774 27.98 -11.50 61.40
C ARG D 774 28.18 -10.14 60.72
N SER D 775 29.42 -9.67 60.56
CA SER D 775 29.66 -8.42 59.85
C SER D 775 29.41 -8.59 58.35
N PHE D 776 28.68 -7.63 57.77
CA PHE D 776 28.45 -7.56 56.32
C PHE D 776 29.75 -7.68 55.54
N HIS D 777 29.77 -8.61 54.60
CA HIS D 777 31.01 -8.91 53.88
C HIS D 777 30.74 -9.24 52.42
N THR D 778 31.30 -8.43 51.52
CA THR D 778 31.47 -8.69 50.11
C THR D 778 32.97 -8.69 49.82
N GLU D 779 33.37 -9.18 48.65
CA GLU D 779 34.79 -9.16 48.32
C GLU D 779 35.35 -7.75 48.40
N ARG D 780 34.50 -6.74 48.19
CA ARG D 780 34.98 -5.36 48.21
C ARG D 780 34.81 -4.70 49.57
N LYS D 781 33.74 -5.02 50.30
CA LYS D 781 33.51 -4.33 51.56
C LYS D 781 33.26 -5.28 52.73
N THR D 782 33.50 -4.74 53.92
CA THR D 782 33.14 -5.37 55.19
C THR D 782 32.68 -4.25 56.11
N GLU D 783 31.48 -4.37 56.63
CA GLU D 783 30.86 -3.42 57.54
C GLU D 783 30.39 -4.13 58.79
N PRO D 784 30.36 -3.46 59.94
CA PRO D 784 29.78 -4.08 61.13
C PRO D 784 28.28 -4.21 60.95
N ALA D 785 27.74 -5.33 61.46
CA ALA D 785 26.31 -5.54 61.36
C ALA D 785 25.57 -4.45 62.14
N THR D 786 24.35 -4.15 61.70
CA THR D 786 23.53 -3.13 62.35
C THR D 786 22.07 -3.47 62.10
N GLY D 787 21.24 -3.23 63.12
CA GLY D 787 19.82 -3.43 62.97
C GLY D 787 19.36 -4.86 63.04
N PHE D 788 20.23 -5.80 63.39
CA PHE D 788 19.87 -7.21 63.41
C PHE D 788 20.33 -7.86 64.70
N ILE D 789 19.43 -8.63 65.32
CA ILE D 789 19.76 -9.42 66.50
C ILE D 789 19.97 -10.86 66.05
N ASP D 790 21.15 -11.41 66.32
CA ASP D 790 21.40 -12.80 65.99
C ASP D 790 20.62 -13.70 66.94
N GLY D 791 19.39 -14.07 66.55
CA GLY D 791 18.53 -14.83 67.43
C GLY D 791 19.12 -16.16 67.86
N ASP D 792 19.97 -16.77 67.02
CA ASP D 792 20.58 -18.02 67.42
C ASP D 792 21.55 -17.83 68.57
N LEU D 793 22.09 -16.62 68.74
CA LEU D 793 22.94 -16.29 69.88
C LEU D 793 22.11 -16.06 71.14
N ILE D 794 21.02 -15.29 71.03
CA ILE D 794 20.15 -15.06 72.18
C ILE D 794 19.64 -16.39 72.72
N GLU D 795 19.23 -17.31 71.84
CA GLU D 795 18.66 -18.58 72.24
C GLU D 795 19.68 -19.54 72.84
N SER D 796 20.97 -19.22 72.77
CA SER D 796 21.96 -20.05 73.46
C SER D 796 22.10 -19.69 74.93
N PHE D 797 21.59 -18.51 75.33
CA PHE D 797 21.57 -18.13 76.74
C PHE D 797 20.91 -19.22 77.57
N LEU D 798 19.88 -19.87 77.02
CA LEU D 798 19.19 -20.92 77.75
C LEU D 798 20.04 -22.18 77.90
N ASP D 799 21.16 -22.29 77.17
CA ASP D 799 21.97 -23.49 77.20
C ASP D 799 23.28 -23.35 77.96
N ILE D 800 23.63 -22.14 78.46
CA ILE D 800 24.83 -21.95 79.25
C ILE D 800 24.51 -22.24 80.72
N SER D 801 25.54 -22.65 81.46
CA SER D 801 25.34 -23.08 82.84
C SER D 801 24.86 -21.92 83.71
N ARG D 802 24.23 -22.26 84.83
CA ARG D 802 23.69 -21.24 85.72
C ARG D 802 24.76 -20.23 86.13
N PRO D 803 26.00 -20.64 86.44
CA PRO D 803 27.03 -19.63 86.74
C PRO D 803 27.22 -18.60 85.65
N LYS D 804 27.23 -19.03 84.38
CA LYS D 804 27.45 -18.09 83.29
C LYS D 804 26.26 -17.17 83.08
N MET D 805 25.04 -17.70 83.26
CA MET D 805 23.87 -16.84 83.18
C MET D 805 23.95 -15.68 84.17
N GLN D 806 24.35 -15.97 85.41
CA GLN D 806 24.48 -14.93 86.41
C GLN D 806 25.55 -13.93 86.01
N GLU D 807 26.62 -14.42 85.38
CA GLU D 807 27.66 -13.51 84.86
C GLU D 807 27.11 -12.59 83.78
N VAL D 808 26.17 -13.08 82.97
CA VAL D 808 25.68 -12.28 81.85
C VAL D 808 24.88 -11.09 82.35
N VAL D 809 24.06 -11.30 83.39
CA VAL D 809 23.16 -10.27 83.89
C VAL D 809 23.81 -9.28 84.83
N ALA D 810 25.08 -9.45 85.16
CA ALA D 810 25.73 -8.53 86.10
C ALA D 810 25.60 -7.10 85.61
N ASN D 811 25.18 -6.20 86.49
CA ASN D 811 25.03 -4.78 86.17
C ASN D 811 24.08 -4.55 85.00
N LEU D 812 23.12 -5.45 84.81
CA LEU D 812 22.13 -5.34 83.76
C LEU D 812 20.83 -4.88 84.42
N GLN D 813 20.21 -3.84 83.87
CA GLN D 813 18.98 -3.32 84.43
C GLN D 813 17.85 -3.77 83.51
N TYR D 814 16.76 -4.22 84.12
CA TYR D 814 15.68 -4.86 83.39
C TYR D 814 14.50 -3.92 83.26
N ASP D 815 13.76 -4.11 82.17
CA ASP D 815 12.58 -3.31 81.82
C ASP D 815 11.38 -4.20 82.12
N ASP D 816 10.64 -3.86 83.18
CA ASP D 816 9.43 -4.59 83.56
C ASP D 816 8.25 -4.32 82.63
N GLY D 817 8.35 -3.33 81.74
CA GLY D 817 7.21 -2.90 80.98
C GLY D 817 6.25 -2.02 81.75
N SER D 818 6.34 -2.03 83.08
CA SER D 818 5.58 -1.14 83.94
C SER D 818 6.27 0.20 84.14
N GLY D 819 7.25 0.54 83.32
CA GLY D 819 8.03 1.74 83.53
C GLY D 819 9.11 1.57 84.56
N MET D 820 9.12 0.45 85.28
CA MET D 820 10.07 0.21 86.36
C MET D 820 11.32 -0.44 85.79
N LYS D 821 12.47 0.05 86.21
CA LYS D 821 13.77 -0.47 85.83
C LYS D 821 14.47 -1.02 87.07
N ARG D 822 14.83 -2.30 87.03
CA ARG D 822 15.44 -2.96 88.18
C ARG D 822 16.59 -3.85 87.74
N GLU D 823 17.48 -4.19 88.68
CA GLU D 823 18.56 -5.11 88.34
C GLU D 823 17.97 -6.41 87.84
N ALA D 824 18.64 -7.03 86.88
CA ALA D 824 18.10 -8.20 86.20
C ALA D 824 18.62 -9.47 86.85
N THR D 825 17.76 -10.47 86.91
CA THR D 825 18.11 -11.79 87.41
C THR D 825 18.13 -12.77 86.25
N ALA D 826 18.79 -13.91 86.47
CA ALA D 826 18.84 -14.93 85.43
C ALA D 826 17.45 -15.44 85.11
N ASP D 827 16.52 -15.36 86.06
CA ASP D 827 15.15 -15.80 85.82
C ASP D 827 14.38 -14.81 84.95
N ASP D 828 14.67 -13.52 85.06
CA ASP D 828 13.99 -12.54 84.20
C ASP D 828 14.34 -12.77 82.73
N LEU D 829 15.63 -12.95 82.43
CA LEU D 829 16.05 -13.13 81.05
C LEU D 829 15.63 -14.50 80.52
N ILE D 830 15.63 -15.52 81.38
CA ILE D 830 15.21 -16.85 80.94
C ILE D 830 13.76 -16.81 80.48
N LYS D 831 12.91 -16.05 81.19
CA LYS D 831 11.53 -15.90 80.73
C LYS D 831 11.49 -15.20 79.38
N VAL D 832 12.35 -14.19 79.21
CA VAL D 832 12.36 -13.43 77.96
C VAL D 832 12.82 -14.32 76.81
N VAL D 833 13.95 -15.01 76.97
CA VAL D 833 14.47 -15.82 75.88
C VAL D 833 13.50 -16.94 75.53
N GLU D 834 12.89 -17.55 76.55
CA GLU D 834 11.94 -18.64 76.29
C GLU D 834 10.77 -18.15 75.46
N GLU D 835 10.35 -16.89 75.65
CA GLU D 835 9.31 -16.30 74.82
C GLU D 835 9.77 -16.19 73.37
N LEU D 836 11.06 -15.90 73.16
CA LEU D 836 11.56 -15.80 71.80
C LEU D 836 11.67 -17.15 71.12
N THR D 837 11.82 -18.24 71.89
CA THR D 837 11.87 -19.56 71.27
C THR D 837 10.51 -20.01 70.76
N ARG D 838 9.43 -19.32 71.11
CA ARG D 838 8.09 -19.74 70.71
C ARG D 838 7.63 -19.11 69.41
N ILE D 839 8.47 -18.29 68.76
CA ILE D 839 8.09 -17.70 67.48
C ILE D 839 8.38 -18.62 66.31
N HIS D 840 8.99 -19.78 66.55
CA HIS D 840 9.33 -20.72 65.51
C HIS D 840 9.31 -22.14 66.06
N THR E 7 18.76 25.69 15.01
CA THR E 7 19.88 24.87 14.57
C THR E 7 20.37 23.98 15.72
N GLU E 8 21.31 23.09 15.42
CA GLU E 8 21.85 22.17 16.42
C GLU E 8 22.57 22.90 17.54
N SER E 9 22.93 24.17 17.34
CA SER E 9 23.80 24.88 18.27
C SER E 9 23.07 25.71 19.30
N ASP E 10 21.77 25.97 19.11
CA ASP E 10 21.02 26.89 19.97
C ASP E 10 20.54 26.14 21.22
N TRP E 11 21.45 26.01 22.18
CA TRP E 11 21.17 25.31 23.43
C TRP E 11 20.40 26.22 24.40
N GLY E 12 19.77 25.59 25.39
CA GLY E 12 19.04 26.31 26.40
C GLY E 12 17.63 26.71 26.02
N LYS E 13 17.25 26.51 24.76
CA LYS E 13 15.96 26.99 24.25
C LYS E 13 14.92 25.88 24.17
N ARG E 14 15.32 24.71 23.70
CA ARG E 14 14.44 23.56 23.61
C ARG E 14 13.98 23.11 25.00
N CYS E 15 12.72 22.69 25.08
CA CYS E 15 12.12 22.33 26.35
C CYS E 15 12.40 20.88 26.69
N VAL E 16 12.43 20.59 28.00
CA VAL E 16 12.57 19.21 28.44
C VAL E 16 11.34 18.38 28.17
N ASP E 17 10.26 18.99 27.68
CA ASP E 17 9.13 18.21 27.21
C ASP E 17 9.52 17.25 26.10
N LYS E 18 10.55 17.58 25.34
CA LYS E 18 10.98 16.74 24.22
C LYS E 18 11.66 15.47 24.69
N PHE E 19 11.79 15.26 26.00
CA PHE E 19 12.31 14.03 26.57
C PHE E 19 11.24 13.39 27.44
N ASP E 20 10.99 12.10 27.21
CA ASP E 20 10.15 11.27 28.05
C ASP E 20 11.00 10.68 29.16
N ILE E 21 10.71 11.05 30.41
CA ILE E 21 11.54 10.65 31.55
C ILE E 21 11.28 9.20 31.90
N ILE E 22 12.35 8.41 31.99
CA ILE E 22 12.23 6.99 32.34
C ILE E 22 12.37 6.77 33.84
N GLY E 23 13.23 7.53 34.51
CA GLY E 23 13.47 7.30 35.92
C GLY E 23 14.75 7.97 36.37
N ILE E 24 14.99 7.90 37.67
CA ILE E 24 16.12 8.56 38.32
C ILE E 24 17.26 7.54 38.47
N ILE E 25 18.33 7.72 37.67
CA ILE E 25 19.48 6.83 37.76
C ILE E 25 20.35 7.15 38.96
N GLY E 26 20.48 8.42 39.30
CA GLY E 26 21.34 8.79 40.41
C GLY E 26 20.99 10.15 40.96
N GLU E 27 21.56 10.44 42.13
CA GLU E 27 21.38 11.69 42.83
C GLU E 27 22.65 12.51 42.63
N GLY E 28 22.50 13.71 42.09
CA GLY E 28 23.60 14.62 41.87
C GLY E 28 23.64 15.74 42.89
N THR E 29 24.79 16.43 42.94
CA THR E 29 25.01 17.41 43.99
C THR E 29 24.02 18.56 43.91
N TYR E 30 23.84 19.15 42.72
CA TYR E 30 22.87 20.22 42.52
C TYR E 30 21.54 19.72 41.98
N GLY E 31 21.45 18.48 41.52
CA GLY E 31 20.22 17.96 40.97
C GLY E 31 20.20 16.46 41.00
N GLN E 32 19.09 15.91 40.51
CA GLN E 32 18.93 14.47 40.31
C GLN E 32 19.26 14.14 38.85
N VAL E 33 19.78 12.94 38.61
CA VAL E 33 20.12 12.51 37.26
C VAL E 33 19.08 11.50 36.83
N TYR E 34 18.43 11.75 35.69
CA TYR E 34 17.35 10.93 35.18
C TYR E 34 17.73 10.32 33.83
N LYS E 35 17.20 9.12 33.59
CA LYS E 35 17.32 8.46 32.30
C LYS E 35 16.06 8.81 31.50
N ALA E 36 16.25 9.30 30.28
CA ALA E 36 15.12 9.68 29.44
C ALA E 36 15.34 9.20 28.01
N LYS E 37 14.25 9.12 27.26
CA LYS E 37 14.28 8.83 25.83
C LYS E 37 13.87 10.09 25.06
N ASP E 38 14.59 10.37 23.97
CA ASP E 38 14.26 11.49 23.10
C ASP E 38 13.01 11.16 22.29
N LYS E 39 12.01 12.04 22.36
CA LYS E 39 10.73 11.74 21.73
C LYS E 39 10.83 11.74 20.21
N ASP E 40 11.77 12.48 19.62
CA ASP E 40 11.84 12.58 18.17
C ASP E 40 12.72 11.52 17.53
N THR E 41 13.84 11.16 18.17
CA THR E 41 14.79 10.22 17.59
C THR E 41 14.80 8.86 18.26
N GLY E 42 14.33 8.76 19.50
CA GLY E 42 14.33 7.51 20.23
C GLY E 42 15.58 7.23 21.03
N GLU E 43 16.62 8.03 20.86
CA GLU E 43 17.87 7.82 21.57
C GLU E 43 17.66 7.93 23.07
N LEU E 44 18.34 7.06 23.82
CA LEU E 44 18.30 7.12 25.28
C LEU E 44 19.35 8.12 25.76
N VAL E 45 18.95 8.94 26.73
CA VAL E 45 19.82 9.99 27.25
C VAL E 45 19.75 9.99 28.78
N ALA E 46 20.64 10.77 29.38
CA ALA E 46 20.66 10.97 30.82
C ALA E 46 20.62 12.47 31.08
N LEU E 47 19.64 12.92 31.87
CA LEU E 47 19.42 14.34 32.10
C LEU E 47 19.88 14.69 33.51
N LYS E 48 20.88 15.56 33.60
CA LYS E 48 21.38 16.04 34.89
C LYS E 48 20.67 17.36 35.17
N LYS E 49 19.85 17.37 36.22
CA LYS E 49 19.06 18.54 36.57
C LYS E 49 19.93 19.58 37.28
N VAL E 50 19.96 20.78 36.72
CA VAL E 50 20.66 21.92 37.34
C VAL E 50 19.61 22.86 37.92
N ARG E 51 19.61 23.00 39.23
CA ARG E 51 18.64 23.84 39.95
C ARG E 51 19.20 25.24 40.13
N LEU E 52 18.45 26.23 39.64
CA LEU E 52 18.80 27.63 39.86
C LEU E 52 18.00 28.28 40.98
N ASP E 53 17.10 27.54 41.62
CA ASP E 53 16.23 28.14 42.64
C ASP E 53 17.02 28.66 43.84
N ASN E 54 18.20 28.09 44.13
CA ASN E 54 18.94 28.56 45.30
C ASN E 54 19.19 30.07 45.22
N GLU E 55 19.61 30.55 44.06
CA GLU E 55 19.83 31.98 43.82
C GLU E 55 20.73 32.60 44.88
N LYS E 56 21.46 31.75 45.60
CA LYS E 56 22.52 32.23 46.46
C LYS E 56 23.60 32.93 45.63
N GLU E 57 24.05 32.23 44.59
CA GLU E 57 24.97 32.77 43.60
C GLU E 57 24.48 32.46 42.19
N GLY E 58 23.25 32.01 42.03
CA GLY E 58 22.73 31.75 40.71
C GLY E 58 23.15 30.38 40.19
N PHE E 59 23.27 30.30 38.87
CA PHE E 59 23.68 29.07 38.20
C PHE E 59 24.97 28.54 38.84
N PRO E 60 25.00 27.26 39.25
CA PRO E 60 26.17 26.75 39.99
C PRO E 60 27.44 26.76 39.15
N ILE E 61 28.53 27.17 39.80
CA ILE E 61 29.83 27.19 39.11
C ILE E 61 30.24 25.79 38.73
N THR E 62 29.89 24.79 39.56
CA THR E 62 30.22 23.41 39.23
C THR E 62 29.69 23.06 37.85
N ALA E 63 28.45 23.46 37.57
CA ALA E 63 27.86 23.23 36.26
C ALA E 63 28.55 24.05 35.18
N ILE E 64 28.85 25.32 35.46
CA ILE E 64 29.50 26.16 34.46
C ILE E 64 30.80 25.51 34.00
N ARG E 65 31.59 24.99 34.94
CA ARG E 65 32.84 24.35 34.54
C ARG E 65 32.57 23.19 33.60
N GLU E 66 31.63 22.31 33.96
CA GLU E 66 31.39 21.12 33.16
C GLU E 66 30.83 21.46 31.80
N ILE E 67 30.04 22.53 31.69
CA ILE E 67 29.57 22.94 30.38
C ILE E 67 30.73 23.49 29.57
N LYS E 68 31.55 24.35 30.19
CA LYS E 68 32.68 24.97 29.50
C LYS E 68 33.68 23.90 29.03
N ILE E 69 34.01 22.96 29.90
CA ILE E 69 35.01 21.96 29.54
C ILE E 69 34.44 21.00 28.52
N LEU E 70 33.23 20.50 28.77
CA LEU E 70 32.70 19.42 27.93
C LEU E 70 32.35 19.89 26.53
N ARG E 71 32.04 21.17 26.31
CA ARG E 71 31.83 21.62 24.94
C ARG E 71 33.14 21.85 24.19
N GLN E 72 34.29 21.83 24.88
CA GLN E 72 35.58 21.86 24.21
C GLN E 72 36.09 20.47 23.88
N LEU E 73 35.80 19.48 24.74
CA LEU E 73 36.42 18.17 24.63
C LEU E 73 35.57 17.26 23.74
N ILE E 74 36.19 16.77 22.68
CA ILE E 74 35.58 15.81 21.75
C ILE E 74 36.51 14.61 21.72
N HIS E 75 36.06 13.49 22.28
CA HIS E 75 36.86 12.28 22.30
C HIS E 75 35.96 11.07 22.49
N ARG E 76 36.33 9.97 21.83
CA ARG E 76 35.55 8.75 21.95
C ARG E 76 35.44 8.28 23.39
N SER E 77 36.39 8.66 24.24
CA SER E 77 36.45 8.19 25.61
C SER E 77 36.12 9.29 26.61
N VAL E 78 35.53 10.39 26.17
CA VAL E 78 35.08 11.46 27.06
C VAL E 78 33.59 11.61 26.89
N VAL E 79 32.89 11.84 28.00
CA VAL E 79 31.44 11.93 27.97
C VAL E 79 31.07 13.17 27.16
N ASN E 80 30.09 13.02 26.28
CA ASN E 80 29.68 14.08 25.39
C ASN E 80 28.39 14.70 25.92
N MET E 81 28.41 16.03 26.08
CA MET E 81 27.20 16.77 26.43
C MET E 81 26.46 17.10 25.14
N LYS E 82 25.31 16.47 24.94
CA LYS E 82 24.59 16.63 23.67
C LYS E 82 23.97 18.01 23.57
N GLU E 83 23.27 18.44 24.61
CA GLU E 83 22.57 19.72 24.60
C GLU E 83 22.14 20.06 26.02
N ILE E 84 21.55 21.24 26.16
CA ILE E 84 20.99 21.74 27.41
C ILE E 84 19.56 22.18 27.16
N VAL E 85 18.63 21.70 27.98
CA VAL E 85 17.21 22.00 27.82
C VAL E 85 16.67 22.51 29.15
N THR E 86 15.45 23.07 29.10
CA THR E 86 14.88 23.79 30.24
C THR E 86 13.44 23.35 30.48
N ASP E 87 12.97 23.58 31.72
CA ASP E 87 11.56 23.40 32.03
C ASP E 87 10.71 24.41 31.26
N LYS E 88 9.46 24.05 31.00
CA LYS E 88 8.61 24.95 30.24
C LYS E 88 8.51 26.31 30.95
N GLN E 89 9.18 27.32 30.38
CA GLN E 89 9.19 28.67 30.93
C GLN E 89 7.90 29.38 30.51
N ASP E 90 6.78 28.88 31.03
CA ASP E 90 5.48 29.49 30.77
C ASP E 90 5.31 30.84 31.47
N ALA E 91 6.32 31.33 32.19
CA ALA E 91 6.24 32.63 32.84
C ALA E 91 6.36 33.73 31.80
N LEU E 92 5.37 34.63 31.78
CA LEU E 92 5.46 35.75 30.85
C LEU E 92 6.63 36.68 31.17
N ASP E 93 7.03 36.76 32.43
CA ASP E 93 8.15 37.59 32.84
C ASP E 93 9.26 36.67 33.32
N PHE E 94 10.48 36.92 32.82
CA PHE E 94 11.61 36.12 33.23
C PHE E 94 11.82 36.19 34.73
N LYS E 95 11.42 37.31 35.35
CA LYS E 95 11.59 37.46 36.80
C LYS E 95 10.82 36.36 37.54
N LYS E 96 9.64 36.02 37.03
CA LYS E 96 8.82 34.96 37.61
C LYS E 96 9.46 33.58 37.46
N ASP E 97 10.21 33.36 36.39
CA ASP E 97 10.76 32.05 36.09
C ASP E 97 11.63 31.53 37.23
N LYS E 98 11.36 30.30 37.66
CA LYS E 98 12.20 29.58 38.61
C LYS E 98 12.54 28.18 38.12
N GLY E 99 12.23 27.88 36.87
CA GLY E 99 12.49 26.55 36.33
C GLY E 99 13.97 26.24 36.27
N ALA E 100 14.26 24.94 36.21
CA ALA E 100 15.61 24.44 36.21
C ALA E 100 16.14 24.30 34.77
N PHE E 101 17.39 23.86 34.65
CA PHE E 101 18.01 23.48 33.40
C PHE E 101 18.47 22.02 33.50
N TYR E 102 18.46 21.33 32.38
CA TYR E 102 18.90 19.93 32.33
C TYR E 102 20.04 19.81 31.33
N LEU E 103 21.09 19.10 31.73
CA LEU E 103 22.22 18.82 30.85
C LEU E 103 22.02 17.44 30.23
N VAL E 104 21.87 17.40 28.91
CA VAL E 104 21.63 16.14 28.21
C VAL E 104 22.97 15.45 27.98
N PHE E 105 23.05 14.18 28.36
CA PHE E 105 24.25 13.37 28.16
C PHE E 105 23.85 12.05 27.51
N GLU E 106 24.76 11.47 26.73
CA GLU E 106 24.53 10.14 26.19
C GLU E 106 24.35 9.14 27.33
N TYR E 107 23.37 8.26 27.19
CA TYR E 107 23.15 7.22 28.19
C TYR E 107 24.12 6.07 27.98
N MET E 108 24.71 5.59 29.08
CA MET E 108 25.65 4.48 29.06
C MET E 108 25.01 3.28 29.76
N ASP E 109 25.36 2.08 29.29
CA ASP E 109 24.68 0.90 29.80
C ASP E 109 24.98 0.67 31.27
N HIS E 110 26.21 0.90 31.71
CA HIS E 110 26.57 0.65 33.09
C HIS E 110 27.61 1.65 33.56
N ASP E 111 27.81 1.69 34.89
CA ASP E 111 28.94 2.38 35.50
C ASP E 111 29.83 1.34 36.17
N LEU E 112 31.14 1.57 36.14
CA LEU E 112 32.07 0.53 36.58
C LEU E 112 31.85 0.18 38.05
N MET E 113 31.66 1.18 38.90
CA MET E 113 31.47 0.89 40.32
C MET E 113 30.27 -0.03 40.52
N GLY E 114 29.19 0.20 39.79
CA GLY E 114 28.02 -0.64 39.95
C GLY E 114 28.29 -2.07 39.52
N LEU E 115 29.01 -2.23 38.41
CA LEU E 115 29.32 -3.59 37.94
C LEU E 115 30.23 -4.31 38.94
N LEU E 116 31.18 -3.60 39.53
CA LEU E 116 32.08 -4.24 40.49
C LEU E 116 31.37 -4.52 41.81
N GLU E 117 30.65 -3.53 42.34
CA GLU E 117 29.99 -3.71 43.64
C GLU E 117 29.00 -4.86 43.58
N SER E 118 28.23 -4.96 42.50
CA SER E 118 27.31 -6.08 42.34
C SER E 118 28.02 -7.42 42.17
N GLY E 119 29.31 -7.41 41.82
CA GLY E 119 30.01 -8.65 41.58
C GLY E 119 29.67 -9.30 40.27
N LEU E 120 29.18 -8.54 39.31
CA LEU E 120 28.58 -9.07 38.09
C LEU E 120 29.44 -8.85 36.85
N VAL E 121 30.74 -8.58 37.02
CA VAL E 121 31.63 -8.38 35.87
C VAL E 121 32.93 -9.13 36.13
N HIS E 122 33.48 -9.73 35.07
CA HIS E 122 34.79 -10.37 35.12
C HIS E 122 35.64 -9.84 33.98
N PHE E 123 36.89 -9.51 34.28
CA PHE E 123 37.82 -8.89 33.34
C PHE E 123 38.99 -9.83 33.09
N SER E 124 39.19 -10.21 31.84
CA SER E 124 40.40 -10.92 31.42
C SER E 124 41.52 -9.91 31.12
N GLU E 125 42.73 -10.42 30.91
CA GLU E 125 43.83 -9.52 30.58
C GLU E 125 43.48 -8.69 29.35
N ASP E 126 42.97 -9.34 28.30
CA ASP E 126 42.64 -8.61 27.08
C ASP E 126 41.56 -7.55 27.34
N HIS E 127 40.61 -7.87 28.22
CA HIS E 127 39.60 -6.88 28.59
C HIS E 127 40.23 -5.69 29.30
N ILE E 128 41.15 -5.94 30.23
CA ILE E 128 41.79 -4.84 30.93
C ILE E 128 42.61 -4.01 29.95
N LYS E 129 43.26 -4.66 29.00
CA LYS E 129 44.00 -3.93 27.98
C LYS E 129 43.10 -2.94 27.25
N SER E 130 41.93 -3.40 26.81
CA SER E 130 41.02 -2.50 26.11
C SER E 130 40.50 -1.39 27.04
N PHE E 131 40.11 -1.75 28.26
CA PHE E 131 39.62 -0.75 29.20
C PHE E 131 40.66 0.34 29.43
N MET E 132 41.87 -0.07 29.82
CA MET E 132 42.90 0.91 30.16
C MET E 132 43.33 1.73 28.94
N LYS E 133 43.46 1.07 27.78
CA LYS E 133 43.84 1.79 26.58
C LYS E 133 42.86 2.92 26.28
N GLN E 134 41.57 2.65 26.45
CA GLN E 134 40.58 3.71 26.24
C GLN E 134 40.69 4.78 27.30
N LEU E 135 40.70 4.39 28.57
CA LEU E 135 40.76 5.36 29.65
C LEU E 135 41.95 6.29 29.49
N MET E 136 43.14 5.72 29.28
CA MET E 136 44.34 6.52 29.20
C MET E 136 44.35 7.41 27.97
N GLU E 137 43.84 6.91 26.84
CA GLU E 137 43.74 7.77 25.66
C GLU E 137 42.83 8.95 25.93
N GLY E 138 41.70 8.72 26.60
CA GLY E 138 40.87 9.82 27.00
C GLY E 138 41.58 10.76 27.95
N LEU E 139 42.28 10.21 28.94
CA LEU E 139 42.98 11.04 29.91
C LEU E 139 44.08 11.86 29.26
N GLU E 140 44.85 11.26 28.35
CA GLU E 140 45.88 12.04 27.66
C GLU E 140 45.26 13.18 26.87
N TYR E 141 44.18 12.89 26.13
CA TYR E 141 43.50 13.92 25.37
C TYR E 141 43.18 15.14 26.25
N CYS E 142 42.61 14.89 27.43
CA CYS E 142 42.32 15.99 28.33
C CYS E 142 43.61 16.70 28.78
N HIS E 143 44.64 15.93 29.12
CA HIS E 143 45.88 16.51 29.63
C HIS E 143 46.61 17.31 28.58
N LYS E 144 46.56 16.90 27.31
CA LYS E 144 47.18 17.71 26.25
C LYS E 144 46.39 19.01 26.06
N LYS E 145 45.10 19.00 26.38
CA LYS E 145 44.28 20.20 26.44
C LYS E 145 44.43 20.95 27.77
N ASN E 146 45.33 20.48 28.63
CA ASN E 146 45.69 21.16 29.88
C ASN E 146 44.49 21.22 30.83
N PHE E 147 43.71 20.14 30.88
CA PHE E 147 42.61 20.00 31.81
C PHE E 147 42.87 18.85 32.75
N LEU E 148 42.49 19.02 34.02
CA LEU E 148 42.66 18.01 35.04
C LEU E 148 41.29 17.56 35.54
N HIS E 149 41.05 16.25 35.50
CA HIS E 149 39.76 15.74 35.95
C HIS E 149 39.59 15.96 37.45
N ARG E 150 40.48 15.39 38.25
CA ARG E 150 40.54 15.59 39.69
C ARG E 150 39.46 14.81 40.43
N ASP E 151 38.68 13.97 39.76
CA ASP E 151 37.73 13.12 40.46
C ASP E 151 37.59 11.76 39.77
N ILE E 152 38.70 11.07 39.58
CA ILE E 152 38.69 9.79 38.89
C ILE E 152 38.37 8.71 39.91
N LYS E 153 37.12 8.24 39.91
CA LYS E 153 36.68 7.11 40.72
C LYS E 153 36.01 6.12 39.77
N CYS E 154 35.85 4.87 40.24
CA CYS E 154 35.16 3.89 39.42
C CYS E 154 33.73 4.31 39.11
N SER E 155 33.13 5.14 39.97
CA SER E 155 31.77 5.60 39.69
C SER E 155 31.71 6.51 38.47
N ASN E 156 32.81 7.20 38.14
CA ASN E 156 32.80 8.14 37.03
C ASN E 156 33.33 7.56 35.72
N ILE E 157 33.71 6.29 35.69
CA ILE E 157 34.00 5.59 34.43
C ILE E 157 32.74 4.82 34.05
N LEU E 158 32.24 5.06 32.84
CA LEU E 158 31.01 4.46 32.35
C LEU E 158 31.31 3.48 31.23
N LEU E 159 30.66 2.32 31.26
CA LEU E 159 30.94 1.21 30.35
C LEU E 159 29.67 0.78 29.64
N ASN E 160 29.74 0.73 28.30
CA ASN E 160 28.69 0.12 27.49
C ASN E 160 28.96 -1.38 27.31
N ASN E 161 27.90 -2.10 26.90
CA ASN E 161 28.08 -3.53 26.64
C ASN E 161 28.97 -3.79 25.44
N SER E 162 29.12 -2.80 24.55
CA SER E 162 30.04 -2.93 23.43
C SER E 162 31.48 -2.99 23.89
N GLY E 163 31.77 -2.45 25.07
CA GLY E 163 33.14 -2.30 25.54
C GLY E 163 33.65 -0.89 25.46
N GLN E 164 32.83 0.04 24.98
CA GLN E 164 33.17 1.44 24.97
C GLN E 164 33.20 1.96 26.40
N ILE E 165 34.24 2.69 26.74
CA ILE E 165 34.43 3.28 28.05
C ILE E 165 34.44 4.79 27.88
N LYS E 166 33.76 5.51 28.77
CA LYS E 166 33.83 6.97 28.75
C LYS E 166 34.01 7.49 30.17
N LEU E 167 34.83 8.54 30.30
CA LEU E 167 35.01 9.25 31.56
C LEU E 167 33.97 10.35 31.72
N ALA E 168 33.49 10.54 32.95
CA ALA E 168 32.41 11.47 33.21
C ALA E 168 32.64 12.24 34.51
N ASP E 169 31.69 13.15 34.79
CA ASP E 169 31.75 14.05 35.95
C ASP E 169 32.97 14.96 35.90
N PHE E 170 32.96 15.84 34.91
CA PHE E 170 34.06 16.80 34.74
C PHE E 170 33.75 18.11 35.45
N GLY E 171 32.82 18.10 36.40
CA GLY E 171 32.41 19.32 37.07
C GLY E 171 33.50 19.91 37.93
N LEU E 172 34.32 19.07 38.54
CA LEU E 172 35.39 19.53 39.41
C LEU E 172 36.72 19.72 38.68
N ALA E 173 36.70 19.73 37.36
CA ALA E 173 37.91 19.84 36.54
C ALA E 173 38.28 21.29 36.32
N ARG E 174 39.59 21.54 36.20
CA ARG E 174 40.12 22.89 36.08
C ARG E 174 41.30 22.90 35.11
N LEU E 175 41.58 24.08 34.55
CA LEU E 175 42.72 24.25 33.65
C LEU E 175 44.02 24.23 34.46
N TYR E 176 45.07 23.67 33.85
CA TYR E 176 46.37 23.57 34.47
C TYR E 176 47.40 24.38 33.67
N ASN E 177 48.10 25.27 34.35
CA ASN E 177 49.21 26.02 33.79
C ASN E 177 50.45 25.71 34.63
N SER E 178 51.49 25.17 34.00
CA SER E 178 52.72 24.92 34.74
C SER E 178 53.35 26.23 35.20
N GLU E 179 53.43 27.21 34.31
CA GLU E 179 53.92 28.53 34.68
C GLU E 179 52.86 29.25 35.51
N GLU E 180 53.30 30.29 36.23
CA GLU E 180 52.41 31.06 37.10
C GLU E 180 51.50 30.12 37.89
N SER E 181 52.14 29.21 38.63
CA SER E 181 51.38 28.25 39.42
C SER E 181 50.75 28.97 40.59
N ARG E 182 49.45 28.81 40.74
CA ARG E 182 48.64 29.42 41.80
C ARG E 182 47.85 28.34 42.50
N PRO E 183 47.46 28.59 43.75
CA PRO E 183 46.81 27.53 44.55
C PRO E 183 45.46 27.13 43.97
N TYR E 184 45.25 25.82 43.85
CA TYR E 184 43.97 25.26 43.46
C TYR E 184 43.35 24.63 44.73
N TPO E 185 42.11 24.14 44.62
CA TPO E 185 41.43 23.44 45.73
CB TPO E 185 39.98 23.06 45.31
CG2 TPO E 185 38.96 23.83 46.15
OG1 TPO E 185 39.85 23.30 43.87
P TPO E 185 39.06 24.65 43.41
O1P TPO E 185 39.71 25.98 44.05
O2P TPO E 185 39.19 24.73 41.93
O3P TPO E 185 37.48 24.59 43.77
C TPO E 185 42.24 22.21 46.11
O TPO E 185 42.76 21.50 45.24
H TPO E 185 41.63 24.19 43.91
HA TPO E 185 41.36 24.03 46.51
HB TPO E 185 39.78 22.02 45.49
HG21 TPO E 185 37.95 23.56 45.83
HG22 TPO E 185 39.10 24.89 46.03
HG23 TPO E 185 39.08 23.55 47.20
N ASN E 186 42.39 21.93 47.41
CA ASN E 186 43.20 20.80 47.84
C ASN E 186 42.32 19.60 48.24
N LYS E 187 42.88 18.41 48.13
CA LYS E 187 42.17 17.16 48.40
C LYS E 187 40.87 17.09 47.57
N VAL E 188 41.06 17.05 46.25
CA VAL E 188 39.91 17.11 45.35
C VAL E 188 39.43 15.70 45.01
N ILE E 189 40.34 14.72 44.96
CA ILE E 189 39.99 13.37 44.53
C ILE E 189 39.45 12.59 45.72
N THR E 190 38.56 11.63 45.45
CA THR E 190 38.01 10.79 46.50
C THR E 190 39.13 10.02 47.19
N LEU E 191 38.95 9.77 48.48
CA LEU E 191 40.05 9.29 49.31
C LEU E 191 40.65 7.99 48.79
N TRP E 192 39.81 7.05 48.35
CA TRP E 192 40.32 5.76 47.94
C TRP E 192 41.24 5.87 46.73
N TYR E 193 41.04 6.89 45.89
CA TYR E 193 41.86 7.07 44.69
C TYR E 193 42.74 8.32 44.76
N ARG E 194 43.04 8.80 45.97
CA ARG E 194 43.80 10.05 46.09
C ARG E 194 45.31 9.78 46.19
N PRO E 195 46.11 10.61 45.52
CA PRO E 195 47.59 10.42 45.53
C PRO E 195 48.20 10.90 46.84
N PRO E 196 49.43 10.47 47.15
CA PRO E 196 50.07 10.93 48.39
C PRO E 196 50.31 12.44 48.44
N GLU E 197 50.56 13.08 47.30
CA GLU E 197 50.84 14.51 47.32
C GLU E 197 49.65 15.31 47.88
N LEU E 198 48.43 14.92 47.51
CA LEU E 198 47.27 15.66 47.99
C LEU E 198 46.91 15.30 49.42
N LEU E 199 47.42 14.16 49.92
CA LEU E 199 47.25 13.81 51.33
C LEU E 199 48.24 14.55 52.22
N LEU E 200 49.42 14.86 51.69
CA LEU E 200 50.45 15.63 52.37
C LEU E 200 50.33 17.13 52.11
N GLY E 201 49.23 17.55 51.50
CA GLY E 201 48.85 18.95 51.37
C GLY E 201 49.51 19.75 50.27
N GLU E 202 49.71 19.13 49.11
CA GLU E 202 50.21 19.83 47.93
C GLU E 202 49.09 20.71 47.37
N GLU E 203 49.19 22.02 47.61
CA GLU E 203 48.16 22.93 47.13
C GLU E 203 48.26 23.19 45.62
N ARG E 204 49.45 23.10 45.04
CA ARG E 204 49.67 23.30 43.61
C ARG E 204 50.14 21.96 43.04
N TYR E 205 49.21 21.15 42.56
CA TYR E 205 49.50 19.80 42.11
C TYR E 205 49.60 19.71 40.59
N THR E 206 50.07 18.57 40.11
CA THR E 206 50.30 18.28 38.71
C THR E 206 49.18 17.42 38.15
N PRO E 207 49.15 17.23 36.82
CA PRO E 207 48.21 16.26 36.24
C PRO E 207 48.46 14.84 36.69
N ALA E 208 49.57 14.59 37.37
CA ALA E 208 49.87 13.22 37.82
C ALA E 208 48.89 12.72 38.86
N ILE E 209 48.02 13.58 39.38
CA ILE E 209 47.00 13.14 40.33
C ILE E 209 46.02 12.20 39.65
N ASP E 210 45.65 12.47 38.40
CA ASP E 210 44.72 11.60 37.71
C ASP E 210 45.37 10.26 37.34
N VAL E 211 46.68 10.26 37.04
CA VAL E 211 47.36 9.01 36.73
C VAL E 211 47.36 8.10 37.95
N TRP E 212 47.63 8.66 39.13
CA TRP E 212 47.58 7.86 40.35
C TRP E 212 46.22 7.19 40.49
N SER E 213 45.15 7.95 40.29
CA SER E 213 43.81 7.38 40.37
C SER E 213 43.66 6.20 39.42
N CYS E 214 44.06 6.39 38.16
CA CYS E 214 43.91 5.31 37.18
C CYS E 214 44.77 4.12 37.54
N GLY E 215 45.91 4.35 38.19
CA GLY E 215 46.71 3.24 38.67
C GLY E 215 46.00 2.41 39.72
N CYS E 216 45.28 3.09 40.62
CA CYS E 216 44.46 2.38 41.60
C CYS E 216 43.38 1.56 40.89
N ILE E 217 42.76 2.13 39.86
CA ILE E 217 41.77 1.39 39.08
C ILE E 217 42.41 0.19 38.40
N LEU E 218 43.59 0.37 37.82
CA LEU E 218 44.28 -0.73 37.16
C LEU E 218 44.44 -1.91 38.11
N GLY E 219 44.96 -1.65 39.31
CA GLY E 219 45.12 -2.72 40.29
C GLY E 219 43.80 -3.34 40.70
N GLU E 220 42.78 -2.51 40.89
CA GLU E 220 41.48 -3.02 41.34
C GLU E 220 40.86 -3.93 40.29
N LEU E 221 41.15 -3.68 39.01
CA LEU E 221 40.66 -4.56 37.96
C LEU E 221 41.29 -5.94 38.01
N PHE E 222 42.53 -6.05 38.47
CA PHE E 222 43.13 -7.37 38.64
C PHE E 222 42.65 -8.03 39.93
N THR E 223 42.54 -7.28 41.03
CA THR E 223 42.14 -7.90 42.28
C THR E 223 40.63 -8.08 42.43
N LYS E 224 39.83 -7.28 41.74
CA LYS E 224 38.37 -7.18 41.90
C LYS E 224 37.98 -6.46 43.18
N LYS E 225 38.94 -5.95 43.96
CA LYS E 225 38.75 -5.23 45.22
C LYS E 225 39.63 -3.99 45.23
N PRO E 226 39.13 -2.85 45.70
CA PRO E 226 39.96 -1.63 45.72
C PRO E 226 41.24 -1.82 46.51
N ILE E 227 42.28 -1.08 46.12
CA ILE E 227 43.59 -1.29 46.72
C ILE E 227 43.68 -0.58 48.07
N PHE E 228 43.25 0.68 48.14
CA PHE E 228 43.47 1.51 49.32
C PHE E 228 42.12 1.93 49.92
N GLN E 229 41.60 1.12 50.84
CA GLN E 229 40.32 1.38 51.49
C GLN E 229 40.60 1.94 52.88
N ALA E 230 40.27 3.21 53.08
CA ALA E 230 40.51 3.88 54.36
C ALA E 230 39.43 4.92 54.61
N ASN E 231 39.36 5.39 55.86
CA ASN E 231 38.35 6.35 56.27
C ASN E 231 38.87 7.75 56.54
N LEU E 232 40.13 7.89 56.94
CA LEU E 232 40.74 9.19 57.25
C LEU E 232 42.07 9.28 56.53
N GLU E 233 42.49 10.52 56.24
CA GLU E 233 43.68 10.70 55.42
C GLU E 233 44.89 9.97 56.00
N LEU E 234 45.03 9.95 57.33
CA LEU E 234 46.20 9.28 57.90
C LEU E 234 46.17 7.78 57.64
N ALA E 235 45.02 7.14 57.81
CA ALA E 235 44.93 5.71 57.55
C ALA E 235 45.25 5.40 56.09
N GLN E 236 44.80 6.27 55.17
CA GLN E 236 45.08 6.10 53.74
C GLN E 236 46.56 6.19 53.44
N LEU E 237 47.23 7.24 53.95
CA LEU E 237 48.66 7.36 53.75
C LEU E 237 49.42 6.17 54.32
N GLU E 238 48.93 5.60 55.42
CA GLU E 238 49.56 4.40 55.96
C GLU E 238 49.46 3.23 54.99
N LEU E 239 48.27 3.02 54.41
CA LEU E 239 48.11 1.92 53.47
C LEU E 239 48.99 2.10 52.23
N ILE E 240 49.04 3.33 51.71
CA ILE E 240 49.91 3.61 50.58
C ILE E 240 51.36 3.25 50.93
N SER E 241 51.78 3.59 52.15
CA SER E 241 53.18 3.39 52.55
C SER E 241 53.53 1.90 52.64
N ARG E 242 52.61 1.08 53.13
CA ARG E 242 52.88 -0.35 53.25
C ARG E 242 53.22 -0.96 51.89
N LEU E 243 52.55 -0.48 50.84
CA LEU E 243 52.69 -1.03 49.51
C LEU E 243 53.76 -0.31 48.69
N CYS E 244 53.69 1.01 48.62
CA CYS E 244 54.57 1.78 47.75
C CYS E 244 55.85 2.25 48.42
N GLY E 245 55.98 2.09 49.73
CA GLY E 245 57.10 2.64 50.45
C GLY E 245 56.72 3.99 51.06
N SER E 246 57.31 4.29 52.21
CA SER E 246 56.93 5.51 52.90
C SER E 246 57.47 6.73 52.15
N PRO E 247 56.67 7.79 52.01
CA PRO E 247 57.20 9.04 51.44
C PRO E 247 58.40 9.51 52.24
N CYS E 248 59.51 9.67 51.54
CA CYS E 248 60.76 10.11 52.14
C CYS E 248 61.59 10.79 51.05
N PRO E 249 62.50 11.69 51.43
CA PRO E 249 63.33 12.36 50.41
C PRO E 249 64.12 11.39 49.58
N ALA E 250 64.38 10.18 50.10
CA ALA E 250 65.22 9.23 49.36
C ALA E 250 64.63 8.93 47.99
N VAL E 251 63.32 8.76 47.92
CA VAL E 251 62.62 8.53 46.65
C VAL E 251 61.82 9.74 46.18
N TRP E 252 61.60 10.75 47.03
CA TRP E 252 60.76 11.89 46.72
C TRP E 252 61.45 13.13 47.26
N PRO E 253 62.37 13.71 46.48
CA PRO E 253 63.23 14.77 47.05
C PRO E 253 62.50 16.00 47.55
N ASP E 254 61.31 16.29 47.04
CA ASP E 254 60.59 17.50 47.43
C ASP E 254 59.46 17.22 48.40
N VAL E 255 59.40 16.02 48.98
CA VAL E 255 58.34 15.71 49.93
C VAL E 255 58.44 16.62 51.14
N ILE E 256 59.65 17.04 51.48
CA ILE E 256 59.91 17.88 52.64
C ILE E 256 59.25 19.25 52.51
N ARG E 257 58.93 19.67 51.28
CA ARG E 257 58.26 20.95 51.10
C ARG E 257 56.77 20.89 51.44
N LEU E 258 56.20 19.70 51.54
CA LEU E 258 54.76 19.55 51.73
C LEU E 258 54.34 19.87 53.17
N PRO E 259 53.26 20.64 53.35
CA PRO E 259 52.88 21.05 54.72
C PRO E 259 52.72 19.91 55.72
N TYR E 260 52.20 18.76 55.32
CA TYR E 260 51.92 17.67 56.26
C TYR E 260 52.96 16.56 56.24
N PHE E 261 54.12 16.80 55.63
CA PHE E 261 55.12 15.74 55.57
C PHE E 261 55.47 15.25 56.97
N ASN E 262 55.84 16.18 57.85
CA ASN E 262 56.14 15.80 59.23
C ASN E 262 54.88 15.43 60.00
N THR E 263 53.78 16.16 59.78
CA THR E 263 52.56 15.91 60.55
C THR E 263 52.07 14.48 60.34
N MET E 264 51.94 14.08 59.09
CA MET E 264 51.37 12.78 58.74
C MET E 264 52.47 11.75 58.50
N LYS E 265 53.26 11.50 59.51
CA LYS E 265 54.27 10.49 59.31
C LYS E 265 53.62 9.11 59.37
N PRO E 266 54.00 8.19 58.49
CA PRO E 266 53.50 6.81 58.59
C PRO E 266 54.11 6.09 59.78
N LYS E 267 53.45 5.00 60.18
CA LYS E 267 53.86 4.27 61.37
C LYS E 267 55.32 3.82 61.26
N LYS E 268 55.73 3.38 60.09
CA LYS E 268 57.12 3.01 59.85
C LYS E 268 57.61 3.65 58.55
N GLN E 269 58.92 3.58 58.34
CA GLN E 269 59.54 3.91 57.06
C GLN E 269 59.56 2.62 56.24
N TYR E 270 58.40 2.34 55.63
CA TYR E 270 58.23 1.09 54.90
C TYR E 270 59.00 1.12 53.58
N ARG E 271 59.52 -0.04 53.20
CA ARG E 271 60.07 -0.21 51.86
C ARG E 271 58.92 -0.48 50.89
N ARG E 272 59.20 -0.26 49.60
CA ARG E 272 58.20 -0.56 48.59
C ARG E 272 58.07 -2.07 48.44
N ARG E 273 56.83 -2.57 48.39
CA ARG E 273 56.60 -4.00 48.25
C ARG E 273 55.71 -4.29 47.04
N LEU E 274 55.41 -3.26 46.22
CA LEU E 274 54.37 -3.39 45.21
C LEU E 274 54.58 -4.60 44.31
N ARG E 275 55.77 -4.75 43.74
CA ARG E 275 55.99 -5.85 42.81
C ARG E 275 55.77 -7.20 43.48
N GLU E 276 56.16 -7.31 44.75
CA GLU E 276 55.98 -8.56 45.47
C GLU E 276 54.49 -8.84 45.65
N GLU E 277 53.75 -7.86 46.16
CA GLU E 277 52.35 -8.06 46.51
C GLU E 277 51.49 -8.34 45.29
N PHE E 278 51.82 -7.77 44.12
CA PHE E 278 51.08 -7.98 42.88
C PHE E 278 51.81 -8.95 41.94
N SER E 279 52.45 -9.99 42.48
CA SER E 279 53.18 -10.93 41.63
C SER E 279 52.28 -11.62 40.60
N PHE E 280 51.01 -11.85 40.94
CA PHE E 280 50.12 -12.54 40.01
C PHE E 280 49.89 -11.74 38.73
N ILE E 281 50.03 -10.42 38.80
CA ILE E 281 49.73 -9.59 37.62
C ILE E 281 50.71 -9.90 36.51
N PRO E 282 50.27 -9.97 35.24
CA PRO E 282 51.23 -10.14 34.14
C PRO E 282 52.32 -9.07 34.19
N SER E 283 53.50 -9.43 33.71
CA SER E 283 54.64 -8.53 33.84
C SER E 283 54.42 -7.23 33.09
N ALA E 284 53.92 -7.31 31.85
CA ALA E 284 53.69 -6.09 31.09
C ALA E 284 52.78 -5.14 31.86
N ALA E 285 51.77 -5.69 32.54
CA ALA E 285 50.86 -4.85 33.31
C ALA E 285 51.48 -4.43 34.63
N LEU E 286 52.17 -5.35 35.32
CA LEU E 286 52.77 -5.01 36.60
C LEU E 286 53.71 -3.82 36.46
N ASP E 287 54.47 -3.77 35.37
CA ASP E 287 55.35 -2.64 35.10
C ASP E 287 54.55 -1.36 34.97
N LEU E 288 53.41 -1.41 34.30
CA LEU E 288 52.55 -0.23 34.19
C LEU E 288 52.06 0.23 35.55
N LEU E 289 51.63 -0.72 36.39
CA LEU E 289 51.16 -0.36 37.73
C LEU E 289 52.28 0.28 38.53
N ASP E 290 53.47 -0.32 38.49
CA ASP E 290 54.59 0.21 39.27
C ASP E 290 54.85 1.66 38.92
N HIS E 291 54.75 2.00 37.63
CA HIS E 291 55.01 3.38 37.23
C HIS E 291 53.86 4.31 37.57
N MET E 292 52.61 3.84 37.43
CA MET E 292 51.49 4.70 37.75
C MET E 292 51.41 5.00 39.24
N LEU E 293 51.78 4.03 40.07
CA LEU E 293 51.77 4.18 41.53
C LEU E 293 53.16 4.49 42.07
N THR E 294 53.81 5.46 41.46
CA THR E 294 55.09 5.98 41.92
C THR E 294 54.80 7.17 42.82
N LEU E 295 55.45 7.20 43.98
CA LEU E 295 55.09 8.19 45.00
C LEU E 295 55.30 9.62 44.51
N ASP E 296 56.48 9.93 44.02
CA ASP E 296 56.77 11.29 43.59
C ASP E 296 56.00 11.65 42.32
N PRO E 297 55.16 12.69 42.33
CA PRO E 297 54.44 13.04 41.09
C PRO E 297 55.35 13.39 39.93
N SER E 298 56.56 13.87 40.21
CA SER E 298 57.49 14.21 39.15
C SER E 298 58.11 12.94 38.54
N LYS E 299 58.25 11.87 39.31
CA LYS E 299 58.74 10.59 38.79
C LYS E 299 57.65 9.70 38.22
N ARG E 300 56.38 9.94 38.59
CA ARG E 300 55.27 9.13 38.11
C ARG E 300 55.03 9.36 36.62
N CYS E 301 54.80 8.27 35.89
CA CYS E 301 54.63 8.36 34.46
C CYS E 301 53.41 9.22 34.11
N THR E 302 53.38 9.67 32.86
CA THR E 302 52.29 10.44 32.31
C THR E 302 51.28 9.53 31.62
N ALA E 303 50.16 10.13 31.20
CA ALA E 303 49.19 9.38 30.40
C ALA E 303 49.81 8.94 29.09
N GLU E 304 50.52 9.84 28.42
CA GLU E 304 51.16 9.49 27.16
C GLU E 304 52.10 8.32 27.36
N GLN E 305 52.87 8.32 28.44
CA GLN E 305 53.85 7.27 28.67
C GLN E 305 53.18 5.91 28.88
N THR E 306 52.01 5.88 29.52
CA THR E 306 51.32 4.61 29.69
C THR E 306 50.91 4.04 28.33
N LEU E 307 50.52 4.91 27.41
CA LEU E 307 50.17 4.45 26.07
C LEU E 307 51.38 3.92 25.33
N GLN E 308 52.58 4.29 25.77
CA GLN E 308 53.83 3.76 25.22
C GLN E 308 54.42 2.70 26.13
N SER E 309 53.60 1.77 26.61
CA SER E 309 54.05 0.69 27.48
C SER E 309 53.87 -0.63 26.75
N ASP E 310 54.64 -1.63 27.15
CA ASP E 310 54.46 -2.94 26.54
C ASP E 310 53.01 -3.44 26.73
N PHE E 311 52.36 -3.04 27.82
CA PHE E 311 51.03 -3.54 28.11
C PHE E 311 50.00 -2.98 27.14
N LEU E 312 50.06 -1.67 26.87
CA LEU E 312 49.04 -1.01 26.06
C LEU E 312 49.50 -0.64 24.65
N LYS E 313 50.80 -0.65 24.40
CA LYS E 313 51.35 -0.08 23.17
C LYS E 313 50.74 -0.72 21.93
N ASP E 314 50.63 -2.05 21.91
CA ASP E 314 50.11 -2.74 20.74
C ASP E 314 48.65 -3.18 20.90
N VAL E 315 47.89 -2.55 21.79
CA VAL E 315 46.48 -2.85 21.93
C VAL E 315 45.72 -2.09 20.84
N GLU E 316 44.89 -2.81 20.11
CA GLU E 316 44.12 -2.23 19.00
C GLU E 316 42.69 -1.97 19.44
N LEU E 317 42.27 -0.70 19.35
CA LEU E 317 40.91 -0.36 19.70
C LEU E 317 39.90 -0.86 18.67
N SER E 318 40.39 -1.32 17.51
CA SER E 318 39.53 -1.95 16.53
C SER E 318 38.82 -3.16 17.12
N LYS E 319 39.53 -3.94 17.93
CA LYS E 319 38.96 -5.07 18.66
C LYS E 319 38.49 -4.57 20.02
N MET E 320 37.18 -4.46 20.19
CA MET E 320 36.66 -3.83 21.40
C MET E 320 36.81 -4.74 22.62
N ALA E 321 36.83 -6.07 22.42
CA ALA E 321 37.03 -7.02 23.51
C ALA E 321 36.00 -6.71 24.61
N PRO E 322 34.72 -6.98 24.36
CA PRO E 322 33.67 -6.65 25.37
C PRO E 322 33.90 -7.35 26.68
N PRO E 323 33.69 -6.67 27.81
CA PRO E 323 33.78 -7.36 29.10
C PRO E 323 32.66 -8.39 29.23
N ASP E 324 32.93 -9.45 29.98
CA ASP E 324 32.00 -10.56 30.15
C ASP E 324 31.04 -10.33 31.31
N LEU E 325 29.75 -10.16 31.00
CA LEU E 325 28.73 -10.04 32.01
C LEU E 325 27.89 -11.31 32.15
N PRO E 326 27.76 -11.89 33.37
CA PRO E 326 26.97 -13.13 33.52
C PRO E 326 25.56 -13.03 32.95
N HIS E 327 24.81 -12.06 33.47
CA HIS E 327 23.48 -11.70 32.99
C HIS E 327 22.53 -12.90 33.13
N TRP E 328 21.73 -13.22 32.10
CA TRP E 328 20.56 -14.06 32.29
C TRP E 328 20.90 -15.48 32.73
N GLN E 329 21.97 -16.08 32.17
CA GLN E 329 22.18 -17.51 32.41
C GLN E 329 22.42 -17.83 33.89
N ASP E 330 23.15 -16.98 34.59
CA ASP E 330 23.42 -17.18 36.02
C ASP E 330 22.62 -16.24 36.91
N CYS E 331 21.52 -15.67 36.39
CA CYS E 331 20.65 -14.82 37.18
C CYS E 331 19.97 -15.66 38.27
N THR F 24 27.74 22.05 15.03
CA THR F 24 28.24 21.73 16.36
C THR F 24 28.12 22.95 17.27
N LYS F 25 29.04 24.00 17.05
CA LYS F 25 29.10 25.23 17.82
C LYS F 25 28.45 26.37 17.03
N PRO F 26 27.82 27.34 17.70
CA PRO F 26 27.10 28.38 16.95
C PRO F 26 28.05 29.43 16.37
N CYS F 27 27.52 30.14 15.36
CA CYS F 27 28.25 31.20 14.67
C CYS F 27 27.95 32.52 15.35
N TRP F 28 28.99 33.18 15.86
CA TRP F 28 28.84 34.42 16.60
C TRP F 28 29.35 35.63 15.83
N TYR F 29 29.34 35.57 14.51
CA TYR F 29 29.85 36.66 13.69
C TYR F 29 28.85 37.05 12.62
N TRP F 30 28.63 38.37 12.51
CA TRP F 30 27.68 39.01 11.60
C TRP F 30 28.46 39.93 10.67
N ASP F 31 27.81 40.40 9.59
CA ASP F 31 28.39 41.41 8.73
C ASP F 31 27.98 42.80 9.21
N LYS F 32 28.87 43.80 9.04
CA LYS F 32 28.50 45.14 9.48
C LYS F 32 27.14 45.55 8.94
N LYS F 33 26.87 45.24 7.66
CA LYS F 33 25.58 45.62 7.08
C LYS F 33 24.43 45.04 7.88
N ASP F 34 24.64 43.91 8.57
CA ASP F 34 23.58 43.33 9.37
C ASP F 34 23.30 44.14 10.63
N LEU F 35 24.23 44.99 11.08
CA LEU F 35 23.99 45.73 12.31
C LEU F 35 22.92 46.81 12.15
N ALA F 36 22.51 47.13 10.93
CA ALA F 36 21.37 48.03 10.75
C ALA F 36 20.05 47.33 11.03
N HIS F 37 20.08 46.02 11.25
CA HIS F 37 18.88 45.21 11.43
C HIS F 37 18.90 44.54 12.80
N THR F 38 19.58 45.14 13.76
CA THR F 38 19.52 44.66 15.13
C THR F 38 18.15 44.96 15.72
N PRO F 39 17.71 44.20 16.72
CA PRO F 39 16.43 44.52 17.37
C PRO F 39 16.36 45.97 17.82
N SER F 40 17.45 46.48 18.39
CA SER F 40 17.45 47.86 18.86
C SER F 40 17.21 48.83 17.71
N GLN F 41 17.89 48.63 16.59
CA GLN F 41 17.66 49.49 15.43
C GLN F 41 16.19 49.44 15.02
N LEU F 42 15.63 48.24 14.91
CA LEU F 42 14.30 48.10 14.37
C LEU F 42 13.22 48.61 15.30
N GLU F 43 13.52 48.77 16.59
CA GLU F 43 12.55 49.31 17.54
C GLU F 43 12.58 50.84 17.62
N GLY F 44 13.29 51.50 16.71
CA GLY F 44 13.29 52.95 16.64
C GLY F 44 14.56 53.61 17.14
N LEU F 45 15.52 52.83 17.63
CA LEU F 45 16.83 53.37 18.00
C LEU F 45 17.68 53.62 16.76
N ASP F 46 18.33 54.77 16.71
CA ASP F 46 19.15 55.11 15.55
C ASP F 46 20.56 54.56 15.70
N PRO F 47 21.33 54.53 14.61
CA PRO F 47 22.66 53.90 14.68
C PRO F 47 23.58 54.55 15.69
N ALA F 48 23.63 55.88 15.73
CA ALA F 48 24.54 56.54 16.65
C ALA F 48 24.24 56.16 18.09
N THR F 49 22.96 56.08 18.44
CA THR F 49 22.57 55.78 19.81
C THR F 49 22.93 54.36 20.20
N GLU F 50 22.64 53.37 19.34
CA GLU F 50 23.03 52.01 19.71
C GLU F 50 24.54 51.93 19.87
N ALA F 51 25.28 52.66 19.03
CA ALA F 51 26.74 52.70 19.20
C ALA F 51 27.11 53.25 20.57
N ARG F 52 26.47 54.35 20.96
CA ARG F 52 26.73 54.94 22.27
C ARG F 52 26.34 53.98 23.39
N TYR F 53 25.15 53.38 23.28
CA TYR F 53 24.71 52.45 24.31
C TYR F 53 25.69 51.28 24.46
N ARG F 54 26.30 50.85 23.36
CA ARG F 54 27.27 49.76 23.44
C ARG F 54 28.57 50.23 24.07
N ARG F 55 29.07 51.40 23.65
CA ARG F 55 30.27 51.94 24.26
C ARG F 55 30.08 52.12 25.76
N GLU F 56 28.92 52.65 26.16
CA GLU F 56 28.68 52.88 27.59
C GLU F 56 28.68 51.57 28.36
N GLY F 57 27.95 50.58 27.87
CA GLY F 57 27.89 49.30 28.57
C GLY F 57 29.24 48.62 28.65
N ALA F 58 30.00 48.66 27.55
CA ALA F 58 31.32 48.07 27.56
C ALA F 58 32.20 48.72 28.62
N ARG F 59 32.27 50.05 28.62
CA ARG F 59 33.12 50.76 29.57
C ARG F 59 32.62 50.58 31.01
N PHE F 60 31.31 50.51 31.21
CA PHE F 60 30.74 50.20 32.52
C PHE F 60 31.22 48.85 33.02
N ILE F 61 31.14 47.81 32.19
CA ILE F 61 31.67 46.51 32.59
C ILE F 61 33.16 46.62 32.86
N PHE F 62 33.87 47.34 32.00
CA PHE F 62 35.31 47.51 32.16
C PHE F 62 35.64 48.23 33.46
N ASP F 63 34.94 49.33 33.73
CA ASP F 63 35.24 50.13 34.93
C ASP F 63 34.79 49.42 36.20
N VAL F 64 33.62 48.77 36.17
CA VAL F 64 33.19 48.02 37.35
C VAL F 64 34.18 46.90 37.65
N GLY F 65 34.52 46.10 36.63
CA GLY F 65 35.41 44.99 36.86
C GLY F 65 36.80 45.43 37.22
N THR F 66 37.26 46.55 36.66
CA THR F 66 38.56 47.08 37.07
C THR F 66 38.55 47.48 38.53
N ARG F 67 37.47 48.14 38.97
CA ARG F 67 37.34 48.52 40.37
C ARG F 67 37.29 47.30 41.30
N LEU F 68 36.76 46.18 40.81
CA LEU F 68 36.73 44.94 41.59
C LEU F 68 38.01 44.13 41.49
N GLY F 69 39.00 44.59 40.72
CA GLY F 69 40.27 43.89 40.63
C GLY F 69 40.26 42.68 39.72
N LEU F 70 39.45 42.71 38.67
CA LEU F 70 39.26 41.54 37.83
C LEU F 70 40.28 41.45 36.69
N HIS F 71 40.70 40.22 36.41
CA HIS F 71 41.61 39.91 35.30
C HIS F 71 41.07 40.42 33.97
N TYR F 72 42.01 40.73 33.05
CA TYR F 72 41.60 41.35 31.79
C TYR F 72 40.71 40.43 30.97
N ASP F 73 40.95 39.12 31.01
CA ASP F 73 40.08 38.20 30.30
C ASP F 73 38.65 38.26 30.84
N THR F 74 38.52 38.38 32.16
CA THR F 74 37.20 38.41 32.77
C THR F 74 36.39 39.59 32.24
N LEU F 75 37.02 40.77 32.15
CA LEU F 75 36.31 41.93 31.62
C LEU F 75 35.85 41.69 30.20
N ALA F 76 36.75 41.18 29.35
CA ALA F 76 36.41 40.99 27.94
C ALA F 76 35.30 39.98 27.78
N THR F 77 35.33 38.89 28.55
CA THR F 77 34.27 37.89 28.45
C THR F 77 32.91 38.53 28.72
N GLY F 78 32.82 39.31 29.78
CA GLY F 78 31.59 40.01 30.06
C GLY F 78 31.17 40.93 28.93
N ILE F 79 32.13 41.68 28.37
CA ILE F 79 31.79 42.63 27.32
C ILE F 79 31.29 41.89 26.08
N ILE F 80 31.89 40.74 25.77
CA ILE F 80 31.47 39.99 24.60
C ILE F 80 30.13 39.31 24.85
N TYR F 81 29.90 38.77 26.05
CA TYR F 81 28.55 38.35 26.39
C TYR F 81 27.57 39.51 26.15
N PHE F 82 27.93 40.69 26.67
CA PHE F 82 27.10 41.88 26.55
C PHE F 82 26.80 42.22 25.10
N HIS F 83 27.84 42.30 24.25
CA HIS F 83 27.60 42.66 22.85
C HIS F 83 26.68 41.66 22.18
N ARG F 84 26.94 40.37 22.38
CA ARG F 84 26.12 39.34 21.76
C ARG F 84 24.67 39.44 22.20
N PHE F 85 24.44 39.70 23.49
CA PHE F 85 23.10 39.83 24.01
C PHE F 85 22.25 40.78 23.18
N TYR F 86 22.80 41.94 22.83
CA TYR F 86 22.02 42.95 22.12
C TYR F 86 21.96 42.75 20.62
N MET F 87 22.40 41.58 20.15
CA MET F 87 22.02 41.12 18.83
C MET F 87 20.69 40.38 18.84
N PHE F 88 20.21 39.99 20.02
CA PHE F 88 18.97 39.25 20.15
C PHE F 88 17.90 40.03 20.89
N HIS F 89 18.25 41.16 21.49
CA HIS F 89 17.32 41.95 22.28
C HIS F 89 17.56 43.42 22.01
N SER F 90 16.57 44.22 22.40
CA SER F 90 16.60 45.65 22.16
C SER F 90 17.08 46.36 23.41
N PHE F 91 17.88 47.40 23.21
CA PHE F 91 18.29 48.21 24.35
C PHE F 91 17.11 48.84 25.06
N LYS F 92 15.97 48.94 24.39
CA LYS F 92 14.78 49.52 24.99
C LYS F 92 14.06 48.57 25.93
N GLN F 93 14.31 47.26 25.82
CA GLN F 93 13.65 46.28 26.68
C GLN F 93 14.54 45.78 27.80
N PHE F 94 15.85 45.94 27.68
CA PHE F 94 16.80 45.49 28.69
C PHE F 94 17.73 46.64 28.99
N PRO F 95 17.54 47.36 30.09
CA PRO F 95 18.48 48.42 30.46
C PRO F 95 19.92 47.91 30.41
N ARG F 96 20.79 48.70 29.79
CA ARG F 96 22.14 48.24 29.52
C ARG F 96 22.92 47.96 30.80
N TYR F 97 22.85 48.88 31.76
CA TYR F 97 23.72 48.72 32.94
C TYR F 97 23.33 47.50 33.75
N VAL F 98 22.06 47.10 33.76
CA VAL F 98 21.69 45.85 34.40
C VAL F 98 22.28 44.66 33.65
N THR F 99 22.06 44.61 32.34
CA THR F 99 22.66 43.57 31.52
C THR F 99 24.17 43.52 31.74
N GLY F 100 24.82 44.68 31.73
CA GLY F 100 26.25 44.72 31.97
C GLY F 100 26.66 44.03 33.25
N ALA F 101 25.99 44.38 34.35
CA ALA F 101 26.31 43.75 35.63
C ALA F 101 26.13 42.24 35.57
N CYS F 102 25.06 41.79 34.93
CA CYS F 102 24.81 40.36 34.80
C CYS F 102 25.89 39.67 33.99
N CYS F 103 26.30 40.28 32.88
CA CYS F 103 27.37 39.71 32.08
C CYS F 103 28.65 39.56 32.89
N LEU F 104 29.03 40.63 33.60
CA LEU F 104 30.23 40.56 34.42
C LEU F 104 30.09 39.50 35.51
N PHE F 105 28.90 39.42 36.10
CA PHE F 105 28.66 38.41 37.11
C PHE F 105 28.88 37.01 36.56
N LEU F 106 28.28 36.71 35.40
CA LEU F 106 28.47 35.39 34.81
C LEU F 106 29.91 35.18 34.37
N ALA F 107 30.50 36.20 33.72
CA ALA F 107 31.88 36.10 33.27
C ALA F 107 32.80 35.70 34.41
N GLY F 108 32.58 36.28 35.59
CA GLY F 108 33.39 35.91 36.74
C GLY F 108 33.32 34.43 37.06
N LYS F 109 32.13 33.84 36.91
CA LYS F 109 32.00 32.40 37.16
C LYS F 109 32.64 31.60 36.03
N VAL F 110 32.50 32.06 34.79
CA VAL F 110 33.05 31.30 33.66
C VAL F 110 34.58 31.30 33.72
N GLU F 111 35.18 32.46 33.97
CA GLU F 111 36.62 32.60 33.93
C GLU F 111 37.31 32.28 35.27
N GLU F 112 36.57 31.75 36.23
CA GLU F 112 37.12 31.37 37.53
C GLU F 112 37.73 32.57 38.26
N THR F 113 37.12 33.73 38.11
CA THR F 113 37.45 34.92 38.91
C THR F 113 36.15 35.45 39.52
N PRO F 114 35.47 34.64 40.32
CA PRO F 114 34.10 34.99 40.73
C PRO F 114 34.05 36.13 41.74
N LYS F 115 32.96 36.89 41.66
CA LYS F 115 32.64 37.93 42.62
C LYS F 115 31.17 37.80 43.00
N LYS F 116 30.84 38.22 44.22
CA LYS F 116 29.46 38.15 44.68
C LYS F 116 28.63 39.22 44.01
N CYS F 117 27.37 38.88 43.73
CA CYS F 117 26.49 39.83 43.04
C CYS F 117 26.35 41.13 43.83
N LYS F 118 26.29 41.04 45.16
CA LYS F 118 26.16 42.25 45.96
C LYS F 118 27.32 43.20 45.72
N ASP F 119 28.53 42.66 45.52
CA ASP F 119 29.70 43.52 45.33
C ASP F 119 29.63 44.24 43.99
N ILE F 120 29.17 43.54 42.96
CA ILE F 120 29.02 44.16 41.64
C ILE F 120 28.01 45.30 41.73
N ILE F 121 26.92 45.10 42.48
CA ILE F 121 25.93 46.16 42.63
C ILE F 121 26.53 47.35 43.35
N LYS F 122 27.21 47.10 44.47
CA LYS F 122 27.86 48.19 45.22
C LYS F 122 28.74 49.02 44.30
N THR F 123 29.57 48.34 43.50
CA THR F 123 30.46 49.06 42.59
C THR F 123 29.67 49.83 41.54
N ALA F 124 28.56 49.24 41.09
CA ALA F 124 27.72 49.94 40.11
C ALA F 124 27.18 51.24 40.70
N ARG F 125 26.71 51.20 41.95
CA ARG F 125 26.19 52.41 42.57
C ARG F 125 27.27 53.48 42.62
N SER F 126 28.52 53.06 42.87
CA SER F 126 29.63 54.00 42.92
C SER F 126 29.81 54.71 41.57
N LEU F 127 29.63 53.97 40.47
CA LEU F 127 29.96 54.49 39.15
C LEU F 127 28.77 55.10 38.42
N LEU F 128 27.55 54.76 38.82
CA LEU F 128 26.35 55.26 38.15
C LEU F 128 25.70 56.40 38.95
N ASN F 129 25.06 57.31 38.23
CA ASN F 129 24.28 58.37 38.89
C ASN F 129 22.89 57.83 39.24
N ASP F 130 22.08 58.65 39.88
CA ASP F 130 20.79 58.16 40.38
C ASP F 130 19.86 57.77 39.24
N VAL F 131 19.83 58.55 38.17
CA VAL F 131 19.01 58.20 37.02
C VAL F 131 19.46 56.86 36.45
N GLN F 132 20.78 56.70 36.30
CA GLN F 132 21.31 55.48 35.71
C GLN F 132 21.00 54.26 36.59
N PHE F 133 21.26 54.37 37.89
CA PHE F 133 20.99 53.24 38.78
C PHE F 133 19.49 52.95 38.90
N GLY F 134 18.65 53.90 38.47
CA GLY F 134 17.22 53.64 38.44
C GLY F 134 16.86 52.47 37.55
N GLN F 135 17.75 52.11 36.61
CA GLN F 135 17.51 50.94 35.79
C GLN F 135 17.37 49.70 36.66
N PHE F 136 18.15 49.64 37.74
CA PHE F 136 18.16 48.49 38.64
C PHE F 136 16.93 48.40 39.52
N GLY F 137 16.07 49.42 39.53
CA GLY F 137 14.83 49.33 40.27
C GLY F 137 15.03 49.19 41.77
N ASP F 138 14.00 48.63 42.42
CA ASP F 138 13.96 48.57 43.88
C ASP F 138 14.84 47.47 44.47
N ASP F 139 15.09 46.38 43.73
CA ASP F 139 15.95 45.30 44.20
C ASP F 139 16.99 45.06 43.12
N PRO F 140 18.11 45.79 43.15
CA PRO F 140 19.12 45.61 42.10
C PRO F 140 19.64 44.18 42.01
N LYS F 141 20.02 43.57 43.13
CA LYS F 141 20.57 42.23 43.06
C LYS F 141 19.64 41.29 42.32
N GLU F 142 18.34 41.36 42.62
CA GLU F 142 17.40 40.44 41.99
C GLU F 142 17.36 40.64 40.48
N GLU F 143 17.19 41.90 40.04
CA GLU F 143 17.08 42.15 38.61
C GLU F 143 18.27 41.55 37.85
N VAL F 144 19.45 41.61 38.46
CA VAL F 144 20.64 41.02 37.85
C VAL F 144 20.56 39.50 37.90
N MET F 145 20.32 38.94 39.08
CA MET F 145 20.29 37.49 39.22
C MET F 145 19.22 36.84 38.35
N VAL F 146 18.12 37.55 38.13
CA VAL F 146 17.01 37.01 37.33
C VAL F 146 17.36 37.06 35.84
N LEU F 147 18.12 38.05 35.41
CA LEU F 147 18.52 38.14 34.02
C LEU F 147 19.47 37.02 33.62
N GLU F 148 20.17 36.42 34.59
CA GLU F 148 21.15 35.39 34.27
C GLU F 148 20.54 34.28 33.41
N ARG F 149 19.30 33.89 33.70
CA ARG F 149 18.66 32.84 32.91
C ARG F 149 18.56 33.25 31.44
N ILE F 150 18.08 34.47 31.18
CA ILE F 150 17.98 34.94 29.81
C ILE F 150 19.37 35.08 29.20
N LEU F 151 20.34 35.55 29.98
CA LEU F 151 21.71 35.67 29.45
C LEU F 151 22.21 34.31 28.97
N LEU F 152 22.14 33.30 29.83
CA LEU F 152 22.62 31.98 29.46
C LEU F 152 21.91 31.46 28.21
N GLN F 153 20.59 31.59 28.16
CA GLN F 153 19.88 31.14 26.97
C GLN F 153 20.32 31.94 25.74
N THR F 154 20.52 33.25 25.90
CA THR F 154 20.87 34.06 24.74
C THR F 154 22.25 33.71 24.19
N ILE F 155 23.22 33.47 25.06
CA ILE F 155 24.55 33.11 24.58
C ILE F 155 24.63 31.61 24.32
N LYS F 156 23.46 30.95 24.30
CA LYS F 156 23.37 29.55 23.86
C LYS F 156 24.31 28.65 24.65
N PHE F 157 24.53 29.00 25.92
CA PHE F 157 25.39 28.24 26.82
C PHE F 157 26.77 27.96 26.23
N ASP F 158 27.16 28.74 25.21
CA ASP F 158 28.51 28.70 24.66
C ASP F 158 29.33 29.66 25.52
N LEU F 159 29.88 29.12 26.61
CA LEU F 159 30.50 29.96 27.62
C LEU F 159 31.97 30.23 27.32
N GLN F 160 32.62 29.32 26.60
CA GLN F 160 34.02 29.51 26.29
C GLN F 160 34.17 30.63 25.27
N VAL F 161 34.99 31.62 25.58
CA VAL F 161 35.27 32.73 24.67
C VAL F 161 36.76 33.02 24.73
N GLU F 162 37.38 33.22 23.56
CA GLU F 162 38.76 33.65 23.49
C GLU F 162 38.86 35.10 23.03
N HIS F 163 39.95 35.74 23.41
CA HIS F 163 40.11 37.18 23.21
C HIS F 163 41.39 37.49 22.47
N PRO F 164 41.41 38.63 21.77
CA PRO F 164 42.61 38.98 20.99
C PRO F 164 43.89 38.97 21.79
N TYR F 165 43.82 39.16 23.11
CA TYR F 165 45.03 39.31 23.91
C TYR F 165 45.95 38.11 23.75
N GLN F 166 45.42 36.90 23.94
CA GLN F 166 46.29 35.73 23.94
C GLN F 166 47.00 35.55 22.61
N PHE F 167 46.35 35.94 21.52
CA PHE F 167 46.98 35.83 20.21
C PHE F 167 47.98 36.94 19.97
N LEU F 168 47.69 38.14 20.47
CA LEU F 168 48.69 39.21 20.45
C LEU F 168 49.98 38.75 21.08
N LEU F 169 49.89 37.98 22.17
CA LEU F 169 51.09 37.51 22.84
C LEU F 169 51.69 36.30 22.15
N LYS F 170 50.85 35.35 21.72
CA LYS F 170 51.36 34.20 21.00
C LYS F 170 52.18 34.62 19.80
N TYR F 171 51.70 35.63 19.08
CA TYR F 171 52.37 36.08 17.87
C TYR F 171 53.62 36.89 18.21
N ALA F 172 53.53 37.75 19.21
CA ALA F 172 54.69 38.57 19.56
C ALA F 172 55.87 37.74 20.04
N LYS F 173 55.61 36.62 20.75
CA LYS F 173 56.76 35.83 21.19
C LYS F 173 57.58 35.30 20.02
N GLN F 174 56.96 35.18 18.84
CA GLN F 174 57.66 34.67 17.66
C GLN F 174 58.43 35.76 16.94
N LEU F 175 58.35 36.99 17.41
CA LEU F 175 59.14 38.09 16.86
C LEU F 175 60.49 38.13 17.57
N LYS F 176 61.55 38.38 16.81
CA LYS F 176 62.88 38.50 17.34
C LYS F 176 63.48 39.79 16.80
N GLY F 177 64.01 40.61 17.70
CA GLY F 177 64.55 41.90 17.30
C GLY F 177 64.77 42.76 18.54
N ASP F 178 64.83 44.07 18.32
CA ASP F 178 64.97 44.98 19.44
C ASP F 178 63.83 44.75 20.42
N LYS F 179 64.15 44.26 21.62
CA LYS F 179 63.10 44.00 22.60
C LYS F 179 62.27 45.24 22.88
N ASN F 180 62.92 46.41 22.89
CA ASN F 180 62.22 47.65 23.19
C ASN F 180 61.27 48.04 22.06
N LYS F 181 61.67 47.79 20.82
CA LYS F 181 60.75 48.07 19.71
C LYS F 181 59.59 47.10 19.70
N ILE F 182 59.85 45.83 20.04
CA ILE F 182 58.77 44.86 20.04
C ILE F 182 57.86 45.11 21.22
N GLN F 183 58.40 45.59 22.35
CA GLN F 183 57.54 45.91 23.48
C GLN F 183 56.66 47.13 23.19
N LYS F 184 57.20 48.15 22.53
CA LYS F 184 56.35 49.29 22.19
C LYS F 184 55.22 48.84 21.27
N LEU F 185 55.52 47.91 20.36
CA LEU F 185 54.48 47.36 19.49
C LEU F 185 53.39 46.67 20.31
N VAL F 186 53.78 45.81 21.24
CA VAL F 186 52.77 45.05 21.98
C VAL F 186 51.90 45.97 22.80
N GLN F 187 52.50 46.86 23.60
CA GLN F 187 51.68 47.71 24.45
C GLN F 187 50.72 48.55 23.61
N MET F 188 51.21 49.14 22.52
CA MET F 188 50.30 49.91 21.68
C MET F 188 49.18 49.03 21.13
N ALA F 189 49.52 47.82 20.70
CA ALA F 189 48.49 46.90 20.21
C ALA F 189 47.54 46.52 21.33
N TRP F 190 48.08 46.23 22.51
CA TRP F 190 47.25 45.89 23.66
C TRP F 190 46.22 46.99 23.92
N THR F 191 46.67 48.24 23.91
CA THR F 191 45.73 49.35 24.08
C THR F 191 44.64 49.30 23.02
N PHE F 192 45.01 49.01 21.76
CA PHE F 192 44.00 48.95 20.71
C PHE F 192 43.01 47.83 20.96
N VAL F 193 43.43 46.71 21.54
CA VAL F 193 42.47 45.67 21.88
C VAL F 193 41.49 46.20 22.92
N ASN F 194 42.00 46.82 23.99
CA ASN F 194 41.12 47.39 25.00
C ASN F 194 40.13 48.37 24.38
N ASP F 195 40.59 49.20 23.44
CA ASP F 195 39.70 50.15 22.80
C ASP F 195 38.74 49.47 21.85
N SER F 196 39.15 48.35 21.27
CA SER F 196 38.27 47.63 20.35
C SER F 196 37.10 46.97 21.05
N LEU F 197 37.09 46.92 22.39
CA LEU F 197 36.01 46.23 23.09
C LEU F 197 34.71 47.02 23.13
N CYS F 198 34.76 48.34 22.94
CA CYS F 198 33.55 49.15 22.89
C CYS F 198 32.94 49.18 21.49
N THR F 199 33.48 48.40 20.56
CA THR F 199 33.05 48.36 19.18
C THR F 199 32.40 47.01 18.92
N THR F 200 31.76 46.89 17.76
CA THR F 200 31.17 45.64 17.33
C THR F 200 32.19 44.75 16.62
N LEU F 201 33.48 45.12 16.65
CA LEU F 201 34.50 44.27 16.06
C LEU F 201 34.50 42.89 16.70
N SER F 202 34.23 42.82 18.02
CA SER F 202 34.11 41.53 18.69
C SER F 202 33.07 40.65 18.00
N LEU F 203 32.12 41.25 17.31
CA LEU F 203 31.07 40.50 16.62
C LEU F 203 31.35 40.31 15.14
N GLN F 204 32.39 40.97 14.60
CA GLN F 204 32.67 40.92 13.18
C GLN F 204 33.82 40.00 12.81
N TRP F 205 34.83 39.89 13.66
CA TRP F 205 36.06 39.20 13.30
C TRP F 205 36.55 38.31 14.43
N GLU F 206 37.07 37.15 14.06
CA GLU F 206 37.65 36.20 14.99
C GLU F 206 38.71 36.93 15.81
N PRO F 207 38.97 36.49 17.05
CA PRO F 207 39.97 37.22 17.87
C PRO F 207 41.34 37.24 17.22
N GLU F 208 41.72 36.14 16.56
CA GLU F 208 43.02 36.09 15.89
C GLU F 208 43.17 37.23 14.89
N ILE F 209 42.11 37.51 14.13
CA ILE F 209 42.17 38.57 13.11
C ILE F 209 42.31 39.93 13.77
N ILE F 210 41.59 40.16 14.86
CA ILE F 210 41.76 41.42 15.58
C ILE F 210 43.20 41.56 16.03
N ALA F 211 43.77 40.49 16.57
CA ALA F 211 45.13 40.55 17.08
C ALA F 211 46.11 40.97 16.00
N VAL F 212 45.95 40.42 14.79
CA VAL F 212 46.82 40.84 13.70
C VAL F 212 46.57 42.31 13.36
N ALA F 213 45.31 42.72 13.31
CA ALA F 213 44.99 44.08 12.93
C ALA F 213 45.63 45.09 13.88
N VAL F 214 45.58 44.82 15.19
CA VAL F 214 46.14 45.80 16.12
C VAL F 214 47.66 45.80 16.03
N MET F 215 48.27 44.64 15.78
CA MET F 215 49.70 44.61 15.48
C MET F 215 49.99 45.39 14.20
N TYR F 216 49.18 45.15 13.17
CA TYR F 216 49.29 45.87 11.92
C TYR F 216 49.17 47.36 12.13
N LEU F 217 48.16 47.80 12.90
CA LEU F 217 48.00 49.22 13.18
C LEU F 217 49.20 49.76 13.94
N ALA F 218 49.57 49.09 15.03
CA ALA F 218 50.70 49.56 15.83
C ALA F 218 51.96 49.63 14.99
N GLY F 219 52.16 48.66 14.10
CA GLY F 219 53.31 48.72 13.22
C GLY F 219 53.32 49.94 12.32
N ARG F 220 52.17 50.27 11.74
CA ARG F 220 52.09 51.45 10.90
C ARG F 220 52.38 52.72 11.71
N LEU F 221 51.77 52.83 12.89
CA LEU F 221 51.92 54.07 13.66
C LEU F 221 53.35 54.22 14.17
N CYS F 222 53.99 53.13 14.61
CA CYS F 222 55.37 53.20 15.10
C CYS F 222 56.40 53.13 13.99
N LYS F 223 55.98 53.16 12.73
CA LYS F 223 56.88 53.08 11.58
C LYS F 223 57.77 51.85 11.70
N PHE F 224 57.18 50.72 12.11
CA PHE F 224 57.91 49.47 12.20
C PHE F 224 57.65 48.59 10.99
N GLU F 225 58.65 47.78 10.63
CA GLU F 225 58.53 46.80 9.55
C GLU F 225 58.44 45.44 10.24
N ILE F 226 57.22 45.02 10.59
CA ILE F 226 57.08 43.85 11.46
C ILE F 226 57.65 42.60 10.80
N GLN F 227 57.64 42.55 9.48
CA GLN F 227 58.15 41.39 8.77
C GLN F 227 59.58 41.10 9.15
N GLU F 228 60.38 42.14 9.37
CA GLU F 228 61.81 41.93 9.63
C GLU F 228 62.01 41.06 10.86
N TRP F 229 61.08 41.13 11.81
CA TRP F 229 61.18 40.34 13.03
C TRP F 229 60.66 38.91 12.85
N THR F 230 60.06 38.60 11.70
CA THR F 230 59.48 37.29 11.49
C THR F 230 60.55 36.32 11.00
N SER F 231 60.20 35.04 11.03
CA SER F 231 61.09 34.01 10.50
C SER F 231 61.22 34.10 8.98
N LYS F 232 60.45 34.97 8.33
CA LYS F 232 60.46 35.13 6.88
C LYS F 232 60.62 36.62 6.56
N PRO F 233 61.81 37.17 6.84
CA PRO F 233 61.96 38.65 6.83
C PRO F 233 61.74 39.30 5.48
N MET F 234 61.56 38.50 4.42
CA MET F 234 61.32 39.03 3.10
C MET F 234 59.91 38.73 2.62
N TYR F 235 59.04 38.29 3.52
CA TYR F 235 57.63 38.04 3.24
C TYR F 235 56.86 39.27 3.70
N ARG F 236 56.52 40.15 2.76
CA ARG F 236 55.96 41.43 3.19
C ARG F 236 54.62 41.23 3.90
N ARG F 237 53.89 40.18 3.56
CA ARG F 237 52.63 39.87 4.25
C ARG F 237 52.91 39.01 5.49
N TRP F 238 53.46 39.68 6.51
CA TRP F 238 53.91 38.98 7.69
C TRP F 238 52.76 38.27 8.39
N TRP F 239 51.55 38.82 8.30
CA TRP F 239 50.44 38.25 9.03
C TRP F 239 50.08 36.86 8.54
N GLU F 240 50.45 36.51 7.31
CA GLU F 240 50.04 35.23 6.77
C GLU F 240 50.62 34.07 7.57
N GLN F 241 51.71 34.29 8.30
CA GLN F 241 52.22 33.22 9.13
C GLN F 241 51.43 33.02 10.41
N PHE F 242 50.72 34.05 10.87
CA PHE F 242 49.93 33.94 12.08
C PHE F 242 48.49 33.57 11.76
N VAL F 243 47.89 34.21 10.75
CA VAL F 243 46.50 33.99 10.43
C VAL F 243 46.35 33.89 8.91
N GLN F 244 45.94 32.72 8.43
CA GLN F 244 45.82 32.48 7.01
C GLN F 244 44.54 33.10 6.46
N ASP F 245 44.62 33.54 5.21
CA ASP F 245 43.46 33.97 4.44
C ASP F 245 42.89 35.29 4.95
N VAL F 246 43.75 36.22 5.34
CA VAL F 246 43.25 37.54 5.73
C VAL F 246 43.77 38.58 4.75
N PRO F 247 42.91 39.18 3.93
CA PRO F 247 43.36 40.24 3.03
C PRO F 247 43.59 41.55 3.78
N VAL F 248 44.40 42.40 3.16
CA VAL F 248 44.64 43.72 3.72
C VAL F 248 43.33 44.46 3.87
N ASP F 249 42.37 44.22 2.97
CA ASP F 249 41.06 44.85 3.07
C ASP F 249 40.54 44.74 4.48
N VAL F 250 40.63 43.55 5.07
CA VAL F 250 40.09 43.33 6.40
C VAL F 250 40.91 44.10 7.43
N LEU F 251 42.24 43.99 7.37
CA LEU F 251 43.06 44.70 8.34
C LEU F 251 42.84 46.21 8.28
N GLU F 252 42.59 46.75 7.09
CA GLU F 252 42.33 48.18 6.97
C GLU F 252 40.96 48.53 7.55
N ASP F 253 39.94 47.73 7.25
CA ASP F 253 38.62 47.98 7.80
C ASP F 253 38.65 47.99 9.33
N ILE F 254 39.37 47.05 9.93
CA ILE F 254 39.46 47.00 11.38
C ILE F 254 40.24 48.20 11.90
N CYS F 255 41.37 48.51 11.26
CA CYS F 255 42.12 49.69 11.69
C CYS F 255 41.28 50.95 11.58
N HIS F 256 40.52 51.09 10.49
CA HIS F 256 39.70 52.28 10.34
C HIS F 256 38.74 52.41 11.51
N GLN F 257 38.06 51.32 11.87
CA GLN F 257 37.09 51.37 12.96
C GLN F 257 37.75 51.70 14.29
N ILE F 258 38.97 51.20 14.52
CA ILE F 258 39.65 51.51 15.77
C ILE F 258 40.01 52.98 15.83
N LEU F 259 40.60 53.51 14.77
CA LEU F 259 41.02 54.91 14.76
C LEU F 259 39.84 55.88 14.85
N ASP F 260 38.65 55.45 14.43
CA ASP F 260 37.48 56.32 14.52
C ASP F 260 37.19 56.71 15.97
N LEU F 261 37.35 55.77 16.90
CA LEU F 261 37.12 56.07 18.31
C LEU F 261 38.01 57.21 18.79
N TYR F 262 39.27 57.19 18.38
CA TYR F 262 40.22 58.22 18.80
C TYR F 262 39.83 59.58 18.22
N SER F 263 39.32 59.60 17.00
CA SER F 263 38.92 60.87 16.39
C SER F 263 37.64 61.41 17.02
N GLN F 264 36.65 60.55 17.25
CA GLN F 264 35.40 61.00 17.84
C GLN F 264 35.59 61.45 19.28
N GLY F 265 36.32 60.67 20.08
CA GLY F 265 36.47 60.99 21.48
C GLY F 265 37.43 62.14 21.71
N LYS F 266 37.86 62.26 22.96
CA LYS F 266 38.86 63.26 23.30
C LYS F 266 40.26 62.67 23.26
N GLN F 267 40.36 61.36 23.49
CA GLN F 267 41.64 60.67 23.43
C GLN F 267 42.19 60.66 22.01
N GLN F 268 43.51 60.66 21.91
CA GLN F 268 44.25 60.65 20.65
C GLN F 268 45.11 59.40 20.62
N MET F 269 45.68 59.10 19.45
CA MET F 269 46.39 57.84 19.26
C MET F 269 47.45 57.67 20.36
N PRO F 270 47.62 56.46 20.89
CA PRO F 270 48.50 56.31 22.07
C PRO F 270 49.95 56.74 21.84
N HIS F 271 50.53 56.37 20.70
CA HIS F 271 51.93 56.66 20.41
C HIS F 271 52.82 56.69 21.64
N MET G 5 -34.20 52.31 -17.04
CA MET G 5 -34.89 51.10 -16.47
C MET G 5 -34.71 51.03 -14.96
N SER G 6 -33.59 51.52 -14.44
CA SER G 6 -33.34 51.60 -13.01
C SER G 6 -33.01 53.05 -12.65
N TYR G 7 -33.38 53.45 -11.43
CA TYR G 7 -33.28 54.84 -11.00
C TYR G 7 -32.68 54.92 -9.62
N ASN G 8 -31.62 55.73 -9.47
CA ASN G 8 -30.91 55.82 -8.20
C ASN G 8 -30.41 57.24 -7.95
N TYR G 9 -30.10 57.51 -6.67
CA TYR G 9 -29.73 58.82 -6.16
C TYR G 9 -28.47 58.63 -5.31
N VAL G 10 -27.46 59.46 -5.52
CA VAL G 10 -26.17 59.34 -4.83
C VAL G 10 -25.81 60.70 -4.25
N VAL G 11 -25.56 60.74 -2.94
CA VAL G 11 -25.18 61.97 -2.26
C VAL G 11 -23.91 61.74 -1.47
N THR G 12 -23.20 62.83 -1.22
CA THR G 12 -22.07 62.84 -0.32
C THR G 12 -22.60 63.12 1.10
N ALA G 13 -22.33 62.21 2.02
CA ALA G 13 -22.63 62.45 3.42
C ALA G 13 -21.44 63.07 4.13
N GLN G 14 -20.23 62.66 3.74
CA GLN G 14 -18.98 63.17 4.23
C GLN G 14 -18.07 63.44 3.05
N LYS G 15 -17.49 64.63 3.00
CA LYS G 15 -16.63 64.99 1.88
C LYS G 15 -15.30 64.25 1.99
N PRO G 16 -14.55 64.20 0.90
CA PRO G 16 -13.19 63.62 0.97
C PRO G 16 -12.34 64.30 2.03
N THR G 17 -11.67 63.47 2.84
CA THR G 17 -10.83 63.96 3.93
C THR G 17 -9.34 63.84 3.66
N ALA G 18 -8.92 62.97 2.74
CA ALA G 18 -7.51 62.73 2.50
C ALA G 18 -6.91 63.88 1.68
N VAL G 19 -5.70 64.28 2.05
CA VAL G 19 -5.01 65.36 1.36
C VAL G 19 -4.16 64.76 0.25
N ASN G 20 -4.42 65.21 -0.98
CA ASN G 20 -3.67 64.76 -2.14
C ASN G 20 -2.58 65.74 -2.55
N GLY G 21 -2.68 66.99 -2.15
CA GLY G 21 -1.66 67.97 -2.45
C GLY G 21 -1.93 69.28 -1.73
N CYS G 22 -0.87 70.06 -1.59
CA CYS G 22 -0.87 71.31 -0.84
C CYS G 22 0.17 72.26 -1.40
N VAL G 23 -0.23 73.52 -1.57
CA VAL G 23 0.66 74.55 -2.11
C VAL G 23 0.57 75.81 -1.26
N THR G 24 1.64 76.61 -1.32
CA THR G 24 1.72 77.89 -0.64
C THR G 24 2.00 78.98 -1.66
N GLY G 25 1.50 80.18 -1.40
CA GLY G 25 1.69 81.28 -2.31
C GLY G 25 0.82 82.46 -1.94
N HIS G 26 0.56 83.31 -2.94
CA HIS G 26 -0.10 84.59 -2.73
C HIS G 26 -1.26 84.70 -3.73
N PHE G 27 -2.31 83.91 -3.47
CA PHE G 27 -3.42 83.69 -4.39
C PHE G 27 -4.59 84.62 -4.16
N THR G 28 -5.01 84.83 -2.90
CA THR G 28 -6.15 85.70 -2.66
C THR G 28 -5.77 87.17 -2.70
N SER G 29 -4.55 87.52 -2.29
CA SER G 29 -4.04 88.88 -2.37
C SER G 29 -2.52 88.81 -2.43
N ALA G 30 -1.91 89.83 -3.05
CA ALA G 30 -0.45 89.84 -3.14
C ALA G 30 0.25 89.92 -1.78
N GLU G 31 -0.49 90.27 -0.71
CA GLU G 31 0.09 90.42 0.61
C GLU G 31 -0.11 89.19 1.49
N ASP G 32 -1.29 88.58 1.45
CA ASP G 32 -1.55 87.42 2.28
C ASP G 32 -0.69 86.24 1.84
N LEU G 33 -0.35 85.38 2.79
CA LEU G 33 0.27 84.09 2.52
C LEU G 33 -0.79 83.01 2.64
N ASN G 34 -1.08 82.33 1.53
CA ASN G 34 -2.18 81.38 1.48
C ASN G 34 -1.68 79.95 1.52
N LEU G 35 -2.56 79.05 1.96
CA LEU G 35 -2.36 77.61 1.84
C LEU G 35 -3.56 77.02 1.10
N LEU G 36 -3.31 76.44 -0.06
CA LEU G 36 -4.33 75.75 -0.84
C LEU G 36 -4.19 74.24 -0.66
N ILE G 37 -5.24 73.62 -0.13
CA ILE G 37 -5.26 72.18 0.11
C ILE G 37 -6.16 71.55 -0.94
N ALA G 38 -5.68 70.48 -1.56
CA ALA G 38 -6.43 69.74 -2.56
C ALA G 38 -6.80 68.42 -1.90
N LYS G 39 -8.09 68.23 -1.64
CA LYS G 39 -8.66 66.93 -1.35
C LYS G 39 -9.41 66.54 -2.61
N ASN G 40 -9.63 65.24 -2.82
CA ASN G 40 -10.16 64.80 -4.10
C ASN G 40 -11.41 65.61 -4.49
N THR G 41 -11.30 66.43 -5.52
CA THR G 41 -12.35 67.24 -6.13
C THR G 41 -12.62 68.50 -5.32
N ARG G 42 -12.05 68.69 -4.13
CA ARG G 42 -12.35 69.82 -3.27
C ARG G 42 -11.12 70.70 -3.24
N LEU G 43 -11.31 72.00 -3.37
CA LEU G 43 -10.21 72.94 -3.22
C LEU G 43 -10.52 73.78 -1.99
N GLU G 44 -9.61 73.76 -1.03
CA GLU G 44 -9.74 74.52 0.21
C GLU G 44 -8.69 75.63 0.20
N ILE G 45 -9.15 76.86 0.42
CA ILE G 45 -8.29 78.04 0.46
C ILE G 45 -8.25 78.57 1.89
N TYR G 46 -7.04 78.75 2.41
CA TYR G 46 -6.83 79.28 3.74
C TYR G 46 -5.92 80.49 3.66
N VAL G 47 -5.84 81.25 4.77
CA VAL G 47 -4.88 82.32 4.92
C VAL G 47 -4.02 82.00 6.13
N VAL G 48 -2.70 82.07 5.95
CA VAL G 48 -1.74 81.72 6.99
C VAL G 48 -1.65 82.89 7.97
N THR G 49 -1.91 82.61 9.24
CA THR G 49 -1.81 83.57 10.33
C THR G 49 -0.72 83.13 11.31
N ALA G 50 -0.45 84.00 12.29
CA ALA G 50 0.52 83.66 13.32
C ALA G 50 0.00 82.58 14.24
N GLU G 51 -1.31 82.40 14.32
CA GLU G 51 -1.94 81.40 15.17
C GLU G 51 -2.11 80.04 14.50
N GLY G 52 -2.61 80.05 13.27
CA GLY G 52 -3.00 78.84 12.56
C GLY G 52 -3.49 79.21 11.18
N LEU G 53 -4.36 78.38 10.62
CA LEU G 53 -4.96 78.62 9.31
C LEU G 53 -6.33 79.29 9.46
N ARG G 54 -6.60 80.27 8.60
CA ARG G 54 -7.91 80.92 8.55
C ARG G 54 -8.63 80.56 7.26
N PRO G 55 -9.75 79.83 7.31
CA PRO G 55 -10.44 79.48 6.06
C PRO G 55 -10.96 80.70 5.30
N VAL G 56 -10.99 80.58 3.97
CA VAL G 56 -11.42 81.70 3.14
C VAL G 56 -12.54 81.30 2.19
N LYS G 57 -12.38 80.15 1.54
CA LYS G 57 -13.34 79.69 0.55
C LYS G 57 -13.07 78.23 0.23
N GLU G 58 -14.13 77.47 0.02
CA GLU G 58 -14.00 76.10 -0.46
C GLU G 58 -14.90 75.96 -1.67
N VAL G 59 -14.35 75.41 -2.76
CA VAL G 59 -15.10 75.16 -3.97
C VAL G 59 -14.93 73.69 -4.29
N GLY G 60 -15.95 73.13 -4.93
CA GLY G 60 -15.86 71.82 -5.53
C GLY G 60 -15.56 71.98 -7.01
N MET G 61 -14.91 70.95 -7.58
CA MET G 61 -14.65 70.92 -9.00
C MET G 61 -15.25 69.64 -9.58
N TYR G 62 -15.67 69.73 -10.85
CA TYR G 62 -16.23 68.57 -11.55
C TYR G 62 -15.10 67.74 -12.17
N GLY G 63 -14.20 67.28 -11.30
CA GLY G 63 -13.05 66.51 -11.73
C GLY G 63 -12.18 66.19 -10.54
N LYS G 64 -11.34 65.16 -10.68
CA LYS G 64 -10.35 64.81 -9.66
C LYS G 64 -9.11 65.68 -9.89
N ILE G 65 -8.68 66.39 -8.86
CA ILE G 65 -7.59 67.36 -9.00
C ILE G 65 -6.26 66.61 -9.09
N ALA G 66 -5.68 66.56 -10.30
CA ALA G 66 -4.43 65.84 -10.51
C ALA G 66 -3.20 66.71 -10.28
N VAL G 67 -3.19 67.94 -10.81
CA VAL G 67 -2.09 68.87 -10.62
C VAL G 67 -2.67 70.17 -10.08
N MET G 68 -2.01 70.73 -9.07
CA MET G 68 -2.40 72.01 -8.48
C MET G 68 -1.13 72.82 -8.28
N GLU G 69 -1.03 73.96 -8.95
CA GLU G 69 0.19 74.75 -8.94
C GLU G 69 -0.15 76.23 -9.02
N LEU G 70 0.60 77.03 -8.26
CA LEU G 70 0.46 78.48 -8.26
C LEU G 70 1.59 79.13 -9.05
N PHE G 71 1.24 80.15 -9.82
CA PHE G 71 2.20 80.87 -10.65
C PHE G 71 1.75 82.33 -10.78
N ARG G 72 2.70 83.19 -11.14
CA ARG G 72 2.47 84.63 -11.25
C ARG G 72 3.10 85.18 -12.52
N PRO G 73 2.34 85.28 -13.59
CA PRO G 73 2.91 85.81 -14.83
C PRO G 73 3.15 87.32 -14.74
N LYS G 74 4.16 87.78 -15.46
CA LYS G 74 4.50 89.20 -15.46
C LYS G 74 3.28 90.05 -15.77
N GLY G 75 3.04 91.05 -14.92
CA GLY G 75 1.90 91.92 -15.08
C GLY G 75 0.74 91.65 -14.15
N GLU G 76 0.74 90.50 -13.49
CA GLU G 76 -0.32 90.16 -12.55
C GLU G 76 0.03 90.73 -11.18
N SER G 77 -0.98 91.18 -10.45
CA SER G 77 -0.76 91.72 -9.11
C SER G 77 -0.54 90.59 -8.11
N LYS G 78 -1.09 89.41 -8.37
CA LYS G 78 -1.07 88.32 -7.43
C LYS G 78 -1.03 86.99 -8.19
N ASP G 79 -0.87 85.91 -7.44
CA ASP G 79 -0.71 84.58 -8.05
C ASP G 79 -2.00 84.09 -8.69
N LEU G 80 -1.85 83.35 -9.77
CA LEU G 80 -2.92 82.60 -10.41
C LEU G 80 -2.75 81.11 -10.12
N LEU G 81 -3.85 80.38 -10.25
CA LEU G 81 -3.88 78.95 -9.94
C LEU G 81 -4.07 78.15 -11.21
N PHE G 82 -3.24 77.14 -11.41
CA PHE G 82 -3.40 76.18 -12.48
C PHE G 82 -3.84 74.85 -11.91
N ILE G 83 -4.87 74.25 -12.52
CA ILE G 83 -5.39 72.94 -12.12
C ILE G 83 -5.61 72.10 -13.36
N LEU G 84 -5.20 70.84 -13.28
CA LEU G 84 -5.50 69.84 -14.30
C LEU G 84 -6.18 68.66 -13.62
N THR G 85 -7.29 68.20 -14.20
CA THR G 85 -8.04 67.10 -13.61
C THR G 85 -7.57 65.77 -14.22
N ALA G 86 -7.99 64.68 -13.57
CA ALA G 86 -7.63 63.35 -14.03
C ALA G 86 -8.23 63.01 -15.39
N LYS G 87 -9.32 63.66 -15.78
CA LYS G 87 -9.88 63.54 -17.12
C LYS G 87 -9.27 64.55 -18.08
N TYR G 88 -8.23 65.27 -17.65
CA TYR G 88 -7.41 66.16 -18.47
C TYR G 88 -8.10 67.49 -18.73
N ASN G 89 -8.90 67.95 -17.78
CA ASN G 89 -9.53 69.26 -17.86
C ASN G 89 -8.55 70.27 -17.27
N ALA G 90 -8.12 71.23 -18.08
CA ALA G 90 -7.18 72.25 -17.66
C ALA G 90 -7.89 73.58 -17.48
N CYS G 91 -7.43 74.35 -16.50
CA CYS G 91 -7.97 75.68 -16.26
C CYS G 91 -6.98 76.50 -15.46
N ILE G 92 -7.01 77.81 -15.70
CA ILE G 92 -6.28 78.79 -14.91
C ILE G 92 -7.30 79.63 -14.16
N LEU G 93 -7.13 79.71 -12.84
CA LEU G 93 -8.14 80.29 -11.98
C LEU G 93 -7.61 81.54 -11.30
N GLU G 94 -8.52 82.47 -11.04
CA GLU G 94 -8.21 83.70 -10.35
C GLU G 94 -9.19 83.84 -9.19
N TYR G 95 -8.66 84.21 -8.03
CA TYR G 95 -9.49 84.54 -6.89
C TYR G 95 -9.93 85.99 -7.02
N LYS G 96 -11.24 86.23 -6.93
CA LYS G 96 -11.75 87.59 -7.02
C LYS G 96 -12.83 87.78 -5.97
N GLN G 97 -12.66 88.81 -5.14
CA GLN G 97 -13.56 89.10 -4.03
C GLN G 97 -13.86 90.59 -3.98
N SER G 98 -15.15 90.92 -3.95
CA SER G 98 -15.65 92.29 -3.85
C SER G 98 -16.63 92.35 -2.68
N GLY G 99 -16.16 92.83 -1.53
CA GLY G 99 -16.97 92.82 -0.32
C GLY G 99 -17.13 91.42 0.23
N GLU G 100 -18.37 90.97 0.44
CA GLU G 100 -18.60 89.63 0.99
C GLU G 100 -18.71 88.54 -0.07
N SER G 101 -18.82 88.91 -1.34
CA SER G 101 -19.07 87.98 -2.42
C SER G 101 -17.74 87.43 -2.95
N ILE G 102 -17.53 86.12 -2.82
CA ILE G 102 -16.31 85.48 -3.29
C ILE G 102 -16.60 84.67 -4.54
N ASP G 103 -15.76 84.87 -5.55
CA ASP G 103 -15.84 84.14 -6.80
C ASP G 103 -14.46 83.63 -7.14
N ILE G 104 -14.40 82.52 -7.89
CA ILE G 104 -13.16 82.04 -8.48
C ILE G 104 -13.37 82.10 -9.99
N ILE G 105 -12.59 82.93 -10.66
CA ILE G 105 -12.80 83.25 -12.06
C ILE G 105 -11.95 82.31 -12.90
N THR G 106 -12.57 81.76 -13.94
CA THR G 106 -11.88 80.89 -14.89
C THR G 106 -11.36 81.76 -16.03
N ARG G 107 -10.07 82.10 -15.98
CA ARG G 107 -9.49 82.94 -17.01
C ARG G 107 -9.24 82.16 -18.29
N ALA G 108 -8.84 80.89 -18.17
CA ALA G 108 -8.58 80.04 -19.34
C ALA G 108 -9.01 78.62 -19.02
N HIS G 109 -9.53 77.92 -20.03
CA HIS G 109 -9.97 76.55 -19.78
C HIS G 109 -9.94 75.77 -21.09
N GLY G 110 -9.69 74.47 -20.96
CA GLY G 110 -9.63 73.58 -22.11
C GLY G 110 -9.29 72.17 -21.63
N ASN G 111 -9.41 71.22 -22.56
CA ASN G 111 -9.09 69.82 -22.30
C ASN G 111 -7.86 69.43 -23.11
N VAL G 112 -6.84 68.89 -22.43
CA VAL G 112 -5.54 68.64 -23.05
C VAL G 112 -5.33 67.20 -23.47
N GLN G 113 -6.39 66.39 -23.55
CA GLN G 113 -6.24 64.98 -23.86
C GLN G 113 -5.79 64.83 -25.32
N ASP G 114 -4.88 63.88 -25.56
CA ASP G 114 -4.43 63.58 -26.91
C ASP G 114 -5.19 62.36 -27.43
N ARG G 115 -5.55 62.39 -28.72
CA ARG G 115 -6.25 61.26 -29.29
C ARG G 115 -5.43 59.99 -29.15
N ILE G 116 -4.12 60.08 -29.33
CA ILE G 116 -3.24 58.92 -29.25
C ILE G 116 -2.10 59.22 -28.29
N GLY G 117 -1.98 58.35 -27.29
CA GLY G 117 -0.89 58.44 -26.32
C GLY G 117 -1.04 57.32 -25.31
N ARG G 118 0.09 56.95 -24.69
CA ARG G 118 0.09 55.90 -23.68
C ARG G 118 0.21 56.55 -22.31
N PRO G 119 -0.78 56.41 -21.42
CA PRO G 119 -0.66 57.03 -20.09
C PRO G 119 0.59 56.55 -19.37
N SER G 120 1.32 57.51 -18.79
CA SER G 120 2.61 57.21 -18.19
C SER G 120 2.48 56.45 -16.88
N GLU G 121 3.51 55.67 -16.57
CA GLU G 121 3.48 54.84 -15.37
C GLU G 121 3.47 55.68 -14.10
N THR G 122 4.31 56.72 -14.02
CA THR G 122 4.39 57.52 -12.81
C THR G 122 3.36 58.65 -12.76
N GLY G 123 2.42 58.70 -13.71
CA GLY G 123 1.26 59.58 -13.61
C GLY G 123 1.44 60.97 -14.18
N ILE G 124 0.32 61.72 -14.14
CA ILE G 124 0.32 63.08 -14.65
C ILE G 124 1.31 63.91 -13.85
N ILE G 125 2.21 64.60 -14.55
CA ILE G 125 3.12 65.57 -13.95
C ILE G 125 2.85 66.94 -14.56
N GLY G 126 2.73 67.94 -13.69
CA GLY G 126 2.54 69.31 -14.15
C GLY G 126 3.56 70.23 -13.50
N ILE G 127 4.30 70.98 -14.33
CA ILE G 127 5.34 71.88 -13.85
C ILE G 127 5.18 73.18 -14.61
N ILE G 128 5.62 74.28 -13.99
CA ILE G 128 5.51 75.61 -14.60
C ILE G 128 6.87 76.27 -14.58
N ASP G 129 7.19 76.95 -15.68
CA ASP G 129 8.49 77.58 -15.86
C ASP G 129 8.71 78.67 -14.80
N PRO G 130 9.96 78.86 -14.37
CA PRO G 130 10.22 79.97 -13.41
C PRO G 130 9.83 81.33 -13.96
N GLU G 131 9.87 81.52 -15.28
CA GLU G 131 9.49 82.78 -15.90
C GLU G 131 8.02 82.83 -16.30
N CYS G 132 7.21 81.85 -15.87
CA CYS G 132 5.80 81.79 -16.26
C CYS G 132 5.63 82.02 -17.75
N ARG G 133 6.51 81.37 -18.52
CA ARG G 133 6.46 81.36 -19.98
C ARG G 133 5.60 80.23 -20.52
N MET G 134 5.53 79.11 -19.80
CA MET G 134 4.81 77.94 -20.28
C MET G 134 4.46 77.03 -19.12
N ILE G 135 3.49 76.15 -19.37
CA ILE G 135 3.14 75.05 -18.48
C ILE G 135 3.59 73.77 -19.14
N GLY G 136 4.37 72.96 -18.42
CA GLY G 136 4.81 71.66 -18.91
C GLY G 136 3.97 70.54 -18.32
N LEU G 137 3.51 69.63 -19.17
CA LEU G 137 2.73 68.49 -18.75
C LEU G 137 3.39 67.22 -19.29
N ARG G 138 3.52 66.21 -18.44
CA ARG G 138 3.98 64.88 -18.86
C ARG G 138 2.78 63.97 -18.71
N LEU G 139 1.98 63.85 -19.77
CA LEU G 139 0.78 63.04 -19.73
C LEU G 139 0.98 61.63 -20.29
N TYR G 140 1.81 61.48 -21.31
CA TYR G 140 1.95 60.21 -22.02
C TYR G 140 3.43 59.87 -22.15
N ASP G 141 3.70 58.56 -22.28
CA ASP G 141 5.05 58.10 -22.46
C ASP G 141 5.60 58.62 -23.79
N GLY G 142 6.78 59.21 -23.76
CA GLY G 142 7.41 59.64 -24.99
C GLY G 142 6.95 60.98 -25.51
N LEU G 143 6.11 61.69 -24.78
CA LEU G 143 5.63 62.99 -25.21
C LEU G 143 5.70 64.00 -24.08
N PHE G 144 6.09 65.22 -24.44
CA PHE G 144 6.10 66.37 -23.55
C PHE G 144 5.19 67.45 -24.14
N LYS G 145 4.15 67.83 -23.40
CA LYS G 145 3.17 68.79 -23.87
C LYS G 145 3.51 70.17 -23.31
N VAL G 146 3.38 71.20 -24.14
CA VAL G 146 3.67 72.57 -23.74
C VAL G 146 2.42 73.42 -23.99
N ILE G 147 1.89 74.02 -22.93
CA ILE G 147 0.91 75.09 -23.04
C ILE G 147 1.67 76.41 -22.90
N PRO G 148 1.79 77.22 -23.96
CA PRO G 148 2.46 78.51 -23.81
C PRO G 148 1.59 79.51 -23.06
N LEU G 149 2.19 80.24 -22.13
CA LEU G 149 1.46 81.17 -21.28
C LEU G 149 1.38 82.55 -21.95
N ASP G 150 0.63 82.59 -23.04
CA ASP G 150 0.27 83.84 -23.71
C ASP G 150 -1.00 84.39 -23.08
N ARG G 151 -1.12 85.73 -23.06
CA ARG G 151 -2.30 86.35 -22.46
C ARG G 151 -3.58 85.97 -23.21
N ASP G 152 -3.48 85.73 -24.52
CA ASP G 152 -4.66 85.42 -25.32
C ASP G 152 -5.00 83.94 -25.35
N ASN G 153 -4.16 83.08 -24.78
CA ASN G 153 -4.37 81.63 -24.81
C ASN G 153 -5.41 81.24 -23.77
N LYS G 154 -6.64 81.73 -23.99
CA LYS G 154 -7.76 81.43 -23.10
C LYS G 154 -8.40 80.07 -23.35
N GLU G 155 -8.08 79.41 -24.47
CA GLU G 155 -8.47 78.03 -24.71
C GLU G 155 -7.38 77.03 -24.36
N LEU G 156 -6.25 77.49 -23.81
CA LEU G 156 -5.15 76.63 -23.40
C LEU G 156 -4.73 75.68 -24.53
N LYS G 157 -4.56 76.22 -25.72
CA LYS G 157 -4.08 75.41 -26.83
C LYS G 157 -2.63 75.01 -26.58
N ALA G 158 -2.24 73.85 -27.09
CA ALA G 158 -0.94 73.30 -26.76
C ALA G 158 -0.41 72.43 -27.89
N PHE G 159 0.90 72.17 -27.83
CA PHE G 159 1.60 71.35 -28.82
C PHE G 159 2.46 70.34 -28.08
N ASN G 160 2.71 69.20 -28.73
CA ASN G 160 3.55 68.16 -28.13
C ASN G 160 4.94 68.17 -28.73
N ILE G 161 5.93 67.90 -27.89
CA ILE G 161 7.32 67.73 -28.32
C ILE G 161 7.69 66.26 -28.13
N ARG G 162 8.18 65.62 -29.19
CA ARG G 162 8.61 64.24 -29.05
C ARG G 162 9.71 64.15 -28.01
N LEU G 163 9.60 63.12 -27.16
CA LEU G 163 10.49 62.89 -26.04
C LEU G 163 11.17 61.56 -26.30
N GLU G 164 12.49 61.58 -26.45
CA GLU G 164 13.20 60.37 -26.80
C GLU G 164 13.12 59.33 -25.69
N GLU G 165 13.17 59.78 -24.44
CA GLU G 165 13.16 58.88 -23.29
C GLU G 165 11.73 58.49 -22.95
N LEU G 166 11.38 57.22 -23.19
CA LEU G 166 9.99 56.84 -23.08
C LEU G 166 9.55 56.74 -21.62
N HIS G 167 10.42 56.24 -20.75
CA HIS G 167 10.06 55.97 -19.36
C HIS G 167 10.69 57.05 -18.48
N VAL G 168 9.89 58.07 -18.18
CA VAL G 168 10.33 59.23 -17.41
C VAL G 168 9.78 59.13 -15.99
N ILE G 169 10.67 59.27 -15.01
CA ILE G 169 10.28 59.14 -13.61
C ILE G 169 9.77 60.47 -13.04
N ASP G 170 10.53 61.54 -13.18
CA ASP G 170 10.12 62.82 -12.58
C ASP G 170 10.83 63.94 -13.33
N VAL G 171 10.15 65.08 -13.43
CA VAL G 171 10.66 66.22 -14.18
C VAL G 171 10.30 67.52 -13.46
N LYS G 172 11.21 68.48 -13.59
CA LYS G 172 11.04 69.82 -13.05
C LYS G 172 11.66 70.82 -14.02
N PHE G 173 11.13 72.04 -14.05
CA PHE G 173 11.83 73.14 -14.70
C PHE G 173 12.97 73.59 -13.79
N LEU G 174 14.09 73.97 -14.39
CA LEU G 174 15.25 74.37 -13.62
C LEU G 174 15.26 75.89 -13.42
N TYR G 175 15.95 76.32 -12.37
CA TYR G 175 16.17 77.73 -12.10
C TYR G 175 17.55 78.14 -12.62
N GLY G 176 17.68 79.42 -12.95
CA GLY G 176 18.99 79.97 -13.24
C GLY G 176 19.53 79.63 -14.61
N CYS G 177 18.67 79.46 -15.59
CA CYS G 177 19.08 79.05 -16.91
C CYS G 177 18.84 80.14 -17.94
N GLN G 178 19.69 80.12 -18.97
CA GLN G 178 19.64 81.10 -20.04
C GLN G 178 18.38 80.96 -20.88
N ALA G 179 17.83 79.74 -20.96
CA ALA G 179 16.58 79.45 -21.62
C ALA G 179 15.73 78.53 -20.75
N PRO G 180 14.40 78.48 -20.98
CA PRO G 180 13.57 77.52 -20.23
C PRO G 180 14.10 76.09 -20.37
N THR G 181 14.43 75.46 -19.23
CA THR G 181 15.09 74.16 -19.21
C THR G 181 14.39 73.17 -18.29
N ILE G 182 14.24 71.92 -18.73
CA ILE G 182 13.71 70.84 -17.90
C ILE G 182 14.82 69.88 -17.52
N CYS G 183 14.77 69.37 -16.29
CA CYS G 183 15.64 68.31 -15.81
C CYS G 183 14.79 67.15 -15.33
N PHE G 184 15.10 65.94 -15.78
CA PHE G 184 14.26 64.79 -15.46
C PHE G 184 15.11 63.55 -15.24
N VAL G 185 14.56 62.61 -14.48
CA VAL G 185 15.13 61.28 -14.33
C VAL G 185 14.28 60.31 -15.13
N TYR G 186 14.93 59.45 -15.90
CA TYR G 186 14.27 58.49 -16.75
C TYR G 186 14.93 57.14 -16.56
N GLN G 187 14.26 56.09 -16.99
CA GLN G 187 14.75 54.73 -16.86
C GLN G 187 14.79 54.05 -18.22
N ASP G 188 15.92 53.46 -18.54
CA ASP G 188 16.13 52.66 -19.73
C ASP G 188 16.74 51.34 -19.31
N PRO G 189 16.91 50.40 -20.24
CA PRO G 189 17.46 49.10 -19.86
C PRO G 189 18.81 49.17 -19.17
N GLN G 190 19.58 50.24 -19.39
CA GLN G 190 20.92 50.29 -18.81
C GLN G 190 20.90 50.67 -17.32
N GLY G 191 19.83 51.32 -16.87
CA GLY G 191 19.74 51.82 -15.51
C GLY G 191 18.86 53.08 -15.50
N ARG G 192 19.05 53.90 -14.47
CA ARG G 192 18.37 55.19 -14.40
C ARG G 192 19.39 56.30 -14.59
N HIS G 193 18.94 57.37 -15.25
CA HIS G 193 19.79 58.47 -15.66
C HIS G 193 19.08 59.79 -15.46
N VAL G 194 19.88 60.86 -15.41
CA VAL G 194 19.38 62.23 -15.38
C VAL G 194 19.84 62.95 -16.65
N LYS G 195 18.99 63.84 -17.17
CA LYS G 195 19.23 64.49 -18.45
C LYS G 195 18.55 65.85 -18.45
N THR G 196 19.01 66.74 -19.33
CA THR G 196 18.40 68.05 -19.49
C THR G 196 18.12 68.35 -20.96
N TYR G 197 17.08 69.15 -21.17
CA TYR G 197 16.74 69.70 -22.48
C TYR G 197 16.39 71.18 -22.30
N GLU G 198 16.46 71.93 -23.39
CA GLU G 198 15.93 73.29 -23.45
C GLU G 198 14.67 73.29 -24.30
N VAL G 199 13.69 74.12 -23.92
CA VAL G 199 12.40 74.17 -24.58
C VAL G 199 12.30 75.46 -25.38
N SER G 200 12.08 75.33 -26.69
CA SER G 200 11.95 76.47 -27.59
C SER G 200 10.49 76.59 -28.00
N LEU G 201 9.80 77.60 -27.45
CA LEU G 201 8.41 77.84 -27.84
C LEU G 201 8.31 78.24 -29.32
N ARG G 202 9.35 78.89 -29.84
CA ARG G 202 9.33 79.33 -31.23
C ARG G 202 9.45 78.17 -32.19
N GLU G 203 10.44 77.29 -31.96
CA GLU G 203 10.67 76.15 -32.83
C GLU G 203 9.74 74.98 -32.51
N LYS G 204 9.15 74.97 -31.31
CA LYS G 204 8.32 73.87 -30.85
C LYS G 204 9.10 72.55 -30.86
N GLU G 205 10.28 72.57 -30.24
CA GLU G 205 11.06 71.35 -30.10
C GLU G 205 12.11 71.53 -29.02
N PHE G 206 12.71 70.42 -28.59
CA PHE G 206 13.80 70.45 -27.63
C PHE G 206 15.12 70.76 -28.34
N ASN G 207 16.00 71.47 -27.65
CA ASN G 207 17.38 71.63 -28.05
C ASN G 207 18.27 71.00 -27.00
N LYS G 208 19.53 70.72 -27.36
CA LYS G 208 20.46 70.13 -26.41
C LYS G 208 20.41 70.90 -25.10
N GLY G 209 20.44 70.18 -23.99
CA GLY G 209 20.26 70.77 -22.68
C GLY G 209 21.55 71.32 -22.10
N PRO G 210 21.44 72.13 -21.05
CA PRO G 210 22.64 72.81 -20.53
C PRO G 210 23.72 71.89 -20.01
N TRP G 211 23.38 70.73 -19.43
CA TRP G 211 24.46 69.86 -18.98
C TRP G 211 24.19 68.38 -19.25
N LYS G 212 25.29 67.63 -19.26
CA LYS G 212 25.33 66.25 -19.72
C LYS G 212 24.62 65.32 -18.75
N GLN G 213 24.31 64.12 -19.25
CA GLN G 213 23.69 63.08 -18.45
C GLN G 213 24.64 62.51 -17.40
N GLU G 214 24.03 62.08 -16.29
CA GLU G 214 24.71 61.34 -15.24
C GLU G 214 23.91 60.08 -14.93
N ASN G 215 24.60 58.99 -14.62
CA ASN G 215 23.94 57.81 -14.11
C ASN G 215 23.52 58.05 -12.66
N VAL G 216 22.31 57.63 -12.31
CA VAL G 216 21.75 57.90 -10.99
C VAL G 216 21.40 56.57 -10.32
N GLU G 217 21.00 56.65 -9.06
CA GLU G 217 20.58 55.49 -8.30
C GLU G 217 19.50 54.71 -9.05
N ALA G 218 19.54 53.38 -8.91
CA ALA G 218 18.57 52.55 -9.61
C ALA G 218 17.14 52.92 -9.23
N GLU G 219 16.94 53.43 -8.01
CA GLU G 219 15.62 53.83 -7.54
C GLU G 219 15.49 55.33 -7.34
N ALA G 220 16.20 56.13 -8.16
CA ALA G 220 16.02 57.58 -8.12
C ALA G 220 14.55 57.93 -8.32
N SER G 221 13.98 58.64 -7.34
CA SER G 221 12.53 58.85 -7.29
C SER G 221 12.09 60.28 -7.60
N MET G 222 12.78 61.31 -7.13
CA MET G 222 12.26 62.66 -7.22
C MET G 222 13.31 63.66 -7.65
N VAL G 223 12.86 64.70 -8.35
CA VAL G 223 13.71 65.79 -8.82
C VAL G 223 13.31 67.06 -8.07
N ILE G 224 14.28 67.67 -7.40
CA ILE G 224 14.11 68.93 -6.69
C ILE G 224 14.85 69.99 -7.47
N ALA G 225 14.15 71.07 -7.83
CA ALA G 225 14.75 72.19 -8.55
C ALA G 225 15.31 73.18 -7.54
N VAL G 226 16.63 73.32 -7.51
CA VAL G 226 17.29 74.18 -6.52
C VAL G 226 17.22 75.62 -7.01
N PRO G 227 16.99 76.60 -6.11
CA PRO G 227 16.77 77.99 -6.57
C PRO G 227 18.03 78.71 -7.02
N GLU G 228 17.85 79.97 -7.43
CA GLU G 228 18.93 80.71 -8.09
C GLU G 228 20.25 80.71 -7.34
N PRO G 229 20.29 80.87 -6.01
CA PRO G 229 21.62 80.94 -5.35
C PRO G 229 22.50 79.73 -5.59
N PHE G 230 21.94 78.52 -5.54
CA PHE G 230 22.70 77.31 -5.82
C PHE G 230 22.51 76.84 -7.26
N GLY G 231 21.26 76.77 -7.70
CA GLY G 231 20.95 76.30 -9.03
C GLY G 231 21.01 74.79 -9.11
N GLY G 232 20.73 74.29 -10.31
CA GLY G 232 20.81 72.87 -10.52
C GLY G 232 19.63 72.15 -9.88
N ALA G 233 19.86 70.88 -9.58
CA ALA G 233 18.78 70.03 -9.07
C ALA G 233 19.33 69.03 -8.06
N ILE G 234 18.45 68.55 -7.18
CA ILE G 234 18.74 67.47 -6.25
C ILE G 234 17.85 66.29 -6.59
N ILE G 235 18.43 65.09 -6.59
CA ILE G 235 17.72 63.87 -6.95
C ILE G 235 17.76 62.93 -5.74
N ILE G 236 16.57 62.59 -5.25
CA ILE G 236 16.38 61.79 -4.04
C ILE G 236 16.16 60.35 -4.44
N GLY G 237 16.86 59.44 -3.77
CA GLY G 237 16.62 58.03 -4.01
C GLY G 237 16.23 57.27 -2.76
N GLN G 238 16.44 55.95 -2.77
CA GLN G 238 16.22 55.12 -1.59
C GLN G 238 17.44 55.12 -0.69
N GLU G 239 18.63 55.11 -1.28
CA GLU G 239 19.87 55.06 -0.52
C GLU G 239 20.69 56.35 -0.59
N SER G 240 20.50 57.18 -1.61
CA SER G 240 21.39 58.31 -1.80
C SER G 240 20.63 59.56 -2.22
N ILE G 241 21.21 60.71 -1.87
CA ILE G 241 20.76 62.03 -2.33
C ILE G 241 21.93 62.67 -3.05
N THR G 242 21.70 63.17 -4.26
CA THR G 242 22.75 63.73 -5.08
C THR G 242 22.37 65.12 -5.58
N TYR G 243 23.39 65.94 -5.82
CA TYR G 243 23.25 67.25 -6.41
C TYR G 243 23.97 67.27 -7.76
N HIS G 244 23.31 67.82 -8.77
CA HIS G 244 23.86 67.90 -10.11
C HIS G 244 23.74 69.33 -10.61
N ASN G 245 24.82 69.84 -11.23
CA ASN G 245 24.77 71.12 -11.92
C ASN G 245 26.01 71.32 -12.80
N GLY G 246 25.89 70.99 -14.08
CA GLY G 246 27.01 71.10 -15.00
C GLY G 246 28.16 70.22 -14.58
N ASP G 247 29.26 70.83 -14.16
CA ASP G 247 30.44 70.10 -13.72
C ASP G 247 30.36 69.71 -12.25
N LYS G 248 29.47 70.33 -11.47
CA LYS G 248 29.37 70.06 -10.05
C LYS G 248 28.51 68.83 -9.79
N TYR G 249 28.99 67.96 -8.90
CA TYR G 249 28.29 66.74 -8.49
C TYR G 249 28.58 66.48 -7.03
N LEU G 250 27.52 66.31 -6.24
CA LEU G 250 27.63 65.94 -4.84
C LEU G 250 26.79 64.69 -4.62
N ALA G 251 27.21 63.85 -3.68
CA ALA G 251 26.44 62.65 -3.36
C ALA G 251 26.65 62.29 -1.90
N ILE G 252 25.57 62.35 -1.12
CA ILE G 252 25.56 61.91 0.27
C ILE G 252 24.61 60.72 0.38
N ALA G 253 25.04 59.68 1.09
CA ALA G 253 24.29 58.43 1.23
C ALA G 253 24.23 58.03 2.70
N PRO G 254 23.45 58.75 3.50
CA PRO G 254 23.36 58.43 4.95
C PRO G 254 22.55 57.17 5.19
N PRO G 255 23.02 56.29 6.09
CA PRO G 255 22.33 54.99 6.27
C PRO G 255 20.90 55.12 6.77
N ILE G 256 20.51 56.30 7.28
CA ILE G 256 19.21 56.44 7.93
C ILE G 256 18.08 56.48 6.91
N ILE G 257 18.30 57.12 5.76
CA ILE G 257 17.21 57.21 4.80
C ILE G 257 16.93 55.86 4.17
N LYS G 258 17.91 54.95 4.18
CA LYS G 258 17.71 53.61 3.63
C LYS G 258 16.66 52.81 4.37
N GLN G 259 16.37 53.17 5.62
CA GLN G 259 15.41 52.39 6.40
C GLN G 259 14.00 52.52 5.84
N SER G 260 13.66 53.70 5.30
CA SER G 260 12.32 53.94 4.78
C SER G 260 12.39 54.87 3.58
N THR G 261 11.60 54.57 2.55
CA THR G 261 11.55 55.35 1.34
C THR G 261 11.09 56.78 1.61
N ILE G 262 11.75 57.75 1.00
CA ILE G 262 11.37 59.15 1.08
C ILE G 262 10.35 59.42 -0.02
N VAL G 263 9.21 60.01 0.33
CA VAL G 263 8.11 60.14 -0.63
C VAL G 263 7.76 61.59 -0.93
N CYS G 264 8.11 62.57 -0.10
CA CYS G 264 7.71 63.95 -0.32
C CYS G 264 8.84 64.88 0.12
N HIS G 265 8.88 66.05 -0.51
CA HIS G 265 9.87 67.07 -0.19
C HIS G 265 9.22 68.45 -0.31
N ASN G 266 9.75 69.40 0.44
CA ASN G 266 9.34 70.79 0.35
C ASN G 266 10.53 71.70 0.66
N ARG G 267 10.41 72.95 0.25
CA ARG G 267 11.45 73.97 0.42
C ARG G 267 11.15 74.84 1.63
N VAL G 268 12.13 74.98 2.51
CA VAL G 268 11.98 75.86 3.67
C VAL G 268 12.51 77.26 3.38
N ASP G 269 13.73 77.35 2.84
CA ASP G 269 14.36 78.65 2.62
C ASP G 269 14.31 79.03 1.15
N PRO G 270 13.65 80.13 0.77
CA PRO G 270 13.63 80.54 -0.64
C PRO G 270 15.01 80.58 -1.29
N ASN G 271 16.06 80.73 -0.49
CA ASN G 271 17.41 80.70 -1.07
C ASN G 271 17.87 79.29 -1.37
N GLY G 272 17.09 78.28 -0.96
CA GLY G 272 17.38 76.89 -1.26
C GLY G 272 18.27 76.17 -0.27
N SER G 273 18.63 76.80 0.84
CA SER G 273 19.54 76.17 1.79
C SER G 273 18.91 75.00 2.52
N ARG G 274 17.61 75.05 2.80
CA ARG G 274 16.97 74.05 3.65
C ARG G 274 15.73 73.49 2.96
N TYR G 275 15.67 72.17 2.87
CA TYR G 275 14.55 71.42 2.31
C TYR G 275 14.09 70.36 3.29
N LEU G 276 12.79 70.06 3.27
CA LEU G 276 12.17 69.09 4.15
C LEU G 276 11.90 67.78 3.41
N LEU G 277 12.08 66.66 4.11
CA LEU G 277 11.86 65.34 3.52
C LEU G 277 10.99 64.46 4.42
N GLY G 278 10.12 63.68 3.80
CA GLY G 278 9.27 62.76 4.55
C GLY G 278 9.34 61.36 3.99
N ASP G 279 9.11 60.37 4.87
CA ASP G 279 9.24 58.96 4.50
C ASP G 279 8.02 58.17 4.93
N MET G 280 8.00 56.88 4.53
CA MET G 280 6.82 56.05 4.68
C MET G 280 6.50 55.69 6.12
N GLU G 281 7.47 55.76 7.03
CA GLU G 281 7.25 55.51 8.45
C GLU G 281 6.91 56.76 9.24
N GLY G 282 6.69 57.88 8.55
CA GLY G 282 6.30 59.11 9.22
C GLY G 282 7.44 59.97 9.72
N ARG G 283 8.68 59.60 9.45
CA ARG G 283 9.83 60.37 9.90
C ARG G 283 9.98 61.61 9.03
N LEU G 284 10.39 62.71 9.66
CA LEU G 284 10.59 63.98 8.98
C LEU G 284 12.06 64.37 9.08
N PHE G 285 12.68 64.64 7.94
CA PHE G 285 14.08 65.00 7.87
C PHE G 285 14.23 66.43 7.37
N MET G 286 15.40 67.03 7.66
CA MET G 286 15.82 68.30 7.09
C MET G 286 17.01 68.06 6.19
N LEU G 287 16.92 68.49 4.93
CA LEU G 287 18.02 68.44 3.98
C LEU G 287 18.69 69.81 3.96
N LEU G 288 19.99 69.85 4.27
CA LEU G 288 20.72 71.09 4.38
C LEU G 288 21.75 71.19 3.28
N LEU G 289 21.77 72.33 2.61
CA LEU G 289 22.74 72.63 1.56
C LEU G 289 23.82 73.52 2.17
N GLU G 290 25.02 72.96 2.36
CA GLU G 290 26.09 73.68 3.02
C GLU G 290 26.67 74.70 2.04
N LYS G 291 26.45 75.97 2.30
CA LYS G 291 26.84 77.04 1.39
C LYS G 291 28.21 77.61 1.72
N GLU G 292 28.79 78.27 0.73
CA GLU G 292 30.06 78.98 0.86
C GLU G 292 29.82 80.43 0.43
N GLU G 293 30.05 81.36 1.34
CA GLU G 293 29.90 82.78 1.03
C GLU G 293 31.21 83.24 0.37
N GLN G 294 31.15 83.60 -0.90
CA GLN G 294 32.28 84.19 -1.60
C GLN G 294 32.04 85.69 -1.73
N MET G 295 33.11 86.47 -1.52
CA MET G 295 33.00 87.92 -1.61
C MET G 295 32.65 88.38 -3.02
N ASP G 296 33.03 87.62 -4.02
CA ASP G 296 32.70 87.91 -5.41
C ASP G 296 31.20 87.88 -5.62
N GLY G 297 30.42 87.30 -4.70
CA GLY G 297 28.97 87.35 -4.76
C GLY G 297 28.27 86.09 -5.24
N THR G 298 28.98 85.06 -5.69
CA THR G 298 28.36 83.82 -6.13
C THR G 298 28.35 82.82 -4.99
N VAL G 299 27.22 82.11 -4.81
CA VAL G 299 27.05 81.17 -3.70
C VAL G 299 27.54 79.83 -4.22
N THR G 300 28.33 79.11 -3.41
CA THR G 300 28.86 77.81 -3.77
C THR G 300 28.26 76.74 -2.87
N LEU G 301 28.34 75.48 -3.30
CA LEU G 301 27.78 74.36 -2.54
C LEU G 301 28.90 73.41 -2.14
N LYS G 302 29.15 73.31 -0.83
CA LYS G 302 30.23 72.48 -0.32
C LYS G 302 29.82 71.03 -0.09
N ASP G 303 28.71 70.81 0.59
CA ASP G 303 28.28 69.46 0.95
C ASP G 303 26.81 69.50 1.31
N LEU G 304 26.19 68.32 1.38
CA LEU G 304 24.80 68.16 1.74
C LEU G 304 24.67 67.44 3.06
N ARG G 305 23.62 67.78 3.83
CA ARG G 305 23.40 67.14 5.11
C ARG G 305 21.93 66.81 5.31
N VAL G 306 21.69 65.66 5.94
CA VAL G 306 20.35 65.18 6.26
C VAL G 306 20.25 65.01 7.77
N GLU G 307 19.21 65.58 8.37
CA GLU G 307 19.02 65.55 9.81
C GLU G 307 17.61 65.10 10.14
N LEU G 308 17.48 64.14 11.05
CA LEU G 308 16.18 63.65 11.47
C LEU G 308 15.58 64.62 12.47
N LEU G 309 14.37 65.10 12.17
CA LEU G 309 13.68 66.00 13.08
C LEU G 309 12.76 65.25 14.03
N GLY G 310 12.01 64.28 13.53
CA GLY G 310 11.03 63.56 14.36
C GLY G 310 10.06 62.78 13.49
N GLU G 311 8.83 62.65 14.01
CA GLU G 311 7.76 61.92 13.34
C GLU G 311 6.53 62.79 13.14
N THR G 312 5.90 62.67 11.97
CA THR G 312 4.60 63.26 11.67
C THR G 312 3.67 62.13 11.25
N SER G 313 2.44 62.47 10.85
CA SER G 313 1.63 61.46 10.20
C SER G 313 2.29 61.13 8.87
N ILE G 314 2.10 59.90 8.39
CA ILE G 314 2.64 59.57 7.08
C ILE G 314 2.12 60.61 6.09
N ALA G 315 3.02 61.31 5.42
CA ALA G 315 2.67 62.53 4.71
C ALA G 315 2.75 62.31 3.21
N GLU G 316 1.62 62.52 2.53
CA GLU G 316 1.61 62.54 1.07
C GLU G 316 2.27 63.82 0.56
N CYS G 317 2.03 64.94 1.23
CA CYS G 317 2.61 66.22 0.84
C CYS G 317 3.07 66.96 2.09
N LEU G 318 4.20 67.65 1.99
CA LEU G 318 4.66 68.60 3.01
C LEU G 318 4.61 70.00 2.42
N THR G 319 4.26 70.98 3.25
CA THR G 319 4.38 72.38 2.84
C THR G 319 4.77 73.20 4.08
N TYR G 320 5.79 74.02 3.93
CA TYR G 320 6.23 74.91 4.99
C TYR G 320 5.50 76.24 4.99
N LEU G 321 5.08 76.67 6.17
CA LEU G 321 4.44 77.96 6.42
C LEU G 321 5.44 78.85 7.15
N ASP G 322 5.12 80.12 7.30
CA ASP G 322 6.03 81.00 8.02
C ASP G 322 6.07 80.69 9.53
N ASN G 323 7.18 81.09 10.15
CA ASN G 323 7.39 81.00 11.60
C ASN G 323 7.46 79.55 12.09
N GLY G 324 8.13 78.70 11.32
CA GLY G 324 8.42 77.34 11.74
C GLY G 324 7.28 76.35 11.66
N VAL G 325 6.13 76.73 11.10
CA VAL G 325 4.93 75.91 11.11
C VAL G 325 4.88 75.13 9.80
N VAL G 326 4.66 73.82 9.88
CA VAL G 326 4.62 72.96 8.71
C VAL G 326 3.28 72.24 8.67
N PHE G 327 2.67 72.22 7.48
CA PHE G 327 1.45 71.49 7.26
C PHE G 327 1.75 70.11 6.68
N VAL G 328 1.34 69.07 7.39
CA VAL G 328 1.52 67.69 6.98
C VAL G 328 0.21 67.18 6.38
N GLY G 329 0.20 67.03 5.07
CA GLY G 329 -0.96 66.47 4.38
C GLY G 329 -0.82 64.98 4.22
N SER G 330 -1.76 64.21 4.76
CA SER G 330 -1.68 62.76 4.82
C SER G 330 -2.87 62.16 4.11
N ARG G 331 -2.61 61.15 3.28
CA ARG G 331 -3.66 60.36 2.66
C ARG G 331 -3.94 59.10 3.44
N LEU G 332 -2.97 58.64 4.23
CA LEU G 332 -3.13 57.43 5.02
C LEU G 332 -3.49 57.70 6.48
N GLY G 333 -3.31 58.92 6.97
CA GLY G 333 -3.61 59.23 8.35
C GLY G 333 -4.09 60.65 8.52
N ASP G 334 -4.27 61.08 9.77
CA ASP G 334 -4.77 62.42 10.03
C ASP G 334 -3.74 63.46 9.59
N SER G 335 -4.20 64.50 8.89
CA SER G 335 -3.33 65.60 8.53
C SER G 335 -3.16 66.53 9.72
N GLN G 336 -2.10 67.33 9.66
CA GLN G 336 -1.74 68.11 10.84
C GLN G 336 -0.95 69.35 10.49
N LEU G 337 -0.95 70.28 11.45
CA LEU G 337 0.02 71.35 11.54
C LEU G 337 1.00 70.99 12.64
N VAL G 338 2.29 71.16 12.37
CA VAL G 338 3.31 70.84 13.37
C VAL G 338 4.22 72.04 13.58
N LYS G 339 4.77 72.15 14.78
CA LYS G 339 5.74 73.17 15.12
C LYS G 339 7.11 72.54 14.97
N LEU G 340 7.96 73.17 14.17
CA LEU G 340 9.35 72.75 14.06
C LEU G 340 10.12 73.62 15.02
N ASN G 341 10.79 72.98 15.98
CA ASN G 341 11.51 73.72 16.99
C ASN G 341 13.01 73.62 16.76
N VAL G 342 13.70 74.67 17.21
CA VAL G 342 15.15 74.64 17.31
C VAL G 342 15.51 73.72 18.47
N ASP G 343 14.63 73.60 19.46
CA ASP G 343 14.85 72.78 20.63
C ASP G 343 14.29 71.38 20.48
N SER G 344 15.10 70.40 20.89
CA SER G 344 14.65 69.02 21.00
C SER G 344 13.84 68.84 22.29
N ASN G 345 12.88 67.94 22.26
CA ASN G 345 12.06 67.68 23.45
C ASN G 345 12.66 66.56 24.29
N GLU G 346 11.88 66.09 25.28
CA GLU G 346 12.38 65.10 26.23
C GLU G 346 12.68 63.76 25.56
N GLN G 347 12.17 63.52 24.35
CA GLN G 347 12.42 62.30 23.60
C GLN G 347 13.48 62.46 22.51
N GLY G 348 14.00 63.67 22.31
CA GLY G 348 14.95 63.92 21.24
C GLY G 348 14.36 64.46 19.95
N SER G 349 13.07 64.77 19.94
CA SER G 349 12.36 65.20 18.74
C SER G 349 12.28 66.72 18.69
N TYR G 350 12.39 67.28 17.48
CA TYR G 350 12.19 68.69 17.23
C TYR G 350 10.80 69.00 16.68
N VAL G 351 9.88 68.02 16.69
CA VAL G 351 8.57 68.15 16.07
C VAL G 351 7.49 68.04 17.14
N VAL G 352 6.56 69.00 17.14
CA VAL G 352 5.47 69.04 18.10
C VAL G 352 4.16 69.35 17.39
N ALA G 353 3.13 68.54 17.65
CA ALA G 353 1.85 68.70 16.98
C ALA G 353 1.11 69.92 17.52
N MET G 354 0.72 70.83 16.63
CA MET G 354 -0.13 71.94 17.03
C MET G 354 -1.61 71.54 16.88
N GLU G 355 -2.00 71.12 15.68
CA GLU G 355 -3.38 70.80 15.37
C GLU G 355 -3.44 69.48 14.63
N THR G 356 -4.58 68.80 14.77
CA THR G 356 -4.82 67.52 14.12
C THR G 356 -6.11 67.62 13.34
N PHE G 357 -6.05 67.33 12.05
CA PHE G 357 -7.22 67.40 11.18
C PHE G 357 -7.69 65.99 10.91
N THR G 358 -8.93 65.70 11.27
CA THR G 358 -9.44 64.36 11.08
C THR G 358 -9.39 63.99 9.60
N ASN G 359 -8.78 62.86 9.31
CA ASN G 359 -8.78 62.26 7.99
C ASN G 359 -9.37 60.88 8.18
N LEU G 360 -10.55 60.64 7.60
CA LEU G 360 -11.12 59.30 7.70
C LEU G 360 -10.28 58.26 6.95
N GLY G 361 -9.20 58.70 6.30
CA GLY G 361 -8.18 57.84 5.75
C GLY G 361 -8.77 56.84 4.79
N PRO G 362 -7.95 55.88 4.35
CA PRO G 362 -8.51 54.74 3.60
C PRO G 362 -9.49 54.00 4.49
N ILE G 363 -10.72 53.88 4.01
CA ILE G 363 -11.75 53.13 4.71
C ILE G 363 -11.74 51.72 4.12
N VAL G 364 -11.02 50.82 4.78
CA VAL G 364 -10.87 49.47 4.26
C VAL G 364 -12.18 48.70 4.39
N ASP G 365 -12.87 48.87 5.53
CA ASP G 365 -14.15 48.23 5.80
C ASP G 365 -14.94 49.13 6.73
N MET G 366 -16.22 48.80 6.93
CA MET G 366 -17.03 49.52 7.90
C MET G 366 -18.30 48.71 8.21
N CYS G 367 -18.91 49.01 9.35
CA CYS G 367 -20.17 48.39 9.75
C CYS G 367 -21.06 49.43 10.40
N VAL G 368 -22.38 49.27 10.23
CA VAL G 368 -23.38 50.13 10.83
C VAL G 368 -23.98 49.40 12.03
N VAL G 369 -23.98 50.06 13.19
CA VAL G 369 -24.48 49.46 14.43
C VAL G 369 -25.12 50.55 15.28
N ASP G 370 -26.32 50.28 15.78
CA ASP G 370 -27.05 51.19 16.66
C ASP G 370 -26.82 50.80 18.11
N LEU G 371 -25.72 51.32 18.68
CA LEU G 371 -25.36 50.97 20.05
C LEU G 371 -26.32 51.59 21.06
N GLU G 372 -26.76 52.82 20.80
CA GLU G 372 -27.68 53.49 21.70
C GLU G 372 -29.10 53.01 21.50
N ARG G 373 -29.31 52.00 20.64
CA ARG G 373 -30.62 51.44 20.38
C ARG G 373 -31.63 52.54 20.07
N GLN G 374 -31.11 53.70 19.67
CA GLN G 374 -31.88 54.90 19.41
C GLN G 374 -32.43 54.96 18.00
N GLY G 375 -32.59 53.81 17.35
CA GLY G 375 -33.10 53.83 15.97
C GLY G 375 -32.40 54.78 15.07
N GLN G 376 -31.09 54.96 15.24
CA GLN G 376 -30.29 55.88 14.46
C GLN G 376 -29.16 55.18 13.72
N GLY G 377 -28.30 54.47 14.43
CA GLY G 377 -27.17 53.81 13.81
C GLY G 377 -25.93 54.67 13.82
N GLN G 378 -24.81 54.08 14.26
CA GLN G 378 -23.50 54.69 14.21
C GLN G 378 -22.67 53.90 13.20
N LEU G 379 -21.68 54.55 12.60
CA LEU G 379 -20.86 53.95 11.55
C LEU G 379 -19.45 53.73 12.10
N VAL G 380 -19.04 52.47 12.20
CA VAL G 380 -17.71 52.09 12.67
C VAL G 380 -16.87 51.65 11.48
N THR G 381 -15.79 52.37 11.22
CA THR G 381 -14.97 52.18 10.04
C THR G 381 -13.58 51.67 10.41
N CYS G 382 -13.02 50.83 9.54
CA CYS G 382 -11.59 50.49 9.58
C CYS G 382 -10.83 51.52 8.75
N SER G 383 -10.08 52.41 9.40
CA SER G 383 -9.49 53.53 8.69
C SER G 383 -7.99 53.67 8.92
N GLY G 384 -7.30 54.12 7.87
CA GLY G 384 -5.88 54.35 7.93
C GLY G 384 -5.07 53.12 7.57
N ALA G 385 -3.75 53.28 7.60
CA ALA G 385 -2.84 52.16 7.42
C ALA G 385 -1.58 52.38 8.23
N PHE G 386 -0.96 51.27 8.65
CA PHE G 386 0.32 51.24 9.36
C PHE G 386 0.17 52.03 10.66
N LYS G 387 1.09 52.94 10.99
CA LYS G 387 1.03 53.64 12.26
C LYS G 387 -0.24 54.48 12.38
N GLU G 388 -0.80 54.92 11.26
CA GLU G 388 -1.99 55.76 11.26
C GLU G 388 -3.30 54.96 11.26
N GLY G 389 -3.22 53.64 11.32
CA GLY G 389 -4.43 52.84 11.37
C GLY G 389 -5.27 53.17 12.59
N SER G 390 -6.59 53.18 12.40
CA SER G 390 -7.51 53.58 13.45
C SER G 390 -8.89 52.98 13.20
N LEU G 391 -9.71 52.99 14.26
CA LEU G 391 -11.14 52.73 14.18
C LEU G 391 -11.86 54.07 14.38
N ARG G 392 -12.86 54.36 13.54
CA ARG G 392 -13.57 55.63 13.61
C ARG G 392 -15.06 55.40 13.81
N ILE G 393 -15.61 55.99 14.86
CA ILE G 393 -17.03 55.88 15.19
C ILE G 393 -17.71 57.17 14.71
N ILE G 394 -18.72 57.04 13.84
CA ILE G 394 -19.33 58.19 13.19
C ILE G 394 -20.84 58.20 13.43
N ARG G 395 -21.34 59.33 13.93
CA ARG G 395 -22.76 59.54 14.20
C ARG G 395 -23.20 60.93 13.80
N ASN G 396 -24.50 61.07 13.55
CA ASN G 396 -25.10 62.37 13.27
C ASN G 396 -25.40 63.12 14.56
N GLY G 397 -25.07 64.42 14.57
CA GLY G 397 -25.36 65.25 15.72
C GLY G 397 -26.80 65.73 15.66
N ILE G 398 -27.53 65.57 16.76
CA ILE G 398 -28.96 65.84 16.78
C ILE G 398 -29.31 66.73 17.96
N LYS G 409 -23.49 68.62 11.36
CA LYS G 409 -22.19 67.99 11.23
C LYS G 409 -22.15 66.63 11.91
N LEU G 410 -21.08 65.89 11.62
CA LEU G 410 -20.85 64.56 12.18
C LEU G 410 -19.92 64.58 13.39
N HIS G 411 -20.29 63.81 14.41
CA HIS G 411 -19.44 63.58 15.56
C HIS G 411 -18.60 62.34 15.29
N ILE G 412 -17.28 62.46 15.39
CA ILE G 412 -16.36 61.39 15.03
C ILE G 412 -15.45 61.12 16.22
N ARG G 413 -15.46 59.88 16.70
CA ARG G 413 -14.55 59.42 17.75
C ARG G 413 -13.45 58.58 17.09
N THR G 414 -12.21 58.77 17.54
CA THR G 414 -11.06 58.11 16.95
C THR G 414 -10.47 57.13 17.95
N VAL G 415 -10.30 55.89 17.50
CA VAL G 415 -9.67 54.84 18.29
C VAL G 415 -8.39 54.39 17.58
N PRO G 416 -7.23 54.86 18.05
CA PRO G 416 -5.97 54.49 17.38
C PRO G 416 -5.56 53.04 17.62
N LEU G 417 -5.07 52.42 16.54
CA LEU G 417 -4.59 51.05 16.58
C LEU G 417 -3.09 50.93 16.37
N TYR G 418 -2.47 51.90 15.70
CA TYR G 418 -1.04 51.88 15.41
C TYR G 418 -0.65 50.68 14.56
N GLU G 419 -1.62 50.00 13.97
CA GLU G 419 -1.40 48.97 12.97
C GLU G 419 -2.57 49.04 12.00
N SER G 420 -2.46 48.33 10.89
CA SER G 420 -3.43 48.49 9.81
C SER G 420 -4.71 47.72 10.10
N PRO G 421 -5.87 48.38 10.13
CA PRO G 421 -7.15 47.67 10.25
C PRO G 421 -7.65 47.19 8.89
N ARG G 422 -8.20 45.99 8.88
CA ARG G 422 -8.53 45.34 7.61
C ARG G 422 -10.01 45.01 7.47
N LYS G 423 -10.62 44.37 8.46
CA LYS G 423 -12.06 44.04 8.43
C LYS G 423 -12.64 44.22 9.82
N ILE G 424 -13.94 44.50 9.89
CA ILE G 424 -14.62 44.69 11.17
C ILE G 424 -15.97 43.98 11.17
N CYS G 425 -16.34 43.44 12.33
CA CYS G 425 -17.62 42.75 12.50
C CYS G 425 -18.10 42.98 13.93
N TYR G 426 -19.41 43.15 14.08
CA TYR G 426 -20.03 43.43 15.38
C TYR G 426 -20.72 42.19 15.92
N GLN G 427 -20.55 41.95 17.22
CA GLN G 427 -21.18 40.81 17.89
C GLN G 427 -21.93 41.30 19.13
N GLU G 428 -23.25 41.50 18.99
CA GLU G 428 -24.04 41.98 20.11
C GLU G 428 -23.97 41.01 21.28
N VAL G 429 -24.04 39.71 20.97
CA VAL G 429 -24.05 38.68 22.01
C VAL G 429 -22.92 38.91 23.00
N SER G 430 -21.76 39.31 22.50
CA SER G 430 -20.59 39.57 23.33
C SER G 430 -20.35 41.06 23.53
N GLN G 431 -21.23 41.92 23.01
CA GLN G 431 -21.09 43.36 23.16
C GLN G 431 -19.67 43.83 22.81
N CYS G 432 -19.15 43.31 21.70
CA CYS G 432 -17.79 43.64 21.29
C CYS G 432 -17.72 43.61 19.77
N PHE G 433 -16.71 44.29 19.23
CA PHE G 433 -16.41 44.30 17.81
C PHE G 433 -15.24 43.37 17.55
N GLY G 434 -15.29 42.65 16.43
CA GLY G 434 -14.13 41.95 15.91
C GLY G 434 -13.48 42.74 14.79
N VAL G 435 -12.17 42.86 14.85
CA VAL G 435 -11.40 43.60 13.86
C VAL G 435 -10.18 42.77 13.48
N LEU G 436 -9.98 42.58 12.18
CA LEU G 436 -8.78 41.96 11.63
C LEU G 436 -7.72 43.02 11.37
N SER G 437 -6.48 42.70 11.69
CA SER G 437 -5.39 43.67 11.61
C SER G 437 -4.12 43.03 11.08
N SER G 438 -3.20 43.87 10.63
CA SER G 438 -1.87 43.43 10.23
C SER G 438 -0.87 44.45 10.75
N ARG G 439 0.25 43.97 11.26
CA ARG G 439 1.34 44.83 11.72
C ARG G 439 2.60 44.41 10.97
N ILE G 440 3.44 45.38 10.62
CA ILE G 440 4.67 45.11 9.88
C ILE G 440 5.81 44.92 10.87
N GLU G 441 6.51 43.80 10.73
CA GLU G 441 7.75 43.52 11.42
C GLU G 441 8.86 43.30 10.41
N VAL G 442 10.10 43.44 10.87
CA VAL G 442 11.28 43.35 10.03
C VAL G 442 12.16 42.25 10.59
N GLN G 443 12.82 41.50 9.71
CA GLN G 443 13.71 40.43 10.15
C GLN G 443 14.87 41.02 10.94
N ASP G 444 15.14 40.48 12.11
CA ASP G 444 16.19 41.00 12.98
C ASP G 444 17.36 40.02 13.03
N THR G 445 18.43 40.41 13.70
CA THR G 445 19.69 39.65 13.76
C THR G 445 19.57 38.39 14.60
N SER G 446 18.38 38.02 15.05
CA SER G 446 18.17 36.76 15.76
C SER G 446 17.60 35.64 14.89
N GLY G 447 17.31 35.90 13.62
CA GLY G 447 16.54 34.99 12.81
C GLY G 447 15.04 35.20 12.91
N GLY G 448 14.58 35.79 14.00
CA GLY G 448 13.20 36.15 14.18
C GLY G 448 12.93 37.54 13.64
N THR G 449 11.87 38.16 14.16
CA THR G 449 11.44 39.47 13.71
C THR G 449 11.21 40.42 14.89
N THR G 450 11.24 41.72 14.58
CA THR G 450 11.07 42.76 15.57
C THR G 450 10.17 43.85 15.01
N ALA G 451 9.27 44.36 15.86
CA ALA G 451 8.29 45.37 15.48
C ALA G 451 8.78 46.78 15.78
N LEU G 452 8.53 47.70 14.84
CA LEU G 452 9.03 49.06 15.00
C LEU G 452 8.33 49.79 16.14
N ARG G 453 7.06 49.51 16.37
CA ARG G 453 6.28 50.21 17.37
C ARG G 453 5.29 49.24 17.99
N PRO G 454 4.97 49.41 19.26
CA PRO G 454 3.90 48.59 19.86
C PRO G 454 2.56 49.01 19.28
N SER G 455 1.67 48.03 19.12
CA SER G 455 0.37 48.31 18.53
C SER G 455 -0.66 47.36 19.12
N ALA G 456 -1.91 47.50 18.65
CA ALA G 456 -3.04 46.84 19.28
C ALA G 456 -2.79 45.35 19.49
N SER G 457 -2.17 44.68 18.52
CA SER G 457 -1.99 43.24 18.66
C SER G 457 -0.99 42.90 19.76
N THR G 458 -0.07 43.82 20.07
CA THR G 458 0.91 43.61 21.12
C THR G 458 0.45 44.16 22.46
N GLN G 459 -0.59 45.00 22.48
CA GLN G 459 -1.07 45.65 23.69
C GLN G 459 -2.45 45.19 24.14
N ALA G 460 -2.89 44.01 23.71
CA ALA G 460 -4.15 43.46 24.19
C ALA G 460 -4.04 43.06 25.66
N LEU G 461 -5.17 43.07 26.36
CA LEU G 461 -5.16 42.62 27.75
C LEU G 461 -4.68 41.17 27.84
N SER G 462 -5.35 40.27 27.12
CA SER G 462 -4.93 38.89 26.94
C SER G 462 -4.66 38.65 25.45
N SER G 463 -3.83 37.67 25.15
CA SER G 463 -3.42 37.41 23.77
C SER G 463 -3.32 35.90 23.55
N SER G 464 -3.36 35.52 22.27
CA SER G 464 -3.24 34.12 21.89
C SER G 464 -2.54 34.02 20.55
N VAL G 465 -1.88 32.88 20.33
CA VAL G 465 -1.19 32.58 19.09
C VAL G 465 -1.67 31.23 18.57
N SER G 466 -1.89 31.15 17.26
CA SER G 466 -2.34 29.90 16.68
C SER G 466 -1.24 28.84 16.81
N SER G 467 -1.65 27.63 17.20
CA SER G 467 -0.76 26.49 17.30
C SER G 467 -1.06 25.45 16.23
N SER G 468 -1.87 25.82 15.24
CA SER G 468 -2.34 24.86 14.25
C SER G 468 -1.19 24.21 13.52
N LYS G 469 -1.35 22.93 13.23
CA LYS G 469 -0.40 22.16 12.43
C LYS G 469 -1.00 21.74 11.09
N LEU G 470 -2.08 22.40 10.68
CA LEU G 470 -2.79 22.02 9.46
C LEU G 470 -1.85 21.98 8.26
N PHE G 471 -1.03 23.01 8.09
CA PHE G 471 -0.06 23.04 7.03
C PHE G 471 1.23 22.35 7.43
N SER G 472 1.31 21.97 8.70
CA SER G 472 2.35 21.08 9.21
C SER G 472 3.71 21.28 8.60
N SER G 473 4.26 20.23 8.00
CA SER G 473 5.62 20.39 7.48
C SER G 473 5.63 21.18 6.18
N SER G 474 4.58 21.07 5.38
CA SER G 474 4.46 21.81 4.13
C SER G 474 5.57 21.42 3.17
N THR G 475 6.76 21.16 3.71
CA THR G 475 7.97 20.85 2.93
C THR G 475 8.17 21.87 1.79
N ALA G 476 8.17 23.13 2.18
CA ALA G 476 8.40 24.25 1.24
C ALA G 476 9.19 25.29 2.02
N PRO G 477 10.49 25.09 2.18
CA PRO G 477 11.27 26.04 2.99
C PRO G 477 11.46 27.34 2.22
N HIS G 478 11.25 28.46 2.92
CA HIS G 478 11.40 29.78 2.33
C HIS G 478 12.50 30.56 3.02
N GLU G 479 13.41 31.11 2.22
CA GLU G 479 14.56 31.82 2.72
C GLU G 479 14.14 33.16 3.33
N THR G 480 14.76 33.54 4.43
CA THR G 480 14.48 34.79 5.11
C THR G 480 15.78 35.59 5.18
N SER G 481 15.73 36.83 4.71
CA SER G 481 16.88 37.73 4.70
C SER G 481 16.68 38.88 5.67
N PHE G 482 17.77 39.29 6.30
CA PHE G 482 17.71 40.41 7.25
C PHE G 482 17.26 41.68 6.55
N GLY G 483 16.39 42.43 7.22
CA GLY G 483 15.89 43.69 6.71
C GLY G 483 14.60 43.59 5.96
N GLU G 484 14.18 42.38 5.56
CA GLU G 484 12.93 42.20 4.85
C GLU G 484 11.75 42.43 5.79
N GLU G 485 10.68 42.96 5.24
CA GLU G 485 9.45 43.17 5.98
C GLU G 485 8.60 41.90 5.91
N VAL G 486 7.76 41.71 6.92
CA VAL G 486 6.73 40.68 6.91
C VAL G 486 5.49 41.26 7.58
N GLU G 487 4.33 40.75 7.19
CA GLU G 487 3.07 41.08 7.84
C GLU G 487 2.68 39.99 8.82
N VAL G 488 2.22 40.42 10.00
CA VAL G 488 1.69 39.53 11.01
C VAL G 488 0.22 39.89 11.19
N HIS G 489 -0.65 38.93 10.97
CA HIS G 489 -2.09 39.19 10.98
C HIS G 489 -2.71 38.67 12.26
N ASN G 490 -3.64 39.43 12.81
CA ASN G 490 -4.24 39.14 14.10
C ASN G 490 -5.73 39.41 14.01
N LEU G 491 -6.48 38.78 14.90
CA LEU G 491 -7.88 39.12 15.15
C LEU G 491 -7.97 39.80 16.51
N LEU G 492 -8.52 41.01 16.52
CA LEU G 492 -8.65 41.80 17.73
C LEU G 492 -10.11 41.83 18.19
N ILE G 493 -10.33 41.64 19.49
CA ILE G 493 -11.65 41.81 20.09
C ILE G 493 -11.64 43.15 20.83
N ILE G 494 -12.59 44.02 20.48
CA ILE G 494 -12.60 45.40 20.94
C ILE G 494 -13.95 45.64 21.61
N ASP G 495 -13.94 46.18 22.83
CA ASP G 495 -15.17 46.42 23.57
C ASP G 495 -16.00 47.52 22.92
N GLN G 496 -17.33 47.36 22.95
CA GLN G 496 -18.18 48.29 22.22
C GLN G 496 -18.29 49.65 22.89
N HIS G 497 -17.90 49.76 24.16
CA HIS G 497 -17.89 51.02 24.88
C HIS G 497 -16.49 51.54 25.17
N THR G 498 -15.64 50.70 25.76
CA THR G 498 -14.31 51.15 26.12
C THR G 498 -13.42 51.27 24.89
N PHE G 499 -13.71 50.48 23.86
CA PHE G 499 -12.88 50.40 22.65
C PHE G 499 -11.43 50.09 22.99
N GLU G 500 -11.26 49.20 23.98
CA GLU G 500 -9.98 48.66 24.42
C GLU G 500 -9.80 47.25 23.86
N VAL G 501 -8.56 46.91 23.50
CA VAL G 501 -8.28 45.60 22.94
C VAL G 501 -8.36 44.58 24.07
N LEU G 502 -9.38 43.71 24.04
CA LEU G 502 -9.55 42.73 25.10
C LEU G 502 -8.72 41.47 24.88
N HIS G 503 -8.63 41.01 23.63
CA HIS G 503 -7.91 39.81 23.27
C HIS G 503 -7.40 40.00 21.84
N ALA G 504 -6.28 39.38 21.54
CA ALA G 504 -5.71 39.38 20.20
C ALA G 504 -5.21 37.99 19.88
N HIS G 505 -5.61 37.48 18.71
CA HIS G 505 -5.20 36.16 18.24
C HIS G 505 -4.25 36.35 17.07
N GLN G 506 -3.02 35.85 17.20
CA GLN G 506 -2.05 35.94 16.12
C GLN G 506 -2.19 34.70 15.24
N PHE G 507 -2.31 34.93 13.93
CA PHE G 507 -2.46 33.84 12.99
C PHE G 507 -1.09 33.28 12.61
N LEU G 508 -1.11 32.19 11.84
CA LEU G 508 0.12 31.46 11.56
C LEU G 508 1.12 32.32 10.81
N GLN G 509 2.39 31.92 10.91
CA GLN G 509 3.46 32.61 10.18
C GLN G 509 3.16 32.62 8.69
N ASN G 510 3.24 33.81 8.10
CA ASN G 510 2.94 34.03 6.69
C ASN G 510 1.47 33.81 6.34
N GLU G 511 0.57 33.84 7.33
CA GLU G 511 -0.86 33.71 7.09
C GLU G 511 -1.55 35.07 7.12
N TYR G 512 -2.32 35.36 6.06
CA TYR G 512 -3.10 36.59 5.97
C TYR G 512 -4.57 36.30 6.28
N ALA G 513 -5.17 37.17 7.10
CA ALA G 513 -6.60 37.13 7.39
C ALA G 513 -7.33 38.04 6.39
N LEU G 514 -8.22 37.48 5.60
CA LEU G 514 -8.88 38.21 4.53
C LEU G 514 -10.34 38.51 4.79
N SER G 515 -11.05 37.67 5.55
CA SER G 515 -12.48 37.81 5.72
C SER G 515 -12.86 37.48 7.16
N LEU G 516 -13.89 38.16 7.65
CA LEU G 516 -14.38 37.97 9.01
C LEU G 516 -15.88 38.18 9.04
N VAL G 517 -16.59 37.23 9.66
CA VAL G 517 -18.02 37.36 9.92
C VAL G 517 -18.31 36.84 11.32
N SER G 518 -19.38 37.36 11.91
CA SER G 518 -19.91 36.89 13.19
C SER G 518 -21.34 36.41 12.92
N CYS G 519 -21.63 35.18 13.31
CA CYS G 519 -22.91 34.59 13.00
C CYS G 519 -23.14 33.36 13.87
N LYS G 520 -24.39 32.90 13.87
CA LYS G 520 -24.76 31.58 14.39
C LYS G 520 -24.95 30.66 13.19
N LEU G 521 -24.49 29.42 13.31
CA LEU G 521 -24.58 28.46 12.22
C LEU G 521 -25.35 27.22 12.66
N GLY G 522 -26.06 26.62 11.70
CA GLY G 522 -26.81 25.41 11.96
C GLY G 522 -27.78 25.63 13.11
N LYS G 523 -27.86 24.65 14.00
CA LYS G 523 -28.65 24.77 15.23
C LYS G 523 -27.77 25.07 16.43
N ASP G 524 -26.52 25.47 16.22
CA ASP G 524 -25.61 25.75 17.32
C ASP G 524 -25.90 27.14 17.86
N PRO G 525 -26.34 27.26 19.13
CA PRO G 525 -26.76 28.57 19.64
C PRO G 525 -25.62 29.54 19.89
N ASN G 526 -24.38 29.08 19.89
CA ASN G 526 -23.26 29.97 20.16
C ASN G 526 -23.05 30.88 18.96
N THR G 527 -22.73 32.15 19.24
CA THR G 527 -22.41 33.10 18.19
C THR G 527 -20.90 33.10 18.04
N TYR G 528 -20.43 32.87 16.82
CA TYR G 528 -19.01 32.68 16.57
C TYR G 528 -18.45 33.83 15.74
N PHE G 529 -17.14 34.03 15.89
CA PHE G 529 -16.33 34.77 14.94
C PHE G 529 -15.71 33.76 13.99
N ILE G 530 -15.89 33.96 12.69
CA ILE G 530 -15.33 33.06 11.68
C ILE G 530 -14.41 33.87 10.79
N VAL G 531 -13.21 33.35 10.54
CA VAL G 531 -12.17 34.05 9.80
C VAL G 531 -11.73 33.20 8.63
N GLY G 532 -11.52 33.84 7.49
CA GLY G 532 -10.97 33.21 6.30
C GLY G 532 -9.57 33.74 6.02
N THR G 533 -8.64 32.82 5.75
CA THR G 533 -7.22 33.15 5.63
C THR G 533 -6.64 32.62 4.34
N ALA G 534 -5.39 33.03 4.07
CA ALA G 534 -4.61 32.58 2.92
C ALA G 534 -3.15 32.48 3.33
N MET G 535 -2.48 31.43 2.86
CA MET G 535 -1.04 31.28 3.07
C MET G 535 -0.29 31.99 1.96
N VAL G 536 0.43 33.05 2.32
CA VAL G 536 1.04 33.99 1.38
C VAL G 536 2.55 33.85 1.38
N TYR G 537 3.11 33.47 0.22
CA TYR G 537 4.52 33.44 -0.07
C TYR G 537 4.82 34.23 -1.33
N PRO G 538 5.87 35.05 -1.36
CA PRO G 538 6.14 35.80 -2.60
C PRO G 538 6.22 34.90 -3.83
N GLU G 539 6.57 33.62 -3.63
CA GLU G 539 6.80 32.73 -4.76
C GLU G 539 5.52 32.41 -5.53
N GLU G 540 4.37 32.42 -4.86
CA GLU G 540 3.11 32.04 -5.49
C GLU G 540 2.40 33.25 -6.07
N ALA G 541 1.88 33.09 -7.29
CA ALA G 541 1.07 34.16 -7.88
C ALA G 541 -0.30 34.22 -7.22
N GLU G 542 -0.94 33.06 -7.07
CA GLU G 542 -2.19 32.98 -6.35
C GLU G 542 -2.03 32.02 -5.19
N PRO G 543 -2.53 32.36 -4.00
CA PRO G 543 -2.38 31.45 -2.86
C PRO G 543 -3.00 30.11 -3.15
N LYS G 544 -2.33 29.05 -2.68
CA LYS G 544 -2.78 27.69 -2.91
C LYS G 544 -3.19 26.98 -1.63
N GLN G 545 -3.08 27.65 -0.47
CA GLN G 545 -3.49 27.06 0.81
C GLN G 545 -4.24 28.11 1.61
N GLY G 546 -5.18 27.65 2.43
CA GLY G 546 -5.98 28.58 3.22
C GLY G 546 -6.74 27.85 4.30
N ARG G 547 -7.29 28.63 5.24
CA ARG G 547 -8.03 28.09 6.36
C ARG G 547 -9.32 28.86 6.55
N ILE G 548 -10.36 28.18 7.05
CA ILE G 548 -11.53 28.81 7.62
C ILE G 548 -11.57 28.40 9.08
N VAL G 549 -11.47 29.37 9.98
CA VAL G 549 -11.34 29.12 11.41
C VAL G 549 -12.58 29.66 12.11
N VAL G 550 -13.14 28.84 13.00
CA VAL G 550 -14.30 29.20 13.80
C VAL G 550 -13.82 29.47 15.21
N PHE G 551 -14.08 30.68 15.70
CA PHE G 551 -13.69 31.10 17.03
C PHE G 551 -14.93 31.36 17.87
N GLN G 552 -14.81 31.14 19.19
CA GLN G 552 -15.81 31.59 20.15
C GLN G 552 -15.15 32.48 21.19
N TYR G 553 -15.67 33.71 21.34
CA TYR G 553 -15.22 34.62 22.39
C TYR G 553 -16.04 34.37 23.64
N SER G 554 -15.39 33.91 24.70
CA SER G 554 -16.09 33.58 25.94
C SER G 554 -15.20 33.92 27.12
N ASP G 555 -15.76 34.68 28.07
CA ASP G 555 -15.11 35.00 29.33
C ASP G 555 -13.71 35.58 29.13
N GLY G 556 -13.62 36.57 28.23
CA GLY G 556 -12.41 37.33 28.02
C GLY G 556 -11.34 36.70 27.16
N LYS G 557 -11.55 35.46 26.68
CA LYS G 557 -10.65 34.80 25.76
C LYS G 557 -11.48 34.13 24.67
N LEU G 558 -10.97 34.11 23.45
CA LEU G 558 -11.63 33.41 22.35
C LEU G 558 -10.85 32.15 21.99
N GLN G 559 -11.55 31.03 21.89
CA GLN G 559 -10.97 29.72 21.64
C GLN G 559 -11.46 29.16 20.31
N THR G 560 -10.55 28.50 19.60
CA THR G 560 -10.86 27.93 18.29
C THR G 560 -11.76 26.72 18.41
N VAL G 561 -12.92 26.78 17.75
CA VAL G 561 -13.88 25.67 17.78
C VAL G 561 -13.61 24.68 16.65
N ALA G 562 -13.35 25.17 15.43
CA ALA G 562 -13.17 24.30 14.29
C ALA G 562 -12.22 24.97 13.30
N GLU G 563 -11.59 24.13 12.49
CA GLU G 563 -10.67 24.53 11.45
C GLU G 563 -10.98 23.75 10.18
N LYS G 564 -11.00 24.46 9.05
CA LYS G 564 -11.29 23.85 7.76
C LYS G 564 -10.20 24.26 6.78
N GLU G 565 -9.47 23.27 6.25
CA GLU G 565 -8.41 23.54 5.30
C GLU G 565 -9.01 23.77 3.92
N VAL G 566 -8.50 24.78 3.21
CA VAL G 566 -8.91 25.05 1.85
C VAL G 566 -7.65 25.21 0.98
N LYS G 567 -7.85 25.09 -0.32
CA LYS G 567 -6.73 25.13 -1.28
C LYS G 567 -6.65 26.48 -1.98
N GLY G 568 -6.77 27.57 -1.23
CA GLY G 568 -6.74 28.89 -1.81
C GLY G 568 -7.07 29.94 -0.77
N ALA G 569 -7.25 31.17 -1.24
CA ALA G 569 -7.51 32.30 -0.37
C ALA G 569 -9.01 32.47 -0.17
N VAL G 570 -9.45 32.61 1.08
CA VAL G 570 -10.85 32.82 1.40
C VAL G 570 -11.06 34.34 1.34
N TYR G 571 -11.32 34.84 0.14
CA TYR G 571 -11.40 36.30 -0.04
C TYR G 571 -12.64 36.89 0.64
N SER G 572 -13.75 36.16 0.65
CA SER G 572 -14.98 36.71 1.23
C SER G 572 -15.88 35.60 1.78
N MET G 573 -16.48 35.86 2.95
CA MET G 573 -17.44 34.97 3.58
C MET G 573 -18.67 35.76 4.00
N VAL G 574 -19.82 35.09 4.00
CA VAL G 574 -21.09 35.70 4.40
C VAL G 574 -21.99 34.61 4.95
N GLU G 575 -22.85 34.97 5.91
CA GLU G 575 -23.77 34.02 6.50
C GLU G 575 -24.91 33.78 5.51
N PHE G 576 -25.26 32.51 5.30
CA PHE G 576 -26.28 32.12 4.32
C PHE G 576 -27.20 31.11 4.97
N ASN G 577 -28.28 31.61 5.57
CA ASN G 577 -29.37 30.76 6.06
C ASN G 577 -28.84 29.62 6.92
N GLY G 578 -28.06 29.97 7.93
CA GLY G 578 -27.50 28.99 8.84
C GLY G 578 -26.33 28.21 8.30
N LYS G 579 -25.90 28.49 7.07
CA LYS G 579 -24.74 27.88 6.44
C LYS G 579 -23.74 28.99 6.13
N LEU G 580 -22.51 28.59 5.86
CA LEU G 580 -21.43 29.52 5.60
C LEU G 580 -21.13 29.53 4.11
N LEU G 581 -21.27 30.70 3.48
CA LEU G 581 -20.93 30.89 2.08
C LEU G 581 -19.55 31.51 2.02
N ALA G 582 -18.61 30.83 1.37
CA ALA G 582 -17.23 31.28 1.31
C ALA G 582 -16.77 31.23 -0.13
N SER G 583 -15.93 32.18 -0.51
CA SER G 583 -15.31 32.22 -1.83
C SER G 583 -13.84 31.86 -1.64
N ILE G 584 -13.41 30.77 -2.23
CA ILE G 584 -12.02 30.35 -2.19
C ILE G 584 -11.50 30.43 -3.62
N ASN G 585 -10.69 31.46 -3.90
CA ASN G 585 -10.11 31.71 -5.22
C ASN G 585 -11.25 31.77 -6.23
N SER G 586 -11.27 30.91 -7.25
CA SER G 586 -12.34 30.87 -8.23
C SER G 586 -13.64 30.30 -7.67
N THR G 587 -13.54 29.41 -6.69
CA THR G 587 -14.71 28.69 -6.20
C THR G 587 -15.55 29.55 -5.26
N VAL G 588 -16.87 29.41 -5.38
CA VAL G 588 -17.85 29.93 -4.43
C VAL G 588 -18.52 28.71 -3.80
N ARG G 589 -18.32 28.53 -2.51
CA ARG G 589 -18.70 27.31 -1.82
C ARG G 589 -19.67 27.58 -0.67
N LEU G 590 -20.54 26.60 -0.41
CA LEU G 590 -21.48 26.65 0.68
C LEU G 590 -21.20 25.52 1.66
N TYR G 591 -20.87 25.89 2.91
CA TYR G 591 -20.57 24.95 3.97
C TYR G 591 -21.75 24.81 4.91
N GLU G 592 -21.96 23.60 5.44
CA GLU G 592 -22.93 23.35 6.49
C GLU G 592 -22.19 23.18 7.82
N TRP G 593 -22.86 23.55 8.91
CA TRP G 593 -22.30 23.45 10.26
C TRP G 593 -22.91 22.23 10.93
N THR G 594 -22.09 21.20 11.14
CA THR G 594 -22.60 19.93 11.62
C THR G 594 -22.84 19.94 13.12
N THR G 595 -23.50 18.87 13.58
CA THR G 595 -23.71 18.62 14.99
C THR G 595 -22.41 18.29 15.70
N GLU G 596 -21.35 18.01 14.95
CA GLU G 596 -20.01 17.77 15.47
C GLU G 596 -19.16 19.02 15.55
N LYS G 597 -19.77 20.20 15.32
CA LYS G 597 -19.06 21.48 15.34
C LYS G 597 -17.91 21.53 14.34
N GLU G 598 -18.15 21.06 13.12
CA GLU G 598 -17.20 21.18 12.03
C GLU G 598 -17.94 21.55 10.76
N LEU G 599 -17.20 22.10 9.81
CA LEU G 599 -17.77 22.56 8.55
C LEU G 599 -17.73 21.43 7.53
N ARG G 600 -18.86 21.23 6.83
CA ARG G 600 -18.99 20.21 5.79
C ARG G 600 -19.45 20.87 4.50
N THR G 601 -18.73 20.60 3.41
CA THR G 601 -19.07 21.19 2.11
C THR G 601 -20.38 20.64 1.60
N GLU G 602 -21.26 21.53 1.12
CA GLU G 602 -22.52 21.10 0.51
C GLU G 602 -22.50 21.15 -1.02
N CYS G 603 -22.10 22.29 -1.60
CA CYS G 603 -22.16 22.47 -3.04
C CYS G 603 -21.21 23.59 -3.43
N ASN G 604 -20.83 23.59 -4.72
CA ASN G 604 -19.82 24.50 -5.23
C ASN G 604 -20.27 25.16 -6.53
N HIS G 605 -19.70 26.33 -6.80
CA HIS G 605 -19.79 26.98 -8.10
C HIS G 605 -18.38 27.40 -8.50
N TYR G 606 -17.98 27.05 -9.73
CA TYR G 606 -16.61 27.25 -10.17
C TYR G 606 -16.42 28.25 -11.30
N ASN G 607 -17.49 28.82 -11.85
CA ASN G 607 -17.37 29.68 -13.03
C ASN G 607 -17.00 31.10 -12.61
N ASN G 608 -15.79 31.22 -12.08
CA ASN G 608 -15.25 32.54 -11.73
C ASN G 608 -13.76 32.58 -12.01
N ILE G 609 -13.26 33.78 -12.29
CA ILE G 609 -11.82 33.98 -12.35
C ILE G 609 -11.25 34.17 -10.96
N MET G 610 -11.81 35.09 -10.19
CA MET G 610 -11.41 35.29 -8.79
C MET G 610 -12.59 35.90 -8.06
N ALA G 611 -13.23 35.12 -7.19
CA ALA G 611 -14.43 35.57 -6.47
C ALA G 611 -14.04 36.42 -5.27
N LEU G 612 -13.96 37.73 -5.48
CA LEU G 612 -13.45 38.60 -4.44
C LEU G 612 -14.52 39.09 -3.46
N TYR G 613 -15.76 39.26 -3.92
CA TYR G 613 -16.81 39.86 -3.11
C TYR G 613 -18.07 39.01 -3.14
N LEU G 614 -18.72 38.88 -1.98
CA LEU G 614 -19.96 38.12 -1.83
C LEU G 614 -20.97 38.93 -1.02
N LYS G 615 -22.22 38.92 -1.49
CA LYS G 615 -23.35 39.55 -0.82
C LYS G 615 -24.57 38.66 -1.09
N THR G 616 -25.45 38.50 -0.10
CA THR G 616 -26.58 37.59 -0.25
C THR G 616 -27.88 38.26 0.19
N LYS G 617 -28.97 37.88 -0.49
CA LYS G 617 -30.34 38.28 -0.13
C LYS G 617 -31.28 37.11 -0.36
N GLY G 618 -31.79 36.52 0.71
CA GLY G 618 -32.61 35.32 0.58
C GLY G 618 -31.75 34.15 0.14
N ASP G 619 -32.20 33.41 -0.86
CA ASP G 619 -31.39 32.34 -1.45
C ASP G 619 -30.65 32.81 -2.70
N PHE G 620 -30.51 34.12 -2.88
CA PHE G 620 -29.78 34.70 -3.99
C PHE G 620 -28.39 35.12 -3.53
N ILE G 621 -27.40 34.98 -4.41
CA ILE G 621 -26.02 35.34 -4.12
C ILE G 621 -25.50 36.24 -5.22
N LEU G 622 -24.87 37.35 -4.84
CA LEU G 622 -24.21 38.26 -5.77
C LEU G 622 -22.70 38.09 -5.62
N VAL G 623 -22.03 37.69 -6.70
CA VAL G 623 -20.60 37.44 -6.68
C VAL G 623 -19.89 38.53 -7.47
N GLY G 624 -18.82 39.07 -6.89
CA GLY G 624 -17.98 40.07 -7.54
C GLY G 624 -16.63 39.47 -7.90
N ASP G 625 -16.23 39.66 -9.15
CA ASP G 625 -15.05 39.02 -9.73
C ASP G 625 -13.96 40.05 -9.98
N LEU G 626 -12.72 39.56 -10.10
CA LEU G 626 -11.60 40.46 -10.36
C LEU G 626 -11.72 41.15 -11.71
N MET G 627 -12.20 40.45 -12.72
CA MET G 627 -12.31 41.01 -14.07
C MET G 627 -13.66 40.81 -14.72
N ARG G 628 -14.47 39.87 -14.25
CA ARG G 628 -15.71 39.46 -14.90
C ARG G 628 -16.96 40.16 -14.37
N SER G 629 -16.82 41.27 -13.65
CA SER G 629 -17.99 42.03 -13.22
C SER G 629 -18.81 41.18 -12.24
N VAL G 630 -20.13 41.19 -12.33
CA VAL G 630 -21.00 40.54 -11.34
C VAL G 630 -21.82 39.41 -11.96
N LEU G 631 -22.05 38.37 -11.16
CA LEU G 631 -22.92 37.25 -11.49
C LEU G 631 -23.98 37.07 -10.42
N LEU G 632 -25.21 36.72 -10.84
CA LEU G 632 -26.28 36.42 -9.90
C LEU G 632 -26.45 34.91 -9.80
N LEU G 633 -25.98 34.34 -8.68
CA LEU G 633 -26.16 32.95 -8.33
C LEU G 633 -27.44 32.75 -7.54
N ALA G 634 -27.91 31.52 -7.53
CA ALA G 634 -29.06 31.12 -6.71
C ALA G 634 -28.80 29.78 -6.05
N TYR G 635 -29.23 29.65 -4.79
CA TYR G 635 -29.23 28.36 -4.12
C TYR G 635 -30.53 27.66 -4.51
N LYS G 636 -30.42 26.44 -5.04
CA LYS G 636 -31.63 25.70 -5.38
C LYS G 636 -31.89 24.73 -4.24
N PRO G 637 -32.81 25.06 -3.32
CA PRO G 637 -32.90 24.28 -2.07
C PRO G 637 -33.32 22.84 -2.30
N MET G 638 -34.14 22.61 -3.32
CA MET G 638 -34.64 21.27 -3.59
C MET G 638 -33.51 20.30 -3.91
N GLU G 639 -32.50 20.76 -4.63
CA GLU G 639 -31.47 19.93 -5.22
C GLU G 639 -30.13 20.00 -4.52
N GLY G 640 -29.90 21.02 -3.69
CA GLY G 640 -28.66 21.09 -2.97
C GLY G 640 -27.50 21.49 -3.86
N ASN G 641 -27.72 22.51 -4.68
CA ASN G 641 -26.72 22.97 -5.63
C ASN G 641 -26.98 24.44 -5.90
N PHE G 642 -26.10 25.06 -6.69
CA PHE G 642 -26.27 26.44 -7.14
C PHE G 642 -26.82 26.44 -8.57
N GLU G 643 -27.41 27.56 -8.97
CA GLU G 643 -27.84 27.76 -10.35
C GLU G 643 -27.51 29.19 -10.77
N GLU G 644 -26.83 29.30 -11.91
CA GLU G 644 -26.49 30.62 -12.44
C GLU G 644 -27.72 31.27 -13.04
N ILE G 645 -28.08 32.44 -12.52
CA ILE G 645 -29.26 33.15 -13.02
C ILE G 645 -28.91 34.07 -14.18
N ALA G 646 -27.95 34.96 -13.99
CA ALA G 646 -27.57 35.92 -15.02
C ALA G 646 -26.20 36.50 -14.70
N ARG G 647 -25.46 36.85 -15.75
CA ARG G 647 -24.11 37.38 -15.58
C ARG G 647 -23.97 38.66 -16.39
N ASP G 648 -23.16 39.59 -15.87
CA ASP G 648 -22.82 40.80 -16.61
C ASP G 648 -21.60 40.48 -17.47
N PHE G 649 -21.83 40.24 -18.76
CA PHE G 649 -20.72 39.86 -19.64
C PHE G 649 -19.79 41.03 -19.93
N ASN G 650 -20.20 42.27 -19.65
CA ASN G 650 -19.27 43.38 -19.71
C ASN G 650 -18.12 43.14 -18.73
N PRO G 651 -16.87 43.32 -19.15
CA PRO G 651 -15.74 43.05 -18.24
C PRO G 651 -15.43 44.28 -17.40
N ASN G 652 -15.39 44.15 -16.08
CA ASN G 652 -15.03 45.25 -15.20
C ASN G 652 -14.16 44.73 -14.07
N TRP G 653 -13.24 45.57 -13.59
CA TRP G 653 -12.42 45.25 -12.42
C TRP G 653 -13.15 45.76 -11.18
N MET G 654 -13.69 44.83 -10.39
CA MET G 654 -14.56 45.19 -9.29
C MET G 654 -13.76 45.61 -8.06
N SER G 655 -14.35 46.53 -7.29
CA SER G 655 -13.82 46.90 -5.97
C SER G 655 -14.75 46.56 -4.82
N ALA G 656 -16.06 46.53 -5.06
CA ALA G 656 -17.07 46.17 -4.06
C ALA G 656 -18.41 46.01 -4.76
N VAL G 657 -19.29 45.20 -4.17
CA VAL G 657 -20.61 44.94 -4.73
C VAL G 657 -21.66 45.05 -3.63
N GLU G 658 -22.91 45.24 -4.05
CA GLU G 658 -24.02 45.29 -3.10
C GLU G 658 -25.32 44.96 -3.82
N ILE G 659 -26.24 44.33 -3.09
CA ILE G 659 -27.57 44.01 -3.58
C ILE G 659 -28.51 45.14 -3.17
N LEU G 660 -29.19 45.75 -4.13
CA LEU G 660 -30.16 46.78 -3.79
C LEU G 660 -31.54 46.20 -3.50
N ASP G 661 -32.03 45.33 -4.38
CA ASP G 661 -33.29 44.64 -4.20
C ASP G 661 -33.25 43.38 -5.06
N ASP G 662 -34.35 42.66 -5.13
CA ASP G 662 -34.33 41.36 -5.79
C ASP G 662 -33.96 41.47 -7.27
N ASP G 663 -34.04 42.66 -7.87
CA ASP G 663 -33.76 42.83 -9.29
C ASP G 663 -32.60 43.76 -9.60
N ASN G 664 -32.24 44.69 -8.71
CA ASN G 664 -31.19 45.68 -8.99
C ASN G 664 -29.92 45.38 -8.20
N PHE G 665 -28.77 45.51 -8.86
CA PHE G 665 -27.47 45.22 -8.28
C PHE G 665 -26.47 46.33 -8.58
N LEU G 666 -25.73 46.74 -7.54
CA LEU G 666 -24.83 47.88 -7.60
C LEU G 666 -23.39 47.41 -7.57
N GLY G 667 -22.53 48.06 -8.36
CA GLY G 667 -21.12 47.72 -8.38
C GLY G 667 -20.25 48.96 -8.40
N ALA G 668 -19.00 48.78 -7.96
CA ALA G 668 -17.96 49.80 -7.97
C ALA G 668 -16.71 49.18 -8.57
N GLU G 669 -16.07 49.91 -9.46
CA GLU G 669 -14.92 49.43 -10.21
C GLU G 669 -13.69 50.29 -9.99
N ASN G 670 -12.52 49.74 -10.36
CA ASN G 670 -11.26 50.46 -10.17
C ASN G 670 -11.12 51.71 -11.03
N ALA G 671 -12.07 52.01 -11.90
CA ALA G 671 -12.04 53.25 -12.69
C ALA G 671 -12.79 54.39 -12.03
N PHE G 672 -13.22 54.20 -10.78
CA PHE G 672 -13.99 55.19 -10.01
C PHE G 672 -15.42 55.31 -10.56
N ASN G 673 -15.99 54.20 -11.00
CA ASN G 673 -17.32 54.20 -11.59
C ASN G 673 -18.25 53.30 -10.79
N LEU G 674 -19.52 53.68 -10.75
CA LEU G 674 -20.59 52.88 -10.16
C LEU G 674 -21.51 52.46 -11.29
N PHE G 675 -22.03 51.25 -11.22
CA PHE G 675 -22.98 50.78 -12.22
C PHE G 675 -24.03 49.89 -11.57
N VAL G 676 -25.19 49.82 -12.22
CA VAL G 676 -26.32 49.03 -11.73
C VAL G 676 -26.71 48.06 -12.84
N CYS G 677 -26.82 46.79 -12.49
CA CYS G 677 -27.27 45.72 -13.37
C CYS G 677 -28.67 45.32 -12.98
N GLN G 678 -29.47 44.92 -13.96
CA GLN G 678 -30.85 44.50 -13.70
C GLN G 678 -31.13 43.21 -14.43
N LYS G 679 -31.81 42.29 -13.74
CA LYS G 679 -32.31 41.09 -14.38
C LYS G 679 -33.26 41.48 -15.50
N ASP G 680 -33.14 40.84 -16.66
CA ASP G 680 -34.03 41.19 -17.75
C ASP G 680 -35.46 40.72 -17.42
N SER G 681 -35.99 41.22 -16.29
CA SER G 681 -37.35 40.91 -15.87
C SER G 681 -37.55 39.39 -15.83
N ALA G 682 -38.68 38.92 -16.35
CA ALA G 682 -38.95 37.48 -16.44
C ALA G 682 -39.22 37.14 -17.91
N ALA G 683 -38.19 37.29 -18.74
CA ALA G 683 -38.35 37.12 -20.18
C ALA G 683 -38.67 35.68 -20.54
N THR G 684 -39.19 35.50 -21.76
CA THR G 684 -39.50 34.18 -22.29
C THR G 684 -38.29 33.51 -22.95
N THR G 685 -37.19 34.23 -23.12
CA THR G 685 -35.98 33.69 -23.73
C THR G 685 -34.98 33.43 -22.60
N ASP G 686 -34.40 32.22 -22.59
CA ASP G 686 -33.42 31.92 -21.56
C ASP G 686 -32.17 32.78 -21.74
N GLU G 687 -31.84 33.16 -22.98
CA GLU G 687 -30.65 33.99 -23.17
C GLU G 687 -30.87 35.39 -22.61
N GLU G 688 -32.08 35.94 -22.73
CA GLU G 688 -32.34 37.25 -22.13
C GLU G 688 -32.33 37.17 -20.61
N ARG G 689 -32.94 36.14 -20.03
CA ARG G 689 -32.99 36.07 -18.57
C ARG G 689 -31.57 35.99 -17.99
N GLN G 690 -30.64 35.38 -18.72
CA GLN G 690 -29.28 35.15 -18.26
C GLN G 690 -28.33 36.32 -18.51
N HIS G 691 -28.78 37.40 -19.10
CA HIS G 691 -27.95 38.58 -19.35
C HIS G 691 -28.31 39.65 -18.33
N LEU G 692 -27.35 39.99 -17.45
CA LEU G 692 -27.51 41.12 -16.56
C LEU G 692 -27.18 42.37 -17.37
N GLN G 693 -28.14 43.27 -17.47
CA GLN G 693 -27.99 44.49 -18.26
C GLN G 693 -27.52 45.61 -17.35
N GLU G 694 -26.44 46.27 -17.77
CA GLU G 694 -26.01 47.49 -17.07
C GLU G 694 -27.00 48.60 -17.40
N VAL G 695 -27.82 48.97 -16.42
CA VAL G 695 -28.85 49.97 -16.67
C VAL G 695 -28.43 51.31 -16.09
N GLY G 696 -27.56 51.30 -15.09
CA GLY G 696 -27.13 52.54 -14.48
C GLY G 696 -25.64 52.72 -14.57
N LEU G 697 -25.22 53.92 -14.95
CA LEU G 697 -23.81 54.25 -15.09
C LEU G 697 -23.56 55.63 -14.53
N PHE G 698 -22.47 55.77 -13.78
CA PHE G 698 -22.18 57.02 -13.09
C PHE G 698 -20.72 57.02 -12.67
N HIS G 699 -20.00 58.08 -13.05
CA HIS G 699 -18.62 58.26 -12.64
C HIS G 699 -18.61 58.89 -11.25
N LEU G 700 -18.23 58.12 -10.23
CA LEU G 700 -18.23 58.64 -8.87
C LEU G 700 -17.01 59.52 -8.60
N GLY G 701 -15.85 59.15 -9.11
CA GLY G 701 -14.63 59.87 -8.82
C GLY G 701 -13.93 59.40 -7.56
N GLU G 702 -14.45 58.40 -6.89
CA GLU G 702 -13.87 57.84 -5.68
C GLU G 702 -13.78 56.32 -5.81
N PHE G 703 -12.93 55.73 -4.99
CA PHE G 703 -12.69 54.30 -4.99
C PHE G 703 -13.45 53.68 -3.81
N VAL G 704 -14.49 52.91 -4.10
CA VAL G 704 -15.34 52.34 -3.06
C VAL G 704 -14.76 50.99 -2.65
N ASN G 705 -14.47 50.82 -1.35
CA ASN G 705 -14.00 49.56 -0.80
C ASN G 705 -15.12 48.75 -0.16
N VAL G 706 -16.11 49.41 0.45
CA VAL G 706 -17.14 48.75 1.24
C VAL G 706 -18.51 49.38 0.91
N PHE G 707 -19.47 48.53 0.59
CA PHE G 707 -20.89 48.89 0.51
C PHE G 707 -21.61 48.33 1.74
N CYS G 708 -22.49 49.11 2.34
CA CYS G 708 -23.11 48.69 3.60
C CYS G 708 -24.51 49.25 3.73
N HIS G 709 -25.49 48.36 3.92
CA HIS G 709 -26.86 48.78 4.17
C HIS G 709 -27.01 49.43 5.55
N GLY G 710 -27.73 50.53 5.59
CA GLY G 710 -28.01 51.25 6.82
C GLY G 710 -28.07 52.74 6.54
N SER G 711 -28.53 53.47 7.54
CA SER G 711 -28.50 54.92 7.46
C SER G 711 -28.15 55.51 8.82
N LEU G 712 -27.52 56.68 8.80
CA LEU G 712 -27.12 57.42 9.98
C LEU G 712 -28.20 58.37 10.48
N VAL G 713 -29.35 58.46 9.79
CA VAL G 713 -30.46 59.33 10.19
C VAL G 713 -31.40 58.61 11.15
N MET G 714 -32.20 59.40 11.87
CA MET G 714 -33.21 58.84 12.76
C MET G 714 -34.22 58.05 11.93
N GLN G 715 -34.58 56.86 12.40
CA GLN G 715 -35.45 55.95 11.67
C GLN G 715 -36.86 56.07 12.23
N ASN G 716 -37.82 56.51 11.41
CA ASN G 716 -39.21 56.62 11.88
C ASN G 716 -39.95 55.31 11.60
N LEU G 717 -40.38 54.66 12.68
CA LEU G 717 -41.12 53.40 12.54
C LEU G 717 -42.46 53.61 11.85
N GLY G 718 -43.00 54.82 11.94
CA GLY G 718 -44.25 55.13 11.28
C GLY G 718 -44.04 55.29 9.81
N GLU G 719 -44.79 54.53 9.02
CA GLU G 719 -44.58 54.49 7.57
C GLU G 719 -44.90 55.84 6.95
N THR G 720 -43.91 56.45 6.32
CA THR G 720 -44.04 57.68 5.56
C THR G 720 -43.58 57.41 4.14
N SER G 721 -44.37 57.86 3.15
CA SER G 721 -44.02 57.61 1.76
C SER G 721 -42.92 58.60 1.38
N THR G 722 -41.68 58.21 1.68
CA THR G 722 -40.52 59.02 1.34
C THR G 722 -40.20 58.86 -0.15
N PRO G 723 -39.57 59.87 -0.76
CA PRO G 723 -39.17 59.71 -2.18
C PRO G 723 -38.08 58.66 -2.38
N THR G 724 -37.11 58.62 -1.50
CA THR G 724 -36.03 57.65 -1.55
C THR G 724 -36.45 56.36 -0.88
N GLN G 725 -36.12 55.24 -1.52
CA GLN G 725 -36.34 53.91 -0.97
C GLN G 725 -35.00 53.20 -0.82
N GLY G 726 -34.74 52.67 0.36
CA GLY G 726 -33.49 51.99 0.62
C GLY G 726 -32.38 52.93 1.05
N SER G 727 -31.32 52.35 1.60
CA SER G 727 -30.19 53.14 2.07
C SER G 727 -28.94 52.28 2.05
N VAL G 728 -28.00 52.62 1.18
CA VAL G 728 -26.69 51.97 1.15
C VAL G 728 -25.61 53.03 1.34
N LEU G 729 -24.82 52.86 2.40
CA LEU G 729 -23.65 53.68 2.66
C LEU G 729 -22.42 53.03 2.04
N PHE G 730 -21.46 53.85 1.63
CA PHE G 730 -20.21 53.30 1.14
C PHE G 730 -19.02 54.16 1.55
N GLY G 731 -17.90 53.49 1.84
CA GLY G 731 -16.66 54.14 2.22
C GLY G 731 -15.66 54.07 1.09
N THR G 732 -14.76 55.05 1.03
CA THR G 732 -13.85 55.21 -0.10
C THR G 732 -12.41 55.40 0.40
N VAL G 733 -11.49 55.37 -0.57
CA VAL G 733 -10.06 55.45 -0.25
C VAL G 733 -9.68 56.82 0.28
N ASN G 734 -10.37 57.86 -0.15
CA ASN G 734 -10.06 59.22 0.24
C ASN G 734 -10.87 59.71 1.44
N GLY G 735 -11.57 58.80 2.12
CA GLY G 735 -12.34 59.17 3.28
C GLY G 735 -13.75 59.63 3.01
N MET G 736 -14.10 59.87 1.74
CA MET G 736 -15.46 60.23 1.40
C MET G 736 -16.42 59.10 1.80
N ILE G 737 -17.50 59.44 2.48
CA ILE G 737 -18.58 58.51 2.76
C ILE G 737 -19.79 58.96 1.96
N GLY G 738 -20.39 58.05 1.20
CA GLY G 738 -21.52 58.34 0.35
C GLY G 738 -22.73 57.49 0.65
N LEU G 739 -23.81 57.81 -0.06
CA LEU G 739 -25.11 57.19 0.15
C LEU G 739 -25.77 56.96 -1.20
N VAL G 740 -26.25 55.74 -1.41
CA VAL G 740 -26.98 55.36 -2.61
C VAL G 740 -28.41 55.00 -2.20
N THR G 741 -29.38 55.47 -2.97
CA THR G 741 -30.78 55.14 -2.70
C THR G 741 -31.52 55.08 -4.02
N SER G 742 -32.67 54.44 -4.00
CA SER G 742 -33.49 54.25 -5.20
C SER G 742 -34.58 55.30 -5.27
N LEU G 743 -35.09 55.51 -6.48
CA LEU G 743 -36.16 56.47 -6.72
C LEU G 743 -37.28 55.78 -7.50
N SER G 744 -38.48 56.38 -7.46
CA SER G 744 -39.54 56.01 -8.38
C SER G 744 -39.31 56.71 -9.72
N GLU G 745 -39.91 56.16 -10.78
CA GLU G 745 -39.70 56.75 -12.10
C GLU G 745 -40.05 58.23 -12.11
N SER G 746 -41.18 58.61 -11.50
CA SER G 746 -41.56 60.02 -11.49
C SER G 746 -40.50 60.88 -10.83
N TRP G 747 -39.94 60.40 -9.71
CA TRP G 747 -38.98 61.21 -8.96
C TRP G 747 -37.69 61.36 -9.73
N TYR G 748 -37.25 60.30 -10.39
CA TYR G 748 -36.07 60.38 -11.25
C TYR G 748 -36.26 61.45 -12.32
N ASN G 749 -37.32 61.33 -13.12
CA ASN G 749 -37.54 62.26 -14.22
C ASN G 749 -37.55 63.70 -13.72
N LEU G 750 -38.26 63.95 -12.62
CA LEU G 750 -38.30 65.30 -12.07
C LEU G 750 -36.91 65.78 -11.71
N LEU G 751 -36.16 64.95 -10.97
CA LEU G 751 -34.84 65.38 -10.51
C LEU G 751 -33.85 65.45 -11.66
N LEU G 752 -33.97 64.55 -12.63
CA LEU G 752 -33.12 64.62 -13.82
C LEU G 752 -33.38 65.91 -14.58
N ASP G 753 -34.67 66.25 -14.79
CA ASP G 753 -35.02 67.51 -15.44
C ASP G 753 -34.44 68.68 -14.66
N MET G 754 -34.45 68.60 -13.33
CA MET G 754 -33.89 69.68 -12.53
C MET G 754 -32.38 69.78 -12.70
N GLN G 755 -31.70 68.64 -12.79
CA GLN G 755 -30.25 68.67 -12.98
C GLN G 755 -29.87 69.42 -14.26
N ASN G 756 -30.45 68.98 -15.38
CA ASN G 756 -30.16 69.61 -16.67
C ASN G 756 -30.50 71.10 -16.65
N ARG G 757 -31.50 71.49 -15.86
CA ARG G 757 -31.78 72.91 -15.66
C ARG G 757 -30.73 73.55 -14.75
N LEU G 758 -30.35 72.86 -13.68
CA LEU G 758 -29.38 73.41 -12.74
C LEU G 758 -28.04 73.64 -13.43
N ASN G 759 -27.66 72.75 -14.34
CA ASN G 759 -26.36 72.86 -14.99
C ASN G 759 -26.27 74.10 -15.87
N LYS G 760 -27.39 74.49 -16.49
CA LYS G 760 -27.39 75.72 -17.28
C LYS G 760 -27.21 76.93 -16.38
N VAL G 761 -27.59 76.81 -15.12
CA VAL G 761 -27.55 77.93 -14.18
C VAL G 761 -26.23 78.03 -13.46
N ILE G 762 -25.69 76.89 -13.01
CA ILE G 762 -24.59 76.88 -12.06
C ILE G 762 -23.26 76.97 -12.80
N LYS G 763 -22.38 77.86 -12.33
CA LYS G 763 -21.04 78.01 -12.88
C LYS G 763 -20.05 77.13 -12.11
N SER G 764 -19.34 76.27 -12.84
CA SER G 764 -18.36 75.36 -12.26
C SER G 764 -16.96 75.95 -12.36
N VAL G 765 -16.13 75.63 -11.37
CA VAL G 765 -14.73 76.04 -11.43
C VAL G 765 -14.05 75.34 -12.58
N GLY G 766 -13.35 76.11 -13.42
CA GLY G 766 -12.74 75.59 -14.62
C GLY G 766 -13.65 75.43 -15.81
N LYS G 767 -14.92 75.80 -15.69
CA LYS G 767 -15.88 75.69 -16.79
C LYS G 767 -15.91 74.25 -17.32
N ILE G 768 -16.07 73.32 -16.37
CA ILE G 768 -16.16 71.88 -16.68
C ILE G 768 -17.63 71.48 -16.77
N GLU G 769 -18.02 70.90 -17.91
CA GLU G 769 -19.37 70.40 -18.08
C GLU G 769 -19.67 69.26 -17.11
N HIS G 770 -20.75 69.41 -16.34
CA HIS G 770 -21.14 68.38 -15.38
C HIS G 770 -21.37 67.04 -16.06
N SER G 771 -22.07 67.05 -17.21
CA SER G 771 -22.34 65.81 -17.91
C SER G 771 -21.06 65.06 -18.25
N PHE G 772 -20.00 65.80 -18.57
CA PHE G 772 -18.70 65.19 -18.86
C PHE G 772 -18.11 64.54 -17.60
N TRP G 773 -18.06 65.29 -16.50
CA TRP G 773 -17.48 64.79 -15.26
C TRP G 773 -18.13 63.49 -14.81
N ARG G 774 -19.46 63.46 -14.78
CA ARG G 774 -20.15 62.27 -14.29
C ARG G 774 -20.28 61.20 -15.36
N SER G 775 -19.72 61.42 -16.55
CA SER G 775 -19.74 60.39 -17.58
C SER G 775 -18.83 59.22 -17.20
N PHE G 776 -19.37 58.01 -17.34
CA PHE G 776 -18.63 56.77 -17.11
C PHE G 776 -17.31 56.80 -17.87
N HIS G 777 -16.22 56.52 -17.16
CA HIS G 777 -14.91 56.71 -17.79
C HIS G 777 -13.89 55.68 -17.34
N THR G 778 -13.38 54.93 -18.32
CA THR G 778 -12.18 54.11 -18.20
C THR G 778 -11.18 54.62 -19.24
N GLU G 779 -9.93 54.16 -19.17
CA GLU G 779 -8.98 54.54 -20.20
C GLU G 779 -9.47 54.15 -21.59
N ARG G 780 -10.27 53.11 -21.70
CA ARG G 780 -10.73 52.63 -23.00
C ARG G 780 -12.08 53.17 -23.43
N LYS G 781 -13.06 53.35 -22.54
CA LYS G 781 -14.36 53.82 -22.99
C LYS G 781 -14.85 55.00 -22.15
N THR G 782 -15.76 55.77 -22.75
CA THR G 782 -16.47 56.86 -22.07
C THR G 782 -17.91 56.90 -22.54
N GLU G 783 -18.86 56.79 -21.62
CA GLU G 783 -20.28 56.85 -21.92
C GLU G 783 -20.95 57.86 -21.00
N PRO G 784 -22.04 58.49 -21.45
CA PRO G 784 -22.79 59.39 -20.58
C PRO G 784 -23.49 58.66 -19.44
N ALA G 785 -23.56 59.32 -18.29
CA ALA G 785 -24.19 58.72 -17.13
C ALA G 785 -25.66 58.44 -17.39
N THR G 786 -26.19 57.43 -16.72
CA THR G 786 -27.59 57.06 -16.87
C THR G 786 -28.08 56.36 -15.61
N GLY G 787 -29.32 56.64 -15.23
CA GLY G 787 -29.92 55.98 -14.09
C GLY G 787 -29.46 56.50 -12.75
N PHE G 788 -28.72 57.59 -12.72
CA PHE G 788 -28.17 58.14 -11.49
C PHE G 788 -28.42 59.63 -11.40
N ILE G 789 -28.91 60.07 -10.24
CA ILE G 789 -29.09 61.49 -9.94
C ILE G 789 -27.95 61.93 -9.04
N ASP G 790 -27.21 62.96 -9.49
CA ASP G 790 -26.15 63.53 -8.68
C ASP G 790 -26.77 64.31 -7.52
N GLY G 791 -26.98 63.62 -6.39
CA GLY G 791 -27.66 64.25 -5.27
C GLY G 791 -26.99 65.52 -4.78
N ASP G 792 -25.67 65.60 -4.91
CA ASP G 792 -24.96 66.82 -4.53
C ASP G 792 -25.28 67.98 -5.45
N LEU G 793 -25.68 67.70 -6.69
CA LEU G 793 -26.16 68.77 -7.56
C LEU G 793 -27.57 69.19 -7.17
N ILE G 794 -28.44 68.21 -6.92
CA ILE G 794 -29.80 68.50 -6.47
C ILE G 794 -29.78 69.30 -5.17
N GLU G 795 -28.93 68.90 -4.22
CA GLU G 795 -28.91 69.60 -2.93
C GLU G 795 -28.32 71.00 -3.02
N SER G 796 -27.73 71.39 -4.16
CA SER G 796 -27.23 72.75 -4.31
C SER G 796 -28.31 73.74 -4.71
N PHE G 797 -29.49 73.27 -5.12
CA PHE G 797 -30.62 74.14 -5.42
C PHE G 797 -30.94 75.06 -4.24
N LEU G 798 -30.79 74.57 -3.02
CA LEU G 798 -31.11 75.39 -1.85
C LEU G 798 -30.15 76.55 -1.64
N ASP G 799 -29.02 76.58 -2.34
CA ASP G 799 -28.03 77.62 -2.16
C ASP G 799 -27.96 78.61 -3.31
N ILE G 800 -28.73 78.39 -4.39
CA ILE G 800 -28.64 79.28 -5.54
C ILE G 800 -29.55 80.48 -5.31
N SER G 801 -29.23 81.60 -5.94
CA SER G 801 -30.00 82.81 -5.74
C SER G 801 -31.41 82.66 -6.28
N ARG G 802 -32.32 83.47 -5.74
CA ARG G 802 -33.71 83.42 -6.18
C ARG G 802 -33.89 83.68 -7.67
N PRO G 803 -33.20 84.65 -8.31
CA PRO G 803 -33.35 84.78 -9.77
C PRO G 803 -33.07 83.47 -10.47
N LYS G 804 -32.07 82.74 -10.00
CA LYS G 804 -31.70 81.48 -10.62
C LYS G 804 -32.74 80.40 -10.30
N MET G 805 -33.31 80.42 -9.09
CA MET G 805 -34.37 79.47 -8.78
C MET G 805 -35.52 79.59 -9.79
N GLN G 806 -35.89 80.83 -10.14
CA GLN G 806 -36.94 81.03 -11.14
C GLN G 806 -36.53 80.49 -12.50
N GLU G 807 -35.25 80.64 -12.86
CA GLU G 807 -34.79 80.07 -14.12
C GLU G 807 -35.00 78.56 -14.15
N VAL G 808 -34.84 77.90 -13.00
CA VAL G 808 -34.98 76.46 -12.94
C VAL G 808 -36.45 76.02 -12.93
N VAL G 809 -37.30 76.68 -12.14
CA VAL G 809 -38.68 76.22 -12.02
C VAL G 809 -39.55 76.69 -13.17
N ALA G 810 -39.02 77.57 -14.02
CA ALA G 810 -39.74 78.09 -15.18
C ALA G 810 -40.09 76.99 -16.17
N ASN G 811 -41.34 76.99 -16.65
CA ASN G 811 -41.78 76.05 -17.67
C ASN G 811 -41.59 74.61 -17.21
N LEU G 812 -41.64 74.41 -15.89
CA LEU G 812 -41.47 73.11 -15.28
C LEU G 812 -42.75 72.58 -14.68
N GLN G 813 -43.13 71.37 -15.10
CA GLN G 813 -44.29 70.67 -14.57
C GLN G 813 -43.83 69.42 -13.83
N TYR G 814 -44.39 69.17 -12.65
CA TYR G 814 -44.06 68.01 -11.83
C TYR G 814 -45.38 67.38 -11.38
N ASP G 815 -45.31 66.11 -10.97
CA ASP G 815 -46.52 65.37 -10.64
C ASP G 815 -47.40 66.09 -9.62
N ASP G 816 -46.80 66.70 -8.59
CA ASP G 816 -47.55 67.52 -7.63
C ASP G 816 -48.74 66.76 -7.06
N GLY G 817 -48.48 65.56 -6.57
CA GLY G 817 -49.52 64.65 -6.15
C GLY G 817 -49.73 63.56 -7.18
N SER G 818 -50.73 62.73 -6.93
CA SER G 818 -51.16 61.71 -7.89
C SER G 818 -52.42 62.16 -8.62
N GLY G 819 -52.34 62.26 -9.95
CA GLY G 819 -53.48 62.57 -10.77
C GLY G 819 -53.65 64.03 -11.14
N MET G 820 -53.02 64.94 -10.41
CA MET G 820 -53.13 66.38 -10.64
C MET G 820 -51.72 66.88 -10.91
N LYS G 821 -51.47 67.31 -12.15
CA LYS G 821 -50.13 67.75 -12.56
C LYS G 821 -50.16 69.27 -12.72
N ARG G 822 -49.26 69.94 -12.00
CA ARG G 822 -49.23 71.40 -11.91
C ARG G 822 -47.81 71.92 -12.00
N GLU G 823 -47.69 73.10 -12.60
CA GLU G 823 -46.39 73.73 -12.76
C GLU G 823 -45.67 73.88 -11.43
N ALA G 824 -44.35 73.85 -11.52
CA ALA G 824 -43.50 73.85 -10.33
C ALA G 824 -43.16 75.29 -9.97
N THR G 825 -43.15 75.56 -8.67
CA THR G 825 -42.74 76.82 -8.11
C THR G 825 -41.45 76.60 -7.32
N ALA G 826 -40.73 77.68 -7.08
CA ALA G 826 -39.54 77.58 -6.24
C ALA G 826 -39.94 77.13 -4.83
N ASP G 827 -41.19 77.38 -4.43
CA ASP G 827 -41.65 76.91 -3.13
C ASP G 827 -41.87 75.40 -3.16
N ASP G 828 -42.36 74.87 -4.27
CA ASP G 828 -42.54 73.42 -4.38
C ASP G 828 -41.20 72.69 -4.38
N LEU G 829 -40.25 73.17 -5.19
CA LEU G 829 -38.98 72.46 -5.34
C LEU G 829 -38.12 72.53 -4.08
N ILE G 830 -38.16 73.67 -3.36
CA ILE G 830 -37.45 73.72 -2.08
C ILE G 830 -37.99 72.66 -1.13
N LYS G 831 -39.31 72.43 -1.17
CA LYS G 831 -39.88 71.35 -0.37
C LYS G 831 -39.31 70.01 -0.80
N VAL G 832 -39.14 69.83 -2.11
CA VAL G 832 -38.62 68.58 -2.65
C VAL G 832 -37.16 68.38 -2.24
N VAL G 833 -36.32 69.41 -2.47
CA VAL G 833 -34.90 69.25 -2.18
C VAL G 833 -34.67 69.08 -0.69
N GLU G 834 -35.35 69.87 0.14
CA GLU G 834 -35.10 69.79 1.58
C GLU G 834 -35.47 68.41 2.13
N GLU G 835 -36.51 67.78 1.59
CA GLU G 835 -36.83 66.42 2.03
C GLU G 835 -35.73 65.44 1.64
N LEU G 836 -35.09 65.66 0.48
CA LEU G 836 -34.02 64.77 0.06
C LEU G 836 -32.77 64.95 0.91
N THR G 837 -32.57 66.12 1.51
CA THR G 837 -31.42 66.31 2.38
C THR G 837 -31.57 65.56 3.69
N ARG G 838 -32.74 64.98 3.96
CA ARG G 838 -32.98 64.30 5.23
C ARG G 838 -32.59 62.82 5.19
N ILE G 839 -32.07 62.33 4.07
CA ILE G 839 -31.62 60.94 4.00
C ILE G 839 -30.23 60.74 4.56
N HIS G 840 -29.56 61.82 4.98
CA HIS G 840 -28.22 61.71 5.56
C HIS G 840 -28.01 62.86 6.54
N THR H 7 -14.99 5.93 -33.42
CA THR H 7 -13.63 6.33 -33.77
C THR H 7 -13.43 7.82 -33.46
N GLU H 8 -12.24 8.33 -33.79
CA GLU H 8 -11.89 9.71 -33.53
C GLU H 8 -12.60 10.69 -34.47
N SER H 9 -13.26 10.19 -35.50
CA SER H 9 -13.81 11.02 -36.56
C SER H 9 -15.32 11.13 -36.50
N ASP H 10 -16.01 10.20 -35.83
CA ASP H 10 -17.47 10.15 -35.82
C ASP H 10 -17.99 11.23 -34.87
N TRP H 11 -18.00 12.46 -35.38
CA TRP H 11 -18.50 13.60 -34.64
C TRP H 11 -20.02 13.59 -34.65
N GLY H 12 -20.60 14.35 -33.72
CA GLY H 12 -22.02 14.50 -33.63
C GLY H 12 -22.78 13.39 -32.95
N LYS H 13 -22.11 12.29 -32.62
CA LYS H 13 -22.76 11.15 -31.98
C LYS H 13 -22.60 11.13 -30.48
N ARG H 14 -21.42 11.48 -29.97
CA ARG H 14 -21.19 11.47 -28.54
C ARG H 14 -22.00 12.56 -27.85
N CYS H 15 -22.56 12.23 -26.69
CA CYS H 15 -23.50 13.09 -25.99
C CYS H 15 -22.75 14.09 -25.11
N VAL H 16 -23.34 15.28 -24.95
CA VAL H 16 -22.77 16.28 -24.08
C VAL H 16 -22.76 15.83 -22.62
N ASP H 17 -23.46 14.74 -22.30
CA ASP H 17 -23.39 14.15 -20.97
C ASP H 17 -21.96 13.91 -20.52
N LYS H 18 -21.03 13.78 -21.46
CA LYS H 18 -19.64 13.49 -21.14
C LYS H 18 -18.87 14.73 -20.68
N PHE H 19 -19.56 15.85 -20.46
CA PHE H 19 -18.96 17.07 -19.94
C PHE H 19 -19.73 17.55 -18.71
N ASP H 20 -19.00 17.94 -17.67
CA ASP H 20 -19.56 18.66 -16.55
C ASP H 20 -19.59 20.15 -16.88
N ILE H 21 -20.78 20.73 -17.00
CA ILE H 21 -20.86 22.15 -17.30
C ILE H 21 -20.45 22.96 -16.09
N ILE H 22 -19.52 23.89 -16.28
CA ILE H 22 -19.04 24.73 -15.18
C ILE H 22 -19.78 26.05 -15.11
N GLY H 23 -20.13 26.63 -16.25
CA GLY H 23 -20.83 27.91 -16.27
C GLY H 23 -20.88 28.45 -17.69
N ILE H 24 -21.42 29.65 -17.81
CA ILE H 24 -21.65 30.29 -19.11
C ILE H 24 -20.60 31.39 -19.28
N ILE H 25 -19.64 31.15 -20.19
CA ILE H 25 -18.55 32.10 -20.39
C ILE H 25 -18.97 33.27 -21.26
N GLY H 26 -19.93 33.06 -22.14
CA GLY H 26 -20.38 34.12 -23.01
C GLY H 26 -21.61 33.69 -23.78
N GLU H 27 -22.29 34.68 -24.35
CA GLU H 27 -23.49 34.47 -25.15
C GLU H 27 -23.16 34.81 -26.60
N GLY H 28 -23.33 33.82 -27.48
CA GLY H 28 -22.96 33.96 -28.87
C GLY H 28 -24.12 34.25 -29.79
N THR H 29 -23.86 34.17 -31.09
CA THR H 29 -24.83 34.59 -32.09
C THR H 29 -26.09 33.73 -32.03
N TYR H 30 -25.94 32.40 -32.12
CA TYR H 30 -27.07 31.48 -32.17
C TYR H 30 -27.15 30.58 -30.93
N GLY H 31 -26.68 31.04 -29.79
CA GLY H 31 -26.65 30.22 -28.61
C GLY H 31 -25.73 30.83 -27.56
N GLN H 32 -25.47 30.03 -26.53
CA GLN H 32 -24.66 30.43 -25.39
C GLN H 32 -23.43 29.54 -25.30
N VAL H 33 -22.28 30.15 -25.03
CA VAL H 33 -21.05 29.40 -24.87
C VAL H 33 -20.84 29.10 -23.40
N TYR H 34 -20.54 27.84 -23.09
CA TYR H 34 -20.37 27.37 -21.72
C TYR H 34 -18.95 26.84 -21.54
N LYS H 35 -18.36 27.09 -20.36
CA LYS H 35 -17.14 26.41 -19.95
C LYS H 35 -17.51 25.04 -19.38
N ALA H 36 -16.59 24.09 -19.49
CA ALA H 36 -16.90 22.74 -19.04
C ALA H 36 -15.64 21.90 -18.87
N LYS H 37 -15.77 20.82 -18.09
CA LYS H 37 -14.72 19.84 -17.87
C LYS H 37 -15.14 18.52 -18.52
N ASP H 38 -14.19 17.86 -19.17
CA ASP H 38 -14.43 16.53 -19.73
C ASP H 38 -14.36 15.49 -18.61
N LYS H 39 -15.38 14.62 -18.53
CA LYS H 39 -15.42 13.68 -17.43
C LYS H 39 -14.36 12.60 -17.54
N ASP H 40 -13.97 12.22 -18.76
CA ASP H 40 -13.02 11.12 -18.93
C ASP H 40 -11.57 11.59 -18.79
N THR H 41 -11.26 12.76 -19.37
CA THR H 41 -9.88 13.23 -19.44
C THR H 41 -9.57 14.37 -18.48
N GLY H 42 -10.59 15.05 -17.96
CA GLY H 42 -10.38 16.20 -17.11
C GLY H 42 -10.08 17.49 -17.83
N GLU H 43 -9.90 17.45 -19.15
CA GLU H 43 -9.54 18.66 -19.88
C GLU H 43 -10.63 19.71 -19.77
N LEU H 44 -10.22 20.97 -19.66
CA LEU H 44 -11.16 22.08 -19.76
C LEU H 44 -11.43 22.35 -21.23
N VAL H 45 -12.70 22.64 -21.54
CA VAL H 45 -13.14 22.93 -22.89
C VAL H 45 -14.21 24.01 -22.80
N ALA H 46 -14.58 24.55 -23.96
CA ALA H 46 -15.69 25.49 -24.06
C ALA H 46 -16.63 24.99 -25.14
N LEU H 47 -17.93 24.93 -24.83
CA LEU H 47 -18.94 24.38 -25.72
C LEU H 47 -19.80 25.52 -26.24
N LYS H 48 -19.93 25.61 -27.57
CA LYS H 48 -20.84 26.55 -28.22
C LYS H 48 -22.13 25.80 -28.54
N LYS H 49 -23.24 26.21 -27.92
CA LYS H 49 -24.53 25.54 -28.12
C LYS H 49 -25.13 26.05 -29.42
N VAL H 50 -25.23 25.16 -30.42
CA VAL H 50 -25.90 25.49 -31.68
C VAL H 50 -27.36 25.05 -31.55
N ARG H 51 -28.26 26.02 -31.51
CA ARG H 51 -29.68 25.74 -31.33
C ARG H 51 -30.35 25.65 -32.69
N LEU H 52 -30.88 24.46 -32.99
CA LEU H 52 -31.69 24.29 -34.18
C LEU H 52 -33.17 24.53 -33.93
N ASP H 53 -33.53 24.88 -32.69
CA ASP H 53 -34.94 25.08 -32.36
C ASP H 53 -35.58 26.16 -33.21
N ASN H 54 -34.80 27.11 -33.75
CA ASN H 54 -35.37 28.12 -34.62
C ASN H 54 -36.09 27.47 -35.80
N GLU H 55 -35.51 26.41 -36.35
CA GLU H 55 -36.10 25.67 -37.47
C GLU H 55 -36.58 26.59 -38.58
N LYS H 56 -36.06 27.83 -38.60
CA LYS H 56 -36.35 28.74 -39.69
C LYS H 56 -35.69 28.24 -40.98
N GLU H 57 -34.38 28.08 -40.95
CA GLU H 57 -33.63 27.46 -42.04
C GLU H 57 -32.67 26.43 -41.49
N GLY H 58 -33.03 25.81 -40.35
CA GLY H 58 -32.26 24.68 -39.86
C GLY H 58 -30.94 25.10 -39.25
N PHE H 59 -29.92 24.27 -39.50
CA PHE H 59 -28.60 24.52 -38.92
C PHE H 59 -28.07 25.87 -39.38
N PRO H 60 -27.62 26.73 -38.45
CA PRO H 60 -27.13 28.05 -38.87
C PRO H 60 -25.91 27.96 -39.78
N ILE H 61 -25.73 29.00 -40.58
CA ILE H 61 -24.54 29.04 -41.42
C ILE H 61 -23.32 29.52 -40.63
N THR H 62 -23.51 30.51 -39.74
CA THR H 62 -22.39 30.94 -38.90
C THR H 62 -21.67 29.73 -38.32
N ALA H 63 -22.44 28.73 -37.87
CA ALA H 63 -21.83 27.51 -37.35
C ALA H 63 -21.34 26.61 -38.48
N ILE H 64 -22.08 26.54 -39.58
CA ILE H 64 -21.63 25.71 -40.71
C ILE H 64 -20.26 26.16 -41.19
N ARG H 65 -20.12 27.46 -41.44
CA ARG H 65 -18.83 27.98 -41.87
C ARG H 65 -17.73 27.62 -40.87
N GLU H 66 -17.94 27.95 -39.59
CA GLU H 66 -16.90 27.72 -38.59
C GLU H 66 -16.46 26.25 -38.60
N ILE H 67 -17.42 25.33 -38.67
CA ILE H 67 -17.08 23.90 -38.72
C ILE H 67 -16.35 23.58 -40.01
N LYS H 68 -16.95 23.94 -41.15
CA LYS H 68 -16.33 23.70 -42.45
C LYS H 68 -14.88 24.15 -42.46
N ILE H 69 -14.60 25.30 -41.85
CA ILE H 69 -13.29 25.92 -41.99
C ILE H 69 -12.32 25.42 -40.93
N LEU H 70 -12.76 25.30 -39.68
CA LEU H 70 -11.82 24.91 -38.64
C LEU H 70 -11.44 23.43 -38.70
N ARG H 71 -12.22 22.59 -39.39
CA ARG H 71 -11.75 21.25 -39.68
C ARG H 71 -10.76 21.22 -40.84
N GLN H 72 -10.50 22.36 -41.46
CA GLN H 72 -9.47 22.47 -42.49
C GLN H 72 -8.20 23.14 -41.99
N LEU H 73 -8.29 23.92 -40.91
CA LEU H 73 -7.16 24.68 -40.41
C LEU H 73 -6.55 23.96 -39.22
N ILE H 74 -5.26 23.62 -39.34
CA ILE H 74 -4.46 23.12 -38.25
C ILE H 74 -3.33 24.13 -38.06
N HIS H 75 -3.35 24.87 -36.95
CA HIS H 75 -2.23 25.76 -36.67
C HIS H 75 -2.22 26.08 -35.19
N ARG H 76 -1.01 26.25 -34.65
CA ARG H 76 -0.85 26.49 -33.22
C ARG H 76 -1.57 27.75 -32.77
N SER H 77 -1.85 28.66 -33.69
CA SER H 77 -2.39 29.98 -33.35
C SER H 77 -3.79 30.18 -33.88
N VAL H 78 -4.46 29.12 -34.32
CA VAL H 78 -5.87 29.12 -34.67
C VAL H 78 -6.60 28.21 -33.68
N VAL H 79 -7.84 28.58 -33.38
CA VAL H 79 -8.63 27.85 -32.39
C VAL H 79 -8.95 26.47 -32.94
N ASN H 80 -8.73 25.44 -32.12
CA ASN H 80 -8.91 24.06 -32.56
C ASN H 80 -10.27 23.55 -32.12
N MET H 81 -11.09 23.15 -33.09
CA MET H 81 -12.35 22.49 -32.80
C MET H 81 -12.08 21.01 -32.56
N LYS H 82 -12.44 20.52 -31.37
CA LYS H 82 -12.06 19.19 -30.94
C LYS H 82 -13.06 18.12 -31.36
N GLU H 83 -14.35 18.39 -31.23
CA GLU H 83 -15.39 17.49 -31.70
C GLU H 83 -16.71 18.24 -31.65
N ILE H 84 -17.79 17.53 -31.99
CA ILE H 84 -19.15 18.02 -31.88
C ILE H 84 -19.98 16.99 -31.13
N VAL H 85 -20.74 17.45 -30.15
CA VAL H 85 -21.58 16.59 -29.32
C VAL H 85 -23.00 17.12 -29.36
N THR H 86 -23.94 16.29 -28.91
CA THR H 86 -25.36 16.57 -29.05
C THR H 86 -26.09 16.39 -27.72
N ASP H 87 -27.21 17.10 -27.59
CA ASP H 87 -28.11 16.89 -26.46
C ASP H 87 -28.69 15.48 -26.50
N LYS H 88 -28.99 14.93 -25.33
CA LYS H 88 -29.49 13.57 -25.26
C LYS H 88 -30.65 13.39 -26.22
N GLN H 89 -30.47 12.51 -27.20
CA GLN H 89 -31.52 12.22 -28.18
C GLN H 89 -32.44 11.15 -27.62
N ASP H 90 -33.18 11.54 -26.58
CA ASP H 90 -33.96 10.57 -25.82
C ASP H 90 -35.02 9.89 -26.68
N ALA H 91 -35.57 10.59 -27.66
CA ALA H 91 -36.65 10.02 -28.46
C ALA H 91 -36.11 8.92 -29.39
N LEU H 92 -36.85 7.82 -29.48
CA LEU H 92 -36.48 6.75 -30.40
C LEU H 92 -36.75 7.16 -31.85
N ASP H 93 -37.85 7.87 -32.09
CA ASP H 93 -38.14 8.46 -33.38
C ASP H 93 -37.36 9.76 -33.50
N PHE H 94 -36.51 9.87 -34.52
CA PHE H 94 -35.67 11.06 -34.67
C PHE H 94 -36.49 12.31 -34.96
N LYS H 95 -37.74 12.16 -35.42
CA LYS H 95 -38.55 13.33 -35.74
C LYS H 95 -38.86 14.15 -34.49
N LYS H 96 -38.94 13.51 -33.33
CA LYS H 96 -39.33 14.20 -32.11
C LYS H 96 -38.18 15.01 -31.52
N ASP H 97 -36.94 14.63 -31.79
CA ASP H 97 -35.78 15.25 -31.16
C ASP H 97 -35.65 16.70 -31.60
N LYS H 98 -35.67 17.61 -30.63
CA LYS H 98 -35.46 19.04 -30.87
C LYS H 98 -34.29 19.58 -30.05
N GLY H 99 -33.32 18.73 -29.73
CA GLY H 99 -32.15 19.13 -29.00
C GLY H 99 -31.17 19.89 -29.85
N ALA H 100 -30.10 20.36 -29.21
CA ALA H 100 -29.10 21.18 -29.86
C ALA H 100 -27.82 20.38 -30.13
N PHE H 101 -26.86 21.02 -30.80
CA PHE H 101 -25.51 20.51 -30.95
C PHE H 101 -24.54 21.44 -30.23
N TYR H 102 -23.39 20.92 -29.82
CA TYR H 102 -22.35 21.72 -29.18
C TYR H 102 -21.04 21.53 -29.93
N LEU H 103 -20.31 22.63 -30.11
CA LEU H 103 -18.99 22.62 -30.72
C LEU H 103 -17.94 22.70 -29.64
N VAL H 104 -17.13 21.64 -29.49
CA VAL H 104 -16.13 21.59 -28.44
C VAL H 104 -14.89 22.36 -28.90
N PHE H 105 -14.40 23.24 -28.04
CA PHE H 105 -13.15 23.98 -28.26
C PHE H 105 -12.28 23.85 -27.03
N GLU H 106 -10.96 23.95 -27.23
CA GLU H 106 -10.05 24.04 -26.10
C GLU H 106 -10.34 25.33 -25.30
N TYR H 107 -10.39 25.20 -23.98
CA TYR H 107 -10.60 26.38 -23.13
C TYR H 107 -9.32 27.19 -23.04
N MET H 108 -9.46 28.51 -23.11
CA MET H 108 -8.35 29.44 -22.98
C MET H 108 -8.55 30.27 -21.72
N ASP H 109 -7.44 30.67 -21.10
CA ASP H 109 -7.53 31.29 -19.78
C ASP H 109 -8.18 32.67 -19.85
N HIS H 110 -7.93 33.42 -20.91
CA HIS H 110 -8.41 34.80 -20.98
C HIS H 110 -8.73 35.17 -22.42
N ASP H 111 -9.46 36.28 -22.58
CA ASP H 111 -9.64 36.95 -23.87
C ASP H 111 -9.02 38.34 -23.76
N LEU H 112 -8.44 38.81 -24.86
CA LEU H 112 -7.63 40.02 -24.76
C LEU H 112 -8.47 41.26 -24.44
N MET H 113 -9.73 41.29 -24.88
CA MET H 113 -10.60 42.40 -24.48
C MET H 113 -10.78 42.41 -22.97
N GLY H 114 -11.04 41.24 -22.38
CA GLY H 114 -11.23 41.17 -20.95
C GLY H 114 -10.00 41.64 -20.17
N LEU H 115 -8.81 41.25 -20.63
CA LEU H 115 -7.60 41.67 -19.93
C LEU H 115 -7.32 43.15 -20.12
N LEU H 116 -7.64 43.70 -21.30
CA LEU H 116 -7.42 45.12 -21.53
C LEU H 116 -8.51 45.96 -20.87
N GLU H 117 -9.78 45.60 -21.08
CA GLU H 117 -10.89 46.38 -20.52
C GLU H 117 -10.74 46.51 -19.01
N SER H 118 -10.39 45.42 -18.34
CA SER H 118 -10.24 45.42 -16.88
C SER H 118 -8.91 46.04 -16.44
N GLY H 119 -8.06 46.44 -17.38
CA GLY H 119 -6.83 47.12 -17.05
C GLY H 119 -5.76 46.24 -16.43
N LEU H 120 -5.90 44.92 -16.56
CA LEU H 120 -5.11 43.96 -15.81
C LEU H 120 -3.94 43.39 -16.61
N VAL H 121 -3.57 44.05 -17.70
CA VAL H 121 -2.52 43.52 -18.59
C VAL H 121 -1.58 44.66 -18.97
N HIS H 122 -0.28 44.38 -18.91
CA HIS H 122 0.77 45.27 -19.37
C HIS H 122 1.59 44.53 -20.42
N PHE H 123 1.89 45.20 -21.53
CA PHE H 123 2.73 44.60 -22.55
C PHE H 123 4.01 45.41 -22.69
N SER H 124 5.14 44.72 -22.53
CA SER H 124 6.43 45.23 -22.95
C SER H 124 6.61 45.00 -24.45
N GLU H 125 7.67 45.57 -25.01
CA GLU H 125 7.97 45.34 -26.41
C GLU H 125 8.12 43.85 -26.70
N ASP H 126 8.84 43.14 -25.83
CA ASP H 126 9.06 41.71 -26.06
C ASP H 126 7.77 40.92 -25.96
N HIS H 127 6.82 41.39 -25.15
CA HIS H 127 5.50 40.74 -25.12
C HIS H 127 4.76 40.95 -26.44
N ILE H 128 4.86 42.17 -26.99
CA ILE H 128 4.17 42.46 -28.23
C ILE H 128 4.76 41.67 -29.39
N LYS H 129 6.10 41.53 -29.42
CA LYS H 129 6.71 40.73 -30.46
C LYS H 129 6.19 39.29 -30.40
N SER H 130 6.16 38.71 -29.19
CA SER H 130 5.68 37.34 -29.04
C SER H 130 4.21 37.22 -29.45
N PHE H 131 3.42 38.24 -29.15
CA PHE H 131 2.00 38.27 -29.51
C PHE H 131 1.84 38.40 -31.01
N MET H 132 2.42 39.45 -31.59
CA MET H 132 2.18 39.73 -33.00
C MET H 132 2.72 38.62 -33.90
N LYS H 133 3.85 38.01 -33.52
CA LYS H 133 4.36 36.94 -34.36
C LYS H 133 3.39 35.78 -34.41
N GLN H 134 2.75 35.47 -33.28
CA GLN H 134 1.79 34.37 -33.26
C GLN H 134 0.53 34.73 -34.05
N LEU H 135 -0.02 35.92 -33.82
CA LEU H 135 -1.22 36.34 -34.54
C LEU H 135 -0.98 36.32 -36.05
N MET H 136 0.09 36.97 -36.50
CA MET H 136 0.36 37.07 -37.92
C MET H 136 0.70 35.71 -38.52
N GLU H 137 1.41 34.87 -37.78
CA GLU H 137 1.65 33.51 -38.26
C GLU H 137 0.33 32.78 -38.48
N GLY H 138 -0.61 32.93 -37.56
CA GLY H 138 -1.91 32.31 -37.76
C GLY H 138 -2.66 32.90 -38.94
N LEU H 139 -2.69 34.23 -39.02
CA LEU H 139 -3.38 34.88 -40.13
C LEU H 139 -2.80 34.47 -41.47
N GLU H 140 -1.47 34.39 -41.57
CA GLU H 140 -0.85 33.92 -42.81
C GLU H 140 -1.33 32.51 -43.15
N TYR H 141 -1.33 31.62 -42.15
CA TYR H 141 -1.83 30.27 -42.40
C TYR H 141 -3.23 30.30 -42.99
N CYS H 142 -4.11 31.13 -42.43
CA CYS H 142 -5.47 31.22 -42.92
C CYS H 142 -5.51 31.82 -44.33
N HIS H 143 -4.78 32.92 -44.53
CA HIS H 143 -4.75 33.52 -45.86
C HIS H 143 -4.13 32.56 -46.88
N LYS H 144 -3.05 31.89 -46.51
CA LYS H 144 -2.44 30.92 -47.44
C LYS H 144 -3.44 29.84 -47.83
N LYS H 145 -4.35 29.48 -46.92
CA LYS H 145 -5.44 28.58 -47.25
C LYS H 145 -6.64 29.32 -47.86
N ASN H 146 -6.48 30.61 -48.17
CA ASN H 146 -7.47 31.42 -48.87
C ASN H 146 -8.74 31.63 -48.06
N PHE H 147 -8.59 31.98 -46.79
CA PHE H 147 -9.72 32.29 -45.92
C PHE H 147 -9.59 33.70 -45.38
N LEU H 148 -10.66 34.49 -45.52
CA LEU H 148 -10.76 35.78 -44.85
C LEU H 148 -11.36 35.57 -43.47
N HIS H 149 -10.84 36.29 -42.47
CA HIS H 149 -11.44 36.18 -41.14
C HIS H 149 -12.69 37.02 -41.04
N ARG H 150 -12.57 38.31 -41.35
CA ARG H 150 -13.66 39.28 -41.46
C ARG H 150 -14.22 39.72 -40.11
N ASP H 151 -13.66 39.29 -38.99
CA ASP H 151 -14.14 39.75 -37.70
C ASP H 151 -13.01 39.74 -36.66
N ILE H 152 -11.91 40.43 -36.96
CA ILE H 152 -10.79 40.46 -36.03
C ILE H 152 -11.00 41.61 -35.06
N LYS H 153 -11.14 41.26 -33.78
CA LYS H 153 -11.28 42.19 -32.66
C LYS H 153 -10.53 41.59 -31.48
N CYS H 154 -10.23 42.39 -30.46
CA CYS H 154 -9.57 41.83 -29.29
C CYS H 154 -10.43 40.75 -28.64
N SER H 155 -11.75 40.87 -28.79
CA SER H 155 -12.66 39.88 -28.21
C SER H 155 -12.46 38.50 -28.81
N ASN H 156 -11.97 38.42 -30.04
CA ASN H 156 -11.78 37.15 -30.72
C ASN H 156 -10.33 36.69 -30.78
N ILE H 157 -9.46 37.29 -29.99
CA ILE H 157 -8.10 36.80 -29.77
C ILE H 157 -8.07 36.23 -28.36
N LEU H 158 -7.79 34.94 -28.26
CA LEU H 158 -7.74 34.25 -26.97
C LEU H 158 -6.29 34.06 -26.53
N LEU H 159 -6.06 34.23 -25.24
CA LEU H 159 -4.74 34.18 -24.65
C LEU H 159 -4.84 33.31 -23.40
N ASN H 160 -4.02 32.27 -23.31
CA ASN H 160 -3.84 31.55 -22.05
C ASN H 160 -2.46 31.93 -21.50
N ASN H 161 -2.22 31.58 -20.24
CA ASN H 161 -1.21 32.30 -19.47
C ASN H 161 0.23 32.02 -19.91
N SER H 162 0.48 30.93 -20.62
CA SER H 162 1.81 30.71 -21.16
C SER H 162 2.26 31.87 -22.03
N GLY H 163 1.31 32.51 -22.71
CA GLY H 163 1.61 33.47 -23.75
C GLY H 163 1.15 33.01 -25.12
N GLN H 164 0.54 31.83 -25.21
CA GLN H 164 0.08 31.30 -26.47
C GLN H 164 -1.20 32.02 -26.89
N ILE H 165 -1.23 32.47 -28.12
CA ILE H 165 -2.34 33.22 -28.70
C ILE H 165 -3.07 32.30 -29.67
N LYS H 166 -4.39 32.43 -29.74
CA LYS H 166 -5.20 31.68 -30.71
C LYS H 166 -6.33 32.56 -31.21
N LEU H 167 -6.51 32.60 -32.53
CA LEU H 167 -7.62 33.33 -33.15
C LEU H 167 -8.89 32.49 -33.08
N ALA H 168 -10.03 33.14 -32.85
CA ALA H 168 -11.15 32.42 -32.27
C ALA H 168 -12.42 32.37 -33.13
N ASP H 169 -13.00 33.49 -33.55
CA ASP H 169 -14.36 33.45 -34.09
C ASP H 169 -14.34 33.41 -35.61
N PHE H 170 -14.47 32.21 -36.16
CA PHE H 170 -14.48 32.00 -37.61
C PHE H 170 -15.91 31.85 -38.15
N GLY H 171 -16.88 32.49 -37.50
CA GLY H 171 -18.26 32.42 -37.98
C GLY H 171 -18.54 33.29 -39.19
N LEU H 172 -17.66 34.23 -39.51
CA LEU H 172 -17.82 35.06 -40.69
C LEU H 172 -16.75 34.78 -41.73
N ALA H 173 -16.07 33.65 -41.62
CA ALA H 173 -14.93 33.36 -42.49
C ALA H 173 -15.42 32.89 -43.87
N ARG H 174 -14.87 33.48 -44.92
CA ARG H 174 -15.26 33.19 -46.29
C ARG H 174 -14.02 32.95 -47.13
N LEU H 175 -14.10 31.96 -48.02
CA LEU H 175 -13.02 31.70 -48.96
C LEU H 175 -12.89 32.89 -49.92
N TYR H 176 -11.65 33.18 -50.30
CA TYR H 176 -11.33 34.29 -51.19
C TYR H 176 -10.74 33.73 -52.47
N ASN H 177 -11.24 34.20 -53.61
CA ASN H 177 -10.68 33.89 -54.91
C ASN H 177 -10.32 35.20 -55.60
N SER H 178 -9.04 35.36 -55.93
CA SER H 178 -8.60 36.55 -56.66
C SER H 178 -9.07 36.50 -58.11
N GLU H 179 -8.85 35.37 -58.78
CA GLU H 179 -9.20 35.24 -60.18
C GLU H 179 -10.68 35.50 -60.41
N GLU H 180 -11.53 34.92 -59.57
CA GLU H 180 -12.98 35.13 -59.64
C GLU H 180 -13.39 36.00 -58.46
N SER H 181 -13.84 37.21 -58.77
CA SER H 181 -14.30 38.17 -57.78
C SER H 181 -15.82 38.07 -57.66
N ARG H 182 -16.30 37.69 -56.48
CA ARG H 182 -17.70 37.57 -56.15
C ARG H 182 -18.08 38.61 -55.09
N PRO H 183 -19.22 39.28 -55.24
CA PRO H 183 -19.56 40.35 -54.29
C PRO H 183 -19.79 39.81 -52.89
N TYR H 184 -19.10 40.41 -51.91
CA TYR H 184 -19.30 40.03 -50.51
C TYR H 184 -20.04 41.16 -49.75
N TPO H 185 -19.99 41.07 -48.42
CA TPO H 185 -20.77 41.91 -47.49
CB TPO H 185 -21.28 40.97 -46.29
CG2 TPO H 185 -22.73 41.28 -46.08
OG1 TPO H 185 -20.89 39.67 -46.76
P TPO H 185 -21.70 38.35 -46.28
O1P TPO H 185 -20.94 37.18 -46.80
O2P TPO H 185 -23.17 38.28 -46.93
O3P TPO H 185 -21.78 38.20 -44.68
C TPO H 185 -19.99 43.12 -46.99
O TPO H 185 -18.97 42.96 -46.34
HA TPO H 185 -21.53 42.31 -47.96
HB TPO H 185 -20.88 41.11 -45.28
HG21 TPO H 185 -23.11 40.71 -45.23
HG22 TPO H 185 -23.29 40.99 -46.97
HG23 TPO H 185 -22.86 42.34 -45.89
N ASN H 186 -20.48 44.31 -47.29
CA ASN H 186 -19.65 45.49 -47.04
C ASN H 186 -19.38 45.80 -45.57
N LYS H 187 -20.28 45.41 -44.68
CA LYS H 187 -20.16 45.72 -43.26
C LYS H 187 -19.83 44.42 -42.51
N VAL H 188 -18.52 44.12 -42.39
CA VAL H 188 -18.16 42.83 -41.78
C VAL H 188 -17.30 42.88 -40.53
N ILE H 189 -16.39 43.84 -40.40
CA ILE H 189 -15.57 43.91 -39.19
C ILE H 189 -16.18 44.96 -38.27
N THR H 190 -15.91 44.85 -36.96
CA THR H 190 -16.43 45.87 -36.06
C THR H 190 -15.84 47.22 -36.45
N LEU H 191 -16.61 48.28 -36.23
CA LEU H 191 -16.25 49.58 -36.81
C LEU H 191 -14.87 50.04 -36.39
N TRP H 192 -14.46 49.73 -35.16
CA TRP H 192 -13.15 50.21 -34.69
C TRP H 192 -12.02 49.61 -35.50
N TYR H 193 -12.13 48.33 -35.84
CA TYR H 193 -11.11 47.60 -36.57
C TYR H 193 -11.47 47.43 -38.05
N ARG H 194 -12.49 48.16 -38.56
CA ARG H 194 -12.88 48.01 -39.96
C ARG H 194 -11.97 48.87 -40.85
N PRO H 195 -11.52 48.33 -41.98
CA PRO H 195 -10.58 49.08 -42.84
C PRO H 195 -11.27 50.12 -43.68
N PRO H 196 -10.53 51.14 -44.13
CA PRO H 196 -11.17 52.25 -44.86
C PRO H 196 -11.88 51.83 -46.14
N GLU H 197 -11.39 50.81 -46.84
CA GLU H 197 -12.07 50.39 -48.07
C GLU H 197 -13.50 49.96 -47.77
N LEU H 198 -13.70 49.20 -46.69
CA LEU H 198 -15.05 48.78 -46.33
C LEU H 198 -15.90 49.98 -45.93
N LEU H 199 -15.31 50.94 -45.21
CA LEU H 199 -16.03 52.18 -44.93
C LEU H 199 -16.47 52.86 -46.22
N LEU H 200 -15.65 52.80 -47.26
CA LEU H 200 -15.96 53.45 -48.52
C LEU H 200 -16.70 52.53 -49.49
N GLY H 201 -17.24 51.42 -49.01
CA GLY H 201 -18.21 50.64 -49.76
C GLY H 201 -17.69 49.51 -50.62
N GLU H 202 -16.41 49.16 -50.51
CA GLU H 202 -15.89 48.06 -51.30
C GLU H 202 -16.64 46.78 -50.94
N GLU H 203 -17.12 46.07 -51.96
CA GLU H 203 -17.82 44.81 -51.78
C GLU H 203 -17.05 43.63 -52.35
N ARG H 204 -15.85 43.85 -52.89
CA ARG H 204 -15.01 42.80 -53.43
C ARG H 204 -13.63 42.91 -52.77
N TYR H 205 -13.59 42.68 -51.47
CA TYR H 205 -12.39 42.98 -50.70
C TYR H 205 -11.44 41.80 -50.64
N THR H 206 -10.23 42.09 -50.19
CA THR H 206 -9.11 41.18 -50.15
C THR H 206 -8.76 40.85 -48.71
N PRO H 207 -7.87 39.89 -48.49
CA PRO H 207 -7.38 39.63 -47.12
C PRO H 207 -6.74 40.85 -46.47
N ALA H 208 -6.50 41.92 -47.22
CA ALA H 208 -5.96 43.13 -46.63
C ALA H 208 -6.84 43.65 -45.50
N ILE H 209 -8.13 43.29 -45.50
CA ILE H 209 -9.00 43.73 -44.41
C ILE H 209 -8.50 43.20 -43.08
N ASP H 210 -8.12 41.92 -43.02
CA ASP H 210 -7.66 41.33 -41.78
C ASP H 210 -6.34 41.94 -41.33
N VAL H 211 -5.48 42.36 -42.27
CA VAL H 211 -4.24 43.00 -41.87
C VAL H 211 -4.51 44.35 -41.22
N TRP H 212 -5.39 45.15 -41.81
CA TRP H 212 -5.78 46.41 -41.18
C TRP H 212 -6.19 46.18 -39.73
N SER H 213 -7.17 45.30 -39.53
CA SER H 213 -7.63 45.00 -38.17
C SER H 213 -6.46 44.69 -37.24
N CYS H 214 -5.61 43.73 -37.62
CA CYS H 214 -4.47 43.40 -36.78
C CYS H 214 -3.56 44.59 -36.58
N GLY H 215 -3.44 45.45 -37.61
CA GLY H 215 -2.70 46.69 -37.43
C GLY H 215 -3.30 47.55 -36.34
N CYS H 216 -4.63 47.63 -36.29
CA CYS H 216 -5.28 48.36 -35.19
C CYS H 216 -4.90 47.76 -33.85
N ILE H 217 -4.77 46.44 -33.78
CA ILE H 217 -4.43 45.79 -32.51
C ILE H 217 -2.99 46.10 -32.14
N LEU H 218 -2.08 46.07 -33.11
CA LEU H 218 -0.68 46.41 -32.82
C LEU H 218 -0.59 47.75 -32.10
N GLY H 219 -1.25 48.77 -32.64
CA GLY H 219 -1.21 50.08 -32.02
C GLY H 219 -1.87 50.10 -30.66
N GLU H 220 -2.98 49.38 -30.51
CA GLU H 220 -3.66 49.33 -29.22
C GLU H 220 -2.77 48.74 -28.13
N LEU H 221 -1.91 47.79 -28.48
CA LEU H 221 -1.04 47.18 -27.47
C LEU H 221 -0.03 48.18 -26.94
N PHE H 222 0.38 49.15 -27.76
CA PHE H 222 1.31 50.18 -27.32
C PHE H 222 0.64 51.36 -26.62
N THR H 223 -0.70 51.45 -26.68
CA THR H 223 -1.44 52.47 -25.96
C THR H 223 -2.42 51.93 -24.95
N LYS H 224 -2.82 50.65 -25.07
CA LYS H 224 -3.82 50.02 -24.21
C LYS H 224 -5.21 50.60 -24.44
N LYS H 225 -5.40 51.36 -25.52
CA LYS H 225 -6.67 51.95 -25.89
C LYS H 225 -6.83 51.87 -27.40
N PRO H 226 -7.99 51.45 -27.91
CA PRO H 226 -8.16 51.38 -29.37
C PRO H 226 -7.83 52.70 -30.04
N ILE H 227 -7.39 52.60 -31.30
CA ILE H 227 -6.89 53.77 -32.02
C ILE H 227 -8.05 54.60 -32.57
N PHE H 228 -9.02 53.93 -33.18
CA PHE H 228 -10.13 54.59 -33.87
C PHE H 228 -11.43 54.20 -33.20
N GLN H 229 -11.94 55.07 -32.32
CA GLN H 229 -13.19 54.81 -31.61
C GLN H 229 -14.21 55.84 -32.03
N ALA H 230 -15.22 55.38 -32.77
CA ALA H 230 -16.37 56.18 -33.15
C ALA H 230 -17.54 55.22 -33.20
N ASN H 231 -18.75 55.79 -33.32
CA ASN H 231 -19.96 54.98 -33.35
C ASN H 231 -20.58 54.87 -34.73
N LEU H 232 -20.19 55.71 -35.67
CA LEU H 232 -20.79 55.77 -37.00
C LEU H 232 -19.69 55.79 -38.05
N GLU H 233 -20.03 55.24 -39.21
CA GLU H 233 -19.01 54.88 -40.19
C GLU H 233 -18.33 56.13 -40.76
N LEU H 234 -19.07 57.22 -40.95
CA LEU H 234 -18.41 58.45 -41.39
C LEU H 234 -17.47 58.98 -40.31
N ALA H 235 -17.92 58.98 -39.05
CA ALA H 235 -17.05 59.43 -37.96
C ALA H 235 -15.78 58.59 -37.91
N GLN H 236 -15.92 57.30 -38.20
CA GLN H 236 -14.75 56.41 -38.21
C GLN H 236 -13.78 56.80 -39.33
N LEU H 237 -14.29 56.97 -40.54
CA LEU H 237 -13.44 57.39 -41.65
C LEU H 237 -12.75 58.71 -41.34
N GLU H 238 -13.42 59.59 -40.58
CA GLU H 238 -12.78 60.84 -40.20
C GLU H 238 -11.61 60.61 -39.24
N LEU H 239 -11.80 59.72 -38.27
CA LEU H 239 -10.71 59.43 -37.34
C LEU H 239 -9.54 58.79 -38.06
N ILE H 240 -9.83 57.79 -38.90
CA ILE H 240 -8.78 57.17 -39.72
C ILE H 240 -8.05 58.24 -40.52
N SER H 241 -8.79 59.17 -41.11
CA SER H 241 -8.19 60.16 -41.99
C SER H 241 -7.23 61.08 -41.24
N ARG H 242 -7.61 61.50 -40.03
CA ARG H 242 -6.77 62.42 -39.28
C ARG H 242 -5.39 61.83 -39.02
N LEU H 243 -5.30 60.52 -38.89
CA LEU H 243 -4.05 59.86 -38.57
C LEU H 243 -3.30 59.40 -39.81
N CYS H 244 -4.00 58.70 -40.71
CA CYS H 244 -3.38 58.06 -41.85
C CYS H 244 -3.32 58.95 -43.08
N GLY H 245 -4.05 60.04 -43.09
CA GLY H 245 -4.28 60.81 -44.30
C GLY H 245 -5.64 60.50 -44.89
N SER H 246 -6.19 61.47 -45.62
CA SER H 246 -7.50 61.26 -46.22
C SER H 246 -7.37 60.33 -47.43
N PRO H 247 -8.37 59.49 -47.67
CA PRO H 247 -8.39 58.73 -48.93
C PRO H 247 -8.49 59.67 -50.12
N CYS H 248 -7.55 59.53 -51.04
CA CYS H 248 -7.52 60.35 -52.24
C CYS H 248 -6.73 59.60 -53.31
N PRO H 249 -6.93 59.93 -54.58
CA PRO H 249 -6.22 59.20 -55.65
C PRO H 249 -4.71 59.36 -55.61
N ALA H 250 -4.20 60.41 -54.98
CA ALA H 250 -2.74 60.59 -54.94
C ALA H 250 -2.06 59.42 -54.24
N VAL H 251 -2.69 58.87 -53.20
CA VAL H 251 -2.10 57.78 -52.42
C VAL H 251 -2.83 56.47 -52.59
N TRP H 252 -3.99 56.48 -53.25
CA TRP H 252 -4.85 55.30 -53.36
C TRP H 252 -5.54 55.39 -54.72
N PRO H 253 -4.78 55.16 -55.80
CA PRO H 253 -5.27 55.54 -57.13
C PRO H 253 -6.66 55.02 -57.46
N ASP H 254 -7.00 53.82 -57.00
CA ASP H 254 -8.28 53.21 -57.34
C ASP H 254 -9.39 53.57 -56.37
N VAL H 255 -9.19 54.56 -55.50
CA VAL H 255 -10.25 54.91 -54.57
C VAL H 255 -11.44 55.48 -55.33
N ILE H 256 -11.19 56.13 -56.48
CA ILE H 256 -12.25 56.76 -57.26
C ILE H 256 -13.26 55.75 -57.77
N ARG H 257 -12.91 54.46 -57.76
CA ARG H 257 -13.89 53.44 -58.13
C ARG H 257 -14.86 53.14 -57.00
N LEU H 258 -14.60 53.58 -55.81
CA LEU H 258 -15.39 53.09 -54.69
C LEU H 258 -16.73 53.81 -54.62
N PRO H 259 -17.80 53.08 -54.31
CA PRO H 259 -19.14 53.70 -54.28
C PRO H 259 -19.17 55.03 -53.58
N TYR H 260 -18.72 55.05 -52.32
CA TYR H 260 -18.91 56.20 -51.46
C TYR H 260 -17.71 57.13 -51.43
N PHE H 261 -16.87 57.10 -52.46
CA PHE H 261 -15.69 57.96 -52.41
C PHE H 261 -16.07 59.44 -52.49
N ASN H 262 -17.06 59.78 -53.33
CA ASN H 262 -17.59 61.13 -53.34
C ASN H 262 -18.47 61.39 -52.12
N THR H 263 -19.21 60.36 -51.71
CA THR H 263 -20.22 60.52 -50.66
C THR H 263 -19.59 60.78 -49.30
N MET H 264 -18.66 59.91 -48.88
CA MET H 264 -18.10 59.96 -47.53
C MET H 264 -16.76 60.70 -47.53
N LYS H 265 -16.84 62.01 -47.69
CA LYS H 265 -15.60 62.77 -47.65
C LYS H 265 -15.24 63.12 -46.20
N PRO H 266 -13.95 63.16 -45.88
CA PRO H 266 -13.53 63.69 -44.57
C PRO H 266 -13.60 65.21 -44.51
N LYS H 267 -13.71 65.72 -43.27
CA LYS H 267 -13.80 67.15 -43.00
C LYS H 267 -12.82 67.93 -43.86
N LYS H 268 -11.60 67.42 -43.99
CA LYS H 268 -10.58 68.07 -44.80
C LYS H 268 -9.93 67.05 -45.74
N GLN H 269 -8.83 67.44 -46.36
CA GLN H 269 -7.90 66.53 -47.03
C GLN H 269 -6.66 66.46 -46.13
N TYR H 270 -6.72 65.58 -45.14
CA TYR H 270 -5.69 65.52 -44.11
C TYR H 270 -4.40 64.90 -44.63
N ARG H 271 -3.28 65.30 -44.02
CA ARG H 271 -1.99 64.67 -44.26
C ARG H 271 -1.81 63.46 -43.34
N ARG H 272 -0.87 62.59 -43.71
CA ARG H 272 -0.56 61.46 -42.85
C ARG H 272 0.31 61.91 -41.68
N ARG H 273 -0.14 61.59 -40.47
CA ARG H 273 0.56 61.95 -39.24
C ARG H 273 0.94 60.72 -38.44
N LEU H 274 0.80 59.53 -39.01
CA LEU H 274 0.90 58.31 -38.23
C LEU H 274 2.24 58.21 -37.50
N ARG H 275 3.33 58.42 -38.22
CA ARG H 275 4.64 58.35 -37.57
C ARG H 275 4.80 59.43 -36.52
N GLU H 276 4.16 60.58 -36.71
CA GLU H 276 4.23 61.64 -35.72
C GLU H 276 3.48 61.24 -34.46
N GLU H 277 2.19 60.93 -34.59
CA GLU H 277 1.36 60.68 -33.42
C GLU H 277 1.67 59.34 -32.75
N PHE H 278 2.44 58.46 -33.39
CA PHE H 278 2.98 57.27 -32.73
C PHE H 278 4.50 57.35 -32.58
N SER H 279 5.05 58.55 -32.47
CA SER H 279 6.51 58.67 -32.41
C SER H 279 7.10 57.94 -31.22
N PHE H 280 6.31 57.68 -30.17
CA PHE H 280 6.77 56.98 -28.98
C PHE H 280 6.85 55.48 -29.15
N ILE H 281 6.68 54.96 -30.37
CA ILE H 281 6.76 53.52 -30.61
C ILE H 281 8.16 53.22 -31.12
N PRO H 282 8.73 52.06 -30.77
CA PRO H 282 10.05 51.69 -31.32
C PRO H 282 10.07 51.74 -32.84
N SER H 283 11.27 51.89 -33.39
CA SER H 283 11.40 52.10 -34.83
C SER H 283 10.94 50.88 -35.61
N ALA H 284 11.45 49.70 -35.27
CA ALA H 284 11.04 48.50 -36.00
C ALA H 284 9.52 48.36 -35.98
N ALA H 285 8.90 48.64 -34.83
CA ALA H 285 7.44 48.49 -34.72
C ALA H 285 6.72 49.58 -35.50
N LEU H 286 7.13 50.84 -35.31
CA LEU H 286 6.44 51.95 -35.98
C LEU H 286 6.41 51.72 -37.49
N ASP H 287 7.49 51.19 -38.04
CA ASP H 287 7.54 50.84 -39.46
C ASP H 287 6.50 49.78 -39.79
N LEU H 288 6.29 48.82 -38.88
CA LEU H 288 5.26 47.81 -39.10
C LEU H 288 3.86 48.43 -39.09
N LEU H 289 3.61 49.33 -38.15
CA LEU H 289 2.31 49.99 -38.09
C LEU H 289 2.03 50.79 -39.36
N ASP H 290 3.00 51.60 -39.79
CA ASP H 290 2.80 52.43 -40.98
C ASP H 290 2.32 51.60 -42.16
N HIS H 291 2.84 50.38 -42.29
CA HIS H 291 2.48 49.55 -43.43
C HIS H 291 1.14 48.88 -43.25
N MET H 292 0.88 48.35 -42.04
CA MET H 292 -0.42 47.72 -41.80
C MET H 292 -1.56 48.72 -41.93
N LEU H 293 -1.37 49.93 -41.40
CA LEU H 293 -2.39 50.97 -41.48
C LEU H 293 -2.13 51.88 -42.67
N THR H 294 -2.07 51.24 -43.84
CA THR H 294 -1.93 51.90 -45.14
C THR H 294 -3.28 51.88 -45.83
N LEU H 295 -3.71 53.02 -46.36
CA LEU H 295 -5.10 53.14 -46.80
C LEU H 295 -5.37 52.20 -47.99
N ASP H 296 -4.55 52.25 -49.02
CA ASP H 296 -4.80 51.47 -50.24
C ASP H 296 -4.52 50.00 -49.98
N PRO H 297 -5.56 49.15 -49.95
CA PRO H 297 -5.32 47.73 -49.62
C PRO H 297 -4.33 47.05 -50.56
N SER H 298 -4.17 47.53 -51.78
CA SER H 298 -3.18 46.94 -52.68
C SER H 298 -1.75 47.34 -52.30
N LYS H 299 -1.58 48.41 -51.54
CA LYS H 299 -0.29 48.82 -51.01
C LYS H 299 -0.07 48.34 -49.59
N ARG H 300 -1.11 47.84 -48.92
CA ARG H 300 -1.00 47.36 -47.54
C ARG H 300 -0.24 46.04 -47.50
N CYS H 301 0.75 45.95 -46.63
CA CYS H 301 1.57 44.75 -46.54
C CYS H 301 0.71 43.54 -46.22
N THR H 302 1.24 42.36 -46.54
CA THR H 302 0.57 41.09 -46.30
C THR H 302 1.09 40.46 -45.01
N ALA H 303 0.37 39.43 -44.55
CA ALA H 303 0.79 38.75 -43.34
C ALA H 303 2.20 38.20 -43.46
N GLU H 304 2.50 37.55 -44.60
CA GLU H 304 3.87 37.08 -44.79
C GLU H 304 4.87 38.22 -44.67
N GLN H 305 4.57 39.36 -45.28
CA GLN H 305 5.49 40.49 -45.24
C GLN H 305 5.74 40.95 -43.81
N THR H 306 4.72 40.89 -42.94
CA THR H 306 4.93 41.30 -41.56
C THR H 306 5.88 40.36 -40.83
N LEU H 307 5.75 39.05 -41.09
CA LEU H 307 6.64 38.07 -40.49
C LEU H 307 8.05 38.15 -41.06
N GLN H 308 8.24 38.91 -42.12
CA GLN H 308 9.54 39.18 -42.72
C GLN H 308 9.96 40.61 -42.47
N SER H 309 9.61 41.13 -41.30
CA SER H 309 9.90 42.50 -40.90
C SER H 309 10.96 42.50 -39.80
N ASP H 310 11.64 43.64 -39.66
CA ASP H 310 12.66 43.75 -38.63
C ASP H 310 12.08 43.47 -37.24
N PHE H 311 10.81 43.81 -37.04
CA PHE H 311 10.21 43.69 -35.72
C PHE H 311 9.94 42.24 -35.35
N LEU H 312 9.54 41.41 -36.32
CA LEU H 312 9.13 40.04 -36.04
C LEU H 312 9.99 38.99 -36.73
N LYS H 313 10.83 39.37 -37.68
CA LYS H 313 11.56 38.38 -38.47
C LYS H 313 12.40 37.49 -37.59
N ASP H 314 13.09 38.07 -36.62
CA ASP H 314 14.04 37.35 -35.78
C ASP H 314 13.47 37.00 -34.42
N VAL H 315 12.15 37.09 -34.24
CA VAL H 315 11.52 36.72 -32.98
C VAL H 315 11.42 35.21 -32.91
N GLU H 316 11.79 34.64 -31.76
CA GLU H 316 11.79 33.21 -31.53
C GLU H 316 10.66 32.84 -30.59
N LEU H 317 9.77 31.97 -31.04
CA LEU H 317 8.56 31.63 -30.29
C LEU H 317 8.80 30.58 -29.24
N SER H 318 10.03 30.09 -29.07
CA SER H 318 10.35 29.26 -27.92
C SER H 318 10.37 30.09 -26.64
N LYS H 319 10.72 31.37 -26.76
CA LYS H 319 10.77 32.23 -25.58
C LYS H 319 9.38 32.58 -25.08
N MET H 320 8.45 32.84 -26.01
CA MET H 320 7.05 33.13 -25.69
C MET H 320 6.93 33.85 -24.34
N ALA H 321 7.26 35.12 -24.34
CA ALA H 321 7.13 35.99 -23.19
C ALA H 321 5.66 36.11 -22.78
N PRO H 322 5.27 35.61 -21.61
CA PRO H 322 3.87 35.79 -21.17
C PRO H 322 3.66 37.24 -20.74
N PRO H 323 2.52 37.84 -21.08
CA PRO H 323 2.31 39.23 -20.66
C PRO H 323 2.29 39.31 -19.14
N ASP H 324 2.25 40.53 -18.62
CA ASP H 324 2.23 40.76 -17.17
C ASP H 324 0.76 40.75 -16.72
N LEU H 325 0.24 39.54 -16.54
CA LEU H 325 -1.18 39.22 -16.37
C LEU H 325 -1.58 39.32 -14.89
N PRO H 326 -2.84 39.03 -14.54
CA PRO H 326 -3.28 39.31 -13.17
C PRO H 326 -2.43 38.61 -12.10
N HIS H 327 -2.31 39.28 -10.95
CA HIS H 327 -1.63 38.78 -9.77
C HIS H 327 -2.58 38.89 -8.59
N TRP H 328 -2.32 38.10 -7.55
CA TRP H 328 -3.13 38.23 -6.33
C TRP H 328 -2.82 39.54 -5.62
N GLN H 329 -1.56 40.00 -5.69
CA GLN H 329 -1.21 41.31 -5.15
C GLN H 329 -2.03 42.41 -5.83
N ASP H 330 -2.47 42.18 -7.07
CA ASP H 330 -3.34 43.16 -7.73
C ASP H 330 -4.64 43.33 -6.98
N CYS H 331 -5.22 42.22 -6.49
CA CYS H 331 -6.51 42.26 -5.83
C CYS H 331 -6.56 43.31 -4.72
N HIS H 332 -5.60 43.28 -3.81
CA HIS H 332 -5.59 44.20 -2.68
C HIS H 332 -4.99 45.54 -3.08
N GLU H 333 -5.71 46.62 -2.76
CA GLU H 333 -5.20 47.97 -3.00
C GLU H 333 -3.91 48.20 -2.23
N LEU H 334 -2.98 48.91 -2.85
CA LEU H 334 -1.65 49.10 -2.28
C LEU H 334 -1.59 50.47 -1.61
N TRP H 335 -1.64 50.48 -0.28
CA TRP H 335 -1.34 51.70 0.46
C TRP H 335 0.14 52.06 0.31
N SER H 336 1.00 51.05 0.26
CA SER H 336 2.42 51.23 0.02
C SER H 336 2.73 51.32 -1.46
N THR I 24 -8.04 11.83 -37.11
CA THR I 24 -8.31 13.23 -37.40
C THR I 24 -9.62 13.39 -38.18
N LYS I 25 -9.55 13.19 -39.50
CA LYS I 25 -10.71 13.27 -40.41
C LYS I 25 -11.02 11.88 -40.96
N PRO I 26 -12.29 11.58 -41.22
CA PRO I 26 -12.67 10.19 -41.54
C PRO I 26 -12.37 9.77 -42.96
N CYS I 27 -12.39 8.44 -43.13
CA CYS I 27 -12.17 7.78 -44.41
C CYS I 27 -13.49 7.51 -45.11
N TRP I 28 -13.66 8.05 -46.31
CA TRP I 28 -14.92 7.96 -47.03
C TRP I 28 -14.88 7.06 -48.26
N TYR I 29 -14.01 6.05 -48.29
CA TYR I 29 -13.90 5.19 -49.48
C TYR I 29 -13.94 3.71 -49.14
N TRP I 30 -14.75 2.98 -49.91
CA TRP I 30 -14.97 1.55 -49.73
C TRP I 30 -14.50 0.81 -50.98
N ASP I 31 -14.34 -0.51 -50.87
CA ASP I 31 -14.07 -1.35 -52.02
C ASP I 31 -15.40 -1.79 -52.63
N LYS I 32 -15.40 -1.97 -53.95
CA LYS I 32 -16.61 -2.43 -54.64
C LYS I 32 -17.24 -3.60 -53.92
N LYS I 33 -16.40 -4.53 -53.45
CA LYS I 33 -16.92 -5.71 -52.77
C LYS I 33 -17.77 -5.34 -51.56
N ASP I 34 -17.46 -4.20 -50.91
CA ASP I 34 -18.16 -3.83 -49.69
C ASP I 34 -19.59 -3.42 -49.92
N LEU I 35 -19.94 -3.01 -51.15
CA LEU I 35 -21.30 -2.57 -51.40
C LEU I 35 -22.31 -3.70 -51.31
N ALA I 36 -21.84 -4.95 -51.23
CA ALA I 36 -22.72 -6.09 -51.04
C ALA I 36 -23.26 -6.16 -49.63
N HIS I 37 -22.77 -5.30 -48.73
CA HIS I 37 -23.08 -5.33 -47.31
C HIS I 37 -23.57 -3.98 -46.81
N THR I 38 -24.18 -3.19 -47.69
CA THR I 38 -24.80 -1.96 -47.24
C THR I 38 -26.04 -2.29 -46.40
N PRO I 39 -26.46 -1.38 -45.52
CA PRO I 39 -27.73 -1.63 -44.79
C PRO I 39 -28.87 -2.04 -45.69
N SER I 40 -29.00 -1.41 -46.86
CA SER I 40 -30.08 -1.75 -47.77
C SER I 40 -29.99 -3.20 -48.23
N GLN I 41 -28.79 -3.65 -48.61
CA GLN I 41 -28.64 -5.04 -49.04
C GLN I 41 -29.06 -5.98 -47.93
N LEU I 42 -28.57 -5.72 -46.71
CA LEU I 42 -28.80 -6.62 -45.58
C LEU I 42 -30.24 -6.59 -45.12
N GLU I 43 -31.00 -5.56 -45.47
CA GLU I 43 -32.43 -5.53 -45.16
C GLU I 43 -33.28 -6.17 -46.26
N GLY I 44 -32.67 -6.82 -47.23
CA GLY I 44 -33.40 -7.55 -48.25
C GLY I 44 -33.49 -6.88 -49.60
N LEU I 45 -32.94 -5.68 -49.75
CA LEU I 45 -32.90 -5.02 -51.04
C LEU I 45 -31.80 -5.66 -51.89
N ASP I 46 -32.14 -5.96 -53.14
CA ASP I 46 -31.17 -6.60 -54.01
C ASP I 46 -30.27 -5.58 -54.69
N PRO I 47 -29.13 -6.02 -55.24
CA PRO I 47 -28.17 -5.05 -55.78
C PRO I 47 -28.74 -4.16 -56.87
N ALA I 48 -29.51 -4.71 -57.80
CA ALA I 48 -30.05 -3.90 -58.89
C ALA I 48 -30.94 -2.79 -58.35
N THR I 49 -31.77 -3.10 -57.36
CA THR I 49 -32.70 -2.10 -56.84
C THR I 49 -31.95 -0.98 -56.13
N GLU I 50 -30.96 -1.33 -55.29
CA GLU I 50 -30.22 -0.28 -54.62
C GLU I 50 -29.51 0.62 -55.63
N ALA I 51 -28.99 0.01 -56.70
CA ALA I 51 -28.39 0.81 -57.77
C ALA I 51 -29.42 1.74 -58.39
N ARG I 52 -30.62 1.23 -58.67
CA ARG I 52 -31.66 2.06 -59.25
C ARG I 52 -32.04 3.19 -58.30
N TYR I 53 -32.22 2.87 -57.02
CA TYR I 53 -32.55 3.89 -56.03
C TYR I 53 -31.46 4.96 -55.95
N ARG I 54 -30.21 4.58 -56.19
CA ARG I 54 -29.14 5.56 -56.15
C ARG I 54 -29.19 6.47 -57.37
N ARG I 55 -29.38 5.89 -58.56
CA ARG I 55 -29.55 6.70 -59.76
C ARG I 55 -30.73 7.64 -59.63
N GLU I 56 -31.87 7.12 -59.16
CA GLU I 56 -33.06 7.94 -59.04
C GLU I 56 -32.83 9.09 -58.06
N GLY I 57 -32.26 8.78 -56.90
CA GLY I 57 -31.98 9.82 -55.94
C GLY I 57 -30.97 10.82 -56.45
N ALA I 58 -29.91 10.35 -57.09
CA ALA I 58 -28.91 11.26 -57.64
C ALA I 58 -29.52 12.17 -58.70
N ARG I 59 -30.23 11.59 -59.67
CA ARG I 59 -30.82 12.42 -60.72
C ARG I 59 -31.87 13.35 -60.17
N PHE I 60 -32.62 12.92 -59.15
CA PHE I 60 -33.56 13.82 -58.48
C PHE I 60 -32.83 15.04 -57.92
N ILE I 61 -31.72 14.83 -57.21
CA ILE I 61 -30.94 15.95 -56.70
C ILE I 61 -30.44 16.84 -57.84
N PHE I 62 -29.94 16.21 -58.91
CA PHE I 62 -29.43 16.98 -60.04
C PHE I 62 -30.53 17.82 -60.67
N ASP I 63 -31.71 17.22 -60.87
CA ASP I 63 -32.79 17.90 -61.58
C ASP I 63 -33.39 19.03 -60.74
N VAL I 64 -33.58 18.79 -59.45
CA VAL I 64 -34.11 19.82 -58.57
C VAL I 64 -33.17 21.01 -58.54
N GLY I 65 -31.88 20.75 -58.28
CA GLY I 65 -30.92 21.82 -58.16
C GLY I 65 -30.69 22.56 -59.45
N THR I 66 -30.78 21.87 -60.58
CA THR I 66 -30.64 22.55 -61.86
C THR I 66 -31.76 23.56 -62.08
N ARG I 67 -33.00 23.17 -61.74
CA ARG I 67 -34.10 24.10 -61.89
C ARG I 67 -33.93 25.33 -61.01
N LEU I 68 -33.29 25.16 -59.85
CA LEU I 68 -33.08 26.28 -58.94
C LEU I 68 -31.89 27.13 -59.35
N GLY I 69 -31.18 26.75 -60.41
CA GLY I 69 -30.06 27.55 -60.86
C GLY I 69 -28.81 27.36 -60.04
N LEU I 70 -28.62 26.17 -59.48
CA LEU I 70 -27.52 25.96 -58.56
C LEU I 70 -26.23 25.58 -59.28
N HIS I 71 -25.11 26.06 -58.74
CA HIS I 71 -23.77 25.72 -59.21
C HIS I 71 -23.56 24.22 -59.22
N TYR I 72 -22.68 23.76 -60.12
CA TYR I 72 -22.49 22.32 -60.28
C TYR I 72 -21.86 21.68 -59.04
N ASP I 73 -20.97 22.40 -58.34
CA ASP I 73 -20.40 21.86 -57.11
C ASP I 73 -21.48 21.58 -56.08
N THR I 74 -22.45 22.47 -55.95
CA THR I 74 -23.52 22.29 -54.98
C THR I 74 -24.28 21.01 -55.26
N LEU I 75 -24.59 20.75 -56.53
CA LEU I 75 -25.27 19.51 -56.88
C LEU I 75 -24.44 18.30 -56.49
N ALA I 76 -23.15 18.32 -56.85
CA ALA I 76 -22.29 17.18 -56.55
C ALA I 76 -22.14 16.99 -55.05
N THR I 77 -22.02 18.10 -54.31
CA THR I 77 -21.91 17.99 -52.86
C THR I 77 -23.12 17.28 -52.28
N GLY I 78 -24.32 17.70 -52.69
CA GLY I 78 -25.51 17.03 -52.23
C GLY I 78 -25.51 15.56 -52.58
N ILE I 79 -25.11 15.24 -53.81
CA ILE I 79 -25.16 13.85 -54.25
C ILE I 79 -24.17 12.99 -53.48
N ILE I 80 -23.00 13.54 -53.13
CA ILE I 80 -22.07 12.73 -52.36
C ILE I 80 -22.58 12.54 -50.93
N TYR I 81 -23.14 13.60 -50.34
CA TYR I 81 -23.86 13.43 -49.07
C TYR I 81 -24.87 12.30 -49.20
N PHE I 82 -25.68 12.35 -50.26
CA PHE I 82 -26.71 11.33 -50.47
C PHE I 82 -26.12 9.94 -50.55
N HIS I 83 -25.10 9.74 -51.39
CA HIS I 83 -24.52 8.41 -51.53
C HIS I 83 -23.95 7.91 -50.19
N ARG I 84 -23.21 8.77 -49.50
CA ARG I 84 -22.62 8.38 -48.22
C ARG I 84 -23.70 8.01 -47.23
N PHE I 85 -24.78 8.77 -47.20
CA PHE I 85 -25.88 8.50 -46.28
C PHE I 85 -26.32 7.04 -46.38
N TYR I 86 -26.50 6.54 -47.60
CA TYR I 86 -27.00 5.17 -47.76
C TYR I 86 -25.92 4.11 -47.67
N MET I 87 -24.72 4.48 -47.24
CA MET I 87 -23.76 3.54 -46.69
C MET I 87 -23.99 3.31 -45.22
N PHE I 88 -24.75 4.20 -44.55
CA PHE I 88 -25.04 4.12 -43.13
C PHE I 88 -26.50 3.83 -42.82
N HIS I 89 -27.37 3.89 -43.81
CA HIS I 89 -28.80 3.70 -43.59
C HIS I 89 -29.36 2.88 -44.74
N SER I 90 -30.55 2.34 -44.51
CA SER I 90 -31.22 1.52 -45.50
C SER I 90 -32.22 2.37 -46.28
N PHE I 91 -32.32 2.08 -47.58
CA PHE I 91 -33.33 2.76 -48.37
C PHE I 91 -34.73 2.44 -47.89
N LYS I 92 -34.90 1.33 -47.17
CA LYS I 92 -36.22 0.94 -46.68
C LYS I 92 -36.66 1.73 -45.46
N GLN I 93 -35.73 2.34 -44.72
CA GLN I 93 -36.07 3.11 -43.55
C GLN I 93 -36.04 4.61 -43.80
N PHE I 94 -35.43 5.05 -44.90
CA PHE I 94 -35.33 6.46 -45.26
C PHE I 94 -35.72 6.68 -46.72
N PRO I 95 -36.91 7.22 -47.00
CA PRO I 95 -37.28 7.51 -48.39
C PRO I 95 -36.20 8.30 -49.12
N ARG I 96 -35.89 7.86 -50.35
CA ARG I 96 -34.77 8.45 -51.06
C ARG I 96 -35.01 9.92 -51.36
N TYR I 97 -36.20 10.26 -51.89
CA TYR I 97 -36.41 11.63 -52.35
C TYR I 97 -36.42 12.63 -51.21
N VAL I 98 -36.87 12.22 -50.02
CA VAL I 98 -36.75 13.10 -48.86
C VAL I 98 -35.27 13.30 -48.53
N THR I 99 -34.53 12.21 -48.41
CA THR I 99 -33.10 12.28 -48.19
C THR I 99 -32.43 13.16 -49.23
N GLY I 100 -32.75 12.95 -50.50
CA GLY I 100 -32.21 13.79 -51.54
C GLY I 100 -32.46 15.27 -51.30
N ALA I 101 -33.71 15.62 -51.02
CA ALA I 101 -34.05 17.01 -50.76
C ALA I 101 -33.27 17.57 -49.58
N CYS I 102 -33.13 16.78 -48.51
CA CYS I 102 -32.39 17.25 -47.36
C CYS I 102 -30.92 17.45 -47.69
N CYS I 103 -30.32 16.52 -48.44
CA CYS I 103 -28.93 16.67 -48.83
C CYS I 103 -28.69 17.96 -49.60
N LEU I 104 -29.53 18.23 -50.61
CA LEU I 104 -29.36 19.45 -51.39
C LEU I 104 -29.54 20.68 -50.52
N PHE I 105 -30.50 20.63 -49.59
CA PHE I 105 -30.67 21.74 -48.66
C PHE I 105 -29.38 22.01 -47.89
N LEU I 106 -28.79 20.96 -47.31
CA LEU I 106 -27.57 21.15 -46.55
C LEU I 106 -26.44 21.58 -47.47
N ALA I 107 -26.34 20.94 -48.64
CA ALA I 107 -25.30 21.31 -49.59
C ALA I 107 -25.33 22.78 -49.92
N GLY I 108 -26.53 23.35 -50.09
CA GLY I 108 -26.64 24.76 -50.39
C GLY I 108 -26.00 25.66 -49.35
N LYS I 109 -26.19 25.32 -48.08
CA LYS I 109 -25.56 26.12 -47.03
C LYS I 109 -24.05 25.86 -46.99
N VAL I 110 -23.66 24.61 -47.21
CA VAL I 110 -22.24 24.27 -47.16
C VAL I 110 -21.49 24.99 -48.27
N GLU I 111 -22.04 24.97 -49.49
CA GLU I 111 -21.35 25.53 -50.65
C GLU I 111 -21.65 27.00 -50.88
N GLU I 112 -22.31 27.67 -49.92
CA GLU I 112 -22.61 29.10 -50.02
C GLU I 112 -23.49 29.40 -51.25
N THR I 113 -24.40 28.49 -51.57
CA THR I 113 -25.46 28.75 -52.55
C THR I 113 -26.81 28.38 -51.93
N PRO I 114 -27.18 29.01 -50.82
CA PRO I 114 -28.33 28.52 -50.05
C PRO I 114 -29.65 28.74 -50.76
N LYS I 115 -30.58 27.82 -50.52
CA LYS I 115 -31.96 27.91 -50.98
C LYS I 115 -32.87 27.57 -49.81
N LYS I 116 -34.05 28.16 -49.82
CA LYS I 116 -35.01 27.93 -48.74
C LYS I 116 -35.61 26.53 -48.87
N CYS I 117 -35.81 25.87 -47.72
CA CYS I 117 -36.39 24.54 -47.78
C CYS I 117 -37.72 24.59 -48.51
N LYS I 118 -38.45 25.69 -48.34
CA LYS I 118 -39.73 25.88 -49.01
C LYS I 118 -39.59 25.77 -50.52
N ASP I 119 -38.51 26.31 -51.07
CA ASP I 119 -38.33 26.30 -52.52
C ASP I 119 -37.95 24.91 -53.02
N ILE I 120 -37.10 24.20 -52.27
CA ILE I 120 -36.71 22.85 -52.68
C ILE I 120 -37.93 21.95 -52.70
N ILE I 121 -38.82 22.08 -51.71
CA ILE I 121 -40.03 21.26 -51.72
C ILE I 121 -40.89 21.59 -52.94
N LYS I 122 -41.10 22.89 -53.18
CA LYS I 122 -41.90 23.31 -54.34
C LYS I 122 -41.35 22.73 -55.63
N THR I 123 -40.03 22.83 -55.84
CA THR I 123 -39.43 22.29 -57.05
C THR I 123 -39.58 20.78 -57.12
N ALA I 124 -39.44 20.12 -55.97
CA ALA I 124 -39.61 18.66 -55.93
C ALA I 124 -41.00 18.27 -56.40
N ARG I 125 -42.01 19.02 -55.99
CA ARG I 125 -43.38 18.72 -56.39
C ARG I 125 -43.55 18.80 -57.90
N SER I 126 -42.87 19.75 -58.54
CA SER I 126 -42.97 19.85 -60.00
C SER I 126 -42.45 18.59 -60.68
N LEU I 127 -41.38 18.00 -60.14
CA LEU I 127 -40.68 16.92 -60.82
C LEU I 127 -41.14 15.54 -60.41
N LEU I 128 -41.75 15.40 -59.24
CA LEU I 128 -42.18 14.11 -58.75
C LEU I 128 -43.66 13.95 -59.04
N ASN I 129 -44.09 12.73 -59.30
CA ASN I 129 -45.50 12.45 -59.47
C ASN I 129 -46.13 12.26 -58.09
N ASP I 130 -47.43 11.98 -58.07
CA ASP I 130 -48.14 11.89 -56.79
C ASP I 130 -47.64 10.72 -55.96
N VAL I 131 -47.40 9.56 -56.58
CA VAL I 131 -46.89 8.41 -55.84
C VAL I 131 -45.54 8.74 -55.22
N GLN I 132 -44.64 9.33 -56.01
CA GLN I 132 -43.30 9.64 -55.52
C GLN I 132 -43.35 10.66 -54.39
N PHE I 133 -44.13 11.73 -54.58
CA PHE I 133 -44.21 12.76 -53.57
C PHE I 133 -44.86 12.28 -52.28
N GLY I 134 -45.50 11.13 -52.29
CA GLY I 134 -46.06 10.58 -51.07
C GLY I 134 -45.04 10.38 -49.97
N GLN I 135 -43.76 10.27 -50.34
CA GLN I 135 -42.71 10.10 -49.34
C GLN I 135 -42.65 11.29 -48.38
N PHE I 136 -42.90 12.50 -48.90
CA PHE I 136 -42.81 13.68 -48.05
C PHE I 136 -43.95 13.78 -47.06
N GLY I 137 -44.94 12.90 -47.15
CA GLY I 137 -45.94 12.83 -46.11
C GLY I 137 -46.75 14.09 -45.98
N ASP I 138 -47.28 14.29 -44.77
CA ASP I 138 -48.25 15.35 -44.55
C ASP I 138 -47.58 16.71 -44.51
N ASP I 139 -46.32 16.79 -44.07
CA ASP I 139 -45.60 18.05 -43.95
C ASP I 139 -44.25 17.85 -44.63
N PRO I 140 -44.17 18.14 -45.94
CA PRO I 140 -42.87 17.94 -46.61
C PRO I 140 -41.73 18.70 -45.96
N LYS I 141 -41.92 19.99 -45.67
CA LYS I 141 -40.83 20.80 -45.14
C LYS I 141 -40.25 20.20 -43.86
N GLU I 142 -41.13 19.80 -42.93
CA GLU I 142 -40.64 19.28 -41.65
C GLU I 142 -39.84 17.99 -41.85
N GLU I 143 -40.39 17.05 -42.62
CA GLU I 143 -39.71 15.77 -42.82
C GLU I 143 -38.28 15.98 -43.31
N VAL I 144 -38.08 16.97 -44.17
CA VAL I 144 -36.73 17.31 -44.63
C VAL I 144 -35.95 17.97 -43.51
N MET I 145 -36.51 19.03 -42.91
CA MET I 145 -35.80 19.74 -41.85
C MET I 145 -35.40 18.82 -40.71
N VAL I 146 -36.17 17.75 -40.50
CA VAL I 146 -35.87 16.82 -39.42
C VAL I 146 -34.67 15.94 -39.76
N LEU I 147 -34.57 15.51 -41.02
CA LEU I 147 -33.50 14.60 -41.39
C LEU I 147 -32.13 15.26 -41.31
N GLU I 148 -32.09 16.60 -41.36
CA GLU I 148 -30.81 17.31 -41.33
C GLU I 148 -29.98 16.91 -40.12
N ARG I 149 -30.61 16.77 -38.96
CA ARG I 149 -29.87 16.36 -37.77
C ARG I 149 -29.22 15.01 -38.01
N ILE I 150 -29.98 14.07 -38.56
CA ILE I 150 -29.43 12.76 -38.86
C ILE I 150 -28.39 12.85 -39.97
N LEU I 151 -28.66 13.68 -40.99
CA LEU I 151 -27.69 13.83 -42.07
C LEU I 151 -26.35 14.32 -41.53
N LEU I 152 -26.37 15.42 -40.79
CA LEU I 152 -25.15 15.97 -40.22
C LEU I 152 -24.42 14.92 -39.40
N GLN I 153 -25.14 14.20 -38.54
CA GLN I 153 -24.52 13.14 -37.78
C GLN I 153 -23.99 12.04 -38.68
N THR I 154 -24.75 11.71 -39.73
CA THR I 154 -24.35 10.60 -40.59
C THR I 154 -23.05 10.90 -41.33
N ILE I 155 -22.90 12.10 -41.86
CA ILE I 155 -21.70 12.48 -42.58
C ILE I 155 -20.65 13.01 -41.61
N LYS I 156 -20.86 12.73 -40.32
CA LYS I 156 -19.85 12.99 -39.28
C LYS I 156 -19.40 14.45 -39.31
N PHE I 157 -20.32 15.34 -39.69
CA PHE I 157 -20.03 16.77 -39.77
C PHE I 157 -18.79 17.07 -40.60
N ASP I 158 -18.36 16.13 -41.43
CA ASP I 158 -17.26 16.38 -42.36
C ASP I 158 -17.89 16.96 -43.62
N LEU I 159 -18.02 18.28 -43.64
CA LEU I 159 -18.82 18.95 -44.66
C LEU I 159 -18.04 19.29 -45.91
N GLN I 160 -16.73 19.51 -45.81
CA GLN I 160 -15.92 19.88 -46.96
C GLN I 160 -15.79 18.68 -47.90
N VAL I 161 -16.10 18.90 -49.18
CA VAL I 161 -16.03 17.86 -50.21
C VAL I 161 -15.41 18.44 -51.46
N GLU I 162 -14.54 17.66 -52.10
CA GLU I 162 -13.92 18.00 -53.37
C GLU I 162 -14.58 17.18 -54.47
N HIS I 163 -14.60 17.70 -55.69
CA HIS I 163 -15.27 17.01 -56.78
C HIS I 163 -14.35 16.89 -58.00
N PRO I 164 -14.60 15.89 -58.85
CA PRO I 164 -13.74 15.71 -60.03
C PRO I 164 -13.63 16.93 -60.92
N TYR I 165 -14.65 17.79 -60.95
CA TYR I 165 -14.65 18.89 -61.92
C TYR I 165 -13.40 19.74 -61.79
N GLN I 166 -13.08 20.16 -60.57
CA GLN I 166 -11.98 21.09 -60.39
C GLN I 166 -10.66 20.48 -60.83
N PHE I 167 -10.49 19.17 -60.64
CA PHE I 167 -9.27 18.52 -61.09
C PHE I 167 -9.30 18.32 -62.59
N LEU I 168 -10.47 18.02 -63.15
CA LEU I 168 -10.62 18.00 -64.59
C LEU I 168 -10.15 19.31 -65.20
N LEU I 169 -10.43 20.43 -64.52
CA LEU I 169 -10.00 21.72 -65.04
C LEU I 169 -8.54 21.99 -64.70
N LYS I 170 -8.13 21.68 -63.47
CA LYS I 170 -6.74 21.90 -63.08
C LYS I 170 -5.78 21.15 -63.99
N TYR I 171 -6.12 19.91 -64.35
CA TYR I 171 -5.21 19.10 -65.16
C TYR I 171 -5.23 19.51 -66.62
N ALA I 172 -6.42 19.74 -67.19
CA ALA I 172 -6.50 20.14 -68.59
C ALA I 172 -5.79 21.48 -68.82
N LYS I 173 -5.80 22.35 -67.82
CA LYS I 173 -5.15 23.66 -67.96
C LYS I 173 -3.66 23.53 -68.23
N GLN I 174 -3.05 22.42 -67.84
CA GLN I 174 -1.64 22.15 -68.09
C GLN I 174 -1.39 21.50 -69.44
N LEU I 175 -2.43 21.22 -70.22
CA LEU I 175 -2.28 20.67 -71.55
C LEU I 175 -2.12 21.80 -72.56
N LYS I 176 -1.24 21.59 -73.55
CA LYS I 176 -1.01 22.57 -74.61
C LYS I 176 -1.04 21.85 -75.95
N GLY I 177 -1.83 22.39 -76.88
CA GLY I 177 -1.99 21.78 -78.18
C GLY I 177 -3.18 22.38 -78.90
N ASP I 178 -3.72 21.63 -79.85
CA ASP I 178 -4.92 22.09 -80.57
C ASP I 178 -6.01 22.41 -79.55
N LYS I 179 -6.37 23.69 -79.40
CA LYS I 179 -7.34 24.06 -78.38
C LYS I 179 -8.67 23.34 -78.59
N ASN I 180 -9.12 23.23 -79.83
CA ASN I 180 -10.45 22.65 -80.05
C ASN I 180 -10.46 21.17 -79.73
N LYS I 181 -9.35 20.46 -79.94
CA LYS I 181 -9.30 19.07 -79.54
C LYS I 181 -9.30 18.93 -78.02
N ILE I 182 -8.61 19.85 -77.32
CA ILE I 182 -8.55 19.76 -75.86
C ILE I 182 -9.89 20.16 -75.25
N GLN I 183 -10.60 21.10 -75.87
CA GLN I 183 -11.91 21.47 -75.34
C GLN I 183 -12.90 20.31 -75.48
N LYS I 184 -12.84 19.58 -76.60
CA LYS I 184 -13.71 18.42 -76.76
C LYS I 184 -13.45 17.38 -75.69
N LEU I 185 -12.18 17.17 -75.34
CA LEU I 185 -11.83 16.25 -74.27
C LEU I 185 -12.48 16.68 -72.96
N VAL I 186 -12.32 17.95 -72.59
CA VAL I 186 -12.86 18.45 -71.34
C VAL I 186 -14.37 18.29 -71.30
N GLN I 187 -15.04 18.70 -72.37
CA GLN I 187 -16.49 18.62 -72.44
C GLN I 187 -16.96 17.18 -72.29
N MET I 188 -16.33 16.27 -73.03
CA MET I 188 -16.70 14.87 -72.94
C MET I 188 -16.41 14.33 -71.56
N ALA I 189 -15.29 14.74 -70.96
CA ALA I 189 -14.98 14.32 -69.60
C ALA I 189 -16.00 14.88 -68.61
N TRP I 190 -16.34 16.15 -68.77
CA TRP I 190 -17.32 16.76 -67.88
C TRP I 190 -18.62 15.97 -67.90
N THR I 191 -19.08 15.63 -69.11
CA THR I 191 -20.28 14.81 -69.23
C THR I 191 -20.10 13.48 -68.50
N PHE I 192 -18.95 12.84 -68.64
CA PHE I 192 -18.70 11.59 -67.93
C PHE I 192 -18.74 11.80 -66.42
N VAL I 193 -18.24 12.94 -65.94
CA VAL I 193 -18.31 13.23 -64.52
C VAL I 193 -19.76 13.32 -64.08
N ASN I 194 -20.57 14.09 -64.81
CA ASN I 194 -21.99 14.21 -64.49
C ASN I 194 -22.63 12.82 -64.45
N ASP I 195 -22.20 11.93 -65.33
CA ASP I 195 -22.77 10.59 -65.36
C ASP I 195 -22.29 9.73 -64.20
N SER I 196 -21.04 9.92 -63.77
CA SER I 196 -20.50 9.13 -62.69
C SER I 196 -21.16 9.45 -61.35
N LEU I 197 -21.91 10.55 -61.27
CA LEU I 197 -22.59 10.91 -60.04
C LEU I 197 -23.76 9.99 -59.75
N CYS I 198 -24.26 9.29 -60.77
CA CYS I 198 -25.33 8.33 -60.56
C CYS I 198 -24.80 7.00 -60.04
N THR I 199 -23.49 6.89 -59.86
CA THR I 199 -22.84 5.65 -59.49
C THR I 199 -22.18 5.82 -58.13
N THR I 200 -21.73 4.71 -57.57
CA THR I 200 -21.00 4.69 -56.31
C THR I 200 -19.52 4.96 -56.50
N LEU I 201 -19.09 5.36 -57.69
CA LEU I 201 -17.70 5.74 -57.87
C LEU I 201 -17.30 6.84 -56.89
N SER I 202 -18.23 7.76 -56.61
CA SER I 202 -17.96 8.80 -55.62
C SER I 202 -17.49 8.21 -54.32
N LEU I 203 -17.87 6.97 -54.05
CA LEU I 203 -17.53 6.30 -52.80
C LEU I 203 -16.32 5.38 -52.93
N GLN I 204 -15.83 5.14 -54.14
CA GLN I 204 -14.75 4.18 -54.32
C GLN I 204 -13.40 4.83 -54.54
N TRP I 205 -13.35 5.99 -55.20
CA TRP I 205 -12.09 6.59 -55.63
C TRP I 205 -12.10 8.08 -55.36
N GLU I 206 -10.94 8.60 -54.94
CA GLU I 206 -10.77 10.03 -54.72
C GLU I 206 -11.13 10.81 -55.98
N PRO I 207 -11.57 12.07 -55.84
CA PRO I 207 -11.97 12.83 -57.04
C PRO I 207 -10.85 13.02 -58.04
N GLU I 208 -9.61 13.21 -57.58
CA GLU I 208 -8.51 13.36 -58.51
C GLU I 208 -8.45 12.16 -59.46
N ILE I 209 -8.66 10.95 -58.94
CA ILE I 209 -8.61 9.76 -59.77
C ILE I 209 -9.78 9.73 -60.75
N ILE I 210 -10.98 10.10 -60.29
CA ILE I 210 -12.12 10.16 -61.21
C ILE I 210 -11.81 11.13 -62.34
N ALA I 211 -11.25 12.29 -62.02
CA ALA I 211 -10.94 13.28 -63.05
C ALA I 211 -10.00 12.69 -64.10
N VAL I 212 -8.98 11.96 -63.67
CA VAL I 212 -8.08 11.33 -64.63
C VAL I 212 -8.80 10.27 -65.44
N ALA I 213 -9.63 9.44 -64.79
CA ALA I 213 -10.30 8.37 -65.51
C ALA I 213 -11.15 8.93 -66.65
N VAL I 214 -11.89 10.01 -66.39
CA VAL I 214 -12.74 10.56 -67.44
C VAL I 214 -11.90 11.21 -68.53
N MET I 215 -10.75 11.81 -68.19
CA MET I 215 -9.83 12.26 -69.22
C MET I 215 -9.31 11.09 -70.03
N TYR I 216 -8.95 10.01 -69.34
CA TYR I 216 -8.51 8.78 -69.98
C TYR I 216 -9.57 8.24 -70.94
N LEU I 217 -10.81 8.16 -70.48
CA LEU I 217 -11.89 7.64 -71.33
C LEU I 217 -12.12 8.54 -72.54
N ALA I 218 -12.28 9.84 -72.32
CA ALA I 218 -12.52 10.76 -73.43
C ALA I 218 -11.39 10.66 -74.44
N GLY I 219 -10.14 10.54 -73.96
CA GLY I 219 -9.02 10.38 -74.86
C GLY I 219 -9.14 9.15 -75.73
N ARG I 220 -9.54 8.02 -75.13
CA ARG I 220 -9.74 6.81 -75.91
C ARG I 220 -10.83 7.02 -76.95
N LEU I 221 -11.97 7.55 -76.53
CA LEU I 221 -13.10 7.70 -77.45
C LEU I 221 -12.77 8.68 -78.56
N CYS I 222 -12.11 9.80 -78.21
CA CYS I 222 -11.72 10.79 -79.20
C CYS I 222 -10.41 10.46 -79.89
N LYS I 223 -9.80 9.30 -79.60
CA LYS I 223 -8.57 8.90 -80.27
C LYS I 223 -7.50 9.99 -80.15
N PHE I 224 -7.40 10.58 -78.96
CA PHE I 224 -6.39 11.58 -78.64
C PHE I 224 -5.27 10.93 -77.82
N GLU I 225 -4.04 11.43 -78.00
CA GLU I 225 -2.86 10.96 -77.27
C GLU I 225 -2.48 12.03 -76.25
N ILE I 226 -3.04 11.94 -75.05
CA ILE I 226 -2.94 13.06 -74.13
C ILE I 226 -1.49 13.34 -73.76
N GLN I 227 -0.62 12.33 -73.86
CA GLN I 227 0.78 12.55 -73.53
C GLN I 227 1.37 13.71 -74.32
N GLU I 228 0.96 13.86 -75.59
CA GLU I 228 1.56 14.89 -76.44
C GLU I 228 1.31 16.30 -75.92
N TRP I 229 0.18 16.53 -75.26
CA TRP I 229 -0.17 17.85 -74.78
C TRP I 229 0.49 18.20 -73.44
N THR I 230 1.17 17.24 -72.82
CA THR I 230 1.80 17.43 -71.52
C THR I 230 3.24 17.96 -71.66
N SER I 231 3.79 18.39 -70.52
CA SER I 231 5.18 18.84 -70.49
C SER I 231 6.17 17.70 -70.72
N LYS I 232 5.72 16.46 -70.77
CA LYS I 232 6.58 15.28 -70.92
C LYS I 232 6.07 14.40 -72.05
N PRO I 233 6.20 14.87 -73.30
CA PRO I 233 5.45 14.22 -74.40
C PRO I 233 5.84 12.77 -74.69
N MET I 234 6.89 12.23 -74.08
CA MET I 234 7.30 10.86 -74.34
C MET I 234 7.08 9.94 -73.14
N TYR I 235 6.32 10.40 -72.16
CA TYR I 235 5.91 9.65 -70.98
C TYR I 235 4.47 9.18 -71.22
N ARG I 236 4.33 7.94 -71.68
CA ARG I 236 3.04 7.46 -72.19
C ARG I 236 1.98 7.34 -71.09
N ARG I 237 2.38 7.12 -69.84
CA ARG I 237 1.42 7.14 -68.74
C ARG I 237 1.31 8.58 -68.22
N TRP I 238 0.63 9.38 -69.03
CA TRP I 238 0.63 10.83 -68.84
C TRP I 238 0.08 11.25 -67.49
N TRP I 239 -0.89 10.52 -66.95
CA TRP I 239 -1.59 10.99 -65.76
C TRP I 239 -0.70 10.97 -64.51
N GLU I 240 0.36 10.17 -64.51
CA GLU I 240 1.20 10.04 -63.32
C GLU I 240 1.79 11.37 -62.89
N GLN I 241 1.86 12.35 -63.78
CA GLN I 241 2.32 13.68 -63.35
C GLN I 241 1.20 14.46 -62.67
N PHE I 242 -0.07 14.06 -62.85
CA PHE I 242 -1.18 14.70 -62.16
C PHE I 242 -1.57 13.95 -60.89
N VAL I 243 -1.61 12.63 -60.97
CA VAL I 243 -2.06 11.77 -59.88
C VAL I 243 -1.03 10.66 -59.74
N GLN I 244 -0.33 10.63 -58.62
CA GLN I 244 0.72 9.65 -58.42
C GLN I 244 0.12 8.31 -58.00
N ASP I 245 0.73 7.22 -58.46
CA ASP I 245 0.42 5.88 -57.98
C ASP I 245 -0.97 5.40 -58.38
N VAL I 246 -1.36 5.64 -59.63
CA VAL I 246 -2.64 5.12 -60.10
C VAL I 246 -2.34 4.08 -61.17
N PRO I 247 -2.60 2.79 -60.92
CA PRO I 247 -2.41 1.78 -61.97
C PRO I 247 -3.50 1.86 -63.03
N VAL I 248 -3.16 1.38 -64.22
CA VAL I 248 -4.11 1.41 -65.33
C VAL I 248 -5.35 0.60 -65.01
N ASP I 249 -5.21 -0.51 -64.27
CA ASP I 249 -6.36 -1.31 -63.89
C ASP I 249 -7.48 -0.44 -63.31
N VAL I 250 -7.13 0.52 -62.45
CA VAL I 250 -8.14 1.36 -61.82
C VAL I 250 -8.84 2.21 -62.87
N LEU I 251 -8.06 2.88 -63.73
CA LEU I 251 -8.67 3.72 -64.76
C LEU I 251 -9.59 2.89 -65.65
N GLU I 252 -9.24 1.63 -65.90
CA GLU I 252 -10.11 0.77 -66.70
C GLU I 252 -11.36 0.39 -65.90
N ASP I 253 -11.20 0.09 -64.61
CA ASP I 253 -12.37 -0.23 -63.79
C ASP I 253 -13.36 0.94 -63.76
N ILE I 254 -12.85 2.17 -63.65
CA ILE I 254 -13.73 3.33 -63.61
C ILE I 254 -14.40 3.55 -64.96
N CYS I 255 -13.62 3.50 -66.05
CA CYS I 255 -14.19 3.71 -67.36
C CYS I 255 -15.29 2.69 -67.64
N HIS I 256 -15.04 1.44 -67.27
CA HIS I 256 -16.01 0.39 -67.48
C HIS I 256 -17.36 0.73 -66.84
N GLN I 257 -17.34 1.24 -65.61
CA GLN I 257 -18.60 1.54 -64.95
C GLN I 257 -19.38 2.61 -65.70
N ILE I 258 -18.68 3.61 -66.24
CA ILE I 258 -19.38 4.65 -66.99
C ILE I 258 -19.94 4.05 -68.27
N LEU I 259 -19.11 3.26 -68.97
CA LEU I 259 -19.56 2.68 -70.23
C LEU I 259 -20.71 1.70 -70.02
N ASP I 260 -20.75 1.04 -68.86
CA ASP I 260 -21.87 0.14 -68.57
C ASP I 260 -23.17 0.91 -68.46
N LEU I 261 -23.16 2.08 -67.82
CA LEU I 261 -24.39 2.86 -67.72
C LEU I 261 -24.94 3.21 -69.10
N TYR I 262 -24.07 3.64 -70.01
CA TYR I 262 -24.53 4.04 -71.34
C TYR I 262 -25.09 2.87 -72.13
N SER I 263 -24.46 1.70 -72.05
CA SER I 263 -24.94 0.54 -72.80
C SER I 263 -26.21 -0.03 -72.20
N GLN I 264 -26.30 -0.04 -70.86
CA GLN I 264 -27.47 -0.61 -70.19
C GLN I 264 -28.77 0.11 -70.57
N GLY I 265 -28.75 1.43 -70.53
CA GLY I 265 -29.91 2.27 -70.80
C GLY I 265 -30.24 2.29 -72.27
N LYS I 266 -30.89 3.38 -72.66
CA LYS I 266 -31.02 3.73 -74.07
C LYS I 266 -30.05 4.81 -74.55
N GLN I 267 -29.48 5.60 -73.62
CA GLN I 267 -28.56 6.69 -73.95
C GLN I 267 -27.25 6.15 -74.54
N GLN I 268 -26.60 6.96 -75.37
CA GLN I 268 -25.37 6.56 -76.05
C GLN I 268 -24.20 7.47 -75.72
N MET I 269 -22.99 6.99 -76.05
CA MET I 269 -21.76 7.71 -75.72
C MET I 269 -21.76 9.10 -76.35
N PRO I 270 -21.28 10.14 -75.65
CA PRO I 270 -21.37 11.48 -76.25
C PRO I 270 -20.59 11.61 -77.54
N HIS I 271 -19.35 11.12 -77.56
CA HIS I 271 -18.46 11.19 -78.72
C HIS I 271 -18.75 12.39 -79.62
S SO4 J . -33.13 -34.44 -56.46
O1 SO4 J . -31.98 -35.15 -56.99
O2 SO4 J . -33.17 -34.59 -55.00
O3 SO4 J . -34.36 -34.99 -57.03
O4 SO4 J . -33.03 -33.03 -56.78
S SO4 K . -19.61 -10.99 -2.94
O1 SO4 K . -19.28 -11.65 -1.70
O2 SO4 K . -18.42 -10.91 -3.76
O3 SO4 K . -20.63 -11.77 -3.63
O4 SO4 K . -20.12 -9.66 -2.67
S SO4 L . -27.62 -2.70 -17.40
O1 SO4 L . -27.14 -2.59 -16.04
O2 SO4 L . -26.55 -2.37 -18.30
O3 SO4 L . -28.73 -1.79 -17.60
O4 SO4 L . -28.07 -4.05 -17.66
C2 RQL M . -15.15 -36.17 -11.29
C3 RQL M . -14.21 -37.11 -11.67
C4 RQL M . -13.70 -34.33 -11.92
C5 RQL M . -12.74 -35.25 -12.30
C6 RQL M . -13.01 -36.63 -12.18
C7 RQL M . -10.99 -36.28 -13.00
C8 RQL M . -9.65 -36.60 -13.55
C10 RQL M . -8.86 -40.21 -11.61
C17 RQL M . -5.31 -38.10 -10.12
C16 RQL M . -7.18 -38.17 -11.20
C15 RQL M . -6.96 -39.43 -10.71
C14 RQL M . -11.70 -42.55 -12.18
C13 RQL M . -10.62 -42.36 -9.28
C12 RQL M . -11.31 -41.25 -10.01
C11 RQL M . -11.12 -41.30 -11.53
N9 RQL M . -4.50 -41.73 -7.62
C1 RQL M . -14.90 -34.79 -11.41
C18 RQL M . -5.16 -40.44 -9.36
C19 RQL M . -4.44 -41.47 -9.87
C20 RQL M . -3.30 -43.49 -8.84
C21 RQL M . -5.16 -40.63 -7.97
C9 RQL M . -8.35 -37.95 -11.96
N1 RQL M . -11.88 -37.25 -12.63
N10 RQL M . -11.46 -35.06 -12.83
N2 RQL M . -8.66 -36.76 -12.50
N3 RQL M . -9.19 -39.00 -12.15
N4 RQL M . -9.69 -41.25 -11.83
N5 RQL M . -7.77 -40.48 -10.89
N6 RQL M . -6.14 -37.34 -10.80
N7 RQL M . -5.76 -39.38 -10.05
N8 RQL M . -4.07 -42.25 -8.82
O1 RQL M . -11.54 -42.59 -13.60
CL1 RQL M . -16.11 -33.64 -10.93
CL2 RQL M . -16.67 -36.71 -10.65
H1 RQL M . -14.37 -38.02 -11.59
H2 RQL M . -13.53 -33.41 -11.99
H5 RQL M . -9.69 -37.42 -14.07
H4 RQL M . -9.36 -35.88 -14.14
H17 RQL M . -4.52 -37.79 -9.73
H14 RQL M . -12.67 -42.60 -11.97
H15 RQL M . -11.27 -43.35 -11.79
H11 RQL M . -10.75 -42.25 -8.32
H12 RQL M . -9.67 -42.33 -9.48
H13 RQL M . -10.98 -43.21 -9.56
H10 RQL M . -10.97 -40.39 -9.68
H9 RQL M . -12.28 -41.30 -9.81
H8 RQL M . -11.58 -40.51 -11.92
H18 RQL M . -4.24 -41.63 -10.78
H20 RQL M . -3.52 -44.02 -8.07
H21 RQL M . -2.35 -43.28 -8.82
H19 RQL M . -3.50 -43.98 -9.65
H22 RQL M . -5.57 -40.06 -7.34
H3 RQL M . -11.74 -38.12 -12.69
H6 RQL M . -8.24 -36.05 -12.21
H7 RQL M . -9.33 -41.96 -12.17
H16 RQL M . -10.71 -42.61 -13.77
S SO4 N . 10.67 -35.08 -28.49
O1 SO4 N . 11.29 -34.98 -29.79
O2 SO4 N . 11.70 -35.18 -27.48
O3 SO4 N . 9.83 -36.25 -28.45
O4 SO4 N . 9.88 -33.90 -28.25
S SO4 O . 15.55 -59.73 29.09
O1 SO4 O . 16.06 -60.43 27.93
O2 SO4 O . 16.59 -58.90 29.64
O3 SO4 O . 14.43 -58.90 28.70
O4 SO4 O . 15.12 -60.69 30.07
S SO4 P . 40.78 -39.60 48.15
O1 SO4 P . 40.87 -40.32 49.42
O2 SO4 P . 42.08 -39.05 47.83
O3 SO4 P . 40.38 -40.53 47.11
O4 SO4 P . 39.81 -38.54 48.26
S SO4 Q . -1.85 -4.52 25.05
O1 SO4 Q . -0.49 -4.32 24.64
O2 SO4 Q . -1.90 -5.48 26.13
O3 SO4 Q . -2.63 -5.03 23.94
O4 SO4 Q . -2.41 -3.27 25.51
S SO4 R . -1.00 -23.55 24.95
O1 SO4 R . -0.02 -23.13 23.97
O2 SO4 R . -0.52 -23.22 26.28
O3 SO4 R . -1.23 -24.97 24.86
O4 SO4 R . -2.25 -22.87 24.69
S SO4 S . 22.65 4.88 51.82
O1 SO4 S . 22.85 3.84 52.79
O2 SO4 S . 23.91 5.18 51.16
O3 SO4 S . 21.69 4.44 50.82
O4 SO4 S . 22.16 6.07 52.47
C2 RQL T . 20.22 2.70 37.87
C3 RQL T . 21.49 3.20 37.70
C4 RQL T . 20.02 2.15 35.52
C5 RQL T . 21.30 2.66 35.32
C6 RQL T . 22.01 3.17 36.42
C7 RQL T . 23.20 3.32 34.56
C8 RQL T . 24.34 3.64 33.66
C10 RQL T . 25.27 7.15 35.62
C17 RQL T . 25.27 8.87 31.58
C16 RQL T . 24.96 7.26 32.97
C15 RQL T . 25.41 8.33 33.71
C14 RQL T . 26.45 8.10 38.82
C13 RQL T . 24.17 10.20 38.61
C12 RQL T . 24.73 9.37 37.47
C11 RQL T . 25.16 8.00 37.98
N9 RQL T . 26.12 12.83 33.67
C1 RQL T . 19.48 2.16 36.78
C18 RQL T . 26.08 10.68 32.99
C19 RQL T . 27.26 11.20 32.59
C20 RQL T . 28.31 13.50 32.78
C21 RQL T . 25.41 11.70 33.67
C9 RQL T . 24.66 6.07 33.66
N1 RQL T . 23.21 3.59 35.89
N10 RQL T . 22.06 2.76 34.17
N2 RQL T . 24.23 4.95 33.05
N3 RQL T . 24.85 6.03 34.98
N4 RQL T . 25.44 7.02 36.94
N5 RQL T . 25.59 8.32 35.04
N6 RQL T . 24.89 7.62 31.64
N7 RQL T . 25.60 9.35 32.82
N8 RQL T . 27.27 12.50 32.99
O1 RQL T . 26.92 6.87 39.38
CL1 RQL T . 17.89 1.53 37.04
CL2 RQL T . 19.53 2.71 39.46
H1 RQL T . 21.98 3.55 38.42
H2 RQL T . 19.54 1.80 34.80
H5 RQL T . 25.16 3.60 34.17
H4 RQL T . 24.39 2.97 32.96
H17 RQL T . 25.33 9.36 30.78
H14 RQL T . 26.29 8.74 39.55
H15 RQL T . 27.15 8.48 38.24
H11 RQL T . 24.57 9.91 39.46
H12 RQL T . 23.20 10.08 38.65
H13 RQL T . 24.37 11.14 38.47
H10 RQL T . 25.50 9.82 37.08
H9 RQL T . 24.05 9.26 36.77
H8 RQL T . 24.37 7.65 38.50
H18 RQL T . 27.94 10.74 32.12
H20 RQL T . 28.33 14.11 33.53
H21 RQL T . 28.11 14.00 31.97
H19 RQL T . 29.16 13.06 32.67
H22 RQL T . 24.56 11.63 34.09
H3 RQL T . 23.87 3.98 36.33
H6 RQL T . 23.87 5.01 32.26
H7 RQL T . 25.76 6.25 37.21
H16 RQL T . 27.64 7.03 39.80
S SO4 U . 65.91 45.81 14.85
O1 SO4 U . 66.27 44.57 14.18
O2 SO4 U . 67.06 46.33 15.55
O3 SO4 U . 65.43 46.78 13.90
O4 SO4 U . 64.86 45.54 15.81
S SO4 V . 19.57 57.83 27.59
O1 SO4 V . 19.42 56.42 27.88
O2 SO4 V . 20.64 58.40 28.40
O3 SO4 V . 19.90 58.03 26.18
O4 SO4 V . 18.32 58.51 27.89
S SO4 W . 10.02 71.65 -3.81
O1 SO4 W . 11.14 71.19 -3.00
O2 SO4 W . 10.45 71.83 -5.18
O3 SO4 W . 9.53 72.91 -3.29
O4 SO4 W . 8.96 70.66 -3.77
S SO4 X . -5.46 27.42 16.29
O1 SO4 X . -4.17 26.84 16.57
O2 SO4 X . -5.66 28.58 17.13
O3 SO4 X . -5.51 27.83 14.90
O4 SO4 X . -6.48 26.45 16.53
C2 RQL Y . -16.07 34.33 -17.87
C3 RQL Y . -15.56 34.60 -19.13
C4 RQL Y . -14.28 32.75 -17.40
C5 RQL Y . -13.76 33.02 -18.67
C6 RQL Y . -14.41 33.94 -19.50
C7 RQL Y . -12.61 33.12 -20.48
C8 RQL Y . -11.59 32.89 -21.54
C10 RQL Y . -14.00 33.22 -24.92
C17 RQL Y . -12.64 29.13 -25.70
C16 RQL Y . -12.75 30.90 -24.48
C15 RQL Y . -13.47 31.17 -25.62
C14 RQL Y . -16.67 35.41 -25.89
C13 RQL Y . -17.16 32.65 -24.92
C12 RQL Y . -16.68 33.69 -23.98
C11 RQL Y . -15.91 34.82 -24.68
N9 RQL Y . -15.29 28.83 -29.20
C1 RQL Y . -15.42 33.40 -17.02
C18 RQL Y . -13.96 29.79 -27.65
C19 RQL Y . -13.73 30.42 -28.83
C20 RQL Y . -14.65 30.13 -31.18
C21 RQL Y . -14.94 28.84 -27.92
C9 RQL Y . -12.70 31.91 -23.50
N1 RQL Y . -13.65 33.97 -20.65
N10 RQL Y . -12.64 32.51 -19.30
N2 RQL Y . -11.97 31.77 -22.38
N3 RQL Y . -13.31 33.08 -23.76
N4 RQL Y . -14.59 34.40 -25.15
N5 RQL Y . -14.10 32.31 -25.90
N6 RQL Y . -12.24 29.61 -24.55
N7 RQL Y . -13.40 30.04 -26.38
N8 RQL Y . -14.53 29.83 -29.75
O1 RQL Y . -16.10 36.61 -26.42
CL1 RQL Y . -16.08 33.07 -15.44
CL2 RQL Y . -17.51 35.13 -17.35
H1 RQL Y . -15.99 35.20 -19.70
H2 RQL Y . -13.86 32.14 -16.84
H5 RQL Y . -11.51 33.68 -22.09
H4 RQL Y . -10.73 32.70 -21.13
H17 RQL Y . -12.42 28.27 -26.01
H14 RQL Y . -17.59 35.60 -25.60
H15 RQL Y . -16.69 34.74 -26.59
H11 RQL Y . -17.87 32.15 -24.49
H12 RQL Y . -17.49 33.06 -25.73
H13 RQL Y . -16.43 32.04 -25.14
H10 RQL Y . -17.44 34.08 -23.51
H9 RQL Y . -16.09 33.27 -23.32
H8 RQL Y . -15.78 35.52 -23.97
H18 RQL Y . -13.13 31.14 -28.97
H20 RQL Y . -15.55 29.92 -31.48
H21 RQL Y . -14.01 29.59 -31.67
H19 RQL Y . -14.46 31.07 -31.33
H22 RQL Y . -15.32 28.25 -27.29
H3 RQL Y . -13.83 34.44 -21.37
H6 RQL Y . -11.73 30.97 -22.14
H7 RQL Y . -14.14 34.98 -25.63
H16 RQL Y . -15.32 36.43 -26.69
S SO4 Z . -40.31 1.79 -56.05
O1 SO4 Z . -39.96 0.39 -56.04
O2 SO4 Z . -39.43 2.49 -56.95
O3 SO4 Z . -40.19 2.34 -54.71
O4 SO4 Z . -41.68 1.95 -56.51
#